data_6CO7
#
_entry.id   6CO7
#
_cell.length_a   1
_cell.length_b   1
_cell.length_c   1
_cell.angle_alpha   90
_cell.angle_beta   90
_cell.angle_gamma   90
#
_symmetry.space_group_name_H-M   'P 1'
#
loop_
_entity.id
_entity.type
_entity.pdbx_description
1 polymer 'Predicted protein'
2 branched 2-acetamido-2-deoxy-beta-D-glucopyranose-(1-4)-2-acetamido-2-deoxy-beta-D-glucopyranose
3 non-polymer CHOLESTEROL
4 non-polymer '(2S)-3-(hexadecanoyloxy)-2-[(9Z)-octadec-9-enoyloxy]propyl 2-(trimethylammonio)ethyl phosphate'
5 non-polymer 'CALCIUM ION'
6 non-polymer 'SODIUM ION'
#
_entity_poly.entity_id   1
_entity_poly.type   'polypeptide(L)'
_entity_poly.pdbx_seq_one_letter_code
;MGKDSFTPLYDGGDSSHVHLNKFGSNQLSQSKKSWIARNFSRRECIRFVPKSHDVSRCKCGRPRERHSQQALESGQGSEE
WNVASCTTKHPTNAYGEIDFEGYGGQKRAPYLRMSHDTDANLVITLMLKRWNLEIPNLVISVTGGAKSFVLKPRLREMFR
RGLIKAAKTTGAWIITGGTNTGVMKHVGEAVKEQQLMFGSDTQVNVIGIATWGIVDKQSDLISEKNGKYPALYSMEPTPG
HQGAMLDPNHSHFFLVDDGTEGKYGVEIGMRSRIEEAIMKVKTDSRSEAGSIGVPVVLLVLEGGPNTVATMYELIKKKVP
AVVIDGSGRAASVVGFAYNHTIKRNVDGQTINVIDPQYEDEVRAKVVEVFGAKGADKTYSMIKDVLEDEKMISVYSLDGE
ISQDIDLAILKALLKANRSSPVAQLNLALAWNRIDLAKSDIFTEEQQWTTETLSAAMLTALLDDKAEFAELFLQNGLSMR
EFLSLDILCKLYAEVPGNTTIKPLLQKEMGKRQVKTIDMDVVGEVIEELMGDMFESYYRKDGHYFGELASYAEGLVLKNR
KSSKDLLANINRIDPLPTPYLDVFLWAVLCNRRELARVLWEAGREPMAAALMASRLLKRMASRAQEDNTITDISSDLYDH
ARLFEERAVGVLDECFNENETLSQTLLVRELDHYSRMTALELAVSAESQDFIAHTSCQVLLTRLWMGTMAMNTRWWKVLV
CLYLPVLIFPIIYFVPDEQHERQAAEREHQKSLNQKSSKVKSHKEKNDAPVVPVYRSKEEKAVSNDEEARVGTENEEEDF
QLEDYIPEIREDDSMEVIMRNKKLGFCDRIMHFYSAPFSKFVGNVVGYLAFIFLYAYVVLFNFPRFDPAKTLGGIHPTEI
VLYFWVFTILIEEIRQLAAKPPKYIKDKVSVYFSDTWNFVDIFSLTVFIIAIILRFFTNSRIFTASRIILSLDIIFFIVR
SLQIFSVNRLLGPKLVMIQKMMQDLAQFIIILAVFTIAYGIALHAVMFPSPGIYARNNTWVTITSVVQYPYWQMYGELFL
DEIQGEKPKEFGEVDPDGRWLSPLLLAIYMVFTNILLLNLLIAIFNYTFERVQEDSDKVWKFQRYDLVQEYHSRPVFAPP
LVLLGHILIFIRWVWRMCRCGHPPRGSTMKIGLSPAEMEQMDNWEFQAAEMYIHQQQQKNSGTLEERVRALGDRVDCINS
QLNRVLDSMSGTRAHALTDGNGLEGGHDSEGRLARMEVELSSNSESLQKILALLQQQPPVKGQAAVPIQLTLLHYKARSS
PYPGSTAKRFAVQDNMVDWQVPFPDYKPVNYTAPVVLANPVWADKDLMAMSPRPELPYNQMDHTCNVNRVSYNGTYVVKD
GLPLNPMGRTGMQGRGLLGRFGPNHAADPVVTRWKRTSAGVMLQGGKKVLEFVAIQRKDNNQWAIPGGMVEPGQLVTQAL
KAEFGEEAMAKLNVSQEEKERIAKQIERLFQQGQEIYKGYVDDPRNTDNAWMETVAVNFHDDKGDLFGDITLQAGDDAAA
VRWQRVSGNIPLYASHVSILEKVAKMRDAAFSNSLEVLFQ
;
_entity_poly.pdbx_strand_id   A,B,C,D
#
# COMPACT_ATOMS: atom_id res chain seq x y z
N PHE A 6 -3.00 9.74 53.78
CA PHE A 6 -2.67 8.89 54.98
C PHE A 6 -1.27 8.23 54.84
N THR A 7 -1.20 6.96 54.45
CA THR A 7 0.09 6.29 54.20
C THR A 7 0.57 6.62 52.78
N PRO A 8 1.81 6.26 52.49
CA PRO A 8 2.41 6.53 51.18
C PRO A 8 1.77 5.67 50.08
N LEU A 9 1.40 6.29 48.97
CA LEU A 9 0.76 5.58 47.86
C LEU A 9 1.78 4.71 47.11
N TYR A 10 1.35 3.53 46.67
CA TYR A 10 2.24 2.54 46.07
C TYR A 10 2.52 2.84 44.59
N ASP A 11 3.75 3.22 44.30
CA ASP A 11 4.26 3.34 42.93
C ASP A 11 5.30 2.23 42.72
N GLY A 12 5.30 1.63 41.52
CA GLY A 12 6.23 0.53 41.21
C GLY A 12 7.66 1.06 41.07
N GLY A 13 8.35 1.15 42.22
CA GLY A 13 9.72 1.65 42.27
C GLY A 13 10.69 0.68 41.59
N ASP A 14 11.74 1.23 40.97
CA ASP A 14 12.74 0.46 40.23
C ASP A 14 12.18 -0.42 39.09
N SER A 15 11.03 -0.02 38.54
CA SER A 15 10.34 -0.76 37.48
C SER A 15 9.95 0.17 36.34
N SER A 16 9.20 1.23 36.66
CA SER A 16 8.84 2.29 35.72
C SER A 16 9.68 3.54 35.97
N HIS A 17 9.67 4.45 35.00
CA HIS A 17 10.53 5.65 35.02
C HIS A 17 9.95 6.78 35.89
N VAL A 18 8.79 7.29 35.49
CA VAL A 18 8.22 8.50 36.10
C VAL A 18 7.58 8.25 37.46
N HIS A 19 8.31 8.61 38.52
CA HIS A 19 7.78 8.60 39.90
C HIS A 19 7.21 9.97 40.26
N LEU A 20 6.33 10.00 41.26
CA LEU A 20 5.62 11.23 41.64
C LEU A 20 6.42 12.22 42.51
N ASN A 21 7.66 11.87 42.87
CA ASN A 21 8.54 12.78 43.62
C ASN A 21 8.97 14.02 42.83
N LYS A 22 9.11 13.87 41.51
CA LYS A 22 9.51 14.97 40.62
C LYS A 22 8.41 16.04 40.47
N PHE A 23 7.14 15.62 40.48
CA PHE A 23 6.01 16.54 40.38
C PHE A 23 5.57 17.01 41.76
N SER A 41 13.03 24.61 58.53
CA SER A 41 13.24 23.55 57.56
C SER A 41 14.14 24.03 56.40
N ARG A 42 15.25 24.67 56.76
CA ARG A 42 16.19 25.23 55.77
C ARG A 42 17.55 25.53 56.41
N ARG A 43 18.51 25.92 55.58
CA ARG A 43 19.86 26.29 56.04
C ARG A 43 19.86 27.71 56.65
N GLU A 44 21.04 28.34 56.74
CA GLU A 44 21.16 29.70 57.31
C GLU A 44 20.25 30.71 56.60
N CYS A 45 20.57 31.04 55.35
CA CYS A 45 19.77 31.96 54.52
C CYS A 45 19.47 33.30 55.21
N ILE A 46 20.45 34.20 55.21
CA ILE A 46 20.32 35.51 55.86
C ILE A 46 19.58 36.50 54.94
N ARG A 47 18.83 37.41 55.56
CA ARG A 47 18.09 38.45 54.85
C ARG A 47 18.30 39.80 55.53
N PHE A 48 19.03 40.69 54.86
CA PHE A 48 19.28 42.05 55.35
C PHE A 48 18.02 42.90 55.14
N VAL A 49 17.32 43.19 56.24
CA VAL A 49 16.05 43.92 56.20
C VAL A 49 15.95 44.94 57.35
N PRO A 50 16.76 45.99 57.23
CA PRO A 50 16.76 47.12 58.18
C PRO A 50 16.91 48.45 57.44
N LYS A 51 18.05 48.63 56.76
CA LYS A 51 18.33 49.81 55.94
C LYS A 51 18.34 51.11 56.75
N CYS A 86 22.44 49.45 60.98
CA CYS A 86 21.97 49.71 59.63
C CYS A 86 21.48 48.45 58.91
N THR A 87 22.07 47.29 59.24
CA THR A 87 21.67 45.99 58.68
C THR A 87 21.53 44.94 59.78
N THR A 88 20.37 44.29 59.84
CA THR A 88 20.08 43.22 60.81
C THR A 88 19.63 41.98 60.04
N LYS A 89 20.52 40.98 59.94
CA LYS A 89 20.24 39.76 59.17
C LYS A 89 19.25 38.84 59.89
N HIS A 90 18.03 38.77 59.35
CA HIS A 90 16.99 37.86 59.86
C HIS A 90 16.88 36.63 58.95
N PRO A 91 16.08 35.62 59.38
CA PRO A 91 15.67 34.56 58.45
C PRO A 91 14.80 35.09 57.31
N THR A 92 14.91 34.47 56.14
CA THR A 92 14.27 34.98 54.92
C THR A 92 12.75 34.82 54.93
N ASN A 93 12.08 35.74 54.24
CA ASN A 93 10.62 35.72 54.08
C ASN A 93 10.17 35.14 52.73
N ALA A 94 11.08 35.09 51.75
CA ALA A 94 10.73 34.80 50.36
C ALA A 94 11.56 33.63 49.81
N TYR A 95 10.96 32.42 49.82
CA TYR A 95 11.65 31.22 49.31
C TYR A 95 10.77 30.09 48.74
N GLY A 96 9.53 30.39 48.36
CA GLY A 96 8.61 29.37 47.82
C GLY A 96 8.83 29.08 46.34
N GLU A 97 7.73 29.14 45.56
CA GLU A 97 7.76 29.02 44.09
C GLU A 97 6.83 30.06 43.48
N ILE A 98 7.01 30.31 42.19
CA ILE A 98 6.23 31.32 41.47
C ILE A 98 5.43 30.67 40.34
N ASP A 99 4.10 30.80 40.42
CA ASP A 99 3.22 30.45 39.31
C ASP A 99 2.94 31.74 38.53
N PHE A 100 3.61 31.90 37.40
CA PHE A 100 3.43 33.07 36.54
C PHE A 100 2.07 33.03 35.85
N GLU A 101 1.44 34.19 35.71
CA GLU A 101 0.03 34.27 35.31
C GLU A 101 -0.22 33.94 33.84
N GLY A 102 -0.41 32.64 33.56
CA GLY A 102 -0.94 32.16 32.30
C GLY A 102 -0.13 32.47 31.05
N TYR A 103 1.08 31.92 31.00
CA TYR A 103 1.94 31.99 29.81
C TYR A 103 2.09 30.58 29.17
N GLY A 104 1.13 29.69 29.43
CA GLY A 104 1.14 28.32 28.93
C GLY A 104 1.81 27.35 29.91
N GLY A 105 1.19 26.19 30.10
CA GLY A 105 1.75 25.12 30.94
C GLY A 105 1.62 25.35 32.43
N GLN A 106 1.98 24.32 33.20
CA GLN A 106 2.04 24.39 34.66
C GLN A 106 3.50 24.28 35.10
N LYS A 107 4.12 25.43 35.33
CA LYS A 107 5.55 25.52 35.65
C LYS A 107 5.78 26.39 36.89
N ARG A 108 6.11 25.75 38.00
CA ARG A 108 6.44 26.45 39.24
C ARG A 108 7.95 26.63 39.32
N ALA A 109 8.39 27.89 39.33
CA ALA A 109 9.81 28.25 39.35
C ALA A 109 10.23 28.59 40.79
N PRO A 110 10.95 27.67 41.48
CA PRO A 110 11.39 28.01 42.84
C PRO A 110 12.39 29.17 42.90
N TYR A 111 12.33 29.93 43.99
CA TYR A 111 13.15 31.12 44.17
C TYR A 111 13.67 31.22 45.59
N LEU A 112 14.60 32.14 45.81
CA LEU A 112 15.13 32.39 47.15
C LEU A 112 15.82 33.75 47.23
N ARG A 113 15.45 34.54 48.23
CA ARG A 113 16.17 35.77 48.56
C ARG A 113 17.32 35.46 49.52
N MET A 114 18.46 36.12 49.33
CA MET A 114 19.64 35.87 50.18
C MET A 114 20.60 37.06 50.20
N SER A 115 21.36 37.19 51.29
CA SER A 115 22.30 38.30 51.45
C SER A 115 23.50 38.18 50.51
N HIS A 116 24.18 39.31 50.30
CA HIS A 116 25.36 39.38 49.43
C HIS A 116 26.63 38.73 50.01
N ASP A 117 26.64 38.45 51.31
CA ASP A 117 27.78 37.79 51.97
C ASP A 117 27.62 36.26 52.18
N THR A 118 26.62 35.66 51.53
CA THR A 118 26.39 34.22 51.62
C THR A 118 27.44 33.46 50.82
N ASP A 119 28.01 32.41 51.43
CA ASP A 119 29.00 31.57 50.75
C ASP A 119 28.35 30.74 49.62
N ALA A 120 29.07 30.61 48.51
CA ALA A 120 28.55 29.94 47.32
C ALA A 120 28.36 28.44 47.48
N ASN A 121 29.19 27.82 48.32
CA ASN A 121 29.11 26.36 48.58
C ASN A 121 27.74 25.93 49.14
N LEU A 122 27.16 26.77 49.99
CA LEU A 122 25.80 26.55 50.52
C LEU A 122 24.72 26.65 49.43
N VAL A 123 24.94 27.57 48.47
CA VAL A 123 24.03 27.72 47.32
C VAL A 123 24.11 26.48 46.41
N ILE A 124 25.31 25.92 46.24
CA ILE A 124 25.48 24.66 45.48
C ILE A 124 24.79 23.50 46.23
N THR A 125 24.97 23.45 47.55
CA THR A 125 24.27 22.48 48.39
C THR A 125 22.74 22.63 48.30
N LEU A 126 22.28 23.87 48.23
CA LEU A 126 20.84 24.17 48.07
C LEU A 126 20.30 23.71 46.71
N MET A 127 21.06 23.98 45.65
CA MET A 127 20.67 23.57 44.30
C MET A 127 20.67 22.05 44.12
N LEU A 128 21.80 21.41 44.44
CA LEU A 128 21.98 19.98 44.19
C LEU A 128 21.11 19.08 45.07
N LYS A 129 21.10 19.34 46.38
CA LYS A 129 20.39 18.50 47.35
C LYS A 129 18.93 18.92 47.57
N ARG A 130 18.72 20.16 48.00
CA ARG A 130 17.39 20.63 48.44
C ARG A 130 16.42 20.82 47.28
N TRP A 131 16.85 21.49 46.21
CA TRP A 131 16.00 21.67 45.02
C TRP A 131 15.93 20.45 44.07
N ASN A 132 16.75 19.43 44.31
CA ASN A 132 16.81 18.21 43.46
C ASN A 132 17.15 18.54 42.01
N LEU A 133 18.21 19.32 41.84
CA LEU A 133 18.69 19.76 40.53
C LEU A 133 19.90 18.91 40.17
N GLU A 134 19.88 18.31 38.98
CA GLU A 134 20.92 17.37 38.55
C GLU A 134 22.25 18.08 38.27
N ILE A 135 23.36 17.35 38.46
CA ILE A 135 24.70 17.90 38.26
C ILE A 135 24.94 18.09 36.76
N PRO A 136 25.22 19.33 36.31
CA PRO A 136 25.32 19.60 34.88
C PRO A 136 26.68 19.22 34.30
N ASN A 137 26.71 19.01 32.98
CA ASN A 137 27.95 18.76 32.23
C ASN A 137 28.51 20.04 31.57
N LEU A 138 27.79 21.15 31.71
CA LEU A 138 28.19 22.44 31.13
C LEU A 138 27.41 23.57 31.82
N VAL A 139 28.02 24.76 31.89
CA VAL A 139 27.34 25.96 32.39
C VAL A 139 27.57 27.11 31.41
N ILE A 140 26.47 27.64 30.88
CA ILE A 140 26.50 28.77 29.93
C ILE A 140 26.12 30.06 30.66
N SER A 141 27.08 30.95 30.82
CA SER A 141 26.85 32.28 31.41
C SER A 141 26.62 33.30 30.30
N VAL A 142 25.39 33.80 30.21
CA VAL A 142 25.00 34.77 29.18
C VAL A 142 25.02 36.17 29.78
N THR A 143 26.02 36.96 29.40
CA THR A 143 26.11 38.38 29.75
C THR A 143 25.87 39.23 28.51
N GLY A 144 25.55 40.50 28.73
CA GLY A 144 25.30 41.42 27.62
C GLY A 144 24.68 42.74 28.04
N GLY A 145 23.78 43.27 27.21
CA GLY A 145 23.12 44.54 27.45
C GLY A 145 21.95 44.39 28.43
N ALA A 146 21.86 45.33 29.37
CA ALA A 146 20.76 45.37 30.34
C ALA A 146 19.47 45.91 29.70
N LYS A 147 19.62 46.99 28.92
CA LYS A 147 18.49 47.57 28.18
C LYS A 147 18.17 46.74 26.94
N SER A 148 16.91 46.80 26.50
CA SER A 148 16.43 45.99 25.36
C SER A 148 17.06 46.43 24.05
N PHE A 149 17.42 45.46 23.22
CA PHE A 149 18.08 45.69 21.92
C PHE A 149 17.49 44.78 20.84
N VAL A 150 17.81 45.09 19.58
CA VAL A 150 17.24 44.40 18.42
C VAL A 150 18.27 43.47 17.77
N LEU A 151 17.86 42.22 17.54
CA LEU A 151 18.63 41.26 16.74
C LEU A 151 17.99 41.15 15.35
N LYS A 152 18.81 40.94 14.32
CA LYS A 152 18.32 40.68 12.97
C LYS A 152 17.72 39.27 12.93
N PRO A 153 16.51 39.11 12.33
CA PRO A 153 15.68 37.90 12.48
C PRO A 153 16.37 36.56 12.20
N ARG A 154 17.28 36.54 11.23
CA ARG A 154 18.11 35.36 10.92
C ARG A 154 19.02 35.03 12.10
N LEU A 155 19.73 36.04 12.59
CA LEU A 155 20.65 35.88 13.72
C LEU A 155 19.91 35.60 15.04
N ARG A 156 18.74 36.21 15.20
CA ARG A 156 17.83 35.92 16.31
C ARG A 156 17.40 34.46 16.32
N GLU A 157 16.94 33.98 15.17
CA GLU A 157 16.54 32.57 15.00
C GLU A 157 17.72 31.63 15.21
N MET A 158 18.87 31.97 14.63
CA MET A 158 20.10 31.18 14.80
C MET A 158 20.57 31.14 16.27
N PHE A 159 20.42 32.27 16.97
CA PHE A 159 20.76 32.34 18.40
C PHE A 159 19.89 31.41 19.25
N ARG A 160 18.57 31.55 19.11
CA ARG A 160 17.63 30.72 19.90
C ARG A 160 17.54 29.25 19.48
N ARG A 161 18.05 28.91 18.29
CA ARG A 161 18.27 27.50 17.94
C ARG A 161 19.54 26.98 18.62
N GLY A 162 20.63 27.73 18.49
CA GLY A 162 21.94 27.34 19.02
C GLY A 162 22.02 27.16 20.54
N LEU A 163 21.52 28.15 21.27
CA LEU A 163 21.60 28.14 22.74
C LEU A 163 20.83 26.97 23.36
N ILE A 164 19.61 26.72 22.87
CA ILE A 164 18.75 25.66 23.40
C ILE A 164 19.21 24.27 22.95
N LYS A 165 19.70 24.16 21.70
CA LYS A 165 20.27 22.90 21.21
C LYS A 165 21.50 22.48 22.03
N ALA A 166 22.37 23.45 22.31
CA ALA A 166 23.55 23.22 23.17
C ALA A 166 23.13 22.77 24.57
N ALA A 167 22.16 23.49 25.16
CA ALA A 167 21.68 23.19 26.50
C ALA A 167 20.96 21.83 26.60
N LYS A 168 20.13 21.52 25.61
CA LYS A 168 19.37 20.26 25.61
C LYS A 168 20.24 19.02 25.38
N THR A 169 21.10 19.07 24.36
CA THR A 169 21.94 17.92 24.01
C THR A 169 23.05 17.66 25.05
N THR A 170 23.63 18.73 25.60
CA THR A 170 24.68 18.61 26.61
C THR A 170 24.12 18.29 28.01
N GLY A 171 22.98 18.88 28.36
CA GLY A 171 22.42 18.76 29.70
C GLY A 171 23.06 19.80 30.61
N ALA A 172 22.83 21.07 30.27
CA ALA A 172 23.53 22.21 30.86
C ALA A 172 22.60 23.13 31.64
N TRP A 173 23.19 23.97 32.49
CA TRP A 173 22.51 25.10 33.11
C TRP A 173 22.80 26.37 32.31
N ILE A 174 21.82 27.28 32.25
CA ILE A 174 22.01 28.59 31.64
C ILE A 174 21.84 29.65 32.73
N ILE A 175 22.93 30.33 33.10
CA ILE A 175 22.90 31.34 34.16
C ILE A 175 22.77 32.74 33.54
N THR A 176 21.74 33.47 33.96
CA THR A 176 21.42 34.80 33.42
C THR A 176 21.07 35.81 34.52
N GLY A 177 20.88 37.07 34.14
CA GLY A 177 20.51 38.16 35.05
C GLY A 177 19.18 38.01 35.77
N GLY A 178 18.22 37.30 35.17
CA GLY A 178 16.92 37.02 35.79
C GLY A 178 15.76 37.93 35.40
N THR A 179 16.05 39.21 35.12
CA THR A 179 15.00 40.21 34.87
C THR A 179 14.39 40.08 33.47
N ASN A 180 13.36 40.89 33.19
CA ASN A 180 12.54 40.78 31.97
C ASN A 180 13.00 41.69 30.80
N THR A 181 14.23 42.21 30.86
CA THR A 181 14.74 43.14 29.83
C THR A 181 16.16 42.77 29.39
N GLY A 182 16.53 43.25 28.20
CA GLY A 182 17.87 43.04 27.66
C GLY A 182 18.09 41.65 27.10
N VAL A 183 19.30 41.12 27.29
CA VAL A 183 19.64 39.76 26.84
C VAL A 183 18.84 38.66 27.56
N MET A 184 18.50 38.90 28.82
CA MET A 184 17.65 37.97 29.61
C MET A 184 16.30 37.68 28.95
N LYS A 185 15.72 38.70 28.31
CA LYS A 185 14.49 38.55 27.54
C LYS A 185 14.68 37.62 26.32
N HIS A 186 15.79 37.79 25.61
CA HIS A 186 16.12 36.93 24.45
C HIS A 186 16.30 35.47 24.84
N VAL A 187 16.95 35.23 25.98
CA VAL A 187 17.12 33.87 26.52
C VAL A 187 15.77 33.30 26.97
N GLY A 188 14.94 34.13 27.60
CA GLY A 188 13.59 33.74 28.00
C GLY A 188 12.69 33.38 26.83
N GLU A 189 12.67 34.24 25.81
CA GLU A 189 11.89 34.00 24.59
C GLU A 189 12.37 32.76 23.82
N ALA A 190 13.69 32.55 23.80
CA ALA A 190 14.28 31.34 23.21
C ALA A 190 13.75 30.07 23.88
N VAL A 191 13.77 30.07 25.21
CA VAL A 191 13.24 28.93 26.00
C VAL A 191 11.74 28.76 25.79
N LYS A 192 11.01 29.86 25.68
CA LYS A 192 9.55 29.82 25.48
C LYS A 192 9.13 29.16 24.17
N GLU A 193 9.60 29.70 23.03
CA GLU A 193 9.20 29.15 21.72
C GLU A 193 10.06 27.97 21.23
N GLN A 194 10.94 27.44 22.09
CA GLN A 194 11.49 26.09 21.91
C GLN A 194 10.79 25.03 22.80
N GLN A 195 10.12 25.46 23.87
CA GLN A 195 9.29 24.54 24.69
C GLN A 195 7.82 24.53 24.26
N LEU A 196 7.33 25.62 23.66
CA LEU A 196 6.00 25.63 23.01
C LEU A 196 5.96 24.78 21.73
N MET A 197 7.11 24.63 21.06
CA MET A 197 7.20 23.87 19.81
C MET A 197 7.34 22.37 20.06
N PHE A 198 8.23 21.98 20.98
CA PHE A 198 8.58 20.56 21.22
C PHE A 198 8.15 20.00 22.58
N GLY A 199 7.55 20.82 23.45
CA GLY A 199 7.15 20.39 24.79
C GLY A 199 8.32 20.35 25.77
N SER A 200 8.01 20.06 27.04
CA SER A 200 9.01 20.00 28.10
C SER A 200 9.25 18.57 28.58
N ASP A 201 10.08 17.85 27.81
CA ASP A 201 10.56 16.51 28.19
C ASP A 201 12.03 16.56 28.66
N THR A 202 12.86 17.31 27.94
CA THR A 202 14.22 17.63 28.36
C THR A 202 14.23 19.07 28.84
N GLN A 203 13.94 19.26 30.14
CA GLN A 203 13.79 20.59 30.72
C GLN A 203 15.14 21.30 30.85
N VAL A 204 15.26 22.46 30.21
CA VAL A 204 16.46 23.29 30.28
C VAL A 204 16.39 24.12 31.56
N ASN A 205 17.41 23.99 32.41
CA ASN A 205 17.48 24.72 33.68
C ASN A 205 18.07 26.11 33.46
N VAL A 206 17.24 27.14 33.58
CA VAL A 206 17.68 28.54 33.49
C VAL A 206 17.68 29.17 34.88
N ILE A 207 18.85 29.65 35.31
CA ILE A 207 19.04 30.24 36.63
C ILE A 207 19.12 31.77 36.51
N GLY A 208 18.21 32.46 37.19
CA GLY A 208 18.17 33.92 37.20
C GLY A 208 18.73 34.49 38.49
N ILE A 209 19.95 35.02 38.43
CA ILE A 209 20.61 35.64 39.59
C ILE A 209 20.36 37.16 39.53
N ALA A 210 19.30 37.60 40.21
CA ALA A 210 18.88 39.01 40.19
C ALA A 210 19.05 39.66 41.56
N THR A 211 18.73 40.96 41.64
CA THR A 211 18.77 41.71 42.92
C THR A 211 17.36 41.98 43.43
N TRP A 212 17.22 42.01 44.77
CA TRP A 212 15.92 42.13 45.43
C TRP A 212 15.40 43.57 45.51
N GLY A 213 16.32 44.54 45.53
CA GLY A 213 15.95 45.96 45.58
C GLY A 213 15.32 46.56 44.34
N ILE A 214 15.33 45.82 43.23
CA ILE A 214 14.77 46.28 41.95
C ILE A 214 13.47 45.55 41.55
N VAL A 215 13.42 44.23 41.75
CA VAL A 215 12.25 43.40 41.39
C VAL A 215 10.90 43.97 41.88
N ASP A 216 9.90 43.95 41.00
CA ASP A 216 8.54 44.44 41.33
C ASP A 216 7.77 43.43 42.18
N LYS A 217 6.70 43.92 42.81
CA LYS A 217 5.75 43.11 43.58
C LYS A 217 6.41 42.31 44.70
N GLN A 218 7.23 42.98 45.50
CA GLN A 218 7.96 42.33 46.60
C GLN A 218 7.00 41.79 47.67
N SER A 219 5.98 42.57 48.01
CA SER A 219 4.93 42.16 48.95
C SER A 219 4.17 40.89 48.53
N ASP A 220 4.12 40.62 47.22
CA ASP A 220 3.55 39.37 46.71
C ASP A 220 4.38 38.14 47.11
N LEU A 221 5.70 38.25 47.07
CA LEU A 221 6.60 37.13 47.39
C LEU A 221 6.92 36.95 48.89
N ILE A 222 6.59 37.96 49.72
CA ILE A 222 6.96 37.96 51.15
C ILE A 222 5.93 37.21 52.01
N SER A 223 6.44 36.37 52.93
CA SER A 223 5.62 35.77 53.98
C SER A 223 6.49 35.34 55.17
N GLU A 224 6.21 35.89 56.35
CA GLU A 224 6.95 35.59 57.58
C GLU A 224 7.01 34.11 57.97
N LYS A 225 5.91 33.39 57.72
CA LYS A 225 5.81 31.95 58.03
C LYS A 225 6.48 31.07 56.98
N ASN A 226 6.47 29.76 57.23
CA ASN A 226 6.86 28.76 56.22
C ASN A 226 5.64 28.36 55.39
N GLY A 227 5.89 28.00 54.13
CA GLY A 227 4.83 27.58 53.21
C GLY A 227 4.35 28.71 52.31
N LYS A 228 5.27 29.19 51.47
CA LYS A 228 4.97 30.20 50.44
C LYS A 228 5.02 29.59 49.03
N TYR A 229 4.85 28.27 48.95
CA TYR A 229 5.14 27.51 47.73
C TYR A 229 4.11 27.70 46.60
N PRO A 230 2.87 28.09 46.93
CA PRO A 230 2.01 28.75 45.94
C PRO A 230 2.18 30.27 45.99
N ALA A 231 2.57 30.87 44.86
CA ALA A 231 2.63 32.34 44.73
C ALA A 231 2.19 32.75 43.32
N LEU A 232 1.48 33.87 43.25
CA LEU A 232 0.82 34.32 42.02
C LEU A 232 1.40 35.66 41.54
N TYR A 233 2.51 35.58 40.83
CA TYR A 233 3.24 36.74 40.33
C TYR A 233 2.60 37.27 39.04
N SER A 234 1.91 38.41 39.14
CA SER A 234 1.22 39.02 38.00
C SER A 234 2.20 39.75 37.08
N MET A 235 1.77 39.99 35.84
CA MET A 235 2.59 40.62 34.80
C MET A 235 2.36 42.12 34.64
N GLU A 236 1.24 42.65 35.14
CA GLU A 236 0.94 44.08 35.06
C GLU A 236 1.88 44.85 36.01
N PRO A 237 2.75 45.72 35.46
CA PRO A 237 3.69 46.44 36.34
C PRO A 237 3.00 47.42 37.29
N THR A 238 3.52 47.54 38.51
CA THR A 238 3.02 48.53 39.48
C THR A 238 3.36 49.95 38.97
N PRO A 239 2.41 50.90 39.07
CA PRO A 239 2.69 52.23 38.50
C PRO A 239 3.76 53.04 39.25
N GLY A 240 4.85 53.36 38.56
CA GLY A 240 5.88 54.26 39.09
C GLY A 240 6.81 53.63 40.12
N HIS A 241 7.50 52.56 39.72
CA HIS A 241 8.53 51.92 40.55
C HIS A 241 9.95 52.23 40.08
N GLN A 242 10.16 52.24 38.76
CA GLN A 242 11.49 52.38 38.13
C GLN A 242 12.41 51.21 38.52
N GLY A 243 12.02 50.03 38.04
CA GLY A 243 12.77 48.80 38.27
C GLY A 243 12.08 47.63 37.59
N ALA A 244 12.88 46.72 37.01
CA ALA A 244 12.36 45.62 36.19
C ALA A 244 11.58 44.56 36.98
N MET A 245 10.91 43.68 36.23
CA MET A 245 10.20 42.52 36.78
C MET A 245 11.01 41.26 36.53
N LEU A 246 10.57 40.13 37.08
CA LEU A 246 11.19 38.83 36.81
C LEU A 246 10.76 38.33 35.44
N ASP A 247 11.62 37.52 34.82
CA ASP A 247 11.31 36.89 33.54
C ASP A 247 10.36 35.70 33.77
N PRO A 248 9.27 35.59 32.99
CA PRO A 248 8.37 34.43 33.17
C PRO A 248 8.95 33.06 32.82
N ASN A 249 9.93 33.02 31.90
CA ASN A 249 10.43 31.78 31.32
C ASN A 249 11.61 31.11 32.05
N HIS A 250 12.19 31.77 33.04
CA HIS A 250 13.30 31.19 33.82
C HIS A 250 12.78 30.18 34.85
N SER A 251 13.61 29.19 35.15
CA SER A 251 13.23 28.04 35.99
C SER A 251 13.53 28.24 37.47
N HIS A 252 14.63 28.91 37.79
CA HIS A 252 15.05 29.12 39.19
C HIS A 252 15.53 30.55 39.40
N PHE A 253 15.32 31.09 40.60
CA PHE A 253 15.69 32.48 40.91
C PHE A 253 16.52 32.63 42.19
N PHE A 254 17.62 33.38 42.09
CA PHE A 254 18.41 33.80 43.25
C PHE A 254 18.33 35.31 43.35
N LEU A 255 17.70 35.80 44.41
CA LEU A 255 17.46 37.24 44.59
C LEU A 255 18.39 37.78 45.69
N VAL A 256 19.34 38.62 45.29
CA VAL A 256 20.37 39.12 46.21
C VAL A 256 19.85 40.38 46.94
N ASP A 257 19.86 40.30 48.27
CA ASP A 257 19.55 41.43 49.15
C ASP A 257 20.82 42.24 49.39
N ASP A 258 20.65 43.55 49.59
CA ASP A 258 21.70 44.40 50.15
C ASP A 258 21.18 45.33 51.26
N GLY A 259 19.90 45.21 51.63
CA GLY A 259 19.21 46.21 52.43
C GLY A 259 18.63 47.36 51.60
N THR A 260 19.45 47.89 50.69
CA THR A 260 19.08 49.03 49.85
C THR A 260 18.08 48.67 48.75
N GLU A 261 17.56 49.71 48.09
CA GLU A 261 16.68 49.56 46.92
C GLU A 261 17.09 50.54 45.81
N GLY A 262 16.78 50.16 44.57
CA GLY A 262 17.10 50.99 43.40
C GLY A 262 18.58 51.07 43.07
N LYS A 263 19.34 50.01 43.37
CA LYS A 263 20.77 49.92 43.06
C LYS A 263 21.01 48.67 42.20
N TYR A 264 21.72 48.85 41.09
CA TYR A 264 21.84 47.81 40.05
C TYR A 264 22.99 46.82 40.29
N GLY A 265 24.16 47.32 40.69
CA GLY A 265 25.35 46.49 40.84
C GLY A 265 25.47 45.74 42.15
N VAL A 266 24.44 44.97 42.50
CA VAL A 266 24.39 44.16 43.73
C VAL A 266 24.76 42.71 43.43
N GLU A 267 24.20 42.15 42.35
CA GLU A 267 24.40 40.74 42.00
C GLU A 267 25.69 40.40 41.23
N ILE A 268 26.62 41.36 41.12
CA ILE A 268 27.87 41.15 40.37
C ILE A 268 28.83 40.21 41.12
N GLY A 269 28.91 40.37 42.44
CA GLY A 269 29.76 39.54 43.28
C GLY A 269 29.30 38.09 43.40
N MET A 270 28.02 37.91 43.67
CA MET A 270 27.42 36.57 43.85
C MET A 270 27.48 35.74 42.55
N ARG A 271 27.22 36.41 41.43
CA ARG A 271 27.35 35.81 40.08
C ARG A 271 28.71 35.17 39.87
N SER A 272 29.78 35.92 40.18
CA SER A 272 31.14 35.43 40.04
C SER A 272 31.47 34.32 41.03
N ARG A 273 31.08 34.51 42.29
CA ARG A 273 31.36 33.53 43.35
C ARG A 273 30.58 32.20 43.19
N ILE A 274 29.38 32.26 42.58
CA ILE A 274 28.68 31.03 42.18
C ILE A 274 29.41 30.37 41.00
N GLU A 275 29.75 31.16 39.98
CA GLU A 275 30.53 30.67 38.83
C GLU A 275 31.90 30.07 39.21
N GLU A 276 32.48 30.55 40.31
CA GLU A 276 33.64 29.88 40.93
C GLU A 276 33.24 28.53 41.54
N ALA A 277 32.12 28.51 42.25
CA ALA A 277 31.66 27.32 42.98
C ALA A 277 31.32 26.10 42.10
N ILE A 278 30.80 26.33 40.89
CA ILE A 278 30.51 25.22 39.94
C ILE A 278 31.62 24.99 38.90
N MET A 279 32.85 25.36 39.24
CA MET A 279 34.05 24.91 38.51
C MET A 279 34.83 23.82 39.28
N LYS A 280 34.47 23.59 40.54
CA LYS A 280 35.10 22.55 41.37
C LYS A 280 34.13 21.42 41.80
N VAL A 281 32.91 21.42 41.27
CA VAL A 281 31.99 20.29 41.41
C VAL A 281 32.34 19.30 40.31
N LYS A 282 32.42 18.01 40.67
CA LYS A 282 32.76 16.95 39.71
C LYS A 282 31.50 16.39 39.05
N THR A 283 31.62 16.06 37.76
CA THR A 283 30.49 15.51 36.99
C THR A 283 30.18 14.07 37.41
N ASP A 284 28.93 13.66 37.19
CA ASP A 284 28.45 12.35 37.61
C ASP A 284 28.78 11.28 36.57
N SER A 285 29.48 10.23 37.02
CA SER A 285 29.80 9.07 36.17
C SER A 285 30.17 7.85 37.02
N ARG A 286 30.12 6.68 36.40
CA ARG A 286 30.45 5.42 37.08
C ARG A 286 31.96 5.27 37.28
N SER A 287 32.74 5.66 36.27
CA SER A 287 34.20 5.67 36.37
C SER A 287 34.68 6.84 37.22
N GLU A 288 35.82 6.64 37.90
CA GLU A 288 36.48 7.71 38.65
C GLU A 288 37.46 8.55 37.80
N ALA A 289 37.71 8.09 36.57
CA ALA A 289 38.48 8.87 35.58
C ALA A 289 37.58 9.77 34.73
N GLY A 290 36.32 9.38 34.54
CA GLY A 290 35.35 10.17 33.79
C GLY A 290 34.74 11.36 34.52
N SER A 291 34.93 11.43 35.84
CA SER A 291 34.41 12.56 36.64
C SER A 291 35.31 13.79 36.52
N ILE A 292 35.04 14.60 35.49
CA ILE A 292 35.75 15.87 35.27
C ILE A 292 35.10 17.02 36.03
N GLY A 293 35.85 18.11 36.19
CA GLY A 293 35.31 19.35 36.74
C GLY A 293 34.39 20.00 35.72
N VAL A 294 33.29 20.59 36.18
CA VAL A 294 32.25 21.14 35.29
C VAL A 294 32.81 22.35 34.53
N PRO A 295 32.81 22.29 33.18
CA PRO A 295 33.28 23.42 32.37
C PRO A 295 32.25 24.54 32.28
N VAL A 296 32.73 25.78 32.38
CA VAL A 296 31.88 26.97 32.25
C VAL A 296 32.26 27.69 30.96
N VAL A 297 31.26 28.23 30.26
CA VAL A 297 31.46 29.03 29.05
C VAL A 297 30.67 30.34 29.15
N LEU A 298 31.21 31.39 28.53
CA LEU A 298 30.63 32.73 28.60
C LEU A 298 30.18 33.18 27.21
N LEU A 299 28.98 33.76 27.13
CA LEU A 299 28.38 34.16 25.85
C LEU A 299 28.02 35.64 25.87
N VAL A 300 28.47 36.40 24.86
CA VAL A 300 28.30 37.87 24.82
C VAL A 300 27.51 38.33 23.58
N LEU A 301 26.51 39.19 23.82
CA LEU A 301 25.69 39.79 22.76
C LEU A 301 25.89 41.30 22.57
N GLU A 302 25.93 42.06 23.66
CA GLU A 302 26.12 43.49 23.69
C GLU A 302 26.79 43.98 24.97
N GLY A 303 26.65 45.27 25.32
CA GLY A 303 27.07 45.80 26.62
C GLY A 303 27.89 47.05 26.40
N GLY A 304 28.35 47.63 27.50
CA GLY A 304 29.24 48.81 27.49
C GLY A 304 30.68 48.39 27.72
N PRO A 305 31.46 49.22 28.45
CA PRO A 305 32.77 48.76 28.95
C PRO A 305 32.71 47.70 30.05
N ASN A 306 31.59 47.64 30.78
CA ASN A 306 31.43 46.73 31.94
C ASN A 306 31.47 45.25 31.55
N THR A 307 30.84 44.89 30.43
CA THR A 307 30.88 43.52 29.91
C THR A 307 32.30 43.09 29.48
N VAL A 308 33.09 44.04 28.98
CA VAL A 308 34.47 43.79 28.56
C VAL A 308 35.37 43.61 29.78
N ALA A 309 35.07 44.35 30.86
CA ALA A 309 35.73 44.14 32.16
C ALA A 309 35.41 42.76 32.73
N THR A 310 34.14 42.39 32.71
CA THR A 310 33.69 41.05 33.12
C THR A 310 34.31 39.94 32.26
N MET A 311 34.44 40.19 30.96
CA MET A 311 35.06 39.25 30.01
C MET A 311 36.53 39.01 30.37
N TYR A 312 37.30 40.09 30.51
CA TYR A 312 38.71 39.99 30.91
C TYR A 312 38.90 39.46 32.34
N GLU A 313 37.94 39.76 33.23
CA GLU A 313 37.96 39.20 34.59
C GLU A 313 37.87 37.67 34.58
N LEU A 314 36.93 37.13 33.82
CA LEU A 314 36.69 35.67 33.80
C LEU A 314 37.64 34.87 32.89
N ILE A 315 38.25 35.51 31.89
CA ILE A 315 39.31 34.85 31.10
C ILE A 315 40.50 34.45 31.99
N LYS A 316 40.89 35.34 32.91
CA LYS A 316 41.97 35.06 33.87
C LYS A 316 41.68 33.89 34.84
N LYS A 317 40.41 33.52 34.99
CA LYS A 317 40.01 32.29 35.67
C LYS A 317 39.82 31.10 34.70
N LYS A 318 40.47 31.16 33.52
CA LYS A 318 40.44 30.07 32.52
C LYS A 318 39.04 29.71 31.99
N VAL A 319 38.16 30.71 31.89
CA VAL A 319 36.83 30.54 31.29
C VAL A 319 36.86 31.20 29.90
N PRO A 320 36.64 30.42 28.82
CA PRO A 320 36.63 31.03 27.48
C PRO A 320 35.39 31.89 27.23
N ALA A 321 35.42 32.67 26.15
CA ALA A 321 34.35 33.61 25.83
C ALA A 321 33.96 33.55 24.35
N VAL A 322 32.65 33.49 24.09
CA VAL A 322 32.11 33.53 22.73
C VAL A 322 31.39 34.86 22.53
N VAL A 323 31.85 35.62 21.53
CA VAL A 323 31.26 36.93 21.20
C VAL A 323 30.45 36.80 19.91
N ILE A 324 29.18 37.23 19.96
CA ILE A 324 28.28 37.17 18.80
C ILE A 324 28.31 38.48 18.02
N ASP A 325 28.89 38.45 16.82
CA ASP A 325 28.83 39.60 15.89
C ASP A 325 27.50 39.63 15.16
N GLY A 326 27.22 40.75 14.50
CA GLY A 326 25.90 41.02 13.94
C GLY A 326 24.89 41.40 15.01
N SER A 327 25.39 41.97 16.11
CA SER A 327 24.58 42.40 17.24
C SER A 327 25.03 43.82 17.64
N GLY A 328 24.79 44.23 18.89
CA GLY A 328 25.06 45.60 19.32
C GLY A 328 26.51 45.97 19.60
N ARG A 329 26.70 46.89 20.54
CA ARG A 329 27.91 47.69 20.70
C ARG A 329 29.20 46.90 21.00
N ALA A 330 29.36 46.46 22.25
CA ALA A 330 30.62 45.88 22.73
C ALA A 330 31.04 44.60 22.00
N ALA A 331 30.06 43.79 21.65
CA ALA A 331 30.30 42.56 20.88
C ALA A 331 30.83 42.86 19.48
N SER A 332 30.21 43.82 18.79
CA SER A 332 30.67 44.24 17.46
C SER A 332 32.07 44.88 17.48
N VAL A 333 32.36 45.69 18.50
CA VAL A 333 33.68 46.32 18.65
C VAL A 333 34.77 45.29 18.89
N VAL A 334 34.57 44.42 19.89
CA VAL A 334 35.53 43.36 20.21
C VAL A 334 35.65 42.37 19.03
N GLY A 335 34.52 42.10 18.38
CA GLY A 335 34.50 41.23 17.20
C GLY A 335 35.26 41.80 16.01
N PHE A 336 34.97 43.03 15.64
CA PHE A 336 35.69 43.71 14.53
C PHE A 336 37.15 44.01 14.90
N ALA A 337 37.47 44.11 16.19
CA ALA A 337 38.86 44.15 16.64
C ALA A 337 39.58 42.82 16.41
N TYR A 338 38.88 41.71 16.67
CA TYR A 338 39.38 40.36 16.38
C TYR A 338 39.43 40.04 14.87
N ASN A 339 38.52 40.64 14.10
CA ASN A 339 38.29 40.26 12.69
C ASN A 339 39.35 40.75 11.67
N HIS A 340 40.29 41.61 12.09
CA HIS A 340 41.26 42.21 11.16
C HIS A 340 42.25 41.18 10.57
N THR A 341 43.18 40.72 11.40
CA THR A 341 44.32 39.90 10.95
C THR A 341 44.78 38.99 12.11
N ILE A 342 45.94 38.32 11.93
CA ILE A 342 46.62 37.61 13.02
C ILE A 342 48.09 38.07 13.10
N LYS A 343 48.63 38.12 14.33
CA LYS A 343 49.98 38.63 14.56
C LYS A 343 50.56 38.13 15.89
N ARG A 344 51.58 37.28 15.80
CA ARG A 344 52.35 36.84 16.98
C ARG A 344 53.56 37.75 17.15
N ASN A 345 53.50 38.65 18.13
CA ASN A 345 54.59 39.60 18.42
C ASN A 345 55.77 38.84 19.04
N VAL A 346 55.48 38.11 20.12
CA VAL A 346 56.41 37.18 20.74
C VAL A 346 55.82 35.77 20.54
N ASP A 347 56.61 34.74 20.80
CA ASP A 347 56.10 33.36 20.76
C ASP A 347 54.97 33.18 21.79
N GLY A 348 55.31 33.27 23.08
CA GLY A 348 54.35 33.27 24.20
C GLY A 348 53.19 32.27 24.18
N GLN A 349 53.39 31.12 23.53
CA GLN A 349 52.32 30.12 23.32
C GLN A 349 51.10 30.70 22.58
N THR A 350 51.36 31.26 21.40
CA THR A 350 50.32 31.77 20.48
C THR A 350 49.50 32.93 21.08
N ILE A 351 50.16 34.06 21.29
CA ILE A 351 49.49 35.30 21.71
C ILE A 351 49.19 36.20 20.51
N ASN A 352 48.15 37.02 20.64
CA ASN A 352 47.76 37.97 19.60
C ASN A 352 47.65 39.39 20.15
N VAL A 353 48.16 40.35 19.38
CA VAL A 353 47.94 41.78 19.62
C VAL A 353 47.82 42.46 18.25
N ILE A 354 46.58 42.48 17.75
CA ILE A 354 46.31 42.96 16.39
C ILE A 354 46.28 44.49 16.41
N ASP A 355 47.46 45.08 16.31
CA ASP A 355 47.61 46.53 16.18
C ASP A 355 48.88 46.84 15.37
N PRO A 356 48.82 46.65 14.04
CA PRO A 356 49.92 47.10 13.18
C PRO A 356 49.86 48.62 12.92
N GLN A 357 50.71 49.09 12.01
CA GLN A 357 50.71 50.50 11.60
C GLN A 357 49.42 50.91 10.85
N TYR A 358 48.79 49.93 10.19
CA TYR A 358 47.65 50.20 9.29
C TYR A 358 46.35 50.55 10.01
N GLU A 359 45.96 49.70 10.97
CA GLU A 359 44.60 49.73 11.55
C GLU A 359 44.58 49.93 13.07
N ASP A 360 45.10 51.07 13.49
CA ASP A 360 44.99 51.56 14.89
C ASP A 360 43.89 52.61 15.00
N GLU A 361 43.91 53.58 14.08
CA GLU A 361 42.94 54.68 14.03
C GLU A 361 41.50 54.19 13.84
N VAL A 362 41.31 53.17 13.00
CA VAL A 362 39.98 52.56 12.81
C VAL A 362 39.40 51.99 14.10
N ARG A 363 40.26 51.35 14.91
CA ARG A 363 39.87 50.85 16.23
C ARG A 363 39.71 51.98 17.23
N ALA A 364 40.56 53.00 17.14
CA ALA A 364 40.43 54.19 17.98
C ALA A 364 39.08 54.89 17.77
N LYS A 365 38.71 55.10 16.50
CA LYS A 365 37.43 55.77 16.18
C LYS A 365 36.20 54.92 16.51
N VAL A 366 36.28 53.61 16.23
CA VAL A 366 35.18 52.67 16.52
C VAL A 366 34.96 52.51 18.05
N VAL A 367 36.03 52.61 18.83
CA VAL A 367 35.90 52.74 20.29
C VAL A 367 35.28 54.10 20.65
N GLU A 368 35.73 55.16 19.97
CA GLU A 368 35.16 56.50 20.16
C GLU A 368 33.72 56.74 19.62
N VAL A 369 33.15 55.76 18.90
CA VAL A 369 31.73 55.83 18.48
C VAL A 369 30.79 55.99 19.69
N PHE A 370 31.04 55.23 20.76
CA PHE A 370 30.32 55.39 22.03
C PHE A 370 31.31 55.49 23.20
N GLY A 371 31.12 56.51 24.04
CA GLY A 371 31.98 56.72 25.21
C GLY A 371 33.27 57.45 24.88
N ALA A 372 33.41 58.68 25.39
CA ALA A 372 34.64 59.47 25.27
C ALA A 372 35.44 59.50 26.58
N LYS A 373 34.75 59.57 27.72
CA LYS A 373 35.40 59.58 29.04
C LYS A 373 36.02 58.21 29.35
N GLY A 374 37.29 58.05 28.96
CA GLY A 374 38.03 56.81 29.17
C GLY A 374 37.97 55.88 27.96
N ALA A 375 38.30 56.41 26.79
CA ALA A 375 38.42 55.61 25.56
C ALA A 375 39.69 54.75 25.58
N ASP A 376 40.74 55.27 26.21
CA ASP A 376 42.03 54.58 26.32
C ASP A 376 41.94 53.33 27.19
N LYS A 377 41.29 53.44 28.35
CA LYS A 377 41.14 52.31 29.28
C LYS A 377 40.27 51.18 28.70
N THR A 378 39.14 51.54 28.08
CA THR A 378 38.29 50.55 27.41
C THR A 378 38.99 49.92 26.18
N TYR A 379 39.73 50.73 25.43
CA TYR A 379 40.58 50.20 24.34
C TYR A 379 41.66 49.26 24.87
N SER A 380 42.24 49.60 26.02
CA SER A 380 43.21 48.72 26.70
C SER A 380 42.56 47.37 27.06
N MET A 381 41.34 47.43 27.60
CA MET A 381 40.59 46.21 27.94
C MET A 381 40.18 45.41 26.70
N ILE A 382 39.89 46.10 25.59
CA ILE A 382 39.59 45.43 24.31
C ILE A 382 40.82 44.73 23.73
N LYS A 383 41.99 45.38 23.77
CA LYS A 383 43.25 44.72 23.34
C LYS A 383 43.76 43.68 24.35
N ASP A 384 43.36 43.80 25.62
CA ASP A 384 43.69 42.78 26.64
C ASP A 384 42.95 41.44 26.44
N VAL A 385 41.67 41.49 26.08
CA VAL A 385 40.89 40.24 25.86
C VAL A 385 41.33 39.42 24.64
N LEU A 386 41.97 40.07 23.66
CA LEU A 386 42.49 39.40 22.47
C LEU A 386 43.91 38.82 22.65
N GLU A 387 44.41 38.78 23.88
CA GLU A 387 45.75 38.24 24.17
C GLU A 387 45.85 36.75 23.81
N ASP A 388 45.09 35.91 24.51
CA ASP A 388 45.07 34.46 24.23
C ASP A 388 44.14 34.18 23.06
N GLU A 389 44.69 33.56 22.01
CA GLU A 389 43.90 33.11 20.86
C GLU A 389 42.95 31.98 21.24
N LYS A 390 43.38 31.12 22.15
CA LYS A 390 42.58 29.97 22.61
C LYS A 390 41.32 30.35 23.41
N MET A 391 41.44 31.36 24.28
CA MET A 391 40.34 31.77 25.16
C MET A 391 39.20 32.45 24.41
N ILE A 392 39.48 33.60 23.79
CA ILE A 392 38.46 34.38 23.08
C ILE A 392 38.04 33.70 21.77
N SER A 393 36.75 33.79 21.45
CA SER A 393 36.21 33.31 20.17
C SER A 393 35.09 34.22 19.70
N VAL A 394 35.01 34.43 18.39
CA VAL A 394 34.06 35.36 17.79
C VAL A 394 33.23 34.65 16.72
N TYR A 395 31.92 34.55 16.96
CA TYR A 395 30.99 34.03 15.96
C TYR A 395 30.46 35.16 15.11
N SER A 396 30.67 35.07 13.80
CA SER A 396 30.06 35.97 12.81
C SER A 396 29.13 35.17 11.92
N LEU A 397 28.06 35.81 11.45
CA LEU A 397 27.05 35.15 10.61
C LEU A 397 27.56 34.81 9.20
N ASP A 398 28.58 35.53 8.73
CA ASP A 398 29.18 35.31 7.40
C ASP A 398 30.51 34.54 7.45
N GLY A 399 30.69 33.67 8.45
CA GLY A 399 31.92 32.89 8.60
C GLY A 399 31.89 31.61 7.78
N GLU A 400 30.97 30.71 8.15
CA GLU A 400 30.81 29.40 7.50
C GLU A 400 29.32 29.09 7.31
N ILE A 401 29.06 27.99 6.59
CA ILE A 401 27.69 27.49 6.38
C ILE A 401 27.33 26.47 7.47
N SER A 402 28.21 25.48 7.67
CA SER A 402 27.95 24.35 8.56
C SER A 402 28.25 24.59 10.06
N GLN A 403 28.62 25.82 10.44
CA GLN A 403 28.87 26.17 11.83
C GLN A 403 27.71 26.96 12.44
N ASP A 404 26.98 26.31 13.35
CA ASP A 404 25.95 26.96 14.16
C ASP A 404 26.57 27.48 15.46
N ILE A 405 25.77 28.16 16.28
CA ILE A 405 26.26 28.77 17.52
C ILE A 405 26.56 27.72 18.62
N ASP A 406 25.79 26.64 18.67
CA ASP A 406 26.08 25.53 19.60
C ASP A 406 27.47 24.91 19.35
N LEU A 407 27.84 24.77 18.08
CA LEU A 407 29.18 24.31 17.71
C LEU A 407 30.24 25.33 18.11
N ALA A 408 29.96 26.62 17.94
CA ALA A 408 30.87 27.69 18.39
C ALA A 408 31.11 27.66 19.90
N ILE A 409 30.04 27.45 20.67
CA ILE A 409 30.12 27.34 22.13
C ILE A 409 30.99 26.15 22.56
N LEU A 410 30.70 24.97 22.00
CA LEU A 410 31.39 23.74 22.41
C LEU A 410 32.82 23.66 21.85
N LYS A 411 33.04 24.11 20.62
CA LYS A 411 34.39 24.20 20.04
C LYS A 411 35.25 25.27 20.70
N ALA A 412 34.63 26.29 21.32
CA ALA A 412 35.37 27.26 22.14
C ALA A 412 35.98 26.60 23.38
N LEU A 413 35.23 25.69 24.01
CA LEU A 413 35.72 24.90 25.14
C LEU A 413 36.79 23.87 24.73
N LEU A 414 36.62 23.26 23.57
CA LEU A 414 37.65 22.38 22.99
C LEU A 414 38.91 23.18 22.63
N LYS A 415 38.72 24.41 22.13
CA LYS A 415 39.83 25.33 21.87
C LYS A 415 40.49 25.77 23.18
N ALA A 416 39.70 25.96 24.24
CA ALA A 416 40.23 26.28 25.57
C ALA A 416 41.12 25.18 26.17
N ASN A 417 40.82 23.92 25.84
CA ASN A 417 41.65 22.78 26.26
C ASN A 417 42.51 22.25 25.10
N ARG A 418 43.18 23.16 24.39
CA ARG A 418 43.97 22.81 23.19
C ARG A 418 45.27 22.07 23.51
N SER A 419 45.80 22.24 24.72
CA SER A 419 47.08 21.65 25.11
C SER A 419 47.04 20.12 25.17
N SER A 420 46.16 19.59 26.03
CA SER A 420 46.00 18.14 26.21
C SER A 420 44.79 17.61 25.43
N PRO A 421 45.00 16.68 24.48
CA PRO A 421 43.85 16.04 23.79
C PRO A 421 42.99 15.12 24.67
N VAL A 422 43.55 14.62 25.78
CA VAL A 422 42.81 13.73 26.70
C VAL A 422 41.65 14.47 27.36
N ALA A 423 41.92 15.71 27.81
CA ALA A 423 40.88 16.58 28.38
C ALA A 423 39.77 16.90 27.38
N GLN A 424 40.15 17.14 26.12
CA GLN A 424 39.18 17.36 25.03
C GLN A 424 38.27 16.15 24.84
N LEU A 425 38.87 14.96 24.87
CA LEU A 425 38.13 13.70 24.72
C LEU A 425 37.19 13.44 25.89
N ASN A 426 37.64 13.74 27.11
CA ASN A 426 36.80 13.61 28.31
C ASN A 426 35.60 14.56 28.26
N LEU A 427 35.81 15.79 27.80
CA LEU A 427 34.71 16.74 27.55
C LEU A 427 33.73 16.21 26.50
N ALA A 428 34.26 15.66 25.41
CA ALA A 428 33.45 15.06 24.36
C ALA A 428 32.65 13.84 24.85
N LEU A 429 33.26 13.03 25.71
CA LEU A 429 32.56 11.92 26.38
C LEU A 429 31.47 12.43 27.32
N ALA A 430 31.83 13.37 28.20
CA ALA A 430 30.91 13.94 29.19
C ALA A 430 29.64 14.53 28.57
N TRP A 431 29.78 15.22 27.43
CA TRP A 431 28.64 15.81 26.73
C TRP A 431 27.84 14.80 25.90
N ASN A 432 28.47 13.69 25.53
CA ASN A 432 27.85 12.63 24.69
C ASN A 432 27.52 13.18 23.30
N ARG A 433 28.53 13.78 22.66
CA ARG A 433 28.42 14.35 21.32
C ARG A 433 29.58 13.85 20.46
N ILE A 434 29.30 12.85 19.62
CA ILE A 434 30.32 12.19 18.81
C ILE A 434 30.72 12.96 17.53
N ASP A 435 29.84 13.83 17.05
CA ASP A 435 30.16 14.72 15.91
C ASP A 435 31.37 15.62 16.17
N LEU A 436 31.52 16.08 17.41
CA LEU A 436 32.73 16.81 17.85
C LEU A 436 33.96 15.90 17.84
N ALA A 437 33.80 14.67 18.33
CA ALA A 437 34.86 13.66 18.32
C ALA A 437 35.34 13.35 16.89
N LYS A 438 34.39 13.20 15.98
CA LYS A 438 34.70 13.04 14.55
C LYS A 438 35.29 14.32 13.94
N SER A 439 34.80 15.48 14.36
CA SER A 439 35.27 16.77 13.84
C SER A 439 36.73 17.09 14.18
N ASP A 440 37.03 17.35 15.46
CA ASP A 440 38.34 17.88 15.86
C ASP A 440 39.00 17.20 17.08
N ILE A 441 38.65 15.94 17.35
CA ILE A 441 39.37 15.11 18.32
C ILE A 441 40.15 14.02 17.60
N PHE A 442 39.46 13.27 16.73
CA PHE A 442 40.10 12.24 15.90
C PHE A 442 40.32 12.75 14.47
N THR A 443 41.41 13.49 14.30
CA THR A 443 41.81 14.05 13.01
C THR A 443 43.06 13.34 12.47
N GLU A 444 43.46 13.72 11.26
CA GLU A 444 44.74 13.28 10.67
C GLU A 444 45.98 13.82 11.42
N GLU A 445 45.83 14.95 12.11
CA GLU A 445 46.94 15.63 12.78
C GLU A 445 47.53 14.84 13.97
N GLN A 446 46.66 14.27 14.80
CA GLN A 446 47.08 13.60 16.05
C GLN A 446 46.71 12.13 16.07
N GLN A 447 47.56 11.32 16.71
CA GLN A 447 47.42 9.86 16.74
C GLN A 447 47.06 9.36 18.13
N TRP A 448 46.16 8.36 18.18
CA TRP A 448 45.71 7.75 19.42
C TRP A 448 46.12 6.29 19.48
N THR A 449 46.52 5.83 20.67
CA THR A 449 46.94 4.45 20.92
C THR A 449 46.06 3.83 22.01
N THR A 450 46.30 2.56 22.33
CA THR A 450 45.58 1.86 23.40
C THR A 450 45.80 2.52 24.77
N GLU A 451 47.07 2.83 25.07
CA GLU A 451 47.45 3.41 26.37
C GLU A 451 46.79 4.77 26.66
N THR A 452 46.60 5.57 25.62
CA THR A 452 45.92 6.88 25.75
C THR A 452 44.39 6.76 25.75
N LEU A 453 43.83 5.76 25.07
CA LEU A 453 42.38 5.55 24.99
C LEU A 453 41.80 4.57 26.04
N SER A 454 42.66 3.98 26.86
CA SER A 454 42.22 3.00 27.88
C SER A 454 41.15 3.54 28.84
N ALA A 455 41.44 4.68 29.46
CA ALA A 455 40.52 5.32 30.41
C ALA A 455 39.23 5.79 29.75
N ALA A 456 39.34 6.34 28.54
CA ALA A 456 38.18 6.76 27.75
C ALA A 456 37.29 5.57 27.34
N MET A 457 37.91 4.46 26.96
CA MET A 457 37.18 3.23 26.62
C MET A 457 36.41 2.69 27.82
N LEU A 458 37.09 2.59 28.96
CA LEU A 458 36.47 2.11 30.21
C LEU A 458 35.31 3.01 30.65
N THR A 459 35.48 4.32 30.49
CA THR A 459 34.42 5.30 30.73
C THR A 459 33.26 5.11 29.73
N ALA A 460 33.60 4.91 28.46
CA ALA A 460 32.59 4.67 27.43
C ALA A 460 31.79 3.39 27.64
N LEU A 461 32.45 2.33 28.15
CA LEU A 461 31.77 1.06 28.46
C LEU A 461 30.85 1.19 29.68
N LEU A 462 31.39 1.72 30.78
CA LEU A 462 30.64 1.81 32.05
C LEU A 462 29.45 2.78 32.02
N ASP A 463 29.52 3.83 31.20
CA ASP A 463 28.43 4.81 31.08
C ASP A 463 27.51 4.61 29.86
N ASP A 464 27.64 3.46 29.19
CA ASP A 464 26.77 3.09 28.04
C ASP A 464 26.90 4.07 26.86
N LYS A 465 28.14 4.42 26.52
CA LYS A 465 28.43 5.26 25.35
C LYS A 465 28.88 4.34 24.21
N ALA A 466 27.90 3.74 23.54
CA ALA A 466 28.15 2.71 22.52
C ALA A 466 28.86 3.25 21.28
N GLU A 467 28.43 4.41 20.81
CA GLU A 467 28.99 5.03 19.61
C GLU A 467 30.46 5.45 19.79
N PHE A 468 30.80 5.93 21.00
CA PHE A 468 32.19 6.24 21.34
C PHE A 468 33.06 4.98 21.40
N ALA A 469 32.54 3.90 21.97
CA ALA A 469 33.23 2.61 22.02
C ALA A 469 33.50 2.05 20.62
N GLU A 470 32.49 2.14 19.75
CA GLU A 470 32.64 1.79 18.33
C GLU A 470 33.74 2.61 17.67
N LEU A 471 33.70 3.92 17.90
CA LEU A 471 34.65 4.87 17.31
C LEU A 471 36.08 4.67 17.81
N PHE A 472 36.24 4.37 19.11
CA PHE A 472 37.56 4.07 19.68
C PHE A 472 38.14 2.76 19.13
N LEU A 473 37.30 1.74 18.98
CA LEU A 473 37.72 0.47 18.38
C LEU A 473 38.24 0.65 16.95
N GLN A 474 37.47 1.34 16.12
CA GLN A 474 37.82 1.54 14.71
C GLN A 474 38.79 2.70 14.41
N ASN A 475 39.30 3.38 15.44
CA ASN A 475 40.37 4.37 15.27
C ASN A 475 41.73 3.83 15.72
N GLY A 476 41.92 3.62 17.03
CA GLY A 476 43.21 3.14 17.56
C GLY A 476 43.22 2.32 18.83
N LEU A 477 42.09 1.72 19.21
CA LEU A 477 42.00 0.87 20.40
C LEU A 477 41.99 -0.60 19.96
N SER A 478 42.85 -1.40 20.59
CA SER A 478 42.94 -2.84 20.33
C SER A 478 42.57 -3.59 21.61
N MET A 479 41.46 -4.33 21.56
CA MET A 479 40.91 -4.98 22.76
C MET A 479 41.78 -6.11 23.32
N ARG A 480 42.69 -6.64 22.51
CA ARG A 480 43.71 -7.59 22.96
C ARG A 480 44.62 -6.97 24.05
N GLU A 481 45.04 -5.73 23.84
CA GLU A 481 45.87 -4.99 24.82
C GLU A 481 45.04 -4.38 25.96
N PHE A 482 43.87 -3.84 25.62
CA PHE A 482 43.02 -3.13 26.60
C PHE A 482 42.50 -4.03 27.72
N LEU A 483 41.78 -5.07 27.34
CA LEU A 483 41.06 -5.91 28.32
C LEU A 483 41.99 -6.86 29.07
N SER A 484 42.23 -6.57 30.34
CA SER A 484 42.88 -7.49 31.27
C SER A 484 41.80 -8.13 32.15
N LEU A 485 42.21 -8.95 33.12
CA LEU A 485 41.27 -9.59 34.05
C LEU A 485 40.63 -8.60 35.02
N ASP A 486 41.43 -7.66 35.54
CA ASP A 486 40.96 -6.66 36.51
C ASP A 486 39.91 -5.72 35.90
N ILE A 487 40.09 -5.35 34.63
CA ILE A 487 39.12 -4.51 33.90
C ILE A 487 37.79 -5.27 33.75
N LEU A 488 37.88 -6.55 33.40
CA LEU A 488 36.69 -7.40 33.24
C LEU A 488 35.95 -7.59 34.56
N CYS A 489 36.69 -7.84 35.64
CA CYS A 489 36.10 -7.89 36.98
C CYS A 489 35.51 -6.54 37.42
N LYS A 490 36.18 -5.45 37.05
CA LYS A 490 35.64 -4.09 37.28
C LYS A 490 34.36 -3.84 36.49
N LEU A 491 34.27 -4.36 35.26
CA LEU A 491 33.03 -4.24 34.47
C LEU A 491 31.84 -4.96 35.12
N TYR A 492 32.07 -6.18 35.62
CA TYR A 492 31.02 -6.92 36.35
C TYR A 492 30.74 -6.36 37.75
N ALA A 493 31.76 -5.77 38.39
CA ALA A 493 31.58 -5.12 39.69
C ALA A 493 30.64 -3.91 39.63
N GLU A 494 30.70 -3.16 38.53
CA GLU A 494 29.90 -1.94 38.34
C GLU A 494 28.69 -2.16 37.42
N VAL A 495 27.93 -3.23 37.65
CA VAL A 495 26.64 -3.42 36.97
C VAL A 495 25.62 -2.46 37.58
N PRO A 496 24.62 -2.00 36.78
CA PRO A 496 23.77 -0.86 37.21
C PRO A 496 23.02 -1.01 38.55
N GLY A 497 22.15 -2.01 38.66
CA GLY A 497 21.26 -2.17 39.81
C GLY A 497 19.84 -2.48 39.40
N ASN A 498 19.36 -1.81 38.35
CA ASN A 498 18.02 -2.06 37.78
C ASN A 498 17.95 -3.25 36.79
N THR A 499 19.08 -3.93 36.57
CA THR A 499 19.15 -5.07 35.65
C THR A 499 18.76 -6.39 36.33
N THR A 500 18.58 -7.42 35.50
CA THR A 500 18.23 -8.78 35.96
C THR A 500 19.45 -9.55 36.48
N ILE A 501 20.63 -9.29 35.92
CA ILE A 501 21.89 -9.97 36.30
C ILE A 501 22.34 -9.65 37.75
N LYS A 502 22.01 -8.46 38.24
CA LYS A 502 22.46 -8.00 39.57
C LYS A 502 21.89 -8.85 40.73
N PRO A 503 20.57 -9.12 40.75
CA PRO A 503 20.04 -10.10 41.71
C PRO A 503 20.66 -11.51 41.60
N LEU A 504 20.84 -11.98 40.37
CA LEU A 504 21.43 -13.30 40.10
C LEU A 504 22.87 -13.41 40.61
N LEU A 505 23.68 -12.39 40.33
CA LEU A 505 25.05 -12.34 40.86
C LEU A 505 25.09 -12.25 42.38
N GLN A 506 24.22 -11.43 42.96
CA GLN A 506 24.09 -11.29 44.41
C GLN A 506 23.66 -12.59 45.10
N LYS A 507 22.69 -13.29 44.50
CA LYS A 507 22.23 -14.59 45.01
C LYS A 507 23.31 -15.68 44.90
N GLU A 508 24.11 -15.64 43.84
CA GLU A 508 25.18 -16.62 43.64
C GLU A 508 26.34 -16.42 44.62
N MET A 509 26.82 -15.18 44.74
CA MET A 509 27.89 -14.86 45.71
C MET A 509 27.37 -14.72 47.14
N GLY A 510 26.06 -14.64 47.32
CA GLY A 510 25.43 -14.68 48.65
C GLY A 510 25.65 -16.02 49.33
N LYS A 511 25.35 -17.10 48.62
CA LYS A 511 25.75 -18.45 49.06
C LYS A 511 27.26 -18.62 48.84
N ARG A 512 27.86 -19.51 49.63
CA ARG A 512 29.33 -19.74 49.68
C ARG A 512 30.19 -18.56 50.17
N GLN A 513 29.53 -17.50 50.69
CA GLN A 513 30.17 -16.40 51.41
C GLN A 513 31.46 -15.83 50.78
N VAL A 514 31.29 -15.11 49.67
CA VAL A 514 32.39 -14.43 48.99
C VAL A 514 32.01 -12.96 48.85
N LYS A 515 32.89 -12.07 49.34
CA LYS A 515 32.61 -10.64 49.38
C LYS A 515 33.01 -9.88 48.10
N THR A 516 33.93 -10.44 47.31
CA THR A 516 34.42 -9.80 46.08
C THR A 516 34.01 -10.61 44.85
N ILE A 517 33.49 -9.91 43.83
CA ILE A 517 33.11 -10.56 42.56
C ILE A 517 34.34 -11.03 41.77
N ASP A 518 34.25 -12.23 41.21
CA ASP A 518 35.27 -12.79 40.30
C ASP A 518 34.57 -13.61 39.21
N MET A 519 35.34 -14.11 38.24
CA MET A 519 34.77 -14.76 37.05
C MET A 519 34.18 -16.15 37.29
N ASP A 520 34.52 -16.78 38.42
CA ASP A 520 33.89 -18.04 38.82
C ASP A 520 32.39 -17.87 39.11
N VAL A 521 32.04 -16.75 39.75
CA VAL A 521 30.64 -16.40 40.02
C VAL A 521 29.90 -16.15 38.71
N VAL A 522 30.50 -15.36 37.83
CA VAL A 522 29.92 -15.01 36.52
C VAL A 522 29.76 -16.27 35.65
N GLY A 523 30.76 -17.15 35.71
CA GLY A 523 30.71 -18.43 35.01
C GLY A 523 29.55 -19.30 35.47
N GLU A 524 29.37 -19.42 36.78
CA GLU A 524 28.29 -20.22 37.35
C GLU A 524 26.89 -19.68 37.04
N VAL A 525 26.76 -18.35 36.97
CA VAL A 525 25.50 -17.71 36.55
C VAL A 525 25.20 -17.98 35.07
N ILE A 526 26.22 -17.89 34.22
CA ILE A 526 26.09 -18.24 32.80
C ILE A 526 25.79 -19.74 32.61
N GLU A 527 26.38 -20.58 33.47
CA GLU A 527 26.10 -22.02 33.47
C GLU A 527 24.64 -22.35 33.80
N GLU A 528 24.09 -21.72 34.83
CA GLU A 528 22.68 -21.97 35.22
C GLU A 528 21.66 -21.29 34.31
N LEU A 529 22.07 -20.29 33.52
CA LEU A 529 21.22 -19.71 32.46
C LEU A 529 21.22 -20.51 31.15
N MET A 530 22.06 -21.55 31.05
CA MET A 530 22.04 -22.49 29.93
C MET A 530 22.10 -23.92 30.49
N GLY A 531 20.92 -24.48 30.75
CA GLY A 531 20.78 -25.66 31.60
C GLY A 531 21.24 -27.00 31.07
N ASP A 532 21.42 -27.13 29.76
CA ASP A 532 21.73 -28.42 29.12
C ASP A 532 23.23 -28.78 29.24
N MET A 533 23.68 -28.99 30.47
CA MET A 533 25.09 -29.27 30.79
C MET A 533 26.10 -28.35 30.08
N PHE A 534 25.83 -27.04 30.13
CA PHE A 534 26.75 -26.04 29.59
C PHE A 534 27.92 -25.87 30.54
N GLU A 535 29.09 -25.58 29.99
CA GLU A 535 30.32 -25.40 30.76
C GLU A 535 31.04 -24.15 30.28
N SER A 536 30.88 -23.06 31.04
CA SER A 536 31.55 -21.79 30.73
C SER A 536 33.05 -21.93 30.96
N TYR A 537 33.84 -21.31 30.09
CA TYR A 537 35.31 -21.42 30.13
C TYR A 537 35.98 -20.66 31.29
N TYR A 538 35.23 -19.80 31.98
CA TYR A 538 35.72 -19.12 33.20
C TYR A 538 36.04 -20.10 34.32
N ARG A 539 35.26 -21.18 34.41
CA ARG A 539 35.41 -22.17 35.48
C ARG A 539 36.63 -23.08 35.29
N LYS A 540 37.11 -23.23 34.06
CA LYS A 540 38.20 -24.15 33.72
C LYS A 540 39.49 -23.46 33.23
N ASP A 541 39.38 -22.42 32.40
CA ASP A 541 40.56 -21.80 31.78
C ASP A 541 41.42 -21.05 32.81
N GLY A 542 42.74 -21.21 32.69
CA GLY A 542 43.70 -20.64 33.64
C GLY A 542 43.86 -19.14 33.62
N HIS A 543 43.49 -18.50 32.52
CA HIS A 543 43.59 -17.04 32.38
C HIS A 543 42.60 -16.25 33.24
N TYR A 544 41.53 -16.89 33.72
CA TYR A 544 40.49 -16.23 34.51
C TYR A 544 40.51 -16.65 35.99
N PHE A 545 41.71 -16.60 36.59
CA PHE A 545 41.90 -16.83 38.03
C PHE A 545 42.92 -15.86 38.60
N GLY A 546 42.94 -15.72 39.92
CA GLY A 546 43.87 -14.83 40.60
C GLY A 546 43.87 -14.99 42.11
N ILE A 573 52.52 -9.76 31.39
CA ILE A 573 51.35 -10.63 31.39
C ILE A 573 50.89 -10.88 29.95
N ASP A 574 50.42 -12.10 29.69
CA ASP A 574 49.83 -12.45 28.39
C ASP A 574 48.33 -12.10 28.34
N PRO A 575 47.80 -11.73 27.16
CA PRO A 575 46.42 -11.27 27.08
C PRO A 575 45.39 -12.40 27.18
N LEU A 576 44.12 -12.02 27.34
CA LEU A 576 43.03 -13.00 27.45
C LEU A 576 42.74 -13.64 26.08
N PRO A 577 42.26 -14.91 26.07
CA PRO A 577 42.01 -15.61 24.80
C PRO A 577 40.96 -14.96 23.89
N THR A 578 39.81 -14.58 24.45
CA THR A 578 38.69 -14.02 23.69
C THR A 578 38.16 -12.74 24.36
N PRO A 579 38.79 -11.58 24.09
CA PRO A 579 38.34 -10.30 24.66
C PRO A 579 36.98 -9.82 24.14
N TYR A 580 36.76 -9.91 22.84
CA TYR A 580 35.49 -9.47 22.24
C TYR A 580 34.29 -10.28 22.73
N LEU A 581 34.49 -11.58 22.93
CA LEU A 581 33.40 -12.47 23.37
C LEU A 581 32.92 -12.17 24.77
N ASP A 582 33.83 -12.11 25.74
CA ASP A 582 33.44 -11.90 27.15
C ASP A 582 32.97 -10.47 27.47
N VAL A 583 33.41 -9.48 26.69
CA VAL A 583 32.86 -8.12 26.78
C VAL A 583 31.46 -8.09 26.12
N PHE A 584 31.29 -8.82 25.03
CA PHE A 584 29.96 -9.02 24.41
C PHE A 584 28.98 -9.73 25.35
N LEU A 585 29.46 -10.75 26.07
CA LEU A 585 28.63 -11.45 27.07
C LEU A 585 28.22 -10.51 28.21
N TRP A 586 29.15 -9.66 28.66
CA TRP A 586 28.84 -8.62 29.65
C TRP A 586 27.78 -7.64 29.12
N ALA A 587 27.90 -7.26 27.84
CA ALA A 587 26.94 -6.34 27.22
C ALA A 587 25.52 -6.92 27.14
N VAL A 588 25.39 -8.18 26.71
CA VAL A 588 24.06 -8.83 26.62
C VAL A 588 23.44 -9.18 27.98
N LEU A 589 24.27 -9.49 28.98
CA LEU A 589 23.78 -9.74 30.35
C LEU A 589 23.28 -8.46 31.05
N CYS A 590 23.83 -7.30 30.68
CA CYS A 590 23.36 -6.01 31.20
C CYS A 590 22.14 -5.43 30.44
N ASN A 591 21.73 -6.10 29.35
CA ASN A 591 20.61 -5.68 28.51
C ASN A 591 20.86 -4.32 27.84
N ARG A 592 22.08 -4.12 27.36
CA ARG A 592 22.47 -2.93 26.61
C ARG A 592 22.40 -3.24 25.12
N ARG A 593 21.40 -2.72 24.43
CA ARG A 593 21.12 -3.08 23.03
C ARG A 593 22.21 -2.60 22.06
N GLU A 594 22.50 -1.31 22.09
CA GLU A 594 23.45 -0.70 21.16
C GLU A 594 24.90 -1.16 21.38
N LEU A 595 25.29 -1.28 22.64
CA LEU A 595 26.64 -1.75 22.99
C LEU A 595 26.85 -3.21 22.60
N ALA A 596 25.83 -4.04 22.81
CA ALA A 596 25.87 -5.45 22.38
C ALA A 596 25.95 -5.58 20.86
N ARG A 597 25.21 -4.74 20.13
CA ARG A 597 25.27 -4.70 18.66
C ARG A 597 26.67 -4.31 18.18
N VAL A 598 27.22 -3.24 18.76
CA VAL A 598 28.57 -2.77 18.43
C VAL A 598 29.62 -3.88 18.63
N LEU A 599 29.54 -4.56 19.77
CA LEU A 599 30.48 -5.64 20.09
C LEU A 599 30.21 -6.93 19.31
N TRP A 600 28.96 -7.16 18.90
CA TRP A 600 28.63 -8.30 18.03
C TRP A 600 29.25 -8.18 16.65
N GLU A 601 29.18 -6.99 16.06
CA GLU A 601 29.71 -6.74 14.71
C GLU A 601 31.23 -6.91 14.61
N ALA A 602 31.94 -6.63 15.71
CA ALA A 602 33.39 -6.89 15.81
C ALA A 602 33.64 -8.15 16.65
N GLY A 603 33.38 -9.31 16.06
CA GLY A 603 33.51 -10.61 16.75
C GLY A 603 33.82 -11.74 15.79
N ARG A 604 34.30 -12.86 16.33
CA ARG A 604 34.84 -13.96 15.52
C ARG A 604 33.79 -14.93 14.99
N GLU A 605 32.87 -15.37 15.86
CA GLU A 605 31.72 -16.20 15.45
C GLU A 605 30.43 -15.40 15.68
N PRO A 606 29.93 -14.72 14.63
CA PRO A 606 28.68 -13.95 14.78
C PRO A 606 27.43 -14.80 14.98
N MET A 607 27.34 -15.92 14.25
CA MET A 607 26.15 -16.77 14.26
C MET A 607 25.97 -17.49 15.61
N ALA A 608 27.05 -18.07 16.12
CA ALA A 608 27.03 -18.76 17.42
C ALA A 608 26.80 -17.80 18.59
N ALA A 609 27.42 -16.62 18.52
CA ALA A 609 27.25 -15.57 19.54
C ALA A 609 25.82 -15.06 19.60
N ALA A 610 25.22 -14.85 18.42
CA ALA A 610 23.83 -14.42 18.32
C ALA A 610 22.86 -15.44 18.92
N LEU A 611 23.10 -16.72 18.64
CA LEU A 611 22.28 -17.81 19.21
C LEU A 611 22.45 -17.95 20.72
N MET A 612 23.68 -17.79 21.21
CA MET A 612 23.94 -17.78 22.66
C MET A 612 23.31 -16.55 23.33
N ALA A 613 23.35 -15.40 22.66
CA ALA A 613 22.74 -14.18 23.18
C ALA A 613 21.23 -14.36 23.38
N SER A 614 20.55 -14.81 22.33
CA SER A 614 19.10 -15.04 22.37
C SER A 614 18.69 -16.05 23.44
N ARG A 615 19.52 -17.09 23.64
CA ARG A 615 19.32 -18.06 24.73
C ARG A 615 19.39 -17.37 26.08
N LEU A 616 20.48 -16.64 26.33
CA LEU A 616 20.67 -15.88 27.57
C LEU A 616 19.53 -14.89 27.83
N LEU A 617 19.16 -14.11 26.81
CA LEU A 617 18.12 -13.09 26.98
C LEU A 617 16.74 -13.67 27.35
N LYS A 618 16.26 -14.65 26.57
CA LYS A 618 14.92 -15.21 26.81
C LYS A 618 14.86 -16.11 28.05
N ARG A 619 15.98 -16.72 28.43
CA ARG A 619 16.04 -17.50 29.68
C ARG A 619 16.01 -16.60 30.91
N MET A 620 16.76 -15.49 30.88
CA MET A 620 16.71 -14.51 31.98
C MET A 620 15.41 -13.70 31.96
N ALA A 621 14.76 -13.59 30.79
CA ALA A 621 13.39 -13.05 30.70
C ALA A 621 12.38 -13.89 31.49
N SER A 622 12.41 -15.20 31.27
CA SER A 622 11.54 -16.13 32.01
C SER A 622 11.87 -16.18 33.51
N ARG A 623 13.16 -16.06 33.83
CA ARG A 623 13.63 -15.93 35.21
C ARG A 623 13.09 -14.66 35.87
N ALA A 624 13.14 -13.54 35.15
CA ALA A 624 12.59 -12.27 35.63
C ALA A 624 11.06 -12.30 35.78
N GLN A 625 10.38 -13.05 34.90
CA GLN A 625 8.92 -13.15 34.92
C GLN A 625 8.38 -13.95 36.12
N GLU A 626 8.94 -15.13 36.35
CA GLU A 626 8.42 -16.06 37.37
C GLU A 626 8.89 -15.80 38.81
N ASP A 627 9.78 -14.83 39.02
CA ASP A 627 10.31 -14.51 40.35
C ASP A 627 9.76 -13.17 40.85
N ASN A 628 9.41 -13.13 42.14
CA ASN A 628 8.83 -11.93 42.76
C ASN A 628 9.90 -10.93 43.20
N THR A 629 11.06 -11.43 43.62
CA THR A 629 12.19 -10.58 44.04
C THR A 629 13.09 -10.08 42.88
N ILE A 630 12.63 -10.25 41.64
CA ILE A 630 13.26 -9.63 40.46
C ILE A 630 12.16 -8.87 39.71
N THR A 631 12.48 -7.64 39.26
CA THR A 631 11.50 -6.77 38.59
C THR A 631 11.19 -7.26 37.18
N ASP A 632 9.91 -7.20 36.81
CA ASP A 632 9.45 -7.71 35.51
C ASP A 632 9.78 -6.75 34.37
N ILE A 633 10.85 -7.06 33.64
CA ILE A 633 11.21 -6.37 32.38
C ILE A 633 11.26 -7.40 31.25
N SER A 634 10.29 -8.32 31.28
CA SER A 634 10.34 -9.54 30.48
C SER A 634 10.12 -9.31 28.98
N SER A 635 9.14 -8.47 28.65
CA SER A 635 8.84 -8.12 27.26
C SER A 635 10.00 -7.40 26.56
N ASP A 636 10.76 -6.60 27.31
CA ASP A 636 11.97 -5.96 26.80
C ASP A 636 13.05 -7.00 26.46
N LEU A 637 13.23 -7.96 27.36
CA LEU A 637 14.21 -9.04 27.17
C LEU A 637 13.84 -10.01 26.05
N TYR A 638 12.54 -10.31 25.90
CA TYR A 638 12.06 -11.14 24.77
C TYR A 638 12.26 -10.44 23.42
N ASP A 639 12.00 -9.14 23.38
CA ASP A 639 12.20 -8.32 22.17
C ASP A 639 13.68 -8.25 21.76
N HIS A 640 14.58 -8.15 22.76
CA HIS A 640 16.02 -8.14 22.53
C HIS A 640 16.52 -9.51 22.06
N ALA A 641 15.98 -10.58 22.63
CA ALA A 641 16.24 -11.95 22.18
C ALA A 641 15.81 -12.17 20.73
N ARG A 642 14.67 -11.59 20.36
CA ARG A 642 14.15 -11.68 18.99
C ARG A 642 15.05 -10.97 17.98
N LEU A 643 15.65 -9.84 18.37
CA LEU A 643 16.61 -9.14 17.51
C LEU A 643 17.84 -9.98 17.18
N PHE A 644 18.41 -10.63 18.20
CA PHE A 644 19.56 -11.53 18.00
C PHE A 644 19.20 -12.78 17.20
N GLU A 645 17.97 -13.26 17.32
CA GLU A 645 17.48 -14.37 16.48
C GLU A 645 17.46 -13.99 15.00
N GLU A 646 16.96 -12.79 14.70
CA GLU A 646 16.96 -12.25 13.33
C GLU A 646 18.37 -12.12 12.74
N ARG A 647 19.32 -11.68 13.56
CA ARG A 647 20.72 -11.54 13.15
C ARG A 647 21.36 -12.88 12.82
N ALA A 648 21.09 -13.90 13.64
CA ALA A 648 21.60 -15.25 13.39
C ALA A 648 21.08 -15.85 12.08
N VAL A 649 19.79 -15.65 11.81
CA VAL A 649 19.17 -16.13 10.57
C VAL A 649 19.74 -15.39 9.34
N GLY A 650 19.93 -14.08 9.49
CA GLY A 650 20.50 -13.24 8.43
C GLY A 650 21.91 -13.63 8.01
N VAL A 651 22.75 -13.96 8.99
CA VAL A 651 24.11 -14.44 8.73
C VAL A 651 24.10 -15.82 8.07
N LEU A 652 23.20 -16.70 8.52
CA LEU A 652 23.01 -18.02 7.90
C LEU A 652 22.55 -17.89 6.45
N ASP A 653 21.58 -17.00 6.21
CA ASP A 653 21.04 -16.77 4.86
C ASP A 653 22.11 -16.30 3.88
N GLU A 654 22.98 -15.38 4.32
CA GLU A 654 24.08 -14.88 3.49
C GLU A 654 25.14 -15.95 3.25
N CYS A 655 25.47 -16.72 4.30
CA CYS A 655 26.36 -17.89 4.17
C CYS A 655 25.80 -18.93 3.20
N PHE A 656 24.49 -19.14 3.22
CA PHE A 656 23.83 -20.07 2.29
C PHE A 656 23.88 -19.58 0.84
N ASN A 657 23.68 -18.28 0.63
CA ASN A 657 23.71 -17.71 -0.72
C ASN A 657 25.10 -17.73 -1.37
N GLU A 658 26.15 -17.62 -0.56
CA GLU A 658 27.53 -17.68 -1.07
C GLU A 658 27.94 -19.11 -1.47
N ASN A 659 27.85 -20.04 -0.52
CA ASN A 659 28.12 -21.46 -0.77
C ASN A 659 27.22 -22.33 0.10
N GLU A 660 26.43 -23.20 -0.56
CA GLU A 660 25.40 -23.99 0.13
C GLU A 660 25.95 -25.17 0.93
N THR A 661 27.06 -25.75 0.48
CA THR A 661 27.64 -26.93 1.14
C THR A 661 28.42 -26.55 2.40
N LEU A 662 29.34 -25.60 2.28
CA LEU A 662 30.17 -25.18 3.43
C LEU A 662 29.39 -24.46 4.53
N SER A 663 28.22 -23.90 4.19
CA SER A 663 27.29 -23.37 5.19
C SER A 663 26.69 -24.47 6.07
N GLN A 664 26.42 -25.63 5.47
CA GLN A 664 25.96 -26.81 6.22
C GLN A 664 27.09 -27.42 7.07
N THR A 665 28.32 -27.32 6.58
CA THR A 665 29.51 -27.65 7.38
C THR A 665 29.68 -26.66 8.53
N LEU A 666 29.39 -25.38 8.27
CA LEU A 666 29.39 -24.32 9.28
C LEU A 666 28.41 -24.58 10.44
N LEU A 667 27.27 -25.20 10.14
CA LEU A 667 26.26 -25.55 11.16
C LEU A 667 26.64 -26.70 12.10
N VAL A 668 27.55 -27.58 11.67
CA VAL A 668 28.00 -28.74 12.48
C VAL A 668 29.44 -28.61 13.01
N ARG A 669 29.96 -27.38 13.07
CA ARG A 669 31.31 -27.14 13.63
C ARG A 669 31.29 -27.36 15.13
N GLU A 670 32.27 -28.13 15.63
CA GLU A 670 32.45 -28.28 17.07
C GLU A 670 33.14 -27.02 17.62
N LEU A 671 32.35 -26.11 18.18
CA LEU A 671 32.86 -24.83 18.68
C LEU A 671 33.53 -25.01 20.04
N ASP A 672 34.78 -24.57 20.16
CA ASP A 672 35.56 -24.74 21.39
C ASP A 672 35.22 -23.73 22.49
N HIS A 673 34.89 -22.50 22.09
CA HIS A 673 34.54 -21.44 23.04
C HIS A 673 33.11 -21.51 23.60
N TYR A 674 32.27 -22.37 23.01
CA TYR A 674 30.89 -22.56 23.48
C TYR A 674 30.67 -23.96 24.08
N SER A 675 31.67 -24.46 24.81
CA SER A 675 31.60 -25.75 25.53
C SER A 675 31.41 -26.97 24.62
N ARG A 676 32.19 -27.04 23.54
CA ARG A 676 32.14 -28.15 22.57
C ARG A 676 30.75 -28.36 21.93
N MET A 677 29.95 -27.28 21.87
CA MET A 677 28.57 -27.34 21.42
C MET A 677 28.46 -26.69 20.04
N THR A 678 27.75 -27.35 19.13
CA THR A 678 27.62 -26.85 17.75
C THR A 678 26.47 -25.85 17.60
N ALA A 679 26.48 -25.12 16.47
CA ALA A 679 25.52 -24.05 16.20
C ALA A 679 24.08 -24.52 16.07
N LEU A 680 23.90 -25.74 15.55
CA LEU A 680 22.56 -26.35 15.45
C LEU A 680 21.98 -26.67 16.83
N GLU A 681 22.83 -27.12 17.76
CA GLU A 681 22.43 -27.39 19.15
C GLU A 681 22.12 -26.10 19.90
N LEU A 682 22.91 -25.04 19.66
CA LEU A 682 22.61 -23.71 20.19
C LEU A 682 21.28 -23.16 19.67
N ALA A 683 21.00 -23.39 18.39
CA ALA A 683 19.74 -22.98 17.77
C ALA A 683 18.52 -23.82 18.21
N VAL A 684 18.78 -25.01 18.77
CA VAL A 684 17.72 -25.84 19.38
C VAL A 684 17.53 -25.48 20.87
N SER A 685 18.63 -25.19 21.58
CA SER A 685 18.57 -24.81 23.01
C SER A 685 17.67 -23.60 23.24
N ALA A 686 18.00 -22.48 22.57
CA ALA A 686 17.06 -21.37 22.42
C ALA A 686 16.08 -21.80 21.35
N GLU A 687 14.79 -21.84 21.68
CA GLU A 687 13.79 -22.37 20.74
C GLU A 687 13.59 -21.44 19.55
N SER A 688 14.53 -21.50 18.61
CA SER A 688 14.60 -20.60 17.47
C SER A 688 14.07 -21.32 16.23
N GLN A 689 12.77 -21.21 16.01
CA GLN A 689 12.10 -21.91 14.91
C GLN A 689 12.46 -21.33 13.53
N ASP A 690 12.72 -20.03 13.47
CA ASP A 690 13.12 -19.38 12.21
C ASP A 690 14.49 -19.84 11.70
N PHE A 691 15.40 -20.18 12.62
CA PHE A 691 16.72 -20.68 12.26
C PHE A 691 16.65 -22.11 11.73
N ILE A 692 15.93 -22.98 12.44
CA ILE A 692 15.80 -24.40 12.06
C ILE A 692 14.93 -24.55 10.81
N ALA A 693 13.94 -23.68 10.62
CA ALA A 693 13.09 -23.69 9.42
C ALA A 693 13.78 -23.18 8.15
N HIS A 694 14.96 -22.57 8.27
CA HIS A 694 15.71 -22.10 7.11
C HIS A 694 16.20 -23.26 6.23
N THR A 695 16.30 -23.02 4.93
CA THR A 695 16.60 -24.05 3.93
C THR A 695 17.91 -24.82 4.18
N SER A 696 18.93 -24.11 4.64
CA SER A 696 20.24 -24.71 4.98
C SER A 696 20.13 -25.79 6.05
N CYS A 697 19.41 -25.48 7.14
CA CYS A 697 19.18 -26.45 8.22
C CYS A 697 18.33 -27.65 7.77
N GLN A 698 17.29 -27.36 6.98
CA GLN A 698 16.40 -28.41 6.48
C GLN A 698 17.10 -29.39 5.54
N VAL A 699 17.93 -28.86 4.64
CA VAL A 699 18.74 -29.69 3.74
C VAL A 699 19.79 -30.48 4.54
N LEU A 700 20.38 -29.84 5.55
CA LEU A 700 21.32 -30.53 6.45
C LEU A 700 20.65 -31.70 7.18
N LEU A 701 19.46 -31.46 7.74
CA LEU A 701 18.70 -32.50 8.42
C LEU A 701 18.33 -33.68 7.49
N THR A 702 18.04 -33.38 6.23
CA THR A 702 17.79 -34.42 5.23
C THR A 702 19.07 -35.21 4.89
N ARG A 703 20.22 -34.52 4.87
CA ARG A 703 21.52 -35.19 4.69
C ARG A 703 21.90 -36.04 5.89
N LEU A 704 21.61 -35.57 7.11
CA LEU A 704 21.85 -36.37 8.32
C LEU A 704 20.90 -37.57 8.41
N TRP A 705 19.68 -37.39 7.94
CA TRP A 705 18.69 -38.48 7.82
C TRP A 705 19.19 -39.57 6.86
N MET A 706 19.81 -39.14 5.75
CA MET A 706 20.50 -40.03 4.81
C MET A 706 21.97 -40.21 5.23
N GLY A 707 22.18 -40.82 6.39
CA GLY A 707 23.49 -40.89 7.00
C GLY A 707 24.41 -41.84 6.26
N THR A 708 25.37 -41.27 5.53
CA THR A 708 26.38 -42.03 4.76
C THR A 708 25.73 -42.95 3.74
N MET A 709 24.84 -42.37 2.93
CA MET A 709 24.06 -43.13 1.94
C MET A 709 23.56 -42.15 0.87
N ALA A 710 23.48 -42.63 -0.37
CA ALA A 710 23.12 -41.77 -1.51
C ALA A 710 21.77 -41.08 -1.33
N MET A 711 21.66 -39.86 -1.85
CA MET A 711 20.52 -38.98 -1.58
C MET A 711 19.19 -39.48 -2.14
N ASN A 712 19.24 -40.25 -3.24
CA ASN A 712 18.02 -40.74 -3.91
C ASN A 712 17.82 -42.26 -3.77
N THR A 713 18.13 -42.80 -2.59
CA THR A 713 17.85 -44.20 -2.27
C THR A 713 16.43 -44.31 -1.73
N ARG A 714 15.57 -45.02 -2.44
CA ARG A 714 14.15 -45.10 -2.09
C ARG A 714 13.90 -46.14 -0.98
N TRP A 715 12.73 -46.02 -0.36
CA TRP A 715 12.34 -46.86 0.80
C TRP A 715 12.37 -48.38 0.55
N TRP A 716 11.88 -48.79 -0.62
CA TRP A 716 11.78 -50.21 -0.98
C TRP A 716 13.15 -50.85 -1.20
N LYS A 717 14.07 -50.09 -1.79
CA LYS A 717 15.46 -50.53 -1.97
C LYS A 717 16.14 -50.79 -0.62
N VAL A 718 15.89 -49.91 0.34
CA VAL A 718 16.34 -50.10 1.73
C VAL A 718 15.64 -51.30 2.36
N LEU A 719 14.32 -51.39 2.17
CA LEU A 719 13.52 -52.51 2.68
C LEU A 719 14.00 -53.87 2.19
N VAL A 720 14.37 -53.97 0.92
CA VAL A 720 14.94 -55.20 0.36
C VAL A 720 16.32 -55.50 0.96
N CYS A 721 17.19 -54.50 0.97
CA CYS A 721 18.57 -54.65 1.48
C CYS A 721 18.66 -54.85 3.00
N LEU A 722 17.61 -54.48 3.74
CA LEU A 722 17.59 -54.65 5.21
C LEU A 722 17.57 -56.13 5.63
N TYR A 723 16.80 -56.94 4.90
CA TYR A 723 16.68 -58.38 5.18
C TYR A 723 17.57 -59.27 4.30
N LEU A 724 17.94 -58.79 3.11
CA LEU A 724 18.91 -59.48 2.24
C LEU A 724 20.22 -58.67 2.21
N PRO A 725 21.12 -58.90 3.19
CA PRO A 725 22.38 -58.15 3.22
C PRO A 725 23.44 -58.54 2.16
N VAL A 726 23.16 -59.53 1.31
CA VAL A 726 23.99 -59.79 0.12
C VAL A 726 23.74 -58.78 -1.00
N LEU A 727 22.52 -58.23 -1.08
CA LEU A 727 22.19 -57.13 -2.01
C LEU A 727 22.66 -55.73 -1.54
N ILE A 728 23.31 -55.67 -0.38
CA ILE A 728 23.73 -54.39 0.22
C ILE A 728 24.81 -53.65 -0.60
N PHE A 729 25.68 -54.41 -1.27
CA PHE A 729 26.79 -53.84 -2.05
C PHE A 729 26.43 -53.41 -3.49
N PRO A 730 25.74 -54.29 -4.27
CA PRO A 730 25.46 -53.91 -5.67
C PRO A 730 24.52 -52.71 -5.89
N ILE A 731 23.37 -52.69 -5.21
CA ILE A 731 22.30 -51.72 -5.54
C ILE A 731 22.23 -50.44 -4.70
N ILE A 732 22.84 -50.43 -3.51
CA ILE A 732 22.89 -49.22 -2.67
C ILE A 732 24.11 -48.38 -3.03
N TYR A 733 23.88 -47.15 -3.50
CA TYR A 733 24.94 -46.16 -3.70
C TYR A 733 25.22 -45.41 -2.40
N PHE A 734 26.40 -44.81 -2.32
CA PHE A 734 26.86 -44.13 -1.10
C PHE A 734 27.39 -42.72 -1.43
N VAL A 735 27.73 -41.96 -0.40
CA VAL A 735 28.16 -40.56 -0.56
C VAL A 735 29.51 -40.44 -1.29
N PRO A 736 30.50 -41.30 -0.97
CA PRO A 736 31.76 -41.29 -1.74
C PRO A 736 31.60 -41.54 -3.25
N ASP A 737 30.65 -42.41 -3.61
CA ASP A 737 30.41 -42.77 -5.01
C ASP A 737 29.90 -41.60 -5.83
N GLU A 738 28.87 -40.91 -5.33
CA GLU A 738 28.32 -39.73 -6.01
C GLU A 738 29.28 -38.54 -6.03
N GLN A 739 30.03 -38.34 -4.94
CA GLN A 739 31.05 -37.28 -4.87
C GLN A 739 32.24 -37.56 -5.80
N HIS A 740 32.65 -38.84 -5.89
CA HIS A 740 33.67 -39.25 -6.86
C HIS A 740 33.23 -39.01 -8.31
N GLU A 741 31.95 -39.31 -8.59
CA GLU A 741 31.36 -39.08 -9.91
C GLU A 741 31.31 -37.59 -10.29
N ARG A 742 30.88 -36.75 -9.34
CA ARG A 742 30.83 -35.30 -9.54
C ARG A 742 32.21 -34.68 -9.76
N GLN A 743 33.19 -35.09 -8.94
CA GLN A 743 34.57 -34.62 -9.09
C GLN A 743 35.20 -35.10 -10.40
N ALA A 744 34.98 -36.37 -10.75
CA ALA A 744 35.47 -36.93 -12.02
C ALA A 744 34.87 -36.25 -13.24
N ALA A 745 33.61 -35.83 -13.14
CA ALA A 745 32.95 -35.05 -14.20
C ALA A 745 33.52 -33.64 -14.30
N GLU A 746 33.59 -32.95 -13.16
CA GLU A 746 34.06 -31.55 -13.12
C GLU A 746 35.54 -31.36 -13.50
N ARG A 747 36.36 -32.40 -13.32
CA ARG A 747 37.71 -32.40 -13.88
C ARG A 747 37.71 -32.45 -15.41
N GLU A 748 36.74 -33.18 -15.98
CA GLU A 748 36.59 -33.28 -17.44
C GLU A 748 35.97 -32.04 -18.09
N HIS A 749 35.09 -31.33 -17.38
CA HIS A 749 34.46 -30.10 -17.91
C HIS A 749 35.47 -28.97 -18.16
N GLN A 750 36.56 -28.94 -17.40
CA GLN A 750 37.62 -27.94 -17.56
C GLN A 750 38.49 -28.14 -18.81
N LYS A 751 38.39 -29.29 -19.47
CA LYS A 751 39.10 -29.53 -20.74
C LYS A 751 38.58 -28.63 -21.86
N SER A 752 39.45 -28.34 -22.83
CA SER A 752 39.07 -27.57 -24.01
C SER A 752 38.17 -28.40 -24.92
N LEU A 753 37.25 -27.72 -25.60
CA LEU A 753 36.26 -28.39 -26.44
C LEU A 753 36.87 -28.96 -27.73
N ASN A 754 37.86 -28.27 -28.30
CA ASN A 754 38.60 -28.75 -29.46
C ASN A 754 39.80 -29.62 -29.05
N GLN A 755 40.23 -30.47 -29.99
CA GLN A 755 41.32 -31.46 -29.79
C GLN A 755 41.33 -32.15 -28.43
N ASP A 812 31.67 -45.30 14.07
CA ASP A 812 31.27 -44.01 14.64
C ASP A 812 31.88 -42.81 13.88
N ASP A 813 32.18 -43.00 12.60
CA ASP A 813 32.82 -41.97 11.77
C ASP A 813 31.93 -41.56 10.60
N SER A 814 30.62 -41.48 10.86
CA SER A 814 29.62 -41.20 9.83
C SER A 814 29.67 -39.74 9.36
N MET A 815 29.82 -38.83 10.31
CA MET A 815 29.95 -37.39 10.00
C MET A 815 31.20 -37.08 9.17
N GLU A 816 32.28 -37.81 9.43
CA GLU A 816 33.53 -37.66 8.68
C GLU A 816 33.31 -38.04 7.22
N VAL A 817 32.84 -39.26 6.98
CA VAL A 817 32.60 -39.76 5.62
C VAL A 817 31.48 -39.00 4.86
N ILE A 818 30.60 -38.31 5.59
CA ILE A 818 29.65 -37.37 4.97
C ILE A 818 30.38 -36.10 4.49
N MET A 819 31.17 -35.48 5.36
CA MET A 819 31.78 -34.16 5.09
C MET A 819 33.29 -34.14 4.83
N ARG A 820 33.84 -35.27 4.36
CA ARG A 820 35.25 -35.36 3.93
C ARG A 820 35.31 -36.15 2.62
N ASN A 821 36.52 -36.34 2.09
CA ASN A 821 36.77 -37.24 0.97
C ASN A 821 37.32 -38.58 1.49
N LYS A 822 36.51 -39.26 2.30
CA LYS A 822 36.83 -40.59 2.81
C LYS A 822 36.10 -41.64 1.96
N LYS A 823 36.68 -42.84 1.91
CA LYS A 823 36.15 -43.94 1.11
C LYS A 823 35.76 -45.12 1.98
N LEU A 824 34.76 -45.88 1.54
CA LEU A 824 34.26 -47.06 2.25
C LEU A 824 34.64 -48.32 1.48
N GLY A 825 35.12 -49.34 2.20
CA GLY A 825 35.49 -50.62 1.59
C GLY A 825 34.27 -51.48 1.31
N PHE A 826 34.30 -52.73 1.78
CA PHE A 826 33.18 -53.66 1.67
C PHE A 826 32.44 -53.77 3.00
N CYS A 827 33.17 -54.16 4.05
CA CYS A 827 32.60 -54.32 5.39
C CYS A 827 32.21 -53.00 6.06
N ASP A 828 32.84 -51.89 5.66
CA ASP A 828 32.50 -50.57 6.19
C ASP A 828 31.12 -50.11 5.74
N ARG A 829 30.83 -50.30 4.45
CA ARG A 829 29.54 -49.89 3.87
C ARG A 829 28.37 -50.87 4.12
N ILE A 830 28.60 -51.92 4.92
CA ILE A 830 27.52 -52.72 5.50
C ILE A 830 27.08 -52.08 6.81
N MET A 831 28.03 -51.89 7.72
CA MET A 831 27.76 -51.26 9.03
C MET A 831 27.26 -49.82 8.90
N HIS A 832 27.80 -49.08 7.91
CA HIS A 832 27.32 -47.72 7.61
C HIS A 832 25.89 -47.68 7.07
N PHE A 833 25.48 -48.72 6.35
CA PHE A 833 24.08 -48.86 5.89
C PHE A 833 23.14 -49.09 7.07
N TYR A 834 23.47 -50.04 7.93
CA TYR A 834 22.68 -50.32 9.14
C TYR A 834 22.69 -49.17 10.15
N SER A 835 23.77 -48.41 10.20
CA SER A 835 23.88 -47.25 11.11
C SER A 835 23.08 -46.02 10.68
N ALA A 836 22.65 -45.96 9.42
CA ALA A 836 21.88 -44.82 8.91
C ALA A 836 20.52 -44.68 9.61
N PRO A 837 20.12 -43.45 9.97
CA PRO A 837 18.79 -43.25 10.58
C PRO A 837 17.60 -43.73 9.74
N PHE A 838 17.64 -43.52 8.43
CA PHE A 838 16.54 -43.92 7.54
C PHE A 838 16.34 -45.43 7.49
N SER A 839 17.43 -46.20 7.52
CA SER A 839 17.35 -47.66 7.55
C SER A 839 16.78 -48.16 8.88
N LYS A 840 17.13 -47.50 9.98
CA LYS A 840 16.55 -47.77 11.29
C LYS A 840 15.06 -47.44 11.32
N PHE A 841 14.67 -46.34 10.67
CA PHE A 841 13.26 -45.94 10.55
C PHE A 841 12.43 -46.97 9.77
N VAL A 842 12.95 -47.41 8.62
CA VAL A 842 12.29 -48.43 7.79
C VAL A 842 12.15 -49.73 8.58
N GLY A 843 13.22 -50.11 9.28
CA GLY A 843 13.18 -51.24 10.21
C GLY A 843 12.12 -51.08 11.28
N ASN A 844 12.08 -49.92 11.92
CA ASN A 844 11.08 -49.64 12.96
C ASN A 844 9.64 -49.81 12.45
N VAL A 845 9.38 -49.29 11.23
CA VAL A 845 8.05 -49.37 10.61
C VAL A 845 7.62 -50.82 10.35
N VAL A 846 8.54 -51.65 9.84
CA VAL A 846 8.24 -53.06 9.56
C VAL A 846 7.98 -53.84 10.85
N GLY A 847 8.84 -53.64 11.85
CA GLY A 847 8.66 -54.23 13.17
C GLY A 847 7.38 -53.80 13.87
N TYR A 848 7.01 -52.54 13.69
CA TYR A 848 5.78 -52.01 14.27
C TYR A 848 4.52 -52.61 13.64
N LEU A 849 4.52 -52.75 12.31
CA LEU A 849 3.44 -53.45 11.59
C LEU A 849 3.26 -54.89 12.09
N ALA A 850 4.38 -55.59 12.26
CA ALA A 850 4.38 -56.96 12.79
C ALA A 850 3.77 -57.03 14.19
N PHE A 851 4.11 -56.06 15.03
CA PHE A 851 3.56 -55.96 16.39
C PHE A 851 2.04 -55.75 16.41
N ILE A 852 1.55 -54.84 15.57
CA ILE A 852 0.12 -54.51 15.52
C ILE A 852 -0.71 -55.69 15.00
N PHE A 853 -0.25 -56.37 13.94
CA PHE A 853 -0.92 -57.59 13.46
C PHE A 853 -0.92 -58.71 14.49
N LEU A 854 0.21 -58.86 15.20
CA LEU A 854 0.36 -59.89 16.23
C LEU A 854 -0.56 -59.61 17.41
N TYR A 855 -0.57 -58.35 17.87
CA TYR A 855 -1.43 -57.92 18.98
C TYR A 855 -2.92 -57.91 18.60
N ALA A 856 -3.22 -57.59 17.35
CA ALA A 856 -4.59 -57.66 16.84
C ALA A 856 -5.09 -59.10 16.75
N TYR A 857 -4.21 -60.03 16.39
CA TYR A 857 -4.58 -61.45 16.32
C TYR A 857 -4.94 -62.00 17.70
N VAL A 858 -4.02 -61.84 18.66
CA VAL A 858 -4.23 -62.36 20.01
C VAL A 858 -5.49 -61.76 20.66
N VAL A 859 -5.73 -60.46 20.44
CA VAL A 859 -6.91 -59.78 20.99
C VAL A 859 -8.22 -60.24 20.32
N LEU A 860 -8.23 -60.37 19.00
CA LEU A 860 -9.43 -60.75 18.25
C LEU A 860 -9.76 -62.25 18.32
N PHE A 861 -8.75 -63.10 18.13
CA PHE A 861 -8.95 -64.53 17.86
C PHE A 861 -8.63 -65.49 19.00
N ASN A 862 -7.50 -65.29 19.69
CA ASN A 862 -6.98 -66.28 20.64
C ASN A 862 -6.34 -65.68 21.89
N PHE A 863 -7.16 -65.49 22.92
CA PHE A 863 -6.74 -65.04 24.26
C PHE A 863 -7.56 -65.83 25.28
N PRO A 864 -7.18 -67.09 25.53
CA PRO A 864 -7.94 -67.95 26.44
C PRO A 864 -7.64 -67.63 27.91
N ARG A 865 -8.39 -68.26 28.81
CA ARG A 865 -8.17 -68.08 30.26
C ARG A 865 -7.19 -69.12 30.81
N PHE A 866 -6.53 -68.74 31.91
CA PHE A 866 -5.46 -69.55 32.50
C PHE A 866 -6.04 -70.71 33.31
N ASP A 867 -5.64 -71.93 32.93
CA ASP A 867 -5.98 -73.15 33.70
C ASP A 867 -4.70 -73.95 33.95
N PRO A 868 -4.38 -74.24 35.24
CA PRO A 868 -3.15 -75.02 35.54
C PRO A 868 -3.11 -76.47 35.02
N ALA A 869 -4.25 -77.04 34.64
CA ALA A 869 -4.32 -78.42 34.13
C ALA A 869 -3.55 -78.62 32.83
N LYS A 870 -3.79 -77.74 31.85
CA LYS A 870 -3.14 -77.82 30.53
C LYS A 870 -1.66 -77.42 30.59
N THR A 871 -0.92 -77.83 29.56
CA THR A 871 0.49 -77.46 29.41
C THR A 871 0.67 -75.95 29.17
N LEU A 872 1.68 -75.38 29.82
CA LEU A 872 2.01 -73.94 29.73
C LEU A 872 0.87 -73.00 30.21
N GLY A 873 -0.15 -73.53 30.86
CA GLY A 873 -1.39 -72.81 31.14
C GLY A 873 -2.31 -72.62 29.95
N GLY A 874 -2.17 -73.48 28.93
CA GLY A 874 -2.95 -73.37 27.69
C GLY A 874 -2.69 -72.11 26.89
N ILE A 875 -1.48 -71.54 27.03
CA ILE A 875 -1.12 -70.27 26.39
C ILE A 875 -0.56 -70.55 25.01
N HIS A 876 -1.04 -69.83 24.01
CA HIS A 876 -0.51 -69.92 22.65
C HIS A 876 0.84 -69.20 22.61
N PRO A 877 1.82 -69.71 21.83
CA PRO A 877 3.15 -69.04 21.74
C PRO A 877 3.09 -67.56 21.31
N THR A 878 2.11 -67.22 20.48
CA THR A 878 1.81 -65.85 20.06
C THR A 878 1.87 -64.82 21.20
N GLU A 879 1.22 -65.14 22.31
CA GLU A 879 1.18 -64.24 23.48
C GLU A 879 2.54 -64.07 24.17
N ILE A 880 3.39 -65.09 24.10
CA ILE A 880 4.76 -65.03 24.62
C ILE A 880 5.63 -64.14 23.71
N VAL A 881 5.41 -64.23 22.40
CA VAL A 881 6.07 -63.34 21.42
C VAL A 881 5.61 -61.89 21.62
N LEU A 882 4.34 -61.71 21.99
CA LEU A 882 3.81 -60.39 22.33
C LEU A 882 4.48 -59.80 23.58
N TYR A 883 4.66 -60.63 24.62
CA TYR A 883 5.40 -60.20 25.83
C TYR A 883 6.82 -59.75 25.50
N PHE A 884 7.47 -60.50 24.60
CA PHE A 884 8.82 -60.21 24.14
C PHE A 884 8.92 -58.82 23.47
N TRP A 885 7.99 -58.52 22.57
CA TRP A 885 8.01 -57.22 21.87
C TRP A 885 7.63 -56.03 22.75
N VAL A 886 6.68 -56.22 23.66
CA VAL A 886 6.29 -55.15 24.60
C VAL A 886 7.45 -54.85 25.58
N PHE A 887 8.16 -55.90 25.99
CA PHE A 887 9.39 -55.76 26.78
C PHE A 887 10.48 -54.98 26.03
N THR A 888 10.58 -55.20 24.71
CA THR A 888 11.47 -54.42 23.84
C THR A 888 11.10 -52.93 23.80
N ILE A 889 9.80 -52.63 23.73
CA ILE A 889 9.31 -51.24 23.73
C ILE A 889 9.57 -50.59 25.10
N LEU A 890 9.40 -51.36 26.18
CA LEU A 890 9.70 -50.87 27.53
C LEU A 890 11.17 -50.47 27.68
N ILE A 891 12.06 -51.33 27.19
CA ILE A 891 13.52 -51.04 27.18
C ILE A 891 13.83 -49.78 26.37
N GLU A 892 13.18 -49.63 25.21
CA GLU A 892 13.37 -48.44 24.36
C GLU A 892 12.99 -47.15 25.09
N GLU A 893 11.88 -47.17 25.82
CA GLU A 893 11.44 -46.00 26.61
C GLU A 893 12.35 -45.72 27.81
N ILE A 894 12.91 -46.77 28.42
CA ILE A 894 13.88 -46.63 29.50
C ILE A 894 15.16 -45.92 29.01
N ARG A 895 15.70 -46.38 27.88
CA ARG A 895 16.89 -45.75 27.29
C ARG A 895 16.64 -44.38 26.66
N GLN A 896 15.39 -44.11 26.27
CA GLN A 896 14.98 -42.75 25.87
C GLN A 896 14.96 -41.78 27.06
N LEU A 897 14.56 -42.29 28.24
CA LEU A 897 14.65 -41.52 29.49
C LEU A 897 16.10 -41.27 29.90
N ALA A 898 16.92 -42.34 29.87
CA ALA A 898 18.31 -42.28 30.32
C ALA A 898 19.23 -41.38 29.48
N ALA A 899 18.90 -41.18 28.20
CA ALA A 899 19.74 -40.41 27.27
C ALA A 899 19.17 -39.01 26.99
N LYS A 900 18.93 -38.25 28.05
CA LYS A 900 18.49 -36.85 27.93
C LYS A 900 19.64 -35.89 28.28
N PRO A 901 19.54 -34.61 27.85
CA PRO A 901 20.66 -33.68 28.08
C PRO A 901 21.05 -33.37 29.54
N PRO A 902 20.07 -33.16 30.45
CA PRO A 902 20.45 -32.97 31.87
C PRO A 902 20.97 -34.25 32.55
N LYS A 903 21.77 -34.06 33.60
CA LYS A 903 22.32 -35.17 34.40
C LYS A 903 21.76 -35.12 35.83
N TYR A 904 20.44 -35.12 35.93
CA TYR A 904 19.71 -35.24 37.20
C TYR A 904 18.40 -35.98 36.91
N ILE A 905 18.14 -37.04 37.68
CA ILE A 905 17.02 -37.96 37.39
C ILE A 905 15.68 -37.22 37.38
N LYS A 906 15.51 -36.25 38.28
CA LYS A 906 14.34 -35.36 38.27
C LYS A 906 14.28 -34.52 37.00
N ASP A 907 15.42 -33.97 36.59
CA ASP A 907 15.50 -33.14 35.37
C ASP A 907 15.32 -33.97 34.10
N LYS A 908 15.85 -35.20 34.10
CA LYS A 908 15.62 -36.16 33.02
C LYS A 908 14.13 -36.49 32.89
N VAL A 909 13.49 -36.79 34.01
CA VAL A 909 12.05 -37.08 34.05
C VAL A 909 11.22 -35.86 33.63
N SER A 910 11.59 -34.67 34.12
CA SER A 910 10.86 -33.44 33.78
C SER A 910 10.90 -33.11 32.29
N VAL A 911 12.08 -33.25 31.67
CA VAL A 911 12.21 -33.06 30.22
C VAL A 911 11.66 -34.25 29.41
N TYR A 912 11.69 -35.46 29.98
CA TYR A 912 11.09 -36.64 29.35
C TYR A 912 9.57 -36.53 29.20
N PHE A 913 8.89 -35.93 30.18
CA PHE A 913 7.45 -35.66 30.09
C PHE A 913 7.11 -34.27 29.52
N SER A 914 8.01 -33.69 28.72
CA SER A 914 7.76 -32.43 28.04
C SER A 914 6.83 -32.65 26.84
N ASP A 915 7.24 -33.57 25.95
CA ASP A 915 6.40 -33.98 24.82
C ASP A 915 5.29 -34.92 25.28
N THR A 916 4.12 -34.82 24.64
CA THR A 916 2.92 -35.53 25.09
C THR A 916 2.83 -37.01 24.65
N TRP A 917 3.70 -37.44 23.73
CA TRP A 917 3.75 -38.85 23.31
C TRP A 917 4.20 -39.80 24.45
N ASN A 918 5.13 -39.32 25.28
CA ASN A 918 5.68 -40.13 26.37
C ASN A 918 4.67 -40.43 27.50
N PHE A 919 3.66 -39.58 27.66
CA PHE A 919 2.53 -39.89 28.54
C PHE A 919 1.77 -41.12 28.01
N VAL A 920 1.46 -41.08 26.71
CA VAL A 920 0.78 -42.18 26.02
C VAL A 920 1.65 -43.45 26.05
N ASP A 921 2.96 -43.30 25.86
CA ASP A 921 3.90 -44.43 25.92
C ASP A 921 3.87 -45.13 27.28
N ILE A 922 4.12 -44.36 28.35
CA ILE A 922 4.17 -44.93 29.70
C ILE A 922 2.78 -45.39 30.19
N PHE A 923 1.72 -44.69 29.76
CA PHE A 923 0.35 -45.11 30.08
C PHE A 923 0.03 -46.49 29.47
N SER A 924 0.23 -46.60 28.16
CA SER A 924 -0.04 -47.84 27.43
C SER A 924 0.79 -49.04 27.92
N LEU A 925 2.06 -48.77 28.26
CA LEU A 925 2.94 -49.82 28.81
C LEU A 925 2.54 -50.24 30.23
N THR A 926 2.20 -49.27 31.07
CA THR A 926 1.69 -49.56 32.42
C THR A 926 0.38 -50.34 32.36
N VAL A 927 -0.54 -49.89 31.51
CA VAL A 927 -1.82 -50.56 31.29
C VAL A 927 -1.64 -52.02 30.82
N PHE A 928 -0.68 -52.25 29.93
CA PHE A 928 -0.37 -53.60 29.44
C PHE A 928 0.16 -54.51 30.56
N ILE A 929 1.13 -54.01 31.33
CA ILE A 929 1.73 -54.79 32.43
C ILE A 929 0.68 -55.15 33.49
N ILE A 930 -0.21 -54.21 33.82
CA ILE A 930 -1.32 -54.47 34.75
C ILE A 930 -2.24 -55.59 34.22
N ALA A 931 -2.55 -55.55 32.93
CA ALA A 931 -3.41 -56.57 32.29
C ALA A 931 -2.80 -57.97 32.40
N ILE A 932 -1.51 -58.09 32.11
CA ILE A 932 -0.81 -59.38 32.14
C ILE A 932 -0.58 -59.88 33.58
N ILE A 933 -0.45 -58.96 34.54
CA ILE A 933 -0.43 -59.35 35.97
C ILE A 933 -1.79 -59.90 36.41
N LEU A 934 -2.87 -59.22 36.05
CA LEU A 934 -4.23 -59.67 36.37
C LEU A 934 -4.66 -60.97 35.66
N ARG A 935 -4.04 -61.28 34.53
CA ARG A 935 -4.42 -62.41 33.68
C ARG A 935 -4.38 -63.80 34.33
N PHE A 936 -3.32 -64.08 35.09
CA PHE A 936 -3.01 -65.46 35.52
C PHE A 936 -3.86 -66.06 36.66
N PHE A 937 -4.70 -65.26 37.32
CA PHE A 937 -5.31 -65.67 38.60
C PHE A 937 -6.45 -66.70 38.55
N THR A 938 -6.99 -66.99 37.35
CA THR A 938 -8.05 -67.99 37.17
C THR A 938 -9.31 -67.63 37.95
N ASN A 939 -9.96 -66.55 37.52
CA ASN A 939 -11.22 -66.08 38.10
C ASN A 939 -11.94 -65.22 37.06
N SER A 940 -13.21 -65.55 36.82
CA SER A 940 -13.98 -64.98 35.71
C SER A 940 -14.08 -63.46 35.72
N ARG A 941 -14.21 -62.87 36.91
CA ARG A 941 -14.39 -61.42 37.05
C ARG A 941 -13.11 -60.66 36.66
N ILE A 942 -12.00 -60.99 37.30
CA ILE A 942 -10.70 -60.36 37.00
C ILE A 942 -10.08 -60.81 35.67
N PHE A 943 -10.44 -62.00 35.17
CA PHE A 943 -10.08 -62.38 33.80
C PHE A 943 -10.82 -61.51 32.78
N THR A 944 -12.10 -61.24 33.02
CA THR A 944 -12.88 -60.30 32.20
C THR A 944 -12.26 -58.90 32.24
N ALA A 945 -11.79 -58.48 33.41
CA ALA A 945 -11.04 -57.23 33.55
C ALA A 945 -9.74 -57.24 32.74
N SER A 946 -9.02 -58.36 32.76
CA SER A 946 -7.78 -58.51 31.98
C SER A 946 -7.97 -58.34 30.48
N ARG A 947 -8.90 -59.12 29.91
CA ARG A 947 -9.16 -59.08 28.45
C ARG A 947 -9.78 -57.76 27.97
N ILE A 948 -10.61 -57.12 28.80
CA ILE A 948 -11.15 -55.80 28.50
C ILE A 948 -10.04 -54.74 28.48
N ILE A 949 -9.13 -54.80 29.45
CA ILE A 949 -8.01 -53.86 29.52
C ILE A 949 -7.07 -53.97 28.31
N LEU A 950 -6.78 -55.20 27.87
CA LEU A 950 -6.00 -55.40 26.64
C LEU A 950 -6.75 -54.93 25.39
N SER A 951 -8.02 -55.32 25.29
CA SER A 951 -8.86 -54.94 24.15
C SER A 951 -9.16 -53.44 24.02
N LEU A 952 -8.93 -52.68 25.10
CA LEU A 952 -8.97 -51.21 25.03
C LEU A 952 -7.58 -50.56 24.83
N ASP A 953 -6.52 -51.29 25.21
CA ASP A 953 -5.14 -50.80 25.04
C ASP A 953 -4.68 -50.80 23.58
N ILE A 954 -5.29 -51.65 22.75
CA ILE A 954 -5.14 -51.63 21.28
C ILE A 954 -5.33 -50.24 20.66
N ILE A 955 -6.24 -49.44 21.24
CA ILE A 955 -6.49 -48.06 20.80
C ILE A 955 -5.20 -47.23 20.88
N PHE A 956 -4.57 -47.25 22.05
CA PHE A 956 -3.38 -46.43 22.32
C PHE A 956 -2.16 -46.87 21.52
N PHE A 957 -1.98 -48.18 21.37
CA PHE A 957 -0.90 -48.72 20.53
C PHE A 957 -1.09 -48.44 19.03
N ILE A 958 -2.33 -48.40 18.56
CA ILE A 958 -2.60 -48.06 17.15
C ILE A 958 -2.52 -46.54 16.93
N VAL A 959 -3.11 -45.75 17.82
CA VAL A 959 -3.03 -44.27 17.74
C VAL A 959 -1.58 -43.76 17.83
N ARG A 960 -0.71 -44.52 18.51
CA ARG A 960 0.74 -44.27 18.55
C ARG A 960 1.42 -44.31 17.16
N SER A 961 0.80 -44.97 16.17
CA SER A 961 1.29 -44.97 14.78
C SER A 961 1.41 -43.58 14.13
N LEU A 962 0.62 -42.61 14.57
CA LEU A 962 0.62 -41.27 13.98
C LEU A 962 1.97 -40.52 14.06
N GLN A 963 2.85 -40.94 14.97
CA GLN A 963 4.22 -40.41 15.01
C GLN A 963 5.07 -40.91 13.85
N ILE A 964 4.93 -42.18 13.46
CA ILE A 964 5.64 -42.69 12.27
C ILE A 964 5.03 -42.22 10.95
N PHE A 965 3.74 -41.81 10.98
CA PHE A 965 3.11 -41.13 9.83
C PHE A 965 3.58 -39.68 9.67
N SER A 966 4.05 -39.05 10.75
CA SER A 966 4.40 -37.62 10.75
C SER A 966 5.80 -37.28 10.21
N VAL A 967 6.52 -38.26 9.66
CA VAL A 967 7.76 -38.00 8.92
C VAL A 967 7.48 -37.47 7.51
N ASN A 968 6.26 -37.69 7.01
CA ASN A 968 5.85 -37.22 5.68
C ASN A 968 5.74 -35.70 5.61
N ARG A 969 6.05 -35.14 4.45
CA ARG A 969 5.99 -33.69 4.22
C ARG A 969 4.56 -33.13 4.34
N LEU A 970 3.58 -33.93 3.93
CA LEU A 970 2.18 -33.49 3.85
C LEU A 970 1.34 -33.87 5.07
N LEU A 971 1.47 -35.12 5.52
CA LEU A 971 0.74 -35.59 6.72
C LEU A 971 1.23 -34.99 8.03
N GLY A 972 2.53 -34.64 8.10
CA GLY A 972 3.13 -34.09 9.32
C GLY A 972 2.49 -32.80 9.82
N PRO A 973 2.49 -31.74 8.98
CA PRO A 973 1.82 -30.47 9.30
C PRO A 973 0.33 -30.60 9.64
N LYS A 974 -0.38 -31.50 8.98
CA LYS A 974 -1.80 -31.76 9.27
C LYS A 974 -2.01 -32.30 10.69
N LEU A 975 -1.13 -33.20 11.12
CA LEU A 975 -1.18 -33.75 12.49
C LEU A 975 -0.84 -32.72 13.58
N VAL A 976 -0.10 -31.67 13.21
CA VAL A 976 0.12 -30.53 14.11
C VAL A 976 -1.13 -29.64 14.14
N MET A 977 -1.74 -29.41 12.98
CA MET A 977 -2.98 -28.64 12.87
C MET A 977 -4.12 -29.23 13.71
N ILE A 978 -4.22 -30.57 13.75
CA ILE A 978 -5.27 -31.24 14.53
C ILE A 978 -5.16 -30.92 16.02
N GLN A 979 -3.97 -31.08 16.61
CA GLN A 979 -3.78 -30.82 18.04
C GLN A 979 -4.00 -29.35 18.43
N LYS A 980 -3.80 -28.43 17.48
CA LYS A 980 -4.13 -27.02 17.69
C LYS A 980 -5.63 -26.72 17.61
N MET A 981 -6.40 -27.59 16.94
CA MET A 981 -7.87 -27.49 16.91
C MET A 981 -8.58 -28.12 18.12
N MET A 982 -7.85 -28.88 18.94
CA MET A 982 -8.43 -29.56 20.10
C MET A 982 -8.98 -28.58 21.16
N GLN A 983 -8.40 -27.39 21.23
CA GLN A 983 -8.85 -26.35 22.16
C GLN A 983 -10.27 -25.87 21.83
N ASP A 984 -10.51 -25.54 20.56
CA ASP A 984 -11.83 -25.15 20.07
C ASP A 984 -12.89 -26.26 20.21
N LEU A 985 -12.47 -27.50 20.01
CA LEU A 985 -13.32 -28.67 20.26
C LEU A 985 -13.69 -28.80 21.74
N ALA A 986 -12.72 -28.54 22.62
CA ALA A 986 -12.95 -28.59 24.07
C ALA A 986 -13.97 -27.54 24.54
N GLN A 987 -13.83 -26.30 24.04
CA GLN A 987 -14.77 -25.22 24.35
C GLN A 987 -16.18 -25.51 23.82
N PHE A 988 -16.26 -26.05 22.61
CA PHE A 988 -17.52 -26.47 21.99
C PHE A 988 -18.27 -27.52 22.83
N ILE A 989 -17.53 -28.55 23.26
CA ILE A 989 -18.10 -29.64 24.06
C ILE A 989 -18.66 -29.16 25.41
N ILE A 990 -18.00 -28.16 26.01
CA ILE A 990 -18.48 -27.56 27.28
C ILE A 990 -19.86 -26.90 27.09
N ILE A 991 -19.98 -26.07 26.06
CA ILE A 991 -21.25 -25.38 25.76
C ILE A 991 -22.33 -26.40 25.35
N LEU A 992 -21.94 -27.38 24.54
CA LEU A 992 -22.84 -28.46 24.13
C LEU A 992 -23.36 -29.29 25.31
N ALA A 993 -22.45 -29.60 26.23
CA ALA A 993 -22.79 -30.33 27.47
C ALA A 993 -23.83 -29.62 28.33
N VAL A 994 -23.78 -28.30 28.37
CA VAL A 994 -24.76 -27.50 29.12
C VAL A 994 -26.16 -27.62 28.50
N PHE A 995 -26.26 -27.48 27.18
CA PHE A 995 -27.55 -27.68 26.48
C PHE A 995 -28.04 -29.13 26.57
N THR A 996 -27.13 -30.09 26.40
CA THR A 996 -27.47 -31.51 26.47
C THR A 996 -28.11 -31.91 27.80
N ILE A 997 -27.48 -31.51 28.91
CA ILE A 997 -27.93 -31.84 30.26
C ILE A 997 -29.25 -31.13 30.61
N ALA A 998 -29.41 -29.89 30.16
CA ALA A 998 -30.67 -29.15 30.38
C ALA A 998 -31.85 -29.86 29.73
N TYR A 999 -31.72 -30.13 28.43
CA TYR A 999 -32.72 -30.87 27.66
C TYR A 999 -32.95 -32.29 28.21
N GLY A 1000 -31.86 -32.97 28.56
CA GLY A 1000 -31.93 -34.33 29.11
C GLY A 1000 -32.76 -34.48 30.36
N ILE A 1001 -32.52 -33.59 31.33
CA ILE A 1001 -33.26 -33.62 32.62
C ILE A 1001 -34.73 -33.29 32.40
N ALA A 1002 -35.00 -32.27 31.58
CA ALA A 1002 -36.37 -31.89 31.24
C ALA A 1002 -37.12 -33.01 30.52
N LEU A 1003 -36.48 -33.61 29.52
CA LEU A 1003 -37.06 -34.72 28.75
C LEU A 1003 -37.45 -35.90 29.64
N HIS A 1004 -36.49 -36.38 30.43
CA HIS A 1004 -36.70 -37.55 31.28
C HIS A 1004 -37.73 -37.29 32.39
N ALA A 1005 -37.74 -36.09 32.94
CA ALA A 1005 -38.72 -35.69 33.97
C ALA A 1005 -40.14 -35.69 33.43
N VAL A 1006 -40.30 -35.21 32.20
CA VAL A 1006 -41.62 -35.10 31.56
C VAL A 1006 -42.15 -36.47 31.09
N MET A 1007 -41.29 -37.30 30.49
CA MET A 1007 -41.69 -38.63 30.00
C MET A 1007 -42.06 -39.60 31.13
N PHE A 1008 -41.04 -39.57 32.21
CA PHE A 1008 -41.20 -40.50 33.31
C PHE A 1008 -41.35 -39.70 34.60
N PRO A 1009 -42.60 -39.54 35.12
CA PRO A 1009 -42.82 -38.81 36.38
C PRO A 1009 -42.08 -39.41 37.57
N SER A 1010 -41.85 -38.60 38.60
CA SER A 1010 -40.86 -38.90 39.61
C SER A 1010 -41.31 -40.02 40.58
N PRO A 1011 -42.43 -39.92 41.40
CA PRO A 1011 -43.11 -41.16 41.78
C PRO A 1011 -44.33 -41.43 40.91
N GLY A 1012 -44.76 -42.68 40.82
CA GLY A 1012 -46.07 -42.97 40.29
C GLY A 1012 -46.08 -44.25 39.51
N ILE A 1013 -47.06 -44.35 38.60
CA ILE A 1013 -47.21 -45.54 37.77
C ILE A 1013 -46.10 -45.60 36.72
N TYR A 1014 -45.84 -44.47 36.07
CA TYR A 1014 -44.84 -44.42 35.01
C TYR A 1014 -43.43 -44.16 35.53
N ALA A 1015 -43.15 -43.98 36.73
CA ALA A 1015 -41.81 -43.83 37.30
C ALA A 1015 -41.01 -45.11 37.14
N ARG A 1016 -39.92 -45.05 36.39
CA ARG A 1016 -38.95 -46.16 36.34
C ARG A 1016 -38.18 -46.21 37.66
N ASN A 1017 -38.25 -47.35 38.33
CA ASN A 1017 -37.73 -47.50 39.70
C ASN A 1017 -36.29 -48.02 39.69
N ASN A 1018 -35.39 -47.19 39.17
CA ASN A 1018 -33.97 -47.54 39.03
C ASN A 1018 -33.15 -46.27 38.84
N THR A 1019 -32.17 -46.06 39.72
CA THR A 1019 -31.40 -44.81 39.76
C THR A 1019 -30.39 -44.70 38.62
N TRP A 1020 -29.65 -45.77 38.36
CA TRP A 1020 -28.56 -45.74 37.38
C TRP A 1020 -29.04 -45.49 35.95
N VAL A 1021 -30.10 -46.19 35.55
CA VAL A 1021 -30.68 -45.99 34.20
C VAL A 1021 -31.25 -44.57 34.01
N THR A 1022 -31.79 -43.98 35.08
CA THR A 1022 -32.24 -42.58 35.05
C THR A 1022 -31.08 -41.63 34.78
N ILE A 1023 -30.00 -41.78 35.55
CA ILE A 1023 -28.80 -40.93 35.42
C ILE A 1023 -28.17 -41.09 34.03
N THR A 1024 -28.07 -42.33 33.55
CA THR A 1024 -27.49 -42.57 32.22
C THR A 1024 -28.42 -42.18 31.06
N SER A 1025 -29.74 -42.32 31.24
CA SER A 1025 -30.70 -41.94 30.18
C SER A 1025 -30.72 -40.44 29.91
N VAL A 1026 -30.60 -39.64 30.96
CA VAL A 1026 -30.51 -38.16 30.85
C VAL A 1026 -29.37 -37.76 29.92
N VAL A 1027 -28.22 -38.41 30.07
CA VAL A 1027 -27.05 -38.15 29.23
C VAL A 1027 -27.19 -38.82 27.85
N GLN A 1028 -27.71 -40.06 27.83
CA GLN A 1028 -27.70 -40.91 26.63
C GLN A 1028 -28.53 -40.39 25.46
N TYR A 1029 -29.83 -40.22 25.67
CA TYR A 1029 -30.77 -40.02 24.54
C TYR A 1029 -30.63 -38.66 23.82
N PRO A 1030 -30.43 -37.56 24.56
CA PRO A 1030 -30.05 -36.29 23.93
C PRO A 1030 -28.79 -36.35 23.05
N TYR A 1031 -27.81 -37.15 23.45
CA TYR A 1031 -26.55 -37.27 22.72
C TYR A 1031 -26.70 -37.95 21.36
N TRP A 1032 -27.40 -39.09 21.33
CA TRP A 1032 -27.64 -39.81 20.07
C TRP A 1032 -28.60 -39.04 19.14
N GLN A 1033 -29.49 -38.24 19.73
CA GLN A 1033 -30.41 -37.41 18.94
C GLN A 1033 -29.74 -36.29 18.12
N MET A 1034 -28.51 -35.91 18.48
CA MET A 1034 -27.70 -35.01 17.65
C MET A 1034 -27.41 -35.56 16.26
N TYR A 1035 -27.01 -36.84 16.21
CA TYR A 1035 -26.55 -37.48 14.98
C TYR A 1035 -27.67 -38.05 14.10
N GLY A 1036 -28.91 -37.59 14.29
CA GLY A 1036 -30.05 -38.02 13.49
C GLY A 1036 -30.78 -39.25 14.00
N GLU A 1037 -30.34 -39.82 15.13
CA GLU A 1037 -31.03 -40.96 15.73
C GLU A 1037 -32.16 -40.42 16.59
N LEU A 1038 -33.24 -39.99 15.93
CA LEU A 1038 -34.41 -39.44 16.60
C LEU A 1038 -35.24 -40.62 17.09
N PHE A 1039 -35.51 -40.68 18.39
CA PHE A 1039 -36.27 -41.77 18.98
C PHE A 1039 -37.76 -41.45 18.98
N LEU A 1040 -38.32 -41.18 17.80
CA LEU A 1040 -39.68 -40.65 17.67
C LEU A 1040 -40.78 -41.65 18.05
N ASP A 1041 -40.57 -42.91 17.71
CA ASP A 1041 -41.46 -43.99 18.17
C ASP A 1041 -41.35 -44.18 19.69
N GLU A 1042 -40.14 -44.04 20.22
CA GLU A 1042 -39.86 -44.33 21.63
C GLU A 1042 -40.35 -43.22 22.59
N ILE A 1043 -39.98 -41.97 22.29
CA ILE A 1043 -40.36 -40.84 23.16
C ILE A 1043 -41.85 -40.50 23.12
N GLN A 1044 -42.52 -40.86 22.02
CA GLN A 1044 -43.99 -40.86 21.95
C GLN A 1044 -44.52 -42.17 22.57
N GLY A 1045 -45.81 -42.48 22.37
CA GLY A 1045 -46.44 -43.62 23.03
C GLY A 1045 -45.91 -45.02 22.76
N GLU A 1046 -45.34 -45.24 21.58
CA GLU A 1046 -44.99 -46.60 21.12
C GLU A 1046 -43.72 -47.13 21.81
N LYS A 1047 -43.42 -48.41 21.58
CA LYS A 1047 -42.34 -49.15 22.26
C LYS A 1047 -42.48 -49.16 23.79
N PRO A 1048 -43.56 -49.75 24.33
CA PRO A 1048 -43.68 -49.89 25.79
C PRO A 1048 -42.74 -50.94 26.39
N LYS A 1049 -42.43 -52.00 25.64
CA LYS A 1049 -41.59 -53.09 26.13
C LYS A 1049 -40.10 -52.77 26.08
N GLU A 1050 -39.65 -52.15 24.99
CA GLU A 1050 -38.23 -51.85 24.78
C GLU A 1050 -37.80 -50.61 25.54
N PHE A 1051 -38.47 -49.49 25.27
CA PHE A 1051 -38.11 -48.19 25.84
C PHE A 1051 -38.71 -47.96 27.23
N GLY A 1052 -39.94 -48.42 27.43
CA GLY A 1052 -40.70 -48.18 28.67
C GLY A 1052 -41.89 -47.29 28.36
N GLU A 1053 -42.99 -47.51 29.09
CA GLU A 1053 -44.24 -46.76 28.86
C GLU A 1053 -44.12 -45.31 29.37
N VAL A 1054 -44.51 -44.37 28.51
CA VAL A 1054 -44.36 -42.92 28.76
C VAL A 1054 -45.66 -42.35 29.34
N ASP A 1055 -45.54 -41.28 30.11
CA ASP A 1055 -46.71 -40.57 30.65
C ASP A 1055 -47.54 -39.94 29.52
N PRO A 1056 -48.90 -39.99 29.61
CA PRO A 1056 -49.77 -39.39 28.57
C PRO A 1056 -49.46 -37.96 28.13
N ASP A 1057 -49.01 -37.12 29.06
CA ASP A 1057 -48.65 -35.73 28.75
C ASP A 1057 -47.20 -35.59 28.25
N GLY A 1058 -46.35 -36.57 28.56
CA GLY A 1058 -45.02 -36.67 27.96
C GLY A 1058 -45.04 -37.04 26.48
N ARG A 1059 -46.08 -37.77 26.07
CA ARG A 1059 -46.24 -38.23 24.67
C ARG A 1059 -46.30 -37.07 23.66
N TRP A 1060 -46.79 -35.90 24.08
CA TRP A 1060 -46.84 -34.71 23.22
C TRP A 1060 -45.82 -33.60 23.55
N LEU A 1061 -45.30 -33.59 24.78
CA LEU A 1061 -44.21 -32.67 25.15
C LEU A 1061 -42.87 -33.05 24.51
N SER A 1062 -42.61 -34.36 24.38
CA SER A 1062 -41.28 -34.84 23.98
C SER A 1062 -40.83 -34.44 22.57
N PRO A 1063 -41.73 -34.54 21.55
CA PRO A 1063 -41.36 -34.07 20.22
C PRO A 1063 -41.16 -32.55 20.11
N LEU A 1064 -41.95 -31.79 20.86
CA LEU A 1064 -41.85 -30.33 20.90
C LEU A 1064 -40.50 -29.87 21.46
N LEU A 1065 -40.11 -30.46 22.59
CA LEU A 1065 -38.80 -30.21 23.20
C LEU A 1065 -37.65 -30.69 22.30
N LEU A 1066 -37.85 -31.83 21.65
CA LEU A 1066 -36.88 -32.34 20.66
C LEU A 1066 -36.70 -31.34 19.52
N ALA A 1067 -37.81 -30.86 18.96
CA ALA A 1067 -37.77 -29.89 17.87
C ALA A 1067 -36.95 -28.65 18.21
N ILE A 1068 -37.16 -28.10 19.41
CA ILE A 1068 -36.41 -26.92 19.88
C ILE A 1068 -34.93 -27.26 20.03
N TYR A 1069 -34.64 -28.40 20.67
CA TYR A 1069 -33.28 -28.89 20.85
C TYR A 1069 -32.53 -29.09 19.52
N MET A 1070 -33.24 -29.62 18.51
CA MET A 1070 -32.65 -29.84 17.17
C MET A 1070 -32.33 -28.53 16.44
N VAL A 1071 -33.10 -27.47 16.69
CA VAL A 1071 -32.77 -26.15 16.14
C VAL A 1071 -31.48 -25.62 16.76
N PHE A 1072 -31.43 -25.59 18.09
CA PHE A 1072 -30.28 -25.01 18.81
C PHE A 1072 -29.01 -25.86 18.80
N THR A 1073 -29.12 -27.15 18.46
CA THR A 1073 -27.94 -28.04 18.40
C THR A 1073 -27.41 -28.21 16.97
N ASN A 1074 -28.25 -28.77 16.09
CA ASN A 1074 -27.81 -29.16 14.74
C ASN A 1074 -27.59 -27.98 13.78
N ILE A 1075 -28.54 -27.05 13.73
CA ILE A 1075 -28.47 -25.92 12.77
C ILE A 1075 -28.01 -24.59 13.38
N LEU A 1076 -27.37 -24.64 14.55
CA LEU A 1076 -26.78 -23.46 15.18
C LEU A 1076 -25.34 -23.76 15.65
N LEU A 1077 -25.19 -24.66 16.61
CA LEU A 1077 -23.87 -24.96 17.20
C LEU A 1077 -22.92 -25.69 16.25
N LEU A 1078 -23.39 -26.75 15.59
CA LEU A 1078 -22.56 -27.52 14.66
C LEU A 1078 -22.06 -26.68 13.47
N ASN A 1079 -22.94 -25.82 12.94
CA ASN A 1079 -22.57 -24.89 11.88
C ASN A 1079 -21.64 -23.79 12.38
N LEU A 1080 -21.81 -23.38 13.65
CA LEU A 1080 -20.90 -22.45 14.30
C LEU A 1080 -19.51 -23.06 14.52
N LEU A 1081 -19.45 -24.36 14.83
CA LEU A 1081 -18.17 -25.08 14.95
C LEU A 1081 -17.43 -25.13 13.61
N ILE A 1082 -18.17 -25.30 12.51
CA ILE A 1082 -17.59 -25.25 11.16
C ILE A 1082 -16.98 -23.87 10.90
N ALA A 1083 -17.67 -22.81 11.31
CA ALA A 1083 -17.18 -21.43 11.20
C ALA A 1083 -15.93 -21.17 12.03
N ILE A 1084 -15.87 -21.74 13.24
CA ILE A 1084 -14.71 -21.59 14.14
C ILE A 1084 -13.47 -22.27 13.55
N PHE A 1085 -13.61 -23.50 13.06
CA PHE A 1085 -12.49 -24.20 12.42
C PHE A 1085 -11.92 -23.54 11.17
N ASN A 1086 -12.79 -23.07 10.27
CA ASN A 1086 -12.34 -22.30 9.09
C ASN A 1086 -11.63 -20.97 9.41
N TYR A 1087 -12.02 -20.37 10.53
CA TYR A 1087 -11.41 -19.11 10.98
C TYR A 1087 -9.99 -19.44 11.44
N THR A 1088 -9.87 -20.40 12.34
CA THR A 1088 -8.56 -20.73 12.95
C THR A 1088 -7.61 -21.54 12.05
N PHE A 1089 -8.13 -22.15 10.98
CA PHE A 1089 -7.30 -22.98 10.10
C PHE A 1089 -6.21 -22.19 9.37
N GLU A 1090 -6.54 -20.98 8.91
CA GLU A 1090 -5.57 -20.11 8.22
C GLU A 1090 -4.45 -19.63 9.14
N ARG A 1091 -4.83 -19.22 10.35
CA ARG A 1091 -3.88 -18.75 11.37
C ARG A 1091 -2.93 -19.87 11.81
N VAL A 1092 -3.49 -21.06 12.02
CA VAL A 1092 -2.71 -22.25 12.39
C VAL A 1092 -1.87 -22.79 11.21
N GLN A 1093 -2.39 -22.65 9.99
CA GLN A 1093 -1.66 -23.06 8.77
C GLN A 1093 -0.28 -22.40 8.67
N GLU A 1094 -0.20 -21.11 9.01
CA GLU A 1094 1.06 -20.37 8.97
C GLU A 1094 2.12 -20.92 9.94
N ASP A 1095 1.70 -21.26 11.15
CA ASP A 1095 2.62 -21.64 12.24
C ASP A 1095 2.93 -23.13 12.34
N SER A 1096 1.93 -23.98 12.04
CA SER A 1096 2.10 -25.44 12.16
C SER A 1096 3.20 -26.04 11.27
N ASP A 1097 3.49 -25.39 10.13
CA ASP A 1097 4.57 -25.81 9.24
C ASP A 1097 5.94 -25.61 9.90
N LYS A 1098 6.15 -24.42 10.47
CA LYS A 1098 7.37 -24.13 11.26
C LYS A 1098 7.57 -25.10 12.42
N VAL A 1099 6.47 -25.44 13.10
CA VAL A 1099 6.52 -26.40 14.21
C VAL A 1099 6.95 -27.79 13.71
N TRP A 1100 6.45 -28.20 12.54
CA TRP A 1100 6.88 -29.45 11.91
C TRP A 1100 8.37 -29.39 11.50
N LYS A 1101 8.74 -28.29 10.85
CA LYS A 1101 10.16 -28.01 10.52
C LYS A 1101 11.08 -28.14 11.74
N PHE A 1102 10.67 -27.55 12.86
CA PHE A 1102 11.47 -27.58 14.10
C PHE A 1102 11.57 -28.98 14.71
N GLN A 1103 10.48 -29.75 14.64
CA GLN A 1103 10.45 -31.10 15.22
C GLN A 1103 11.27 -32.15 14.45
N ARG A 1104 11.64 -31.84 13.20
CA ARG A 1104 12.53 -32.72 12.41
C ARG A 1104 13.91 -32.97 13.04
N TYR A 1105 14.40 -32.02 13.84
CA TYR A 1105 15.68 -32.20 14.57
C TYR A 1105 15.58 -33.32 15.61
N ASP A 1106 14.52 -33.28 16.42
CA ASP A 1106 14.27 -34.29 17.45
C ASP A 1106 14.08 -35.68 16.82
N LEU A 1107 13.38 -35.71 15.69
CA LEU A 1107 13.17 -36.92 14.90
C LEU A 1107 14.49 -37.54 14.45
N VAL A 1108 15.34 -36.72 13.82
CA VAL A 1108 16.65 -37.17 13.34
C VAL A 1108 17.55 -37.58 14.52
N GLN A 1109 17.60 -36.74 15.56
CA GLN A 1109 18.41 -37.04 16.76
C GLN A 1109 17.94 -38.30 17.48
N GLU A 1110 16.63 -38.56 17.50
CA GLU A 1110 16.09 -39.79 18.08
C GLU A 1110 16.63 -41.01 17.34
N TYR A 1111 16.38 -41.07 16.03
CA TYR A 1111 16.81 -42.21 15.21
C TYR A 1111 18.32 -42.30 14.97
N HIS A 1112 19.06 -41.22 15.20
CA HIS A 1112 20.52 -41.26 15.20
C HIS A 1112 21.06 -42.12 16.37
N SER A 1113 20.38 -42.06 17.52
CA SER A 1113 20.81 -42.78 18.73
C SER A 1113 20.20 -44.17 18.93
N ARG A 1114 19.23 -44.56 18.08
CA ARG A 1114 18.58 -45.87 18.19
C ARG A 1114 19.55 -47.02 17.94
N PRO A 1115 19.24 -48.24 18.44
CA PRO A 1115 20.14 -49.38 18.20
C PRO A 1115 20.30 -49.75 16.73
N VAL A 1116 21.45 -50.30 16.40
CA VAL A 1116 21.85 -50.53 15.00
C VAL A 1116 21.00 -51.61 14.32
N PHE A 1117 20.72 -52.70 15.02
CA PHE A 1117 20.10 -53.88 14.41
C PHE A 1117 18.58 -53.77 14.14
N ALA A 1118 18.12 -54.65 13.26
CA ALA A 1118 16.78 -54.64 12.66
C ALA A 1118 15.66 -55.01 13.65
N PRO A 1119 14.37 -54.73 13.27
CA PRO A 1119 13.26 -55.01 14.20
C PRO A 1119 13.19 -56.43 14.79
N PRO A 1120 13.48 -57.50 13.99
CA PRO A 1120 13.37 -58.80 14.65
C PRO A 1120 14.41 -58.99 15.77
N LEU A 1121 15.67 -58.65 15.46
CA LEU A 1121 16.77 -58.74 16.43
C LEU A 1121 17.04 -57.45 17.22
N VAL A 1122 16.27 -56.38 16.99
CA VAL A 1122 16.45 -55.07 17.68
C VAL A 1122 16.76 -55.14 19.19
N LEU A 1123 16.16 -56.10 19.90
CA LEU A 1123 16.46 -56.32 21.32
C LEU A 1123 17.88 -56.86 21.54
N LEU A 1124 18.37 -57.67 20.62
CA LEU A 1124 19.77 -58.11 20.67
C LEU A 1124 20.71 -56.92 20.47
N GLY A 1125 20.39 -56.07 19.50
CA GLY A 1125 21.11 -54.81 19.29
C GLY A 1125 21.18 -53.94 20.54
N HIS A 1126 20.03 -53.78 21.20
CA HIS A 1126 19.93 -53.07 22.50
C HIS A 1126 20.99 -53.49 23.53
N ILE A 1127 21.36 -54.78 23.54
CA ILE A 1127 22.37 -55.29 24.49
C ILE A 1127 23.73 -54.61 24.26
N LEU A 1128 24.11 -54.41 23.00
CA LEU A 1128 25.40 -53.78 22.67
C LEU A 1128 25.55 -52.36 23.25
N ILE A 1129 24.44 -51.64 23.35
CA ILE A 1129 24.40 -50.34 24.05
C ILE A 1129 24.62 -50.53 25.55
N PHE A 1130 24.04 -51.61 26.12
CA PHE A 1130 24.25 -51.95 27.54
C PHE A 1130 25.72 -52.34 27.82
N ILE A 1131 26.33 -53.09 26.91
CA ILE A 1131 27.75 -53.45 27.00
C ILE A 1131 28.65 -52.21 26.88
N ARG A 1132 28.30 -51.31 25.96
CA ARG A 1132 29.01 -50.02 25.83
C ARG A 1132 28.83 -49.14 27.07
N TRP A 1133 27.62 -49.14 27.64
CA TRP A 1133 27.33 -48.35 28.84
C TRP A 1133 28.01 -48.91 30.09
N VAL A 1134 27.97 -50.24 30.27
CA VAL A 1134 28.64 -50.87 31.41
C VAL A 1134 30.18 -50.82 31.31
N TRP A 1135 30.71 -50.83 30.08
CA TRP A 1135 32.15 -50.61 29.86
C TRP A 1135 32.59 -49.18 30.19
N ARG A 1136 31.72 -48.20 29.93
CA ARG A 1136 31.97 -46.77 30.19
C ARG A 1136 33.16 -46.23 29.41
N THR A 1148 26.97 -35.94 19.17
CA THR A 1148 27.54 -36.91 18.22
C THR A 1148 27.44 -36.41 16.77
N MET A 1149 26.38 -35.67 16.45
CA MET A 1149 26.23 -35.05 15.13
C MET A 1149 27.08 -33.79 15.02
N LYS A 1150 28.39 -33.98 14.87
CA LYS A 1150 29.35 -32.89 14.75
C LYS A 1150 30.69 -33.37 14.18
N ILE A 1151 31.49 -32.43 13.68
CA ILE A 1151 32.84 -32.72 13.17
C ILE A 1151 33.87 -31.81 13.83
N GLY A 1152 35.04 -32.39 14.12
CA GLY A 1152 36.19 -31.64 14.61
C GLY A 1152 37.07 -31.24 13.44
N LEU A 1153 37.27 -29.93 13.26
CA LEU A 1153 38.10 -29.41 12.17
C LEU A 1153 39.52 -29.15 12.66
N SER A 1154 40.45 -29.02 11.70
CA SER A 1154 41.83 -28.65 12.00
C SER A 1154 41.91 -27.16 12.38
N PRO A 1155 42.98 -26.75 13.08
CA PRO A 1155 43.18 -25.32 13.37
C PRO A 1155 43.20 -24.41 12.13
N ALA A 1156 43.81 -24.90 11.04
CA ALA A 1156 43.82 -24.17 9.76
C ALA A 1156 42.42 -24.03 9.16
N GLU A 1157 41.64 -25.12 9.21
CA GLU A 1157 40.27 -25.12 8.70
C GLU A 1157 39.34 -24.26 9.55
N MET A 1158 39.49 -24.37 10.87
CA MET A 1158 38.74 -23.55 11.83
C MET A 1158 38.98 -22.05 11.62
N GLU A 1159 40.24 -21.70 11.32
CA GLU A 1159 40.61 -20.32 10.96
C GLU A 1159 39.93 -19.89 9.66
N GLN A 1160 40.00 -20.76 8.65
CA GLN A 1160 39.36 -20.50 7.34
C GLN A 1160 37.84 -20.33 7.44
N MET A 1161 37.19 -21.18 8.23
CA MET A 1161 35.74 -21.10 8.44
C MET A 1161 35.32 -19.83 9.22
N ASP A 1162 36.13 -19.44 10.22
CA ASP A 1162 35.91 -18.17 10.94
C ASP A 1162 36.00 -16.95 10.03
N ASN A 1163 36.98 -16.94 9.14
CA ASN A 1163 37.18 -15.83 8.19
C ASN A 1163 36.03 -15.71 7.20
N TRP A 1164 35.58 -16.85 6.67
CA TRP A 1164 34.46 -16.87 5.72
C TRP A 1164 33.13 -16.47 6.37
N GLU A 1165 32.90 -16.96 7.58
CA GLU A 1165 31.70 -16.59 8.36
C GLU A 1165 31.67 -15.09 8.68
N PHE A 1166 32.81 -14.54 9.06
CA PHE A 1166 32.94 -13.12 9.38
C PHE A 1166 32.66 -12.21 8.19
N GLN A 1167 33.19 -12.57 7.01
CA GLN A 1167 32.92 -11.83 5.78
C GLN A 1167 31.45 -11.90 5.37
N ALA A 1168 30.82 -13.05 5.57
CA ALA A 1168 29.38 -13.20 5.31
C ALA A 1168 28.54 -12.32 6.24
N ALA A 1169 28.96 -12.21 7.51
CA ALA A 1169 28.29 -11.32 8.46
C ALA A 1169 28.43 -9.84 8.07
N GLU A 1170 29.61 -9.44 7.60
CA GLU A 1170 29.84 -8.08 7.08
C GLU A 1170 28.90 -7.75 5.90
N MET A 1171 28.74 -8.70 4.98
CA MET A 1171 27.82 -8.54 3.85
C MET A 1171 26.38 -8.33 4.32
N TYR A 1172 25.96 -9.09 5.33
CA TYR A 1172 24.63 -8.93 5.91
C TYR A 1172 24.43 -7.57 6.56
N ILE A 1173 25.40 -7.14 7.37
CA ILE A 1173 25.32 -5.87 8.11
C ILE A 1173 25.20 -4.67 7.16
N HIS A 1174 26.08 -4.63 6.15
CA HIS A 1174 26.08 -3.54 5.18
C HIS A 1174 24.85 -3.53 4.27
N GLN A 1175 24.33 -4.72 3.92
CA GLN A 1175 23.08 -4.82 3.16
C GLN A 1175 21.87 -4.30 3.94
N GLN A 1176 21.85 -4.56 5.26
CA GLN A 1176 20.80 -4.03 6.13
C GLN A 1176 20.87 -2.51 6.28
N GLN A 1177 22.08 -1.97 6.38
CA GLN A 1177 22.29 -0.52 6.41
C GLN A 1177 21.82 0.15 5.12
N GLN A 1178 22.20 -0.43 3.98
CA GLN A 1178 21.77 0.06 2.66
C GLN A 1178 20.28 -0.13 2.38
N LYS A 1179 19.65 -1.12 3.04
CA LYS A 1179 18.20 -1.32 2.96
C LYS A 1179 17.45 -0.25 3.76
N ASN A 1180 17.88 -0.02 5.00
CA ASN A 1180 17.25 0.99 5.88
C ASN A 1180 17.46 2.43 5.39
N SER A 1181 18.59 2.70 4.74
CA SER A 1181 18.87 4.02 4.17
C SER A 1181 18.07 4.31 2.90
N GLY A 1182 17.86 3.29 2.08
CA GLY A 1182 17.16 3.43 0.79
C GLY A 1182 15.64 3.40 0.80
N THR A 1183 15.04 3.45 2.00
CA THR A 1183 13.57 3.54 2.12
C THR A 1183 13.08 4.92 1.62
N LEU A 1184 11.87 4.94 1.07
CA LEU A 1184 11.29 6.15 0.47
C LEU A 1184 11.24 7.35 1.41
N GLU A 1185 10.88 7.10 2.68
CA GLU A 1185 10.79 8.17 3.69
C GLU A 1185 12.16 8.79 4.00
N GLU A 1186 13.18 7.94 4.09
CA GLU A 1186 14.55 8.38 4.34
C GLU A 1186 15.15 9.15 3.17
N ARG A 1187 14.80 8.77 1.95
CA ARG A 1187 15.21 9.51 0.74
C ARG A 1187 14.59 10.90 0.70
N VAL A 1188 13.30 10.99 1.02
CA VAL A 1188 12.58 12.28 1.07
C VAL A 1188 13.12 13.18 2.21
N ARG A 1189 13.43 12.58 3.36
CA ARG A 1189 14.00 13.32 4.50
C ARG A 1189 15.39 13.90 4.17
N ALA A 1190 16.26 13.06 3.60
CA ALA A 1190 17.59 13.49 3.17
C ALA A 1190 17.55 14.53 2.04
N LEU A 1191 16.57 14.37 1.15
CA LEU A 1191 16.32 15.35 0.08
C LEU A 1191 15.91 16.72 0.65
N GLY A 1192 15.11 16.70 1.71
CA GLY A 1192 14.74 17.91 2.45
C GLY A 1192 15.91 18.62 3.10
N ASP A 1193 16.86 17.84 3.64
CA ASP A 1193 18.09 18.39 4.24
C ASP A 1193 18.98 19.09 3.20
N ARG A 1194 19.14 18.47 2.03
CA ARG A 1194 19.92 19.06 0.95
C ARG A 1194 19.27 20.33 0.36
N VAL A 1195 17.94 20.36 0.31
CA VAL A 1195 17.19 21.57 -0.09
C VAL A 1195 17.41 22.73 0.89
N ASP A 1196 17.47 22.42 2.18
CA ASP A 1196 17.79 23.42 3.22
C ASP A 1196 19.21 23.98 3.07
N CYS A 1197 20.16 23.10 2.72
CA CYS A 1197 21.55 23.52 2.45
C CYS A 1197 21.67 24.45 1.24
N ILE A 1198 20.90 24.15 0.18
CA ILE A 1198 20.81 25.02 -1.00
C ILE A 1198 20.24 26.40 -0.64
N ASN A 1199 19.19 26.42 0.19
CA ASN A 1199 18.55 27.67 0.61
C ASN A 1199 19.50 28.55 1.43
N SER A 1200 20.25 27.94 2.34
CA SER A 1200 21.26 28.65 3.14
C SER A 1200 22.40 29.22 2.30
N GLN A 1201 22.85 28.45 1.29
CA GLN A 1201 23.89 28.91 0.36
C GLN A 1201 23.44 30.13 -0.46
N LEU A 1202 22.21 30.10 -0.95
CA LEU A 1202 21.63 31.24 -1.70
C LEU A 1202 21.45 32.49 -0.82
N ASN A 1203 21.09 32.29 0.45
CA ASN A 1203 21.03 33.40 1.41
C ASN A 1203 22.40 34.08 1.58
N ARG A 1204 23.46 33.28 1.65
CA ARG A 1204 24.84 33.81 1.69
C ARG A 1204 25.28 34.49 0.39
N VAL A 1205 24.79 33.98 -0.75
CA VAL A 1205 25.00 34.64 -2.05
C VAL A 1205 24.29 36.00 -2.06
N LEU A 1206 23.05 36.04 -1.60
CA LEU A 1206 22.30 37.31 -1.45
C LEU A 1206 22.96 38.29 -0.46
N ASP A 1207 23.57 37.76 0.59
CA ASP A 1207 24.40 38.58 1.50
C ASP A 1207 25.67 39.07 0.82
N SER A 1208 26.30 38.22 0.00
CA SER A 1208 27.48 38.61 -0.79
C SER A 1208 27.15 39.66 -1.86
N MET A 1209 25.93 39.64 -2.40
CA MET A 1209 25.46 40.70 -3.31
C MET A 1209 25.28 42.03 -2.57
N SER A 1210 24.53 42.00 -1.47
CA SER A 1210 24.26 43.20 -0.67
C SER A 1210 25.48 43.58 0.17
N PHE B 6 42.12 -33.82 8.79
CA PHE B 6 42.50 -35.13 8.17
C PHE B 6 42.46 -35.06 6.62
N THR B 7 41.40 -35.57 6.00
CA THR B 7 41.21 -35.45 4.54
C THR B 7 40.63 -34.09 4.20
N PRO B 8 40.61 -33.75 2.91
CA PRO B 8 40.09 -32.46 2.44
C PRO B 8 38.58 -32.39 2.59
N LEU B 9 38.09 -31.29 3.17
CA LEU B 9 36.64 -31.09 3.39
C LEU B 9 35.91 -30.82 2.08
N TYR B 10 34.71 -31.37 1.95
CA TYR B 10 33.96 -31.30 0.70
C TYR B 10 33.23 -29.97 0.52
N ASP B 11 33.69 -29.17 -0.44
CA ASP B 11 32.99 -27.97 -0.90
C ASP B 11 32.48 -28.22 -2.32
N GLY B 12 31.28 -27.73 -2.62
CA GLY B 12 30.67 -27.94 -3.95
C GLY B 12 31.40 -27.12 -5.02
N GLY B 13 32.47 -27.71 -5.55
CA GLY B 13 33.29 -27.06 -6.58
C GLY B 13 32.52 -26.90 -7.89
N ASP B 14 32.81 -25.82 -8.61
CA ASP B 14 32.14 -25.49 -9.89
C ASP B 14 30.60 -25.38 -9.79
N SER B 15 30.10 -25.04 -8.60
CA SER B 15 28.66 -24.92 -8.33
C SER B 15 28.35 -23.61 -7.63
N SER B 16 28.99 -23.39 -6.49
CA SER B 16 28.92 -22.14 -5.74
C SER B 16 30.19 -21.30 -5.94
N HIS B 17 30.11 -20.02 -5.57
CA HIS B 17 31.19 -19.05 -5.83
C HIS B 17 32.31 -19.12 -4.79
N VAL B 18 31.98 -18.83 -3.53
CA VAL B 18 32.99 -18.66 -2.48
C VAL B 18 33.54 -19.99 -1.97
N HIS B 19 34.75 -20.33 -2.42
CA HIS B 19 35.50 -21.49 -1.90
C HIS B 19 36.45 -21.04 -0.79
N LEU B 20 36.86 -21.99 0.06
CA LEU B 20 37.67 -21.69 1.24
C LEU B 20 39.18 -21.47 0.97
N ASN B 21 39.62 -21.62 -0.28
CA ASN B 21 41.02 -21.36 -0.66
C ASN B 21 41.41 -19.88 -0.54
N LYS B 22 40.46 -18.98 -0.79
CA LYS B 22 40.69 -17.54 -0.68
C LYS B 22 40.92 -17.05 0.75
N PHE B 23 40.22 -17.66 1.72
CA PHE B 23 40.37 -17.32 3.13
C PHE B 23 41.47 -18.15 3.78
N SER B 41 60.38 -23.54 0.93
CA SER B 41 59.10 -23.43 0.24
C SER B 41 58.92 -22.05 -0.40
N ARG B 42 59.95 -21.60 -1.11
CA ARG B 42 59.95 -20.28 -1.76
C ARG B 42 61.05 -20.18 -2.83
N ARG B 43 61.05 -19.07 -3.55
CA ARG B 43 62.06 -18.81 -4.59
C ARG B 43 63.39 -18.36 -3.97
N GLU B 44 64.26 -17.70 -4.75
CA GLU B 44 65.56 -17.23 -4.25
C GLU B 44 65.44 -16.33 -3.02
N CYS B 45 64.90 -15.12 -3.21
CA CYS B 45 64.66 -14.16 -2.12
C CYS B 45 65.88 -13.90 -1.24
N ILE B 46 66.79 -13.07 -1.74
CA ILE B 46 68.04 -12.74 -1.03
C ILE B 46 67.81 -11.66 0.02
N ARG B 47 68.57 -11.74 1.12
CA ARG B 47 68.50 -10.78 2.22
C ARG B 47 69.91 -10.35 2.62
N PHE B 48 70.28 -9.11 2.32
CA PHE B 48 71.58 -8.54 2.71
C PHE B 48 71.56 -8.20 4.20
N VAL B 49 72.26 -9.01 4.99
CA VAL B 49 72.28 -8.87 6.46
C VAL B 49 73.69 -9.09 7.02
N PRO B 50 74.56 -8.11 6.74
CA PRO B 50 75.94 -8.10 7.27
C PRO B 50 76.35 -6.68 7.68
N LYS B 51 76.38 -5.77 6.71
CA LYS B 51 76.68 -4.34 6.94
C LYS B 51 78.07 -4.12 7.52
N CYS B 86 81.28 -7.13 3.24
CA CYS B 86 80.36 -6.10 3.73
C CYS B 86 78.89 -6.50 3.60
N THR B 87 78.56 -7.31 2.59
CA THR B 87 77.20 -7.83 2.37
C THR B 87 77.23 -9.34 2.07
N THR B 88 76.47 -10.11 2.85
CA THR B 88 76.34 -11.55 2.67
C THR B 88 74.86 -11.91 2.52
N LYS B 89 74.45 -12.21 1.29
CA LYS B 89 73.03 -12.50 0.98
C LYS B 89 72.60 -13.87 1.51
N HIS B 90 71.78 -13.87 2.56
CA HIS B 90 71.19 -15.08 3.12
C HIS B 90 69.73 -15.22 2.67
N PRO B 91 69.11 -16.39 2.95
CA PRO B 91 67.65 -16.50 2.83
C PRO B 91 66.91 -15.57 3.81
N THR B 92 65.74 -15.08 3.41
CA THR B 92 65.02 -14.04 4.16
C THR B 92 64.42 -14.57 5.46
N ASN B 93 64.31 -13.67 6.43
CA ASN B 93 63.70 -13.96 7.74
C ASN B 93 62.25 -13.48 7.84
N ALA B 94 61.85 -12.54 6.98
CA ALA B 94 60.60 -11.80 7.11
C ALA B 94 59.74 -11.92 5.84
N TYR B 95 58.77 -12.85 5.85
CA TYR B 95 57.88 -13.04 4.69
C TYR B 95 56.46 -13.59 4.98
N GLY B 96 55.97 -13.46 6.22
CA GLY B 96 54.64 -13.95 6.59
C GLY B 96 53.51 -13.01 6.22
N GLU B 97 52.65 -12.69 7.20
CA GLU B 97 51.57 -11.70 7.07
C GLU B 97 51.51 -10.85 8.33
N ILE B 98 50.84 -9.70 8.24
CA ILE B 98 50.75 -8.75 9.35
C ILE B 98 49.29 -8.56 9.75
N ASP B 99 48.98 -8.90 11.01
CA ASP B 99 47.69 -8.56 11.61
C ASP B 99 47.89 -7.26 12.40
N PHE B 100 47.45 -6.14 11.82
CA PHE B 100 47.57 -4.83 12.46
C PHE B 100 46.61 -4.73 13.64
N GLU B 101 47.04 -4.07 14.71
CA GLU B 101 46.34 -4.11 16.00
C GLU B 101 45.04 -3.32 16.03
N GLY B 102 43.96 -3.98 15.63
CA GLY B 102 42.59 -3.51 15.85
C GLY B 102 42.21 -2.20 15.22
N TYR B 103 42.24 -2.16 13.88
CA TYR B 103 41.74 -1.03 13.10
C TYR B 103 40.45 -1.41 12.32
N GLY B 104 39.73 -2.43 12.82
CA GLY B 104 38.51 -2.91 12.19
C GLY B 104 38.78 -4.04 11.22
N GLY B 105 37.95 -5.09 11.28
CA GLY B 105 38.02 -6.22 10.34
C GLY B 105 39.15 -7.19 10.61
N GLN B 106 39.12 -8.31 9.87
CA GLN B 106 40.18 -9.32 9.90
C GLN B 106 40.91 -9.29 8.55
N LYS B 107 42.03 -8.58 8.49
CA LYS B 107 42.78 -8.36 7.26
C LYS B 107 44.27 -8.65 7.47
N ARG B 108 44.73 -9.78 6.94
CA ARG B 108 46.14 -10.14 6.98
C ARG B 108 46.82 -9.67 5.70
N ALA B 109 47.79 -8.77 5.85
CA ALA B 109 48.51 -8.18 4.72
C ALA B 109 49.86 -8.89 4.54
N PRO B 110 49.98 -9.77 3.52
CA PRO B 110 51.28 -10.43 3.32
C PRO B 110 52.41 -9.48 2.92
N TYR B 111 53.62 -9.80 3.34
CA TYR B 111 54.79 -8.95 3.12
C TYR B 111 56.00 -9.80 2.75
N LEU B 112 57.06 -9.11 2.31
CA LEU B 112 58.32 -9.78 1.99
C LEU B 112 59.48 -8.80 1.96
N ARG B 113 60.56 -9.13 2.66
CA ARG B 113 61.82 -8.40 2.57
C ARG B 113 62.66 -8.98 1.43
N MET B 114 63.36 -8.12 0.68
CA MET B 114 64.17 -8.58 -0.47
C MET B 114 65.26 -7.58 -0.82
N SER B 115 66.35 -8.07 -1.41
CA SER B 115 67.49 -7.23 -1.77
C SER B 115 67.18 -6.31 -2.94
N HIS B 116 67.99 -5.25 -3.07
CA HIS B 116 67.83 -4.25 -4.14
C HIS B 116 68.25 -4.73 -5.53
N ASP B 117 68.95 -5.86 -5.63
CA ASP B 117 69.37 -6.45 -6.91
C ASP B 117 68.47 -7.60 -7.41
N THR B 118 67.30 -7.78 -6.80
CA THR B 118 66.35 -8.83 -7.21
C THR B 118 65.67 -8.43 -8.52
N ASP B 119 65.59 -9.38 -9.46
CA ASP B 119 64.91 -9.15 -10.75
C ASP B 119 63.40 -9.02 -10.55
N ALA B 120 62.79 -8.10 -11.30
CA ALA B 120 61.37 -7.79 -11.14
C ALA B 120 60.44 -8.91 -11.62
N ASN B 121 60.88 -9.68 -12.62
CA ASN B 121 60.11 -10.81 -13.16
C ASN B 121 59.75 -11.86 -12.09
N LEU B 122 60.68 -12.11 -11.17
CA LEU B 122 60.44 -13.00 -10.03
C LEU B 122 59.40 -12.44 -9.05
N VAL B 123 59.40 -11.11 -8.88
CA VAL B 123 58.41 -10.42 -8.04
C VAL B 123 57.01 -10.52 -8.68
N ILE B 124 56.94 -10.43 -10.01
CA ILE B 124 55.66 -10.62 -10.73
C ILE B 124 55.19 -12.07 -10.59
N THR B 125 56.12 -13.02 -10.73
CA THR B 125 55.83 -14.44 -10.48
C THR B 125 55.35 -14.68 -9.05
N LEU B 126 55.96 -13.99 -8.08
CA LEU B 126 55.56 -14.09 -6.67
C LEU B 126 54.15 -13.52 -6.43
N MET B 127 53.85 -12.37 -7.04
CA MET B 127 52.52 -11.75 -6.91
C MET B 127 51.42 -12.58 -7.57
N LEU B 128 51.62 -12.91 -8.85
CA LEU B 128 50.57 -13.57 -9.64
C LEU B 128 50.31 -15.02 -9.22
N LYS B 129 51.37 -15.81 -9.04
CA LYS B 129 51.24 -17.24 -8.73
C LYS B 129 51.18 -17.53 -7.24
N ARG B 130 52.21 -17.12 -6.49
CA ARG B 130 52.36 -17.50 -5.08
C ARG B 130 51.36 -16.81 -4.16
N TRP B 131 51.20 -15.49 -4.30
CA TRP B 131 50.22 -14.75 -3.50
C TRP B 131 48.76 -14.86 -3.98
N ASN B 132 48.54 -15.43 -5.16
CA ASN B 132 47.20 -15.57 -5.77
C ASN B 132 46.52 -14.21 -5.98
N LEU B 133 47.27 -13.30 -6.61
CA LEU B 133 46.83 -11.95 -6.90
C LEU B 133 46.42 -11.89 -8.38
N GLU B 134 45.22 -11.40 -8.65
CA GLU B 134 44.67 -11.41 -10.02
C GLU B 134 45.37 -10.39 -10.92
N ILE B 135 45.41 -10.69 -12.22
CA ILE B 135 46.09 -9.83 -13.20
C ILE B 135 45.25 -8.55 -13.38
N PRO B 136 45.85 -7.37 -13.13
CA PRO B 136 45.08 -6.13 -13.14
C PRO B 136 44.88 -5.57 -14.55
N ASN B 137 43.86 -4.74 -14.71
CA ASN B 137 43.60 -4.01 -15.97
C ASN B 137 44.16 -2.58 -15.94
N LEU B 138 44.74 -2.18 -14.82
CA LEU B 138 45.30 -0.84 -14.63
C LEU B 138 46.24 -0.83 -13.42
N VAL B 139 47.26 0.03 -13.46
CA VAL B 139 48.16 0.24 -12.32
C VAL B 139 48.31 1.73 -12.04
N ILE B 140 47.91 2.17 -10.84
CA ILE B 140 48.00 3.56 -10.43
C ILE B 140 49.20 3.74 -9.50
N SER B 141 50.22 4.45 -9.98
CA SER B 141 51.40 4.80 -9.18
C SER B 141 51.22 6.18 -8.57
N VAL B 142 51.06 6.22 -7.24
CA VAL B 142 50.86 7.47 -6.52
C VAL B 142 52.20 7.93 -5.90
N THR B 143 52.77 8.98 -6.48
CA THR B 143 53.96 9.64 -5.93
C THR B 143 53.58 11.01 -5.39
N GLY B 144 54.44 11.57 -4.54
CA GLY B 144 54.20 12.88 -3.96
C GLY B 144 55.13 13.24 -2.82
N GLY B 145 54.59 13.92 -1.81
CA GLY B 145 55.36 14.37 -0.66
C GLY B 145 55.55 13.26 0.36
N ALA B 146 56.76 13.13 0.89
CA ALA B 146 57.07 12.15 1.93
C ALA B 146 56.56 12.61 3.29
N LYS B 147 56.77 13.88 3.61
CA LYS B 147 56.26 14.48 4.85
C LYS B 147 54.76 14.78 4.73
N SER B 148 54.08 14.79 5.88
CA SER B 148 52.63 14.99 5.93
C SER B 148 52.21 16.40 5.50
N PHE B 149 51.14 16.48 4.72
CA PHE B 149 50.62 17.75 4.19
C PHE B 149 49.09 17.80 4.28
N VAL B 150 48.54 18.99 4.09
CA VAL B 150 47.11 19.25 4.27
C VAL B 150 46.40 19.42 2.92
N LEU B 151 45.31 18.68 2.73
CA LEU B 151 44.39 18.89 1.60
C LEU B 151 43.16 19.65 2.08
N LYS B 152 42.59 20.47 1.20
CA LYS B 152 41.33 21.17 1.50
C LYS B 152 40.19 20.15 1.43
N PRO B 153 39.27 20.16 2.42
CA PRO B 153 38.32 19.05 2.66
C PRO B 153 37.49 18.60 1.44
N ARG B 154 37.11 19.55 0.58
CA ARG B 154 36.42 19.25 -0.68
C ARG B 154 37.31 18.43 -1.61
N LEU B 155 38.55 18.91 -1.80
CA LEU B 155 39.54 18.25 -2.65
C LEU B 155 40.00 16.91 -2.07
N ARG B 156 40.10 16.84 -0.73
CA ARG B 156 40.39 15.61 0.00
C ARG B 156 39.31 14.57 -0.25
N GLU B 157 38.04 14.98 -0.07
CA GLU B 157 36.89 14.11 -0.33
C GLU B 157 36.82 13.67 -1.80
N MET B 158 37.03 14.63 -2.71
CA MET B 158 37.05 14.34 -4.15
C MET B 158 38.18 13.39 -4.53
N PHE B 159 39.35 13.54 -3.90
CA PHE B 159 40.49 12.64 -4.11
C PHE B 159 40.17 11.21 -3.69
N ARG B 160 39.72 11.02 -2.45
CA ARG B 160 39.42 9.68 -1.94
C ARG B 160 38.15 9.03 -2.51
N ARG B 161 37.28 9.82 -3.15
CA ARG B 161 36.21 9.25 -3.97
C ARG B 161 36.76 8.77 -5.32
N GLY B 162 37.52 9.64 -5.99
CA GLY B 162 38.08 9.36 -7.31
C GLY B 162 39.02 8.16 -7.40
N LEU B 163 40.01 8.12 -6.51
CA LEU B 163 41.03 7.05 -6.53
C LEU B 163 40.43 5.66 -6.33
N ILE B 164 39.53 5.54 -5.36
CA ILE B 164 38.92 4.25 -5.01
C ILE B 164 37.86 3.83 -6.03
N LYS B 165 37.10 4.79 -6.57
CA LYS B 165 36.14 4.51 -7.65
C LYS B 165 36.84 3.99 -8.90
N ALA B 166 37.95 4.63 -9.27
CA ALA B 166 38.78 4.19 -10.39
C ALA B 166 39.32 2.78 -10.17
N ALA B 167 39.87 2.54 -8.97
CA ALA B 167 40.43 1.23 -8.61
C ALA B 167 39.39 0.11 -8.54
N LYS B 168 38.22 0.41 -7.97
CA LYS B 168 37.15 -0.59 -7.82
C LYS B 168 36.49 -0.97 -9.15
N THR B 169 36.10 0.04 -9.93
CA THR B 169 35.42 -0.20 -11.21
C THR B 169 36.32 -0.81 -12.28
N THR B 170 37.58 -0.38 -12.32
CA THR B 170 38.56 -0.90 -13.28
C THR B 170 39.12 -2.27 -12.88
N GLY B 171 39.35 -2.47 -11.57
CA GLY B 171 40.01 -3.67 -11.07
C GLY B 171 41.51 -3.51 -11.17
N ALA B 172 42.03 -2.53 -10.43
CA ALA B 172 43.41 -2.05 -10.55
C ALA B 172 44.23 -2.29 -9.28
N TRP B 173 45.54 -2.21 -9.43
CA TRP B 173 46.46 -2.14 -8.30
C TRP B 173 46.84 -0.68 -8.04
N ILE B 174 47.06 -0.34 -6.78
CA ILE B 174 47.55 0.99 -6.40
C ILE B 174 48.93 0.81 -5.74
N ILE B 175 49.98 1.27 -6.43
CA ILE B 175 51.35 1.13 -5.93
C ILE B 175 51.78 2.42 -5.22
N THR B 176 52.21 2.30 -3.96
CA THR B 176 52.59 3.44 -3.12
C THR B 176 53.88 3.17 -2.34
N GLY B 177 54.36 4.20 -1.64
CA GLY B 177 55.56 4.11 -0.81
C GLY B 177 55.52 3.13 0.36
N GLY B 178 54.32 2.87 0.89
CA GLY B 178 54.14 1.88 1.98
C GLY B 178 54.07 2.42 3.40
N THR B 179 54.79 3.51 3.68
CA THR B 179 54.92 4.04 5.05
C THR B 179 53.67 4.81 5.50
N ASN B 180 53.65 5.23 6.76
CA ASN B 180 52.48 5.84 7.41
C ASN B 180 52.41 7.38 7.35
N THR B 181 53.20 8.00 6.47
CA THR B 181 53.27 9.47 6.38
C THR B 181 53.20 9.95 4.92
N GLY B 182 52.82 11.21 4.74
CA GLY B 182 52.77 11.84 3.42
C GLY B 182 51.57 11.44 2.61
N VAL B 183 51.76 11.29 1.30
CA VAL B 183 50.69 10.86 0.38
C VAL B 183 50.20 9.42 0.67
N MET B 184 51.10 8.56 1.12
CA MET B 184 50.76 7.17 1.50
C MET B 184 49.67 7.11 2.57
N LYS B 185 49.69 8.05 3.52
CA LYS B 185 48.65 8.19 4.54
C LYS B 185 47.28 8.54 3.93
N HIS B 186 47.27 9.46 2.96
CA HIS B 186 46.04 9.86 2.27
C HIS B 186 45.41 8.70 1.48
N VAL B 187 46.26 7.90 0.84
CA VAL B 187 45.82 6.70 0.11
C VAL B 187 45.30 5.64 1.09
N GLY B 188 45.99 5.49 2.22
CA GLY B 188 45.55 4.57 3.29
C GLY B 188 44.21 4.95 3.91
N GLU B 189 44.07 6.23 4.25
CA GLU B 189 42.82 6.76 4.81
C GLU B 189 41.65 6.67 3.82
N ALA B 190 41.94 6.91 2.54
CA ALA B 190 40.96 6.74 1.45
C ALA B 190 40.42 5.31 1.42
N VAL B 191 41.33 4.33 1.44
CA VAL B 191 40.96 2.91 1.45
C VAL B 191 40.20 2.55 2.73
N LYS B 192 40.59 3.12 3.87
CA LYS B 192 39.93 2.84 5.16
C LYS B 192 38.47 3.27 5.19
N GLU B 193 38.20 4.56 4.98
CA GLU B 193 36.82 5.06 5.04
C GLU B 193 36.01 4.91 3.74
N GLN B 194 36.54 4.18 2.75
CA GLN B 194 35.73 3.62 1.67
C GLN B 194 35.42 2.12 1.88
N GLN B 195 36.21 1.42 2.69
CA GLN B 195 35.89 0.03 3.08
C GLN B 195 35.09 -0.07 4.39
N LEU B 196 35.23 0.92 5.28
CA LEU B 196 34.35 1.03 6.45
C LEU B 196 32.90 1.41 6.07
N MET B 197 32.74 2.12 4.96
CA MET B 197 31.43 2.58 4.50
C MET B 197 30.66 1.48 3.73
N PHE B 198 31.34 0.83 2.79
CA PHE B 198 30.71 -0.15 1.88
C PHE B 198 31.14 -1.61 2.07
N GLY B 199 32.06 -1.89 2.99
CA GLY B 199 32.56 -3.25 3.22
C GLY B 199 33.60 -3.67 2.19
N SER B 200 34.18 -4.85 2.39
CA SER B 200 35.20 -5.40 1.50
C SER B 200 34.69 -6.58 0.67
N ASP B 201 33.97 -6.25 -0.41
CA ASP B 201 33.54 -7.23 -1.41
C ASP B 201 34.37 -7.15 -2.70
N THR B 202 34.64 -5.92 -3.14
CA THR B 202 35.60 -5.66 -4.22
C THR B 202 36.88 -5.10 -3.59
N GLN B 203 37.78 -5.99 -3.20
CA GLN B 203 38.99 -5.62 -2.47
C GLN B 203 40.00 -4.90 -3.37
N VAL B 204 40.34 -3.67 -3.00
CA VAL B 204 41.33 -2.87 -3.73
C VAL B 204 42.72 -3.30 -3.26
N ASN B 205 43.56 -3.72 -4.21
CA ASN B 205 44.92 -4.16 -3.91
C ASN B 205 45.87 -2.97 -3.86
N VAL B 206 46.34 -2.64 -2.65
CA VAL B 206 47.33 -1.57 -2.45
C VAL B 206 48.69 -2.19 -2.13
N ILE B 207 49.69 -1.88 -2.97
CA ILE B 207 51.03 -2.42 -2.83
C ILE B 207 51.96 -1.35 -2.24
N GLY B 208 52.57 -1.66 -1.10
CA GLY B 208 53.52 -0.75 -0.44
C GLY B 208 54.96 -1.19 -0.66
N ILE B 209 55.66 -0.47 -1.53
CA ILE B 209 57.08 -0.74 -1.81
C ILE B 209 57.93 0.18 -0.93
N ALA B 210 58.33 -0.32 0.24
CA ALA B 210 59.08 0.46 1.23
C ALA B 210 60.51 -0.07 1.40
N THR B 211 61.30 0.60 2.25
CA THR B 211 62.67 0.15 2.58
C THR B 211 62.72 -0.43 4.00
N TRP B 212 63.60 -1.43 4.17
CA TRP B 212 63.70 -2.19 5.42
C TRP B 212 64.51 -1.48 6.51
N GLY B 213 65.46 -0.63 6.10
CA GLY B 213 66.29 0.12 7.05
C GLY B 213 65.62 1.23 7.83
N ILE B 214 64.38 1.58 7.47
CA ILE B 214 63.61 2.64 8.12
C ILE B 214 62.43 2.11 8.97
N VAL B 215 61.70 1.12 8.45
CA VAL B 215 60.52 0.54 9.14
C VAL B 215 60.77 0.18 10.61
N ASP B 216 59.82 0.54 11.48
CA ASP B 216 59.90 0.23 12.92
C ASP B 216 59.57 -1.23 13.22
N LYS B 217 59.97 -1.67 14.41
CA LYS B 217 59.65 -3.00 14.95
C LYS B 217 60.12 -4.15 14.04
N GLN B 218 61.38 -4.07 13.62
CA GLN B 218 61.96 -5.08 12.73
C GLN B 218 62.01 -6.47 13.39
N SER B 219 62.41 -6.50 14.65
CA SER B 219 62.44 -7.73 15.46
C SER B 219 61.07 -8.43 15.58
N ASP B 220 59.99 -7.67 15.47
CA ASP B 220 58.63 -8.23 15.42
C ASP B 220 58.40 -9.07 14.17
N LEU B 221 58.89 -8.61 13.01
CA LEU B 221 58.68 -9.30 11.73
C LEU B 221 59.70 -10.42 11.42
N ILE B 222 60.80 -10.49 12.18
CA ILE B 222 61.91 -11.42 11.90
C ILE B 222 61.66 -12.81 12.53
N SER B 223 61.93 -13.85 11.75
CA SER B 223 61.98 -15.23 12.26
C SER B 223 62.82 -16.13 11.32
N GLU B 224 63.88 -16.71 11.87
CA GLU B 224 64.79 -17.59 11.11
C GLU B 224 64.11 -18.79 10.43
N LYS B 225 63.11 -19.36 11.10
CA LYS B 225 62.36 -20.53 10.59
C LYS B 225 61.29 -20.13 9.56
N ASN B 226 60.62 -21.14 9.01
CA ASN B 226 59.41 -20.94 8.20
C ASN B 226 58.17 -20.92 9.10
N GLY B 227 57.15 -20.15 8.68
CA GLY B 227 55.90 -20.03 9.42
C GLY B 227 55.85 -18.79 10.30
N LYS B 228 55.90 -17.63 9.66
CA LYS B 228 55.75 -16.33 10.32
C LYS B 228 54.39 -15.69 9.96
N TYR B 229 53.43 -16.51 9.54
CA TYR B 229 52.21 -16.00 8.90
C TYR B 229 51.21 -15.35 9.88
N PRO B 230 51.27 -15.68 11.17
CA PRO B 230 50.73 -14.78 12.20
C PRO B 230 51.81 -13.81 12.70
N ALA B 231 51.55 -12.51 12.58
CA ALA B 231 52.43 -11.47 13.15
C ALA B 231 51.58 -10.30 13.67
N LEU B 232 52.02 -9.74 14.80
CA LEU B 232 51.25 -8.74 15.55
C LEU B 232 51.97 -7.40 15.58
N TYR B 233 51.81 -6.63 14.51
CA TYR B 233 52.47 -5.33 14.35
C TYR B 233 51.71 -4.23 15.11
N SER B 234 52.28 -3.78 16.23
CA SER B 234 51.66 -2.75 17.07
C SER B 234 51.83 -1.36 16.46
N MET B 235 50.99 -0.43 16.92
CA MET B 235 50.97 0.96 16.42
C MET B 235 51.75 1.96 17.26
N GLU B 236 52.06 1.61 18.51
CA GLU B 236 52.82 2.48 19.40
C GLU B 236 54.27 2.54 18.92
N PRO B 237 54.76 3.74 18.49
CA PRO B 237 56.14 3.79 17.98
C PRO B 237 57.20 3.53 19.07
N THR B 238 58.29 2.86 18.69
CA THR B 238 59.42 2.65 19.60
C THR B 238 60.12 4.00 19.89
N PRO B 239 60.48 4.27 21.16
CA PRO B 239 61.04 5.60 21.47
C PRO B 239 62.43 5.85 20.87
N GLY B 240 62.54 6.86 20.01
CA GLY B 240 63.82 7.31 19.48
C GLY B 240 64.44 6.42 18.42
N HIS B 241 63.70 6.22 17.32
CA HIS B 241 64.20 5.51 16.13
C HIS B 241 64.56 6.43 14.98
N GLN B 242 63.73 7.46 14.74
CA GLN B 242 63.84 8.36 13.58
C GLN B 242 63.65 7.60 12.26
N GLY B 243 62.44 7.10 12.08
CA GLY B 243 62.05 6.35 10.89
C GLY B 243 60.60 5.92 10.98
N ALA B 244 59.88 6.00 9.85
CA ALA B 244 58.43 5.75 9.82
C ALA B 244 58.03 4.30 10.09
N MET B 245 56.72 4.11 10.28
CA MET B 245 56.11 2.79 10.45
C MET B 245 55.39 2.40 9.16
N LEU B 246 54.89 1.16 9.09
CA LEU B 246 54.07 0.72 7.97
C LEU B 246 52.66 1.27 8.08
N ASP B 247 52.01 1.46 6.93
CA ASP B 247 50.62 1.91 6.90
C ASP B 247 49.69 0.72 7.25
N PRO B 248 48.71 0.92 8.16
CA PRO B 248 47.79 -0.18 8.48
C PRO B 248 46.86 -0.62 7.35
N ASN B 249 46.54 0.29 6.42
CA ASN B 249 45.50 0.06 5.41
C ASN B 249 45.97 -0.56 4.09
N HIS B 250 47.28 -0.71 3.88
CA HIS B 250 47.79 -1.34 2.66
C HIS B 250 47.67 -2.87 2.73
N SER B 251 47.52 -3.49 1.55
CA SER B 251 47.23 -4.92 1.44
C SER B 251 48.46 -5.80 1.30
N HIS B 252 49.49 -5.31 0.61
CA HIS B 252 50.72 -6.07 0.36
C HIS B 252 51.96 -5.19 0.56
N PHE B 253 53.05 -5.79 1.03
CA PHE B 253 54.29 -5.03 1.30
C PHE B 253 55.54 -5.65 0.66
N PHE B 254 56.32 -4.81 0.00
CA PHE B 254 57.65 -5.17 -0.49
C PHE B 254 58.68 -4.31 0.23
N LEU B 255 59.52 -4.95 1.06
CA LEU B 255 60.48 -4.24 1.89
C LEU B 255 61.90 -4.44 1.33
N VAL B 256 62.48 -3.37 0.81
CA VAL B 256 63.79 -3.43 0.14
C VAL B 256 64.92 -3.32 1.17
N ASP B 257 65.79 -4.33 1.18
CA ASP B 257 67.02 -4.34 1.98
C ASP B 257 68.13 -3.66 1.19
N ASP B 258 69.06 -3.04 1.91
CA ASP B 258 70.35 -2.62 1.35
C ASP B 258 71.53 -2.98 2.26
N GLY B 259 71.27 -3.67 3.39
CA GLY B 259 72.25 -3.82 4.47
C GLY B 259 72.22 -2.65 5.45
N THR B 260 72.21 -1.43 4.92
CA THR B 260 72.25 -0.20 5.71
C THR B 260 70.93 0.10 6.42
N GLU B 261 70.97 1.10 7.31
CA GLU B 261 69.79 1.61 7.99
C GLU B 261 69.79 3.14 8.01
N GLY B 262 68.59 3.73 8.09
CA GLY B 262 68.43 5.18 8.10
C GLY B 262 68.76 5.88 6.80
N LYS B 263 68.53 5.20 5.67
CA LYS B 263 68.74 5.76 4.32
C LYS B 263 67.43 5.66 3.54
N TYR B 264 67.02 6.78 2.94
CA TYR B 264 65.68 6.91 2.35
C TYR B 264 65.59 6.43 0.89
N GLY B 265 66.57 6.77 0.07
CA GLY B 265 66.54 6.47 -1.36
C GLY B 265 67.00 5.07 -1.75
N VAL B 266 66.39 4.06 -1.14
CA VAL B 266 66.70 2.64 -1.40
C VAL B 266 65.67 2.04 -2.37
N GLU B 267 64.39 2.32 -2.15
CA GLU B 267 63.30 1.75 -2.94
C GLU B 267 62.99 2.45 -4.28
N ILE B 268 63.85 3.39 -4.71
CA ILE B 268 63.61 4.14 -5.95
C ILE B 268 63.84 3.26 -7.20
N GLY B 269 64.88 2.42 -7.15
CA GLY B 269 65.21 1.52 -8.25
C GLY B 269 64.20 0.39 -8.47
N MET B 270 63.84 -0.28 -7.37
CA MET B 270 62.89 -1.40 -7.41
C MET B 270 61.48 -0.96 -7.86
N ARG B 271 61.06 0.21 -7.38
CA ARG B 271 59.79 0.85 -7.79
C ARG B 271 59.69 0.96 -9.31
N SER B 272 60.74 1.50 -9.93
CA SER B 272 60.79 1.68 -11.39
C SER B 272 60.86 0.34 -12.12
N ARG B 273 61.72 -0.56 -11.65
CA ARG B 273 61.90 -1.88 -12.28
C ARG B 273 60.68 -2.81 -12.15
N ILE B 274 59.90 -2.65 -11.07
CA ILE B 274 58.58 -3.32 -10.98
C ILE B 274 57.60 -2.68 -11.98
N GLU B 275 57.52 -1.35 -11.97
CA GLU B 275 56.68 -0.61 -12.93
C GLU B 275 57.02 -0.89 -14.40
N GLU B 276 58.28 -1.23 -14.68
CA GLU B 276 58.65 -1.79 -15.99
C GLU B 276 58.07 -3.19 -16.20
N ALA B 277 58.16 -4.03 -15.18
CA ALA B 277 57.73 -5.44 -15.24
C ALA B 277 56.24 -5.66 -15.49
N ILE B 278 55.39 -4.77 -14.97
CA ILE B 278 53.93 -4.86 -15.22
C ILE B 278 53.42 -3.94 -16.36
N MET B 279 54.31 -3.61 -17.30
CA MET B 279 53.92 -3.04 -18.60
C MET B 279 54.01 -4.07 -19.74
N LYS B 280 54.60 -5.24 -19.47
CA LYS B 280 54.70 -6.33 -20.46
C LYS B 280 53.95 -7.62 -20.05
N VAL B 281 53.18 -7.55 -18.97
CA VAL B 281 52.23 -8.62 -18.63
C VAL B 281 50.95 -8.36 -19.41
N LYS B 282 50.40 -9.40 -20.03
CA LYS B 282 49.17 -9.28 -20.82
C LYS B 282 47.94 -9.49 -19.95
N THR B 283 46.88 -8.73 -20.25
CA THR B 283 45.62 -8.83 -19.50
C THR B 283 44.87 -10.13 -19.82
N ASP B 284 44.03 -10.56 -18.88
CA ASP B 284 43.31 -11.82 -18.99
C ASP B 284 42.02 -11.65 -19.80
N SER B 285 41.88 -12.44 -20.86
CA SER B 285 40.66 -12.47 -21.68
C SER B 285 40.58 -13.75 -22.51
N ARG B 286 39.38 -14.05 -22.99
CA ARG B 286 39.13 -15.24 -23.81
C ARG B 286 39.69 -15.08 -25.23
N SER B 287 39.51 -13.89 -25.80
CA SER B 287 40.08 -13.55 -27.11
C SER B 287 41.58 -13.30 -27.00
N GLU B 288 42.29 -13.61 -28.09
CA GLU B 288 43.73 -13.31 -28.21
C GLU B 288 44.00 -11.90 -28.75
N ALA B 289 42.96 -11.21 -29.23
CA ALA B 289 43.04 -9.80 -29.62
C ALA B 289 42.74 -8.85 -28.45
N GLY B 290 41.94 -9.31 -27.49
CA GLY B 290 41.60 -8.54 -26.30
C GLY B 290 42.66 -8.47 -25.21
N SER B 291 43.68 -9.34 -25.30
CA SER B 291 44.78 -9.36 -24.33
C SER B 291 45.79 -8.24 -24.60
N ILE B 292 45.52 -7.07 -24.04
CA ILE B 292 46.42 -5.91 -24.14
C ILE B 292 47.48 -5.92 -23.04
N GLY B 293 48.54 -5.16 -23.23
CA GLY B 293 49.54 -4.91 -22.19
C GLY B 293 48.95 -4.01 -21.12
N VAL B 294 49.29 -4.28 -19.86
CA VAL B 294 48.68 -3.57 -18.73
C VAL B 294 49.12 -2.09 -18.72
N PRO B 295 48.15 -1.15 -18.79
CA PRO B 295 48.50 0.27 -18.76
C PRO B 295 48.81 0.76 -17.35
N VAL B 296 49.84 1.61 -17.24
CA VAL B 296 50.24 2.22 -15.98
C VAL B 296 49.94 3.72 -16.05
N VAL B 297 49.49 4.29 -14.93
CA VAL B 297 49.24 5.73 -14.82
C VAL B 297 49.89 6.26 -13.55
N LEU B 298 50.33 7.52 -13.59
CA LEU B 298 51.04 8.16 -12.48
C LEU B 298 50.23 9.33 -11.94
N LEU B 299 50.15 9.43 -10.61
CA LEU B 299 49.32 10.44 -9.94
C LEU B 299 50.18 11.26 -8.97
N VAL B 300 50.13 12.60 -9.10
CA VAL B 300 50.99 13.50 -8.30
C VAL B 300 50.18 14.47 -7.43
N LEU B 301 50.55 14.57 -6.15
CA LEU B 301 49.93 15.50 -5.18
C LEU B 301 50.85 16.65 -4.73
N GLU B 302 52.11 16.34 -4.40
CA GLU B 302 53.12 17.27 -3.94
C GLU B 302 54.54 16.83 -4.29
N GLY B 303 55.56 17.35 -3.60
CA GLY B 303 56.93 16.85 -3.70
C GLY B 303 57.87 18.02 -3.91
N GLY B 304 59.16 17.71 -4.04
CA GLY B 304 60.20 18.70 -4.33
C GLY B 304 60.57 18.66 -5.80
N PRO B 305 61.88 18.87 -6.13
CA PRO B 305 62.36 18.58 -7.49
C PRO B 305 62.41 17.09 -7.85
N ASN B 306 62.49 16.21 -6.84
CA ASN B 306 62.64 14.76 -7.05
C ASN B 306 61.44 14.12 -7.74
N THR B 307 60.23 14.53 -7.36
CA THR B 307 59.00 14.05 -8.02
C THR B 307 58.91 14.48 -9.48
N VAL B 308 59.44 15.67 -9.80
CA VAL B 308 59.45 16.20 -11.17
C VAL B 308 60.48 15.43 -12.01
N ALA B 309 61.60 15.03 -11.39
CA ALA B 309 62.57 14.14 -12.03
C ALA B 309 61.96 12.77 -12.32
N THR B 310 61.27 12.20 -11.34
CA THR B 310 60.54 10.94 -11.50
C THR B 310 59.45 11.03 -12.57
N MET B 311 58.76 12.18 -12.62
CA MET B 311 57.71 12.44 -13.62
C MET B 311 58.29 12.42 -15.04
N TYR B 312 59.35 13.21 -15.25
CA TYR B 312 60.03 13.25 -16.56
C TYR B 312 60.73 11.92 -16.90
N GLU B 313 61.21 11.21 -15.89
CA GLU B 313 61.79 9.87 -16.09
C GLU B 313 60.77 8.89 -16.67
N LEU B 314 59.57 8.84 -16.08
CA LEU B 314 58.54 7.87 -16.49
C LEU B 314 57.72 8.29 -17.73
N ILE B 315 57.66 9.59 -18.04
CA ILE B 315 57.04 10.04 -19.31
C ILE B 315 57.80 9.47 -20.52
N LYS B 316 59.12 9.46 -20.46
CA LYS B 316 59.97 8.89 -21.52
C LYS B 316 59.78 7.37 -21.73
N LYS B 317 59.22 6.68 -20.73
CA LYS B 317 58.75 5.30 -20.89
C LYS B 317 57.25 5.21 -21.26
N LYS B 318 56.69 6.27 -21.86
CA LYS B 318 55.31 6.31 -22.34
C LYS B 318 54.23 6.08 -21.25
N VAL B 319 54.52 6.55 -20.03
CA VAL B 319 53.55 6.52 -18.93
C VAL B 319 53.04 7.95 -18.72
N PRO B 320 51.72 8.18 -18.88
CA PRO B 320 51.18 9.53 -18.67
C PRO B 320 51.16 9.92 -17.19
N ALA B 321 50.93 11.21 -16.92
CA ALA B 321 50.96 11.74 -15.55
C ALA B 321 49.78 12.67 -15.29
N VAL B 322 49.12 12.47 -14.15
CA VAL B 322 48.03 13.33 -13.68
C VAL B 322 48.52 14.12 -12.47
N VAL B 323 48.46 15.45 -12.58
CA VAL B 323 48.89 16.35 -11.50
C VAL B 323 47.65 16.99 -10.86
N ILE B 324 47.54 16.88 -9.53
CA ILE B 324 46.40 17.43 -8.80
C ILE B 324 46.74 18.84 -8.29
N ASP B 325 46.08 19.84 -8.86
CA ASP B 325 46.16 21.23 -8.36
C ASP B 325 45.23 21.42 -7.16
N GLY B 326 45.41 22.52 -6.44
CA GLY B 326 44.77 22.75 -5.15
C GLY B 326 45.41 21.93 -4.05
N SER B 327 46.70 21.62 -4.22
CA SER B 327 47.48 20.86 -3.25
C SER B 327 48.82 21.58 -3.04
N GLY B 328 49.86 20.86 -2.61
CA GLY B 328 51.14 21.49 -2.24
C GLY B 328 52.05 21.92 -3.39
N ARG B 329 53.35 21.85 -3.11
CA ARG B 329 54.38 22.58 -3.87
C ARG B 329 54.51 22.22 -5.35
N ALA B 330 55.13 21.07 -5.64
CA ALA B 330 55.52 20.70 -7.02
C ALA B 330 54.33 20.54 -7.96
N ALA B 331 53.23 20.01 -7.44
CA ALA B 331 51.99 19.86 -8.21
C ALA B 331 51.41 21.21 -8.62
N SER B 332 51.35 22.16 -7.67
CA SER B 332 50.86 23.51 -7.95
C SER B 332 51.76 24.28 -8.93
N VAL B 333 53.08 24.12 -8.81
CA VAL B 333 54.04 24.78 -9.71
C VAL B 333 53.90 24.25 -11.14
N VAL B 334 53.96 22.93 -11.29
CA VAL B 334 53.80 22.28 -12.61
C VAL B 334 52.40 22.56 -13.19
N GLY B 335 51.40 22.55 -12.31
CA GLY B 335 50.03 22.86 -12.70
C GLY B 335 49.83 24.28 -13.19
N PHE B 336 50.28 25.26 -12.40
CA PHE B 336 50.20 26.67 -12.81
C PHE B 336 51.14 27.01 -13.97
N ALA B 337 52.19 26.21 -14.17
CA ALA B 337 53.00 26.28 -15.40
C ALA B 337 52.21 25.81 -16.63
N TYR B 338 51.44 24.73 -16.47
CA TYR B 338 50.54 24.24 -17.52
C TYR B 338 49.31 25.15 -17.75
N ASN B 339 48.87 25.83 -16.70
CA ASN B 339 47.59 26.56 -16.70
C ASN B 339 47.56 27.90 -17.49
N HIS B 340 48.72 28.40 -17.93
CA HIS B 340 48.78 29.71 -18.59
C HIS B 340 48.06 29.77 -19.95
N THR B 341 48.64 29.13 -20.96
CA THR B 341 48.19 29.25 -22.36
C THR B 341 48.54 27.96 -23.13
N ILE B 342 48.39 27.98 -24.45
CA ILE B 342 48.90 26.93 -25.34
C ILE B 342 49.74 27.55 -26.46
N LYS B 343 50.79 26.84 -26.89
CA LYS B 343 51.74 27.36 -27.87
C LYS B 343 52.52 26.24 -28.57
N ARG B 344 52.26 26.05 -29.86
CA ARG B 344 53.04 25.13 -30.70
C ARG B 344 54.16 25.91 -31.39
N ASN B 345 55.38 25.74 -30.91
CA ASN B 345 56.55 26.42 -31.48
C ASN B 345 56.89 25.81 -32.84
N VAL B 346 57.07 24.50 -32.86
CA VAL B 346 57.20 23.70 -34.08
C VAL B 346 55.95 22.81 -34.16
N ASP B 347 55.73 22.18 -35.31
CA ASP B 347 54.64 21.20 -35.45
C ASP B 347 54.85 20.04 -34.47
N GLY B 348 55.90 19.24 -34.70
CA GLY B 348 56.34 18.17 -33.79
C GLY B 348 55.30 17.23 -33.18
N GLN B 349 54.18 17.04 -33.87
CA GLN B 349 53.02 16.28 -33.35
C GLN B 349 52.48 16.85 -32.03
N THR B 350 52.12 18.14 -32.06
CA THR B 350 51.48 18.83 -30.94
C THR B 350 52.35 18.90 -29.68
N ILE B 351 53.46 19.64 -29.78
CA ILE B 351 54.33 19.93 -28.62
C ILE B 351 53.98 21.28 -28.00
N ASN B 352 54.25 21.42 -26.71
CA ASN B 352 54.02 22.68 -25.99
C ASN B 352 55.28 23.15 -25.25
N VAL B 353 55.54 24.45 -25.33
CA VAL B 353 56.56 25.10 -24.50
C VAL B 353 56.02 26.49 -24.14
N ILE B 354 55.27 26.55 -23.04
CA ILE B 354 54.56 27.76 -22.64
C ILE B 354 55.54 28.70 -21.95
N ASP B 355 56.26 29.47 -22.77
CA ASP B 355 57.17 30.51 -22.28
C ASP B 355 57.24 31.65 -23.31
N PRO B 356 56.17 32.47 -23.39
CA PRO B 356 56.24 33.69 -24.22
C PRO B 356 57.03 34.80 -23.52
N GLN B 357 57.00 36.00 -24.11
CA GLN B 357 57.63 37.19 -23.51
C GLN B 357 56.94 37.64 -22.21
N TYR B 358 55.65 37.34 -22.08
CA TYR B 358 54.82 37.85 -20.97
C TYR B 358 55.10 37.18 -19.63
N GLU B 359 55.08 35.84 -19.60
CA GLU B 359 55.04 35.08 -18.35
C GLU B 359 56.20 34.09 -18.19
N ASP B 360 57.41 34.64 -18.15
CA ASP B 360 58.64 33.89 -17.79
C ASP B 360 59.04 34.18 -16.34
N GLU B 361 59.03 35.46 -15.97
CA GLU B 361 59.38 35.92 -14.63
C GLU B 361 58.46 35.36 -13.54
N VAL B 362 57.16 35.29 -13.84
CA VAL B 362 56.18 34.68 -12.92
C VAL B 362 56.50 33.21 -12.60
N ARG B 363 56.93 32.46 -13.61
CA ARG B 363 57.38 31.08 -13.43
C ARG B 363 58.74 31.01 -12.77
N ALA B 364 59.63 31.96 -13.10
CA ALA B 364 60.93 32.07 -12.43
C ALA B 364 60.78 32.29 -10.92
N LYS B 365 59.93 33.25 -10.53
CA LYS B 365 59.71 33.55 -9.10
C LYS B 365 58.97 32.43 -8.35
N VAL B 366 57.95 31.83 -9.00
CA VAL B 366 57.19 30.73 -8.40
C VAL B 366 58.04 29.46 -8.21
N VAL B 367 59.01 29.23 -9.12
CA VAL B 367 60.05 28.23 -8.89
C VAL B 367 60.97 28.66 -7.73
N GLU B 368 61.33 29.94 -7.70
CA GLU B 368 62.15 30.50 -6.60
C GLU B 368 61.44 30.64 -5.23
N VAL B 369 60.13 30.39 -5.15
CA VAL B 369 59.40 30.34 -3.87
C VAL B 369 60.02 29.32 -2.90
N PHE B 370 60.35 28.13 -3.42
CA PHE B 370 61.08 27.11 -2.66
C PHE B 370 62.28 26.59 -3.47
N GLY B 371 63.46 26.57 -2.84
CA GLY B 371 64.68 26.09 -3.47
C GLY B 371 65.36 27.15 -4.33
N ALA B 372 66.55 27.57 -3.91
CA ALA B 372 67.40 28.50 -4.68
C ALA B 372 68.58 27.78 -5.35
N LYS B 373 69.18 26.81 -4.65
CA LYS B 373 70.30 26.03 -5.19
C LYS B 373 69.84 25.12 -6.32
N GLY B 374 69.89 25.65 -7.55
CA GLY B 374 69.48 24.92 -8.75
C GLY B 374 68.03 25.19 -9.14
N ALA B 375 67.68 26.46 -9.24
CA ALA B 375 66.36 26.89 -9.74
C ALA B 375 66.26 26.69 -11.25
N ASP B 376 67.38 26.84 -11.95
CA ASP B 376 67.43 26.67 -13.41
C ASP B 376 67.19 25.23 -13.85
N LYS B 377 67.84 24.29 -13.17
CA LYS B 377 67.69 22.85 -13.49
C LYS B 377 66.28 22.32 -13.20
N THR B 378 65.71 22.70 -12.07
CA THR B 378 64.31 22.32 -11.74
C THR B 378 63.30 23.01 -12.69
N TYR B 379 63.56 24.27 -13.04
CA TYR B 379 62.75 24.97 -14.06
C TYR B 379 62.88 24.29 -15.44
N SER B 380 64.08 23.82 -15.77
CA SER B 380 64.30 23.04 -16.99
C SER B 380 63.46 21.74 -16.98
N MET B 381 63.46 21.05 -15.84
CA MET B 381 62.65 19.84 -15.67
C MET B 381 61.14 20.13 -15.69
N ILE B 382 60.73 21.28 -15.17
CA ILE B 382 59.32 21.71 -15.23
C ILE B 382 58.89 22.03 -16.67
N LYS B 383 59.73 22.72 -17.44
CA LYS B 383 59.42 22.97 -18.86
C LYS B 383 59.62 21.72 -19.75
N ASP B 384 60.43 20.76 -19.29
CA ASP B 384 60.58 19.47 -19.98
C ASP B 384 59.34 18.57 -19.91
N VAL B 385 58.68 18.51 -18.75
CA VAL B 385 57.46 17.68 -18.58
C VAL B 385 56.25 18.17 -19.38
N LEU B 386 56.22 19.46 -19.71
CA LEU B 386 55.13 20.05 -20.51
C LEU B 386 55.35 19.94 -22.03
N GLU B 387 56.35 19.16 -22.47
CA GLU B 387 56.65 18.97 -23.90
C GLU B 387 55.46 18.33 -24.63
N ASP B 388 55.16 17.08 -24.30
CA ASP B 388 54.03 16.36 -24.90
C ASP B 388 52.71 16.79 -24.23
N GLU B 389 51.79 17.31 -25.03
CA GLU B 389 50.44 17.65 -24.57
C GLU B 389 49.65 16.40 -24.18
N LYS B 390 49.86 15.31 -24.90
CA LYS B 390 49.17 14.04 -24.66
C LYS B 390 49.55 13.35 -23.34
N MET B 391 50.82 13.40 -22.97
CA MET B 391 51.32 12.70 -21.77
C MET B 391 50.86 13.36 -20.47
N ILE B 392 51.29 14.62 -20.25
CA ILE B 392 50.96 15.35 -19.03
C ILE B 392 49.48 15.76 -18.99
N SER B 393 48.89 15.70 -17.80
CA SER B 393 47.52 16.17 -17.57
C SER B 393 47.40 16.79 -16.18
N VAL B 394 46.62 17.86 -16.07
CA VAL B 394 46.48 18.61 -14.82
C VAL B 394 45.01 18.72 -14.42
N TYR B 395 44.68 18.12 -13.28
CA TYR B 395 43.34 18.26 -12.70
C TYR B 395 43.30 19.45 -11.75
N SER B 396 42.42 20.41 -12.03
CA SER B 396 42.12 21.52 -11.13
C SER B 396 40.68 21.41 -10.67
N LEU B 397 40.41 21.87 -9.44
CA LEU B 397 39.08 21.80 -8.84
C LEU B 397 38.06 22.74 -9.50
N ASP B 398 38.55 23.82 -10.13
CA ASP B 398 37.70 24.80 -10.81
C ASP B 398 37.68 24.66 -12.34
N GLY B 399 37.86 23.42 -12.84
CA GLY B 399 37.88 23.16 -14.28
C GLY B 399 36.49 22.94 -14.83
N GLU B 400 35.85 21.86 -14.38
CA GLU B 400 34.50 21.45 -14.82
C GLU B 400 33.66 20.99 -13.63
N ILE B 401 32.37 20.76 -13.89
CA ILE B 401 31.44 20.22 -12.88
C ILE B 401 31.41 18.69 -12.96
N SER B 402 31.20 18.17 -14.17
CA SER B 402 30.99 16.73 -14.39
C SER B 402 32.28 15.88 -14.51
N GLN B 403 33.45 16.47 -14.29
CA GLN B 403 34.72 15.75 -14.33
C GLN B 403 35.25 15.48 -12.91
N ASP B 404 35.22 14.21 -12.51
CA ASP B 404 35.84 13.75 -11.26
C ASP B 404 37.28 13.30 -11.56
N ILE B 405 38.02 12.92 -10.51
CA ILE B 405 39.42 12.52 -10.65
C ILE B 405 39.60 11.16 -11.33
N ASP B 406 38.68 10.22 -11.09
CA ASP B 406 38.70 8.92 -11.81
C ASP B 406 38.59 9.09 -13.34
N LEU B 407 37.75 10.04 -13.78
CA LEU B 407 37.65 10.39 -15.20
C LEU B 407 38.95 11.03 -15.70
N ALA B 408 39.57 11.89 -14.90
CA ALA B 408 40.87 12.48 -15.24
C ALA B 408 41.96 11.42 -15.41
N ILE B 409 41.99 10.44 -14.50
CA ILE B 409 42.95 9.33 -14.58
C ILE B 409 42.76 8.50 -15.86
N LEU B 410 41.53 8.09 -16.13
CA LEU B 410 41.25 7.21 -17.27
C LEU B 410 41.30 7.95 -18.61
N LYS B 411 40.81 9.20 -18.65
CA LYS B 411 40.93 10.04 -19.86
C LYS B 411 42.37 10.47 -20.15
N ALA B 412 43.23 10.49 -19.13
CA ALA B 412 44.67 10.71 -19.35
C ALA B 412 45.30 9.55 -20.13
N LEU B 413 44.89 8.33 -19.82
CA LEU B 413 45.32 7.14 -20.58
C LEU B 413 44.74 7.08 -21.99
N LEU B 414 43.48 7.49 -22.15
CA LEU B 414 42.87 7.64 -23.48
C LEU B 414 43.56 8.75 -24.29
N LYS B 415 43.94 9.83 -23.61
CA LYS B 415 44.75 10.90 -24.21
C LYS B 415 46.15 10.41 -24.57
N ALA B 416 46.72 9.54 -23.73
CA ALA B 416 48.02 8.92 -24.02
C ALA B 416 48.02 8.03 -25.27
N ASN B 417 46.88 7.39 -25.57
CA ASN B 417 46.71 6.60 -26.80
C ASN B 417 45.86 7.35 -27.85
N ARG B 418 46.19 8.62 -28.07
CA ARG B 418 45.41 9.48 -28.98
C ARG B 418 45.59 9.14 -30.46
N SER B 419 46.71 8.51 -30.83
CA SER B 419 47.02 8.21 -32.23
C SER B 419 46.05 7.18 -32.85
N SER B 420 46.00 6.00 -32.26
CA SER B 420 45.13 4.91 -32.73
C SER B 420 43.86 4.81 -31.88
N PRO B 421 42.67 4.98 -32.50
CA PRO B 421 41.41 4.75 -31.78
C PRO B 421 41.13 3.30 -31.37
N VAL B 422 41.75 2.34 -32.04
CA VAL B 422 41.55 0.91 -31.74
C VAL B 422 42.10 0.57 -30.34
N ALA B 423 43.29 1.09 -30.03
CA ALA B 423 43.89 0.95 -28.71
C ALA B 423 43.04 1.57 -27.60
N GLN B 424 42.46 2.74 -27.88
CA GLN B 424 41.54 3.40 -26.95
C GLN B 424 40.31 2.54 -26.67
N LEU B 425 39.77 1.93 -27.71
CA LEU B 425 38.61 1.05 -27.60
C LEU B 425 38.92 -0.23 -26.81
N ASN B 426 40.10 -0.80 -27.06
CA ASN B 426 40.57 -1.98 -26.31
C ASN B 426 40.73 -1.69 -24.82
N LEU B 427 41.28 -0.51 -24.49
CA LEU B 427 41.36 -0.04 -23.10
C LEU B 427 39.97 0.13 -22.48
N ALA B 428 39.04 0.72 -23.24
CA ALA B 428 37.65 0.89 -22.81
C ALA B 428 36.94 -0.45 -22.59
N LEU B 429 37.22 -1.42 -23.45
CA LEU B 429 36.71 -2.80 -23.28
C LEU B 429 37.33 -3.47 -22.05
N ALA B 430 38.65 -3.40 -21.94
CA ALA B 430 39.39 -4.03 -20.83
C ALA B 430 38.92 -3.55 -19.44
N TRP B 431 38.64 -2.25 -19.31
CA TRP B 431 38.16 -1.68 -18.05
C TRP B 431 36.66 -1.92 -17.80
N ASN B 432 35.89 -2.19 -18.87
CA ASN B 432 34.45 -2.41 -18.80
C ASN B 432 33.72 -1.14 -18.31
N ARG B 433 34.02 -0.02 -18.98
CA ARG B 433 33.43 1.27 -18.68
C ARG B 433 32.90 1.91 -19.97
N ILE B 434 31.59 1.82 -20.18
CA ILE B 434 30.95 2.27 -21.42
C ILE B 434 30.72 3.79 -21.48
N ASP B 435 30.64 4.45 -20.33
CA ASP B 435 30.54 5.92 -20.28
C ASP B 435 31.72 6.62 -20.97
N LEU B 436 32.92 6.06 -20.86
CA LEU B 436 34.09 6.53 -21.63
C LEU B 436 33.92 6.30 -23.13
N ALA B 437 33.40 5.13 -23.49
CA ALA B 437 33.09 4.79 -24.89
C ALA B 437 32.09 5.77 -25.51
N LYS B 438 31.03 6.07 -24.75
CA LYS B 438 30.06 7.10 -25.14
C LYS B 438 30.66 8.51 -25.15
N SER B 439 31.54 8.79 -24.19
CA SER B 439 32.18 10.12 -24.07
C SER B 439 33.10 10.47 -25.24
N ASP B 440 34.24 9.77 -25.35
CA ASP B 440 35.31 10.17 -26.29
C ASP B 440 35.93 9.04 -27.13
N ILE B 441 35.17 7.97 -27.35
CA ILE B 441 35.55 6.93 -28.33
C ILE B 441 34.62 6.98 -29.53
N PHE B 442 33.30 6.96 -29.26
CA PHE B 442 32.28 7.09 -30.31
C PHE B 442 31.71 8.50 -30.34
N THR B 443 32.43 9.40 -31.01
CA THR B 443 32.05 10.80 -31.17
C THR B 443 31.64 11.09 -32.62
N GLU B 444 31.19 12.32 -32.86
CA GLU B 444 30.94 12.81 -34.23
C GLU B 444 32.20 12.95 -35.09
N GLU B 445 33.36 13.11 -34.43
CA GLU B 445 34.63 13.35 -35.12
C GLU B 445 35.13 12.16 -35.95
N GLN B 446 35.05 10.95 -35.38
CA GLN B 446 35.61 9.74 -36.01
C GLN B 446 34.54 8.69 -36.32
N GLN B 447 34.75 7.95 -37.40
CA GLN B 447 33.78 6.98 -37.91
C GLN B 447 34.28 5.54 -37.75
N TRP B 448 33.37 4.65 -37.37
CA TRP B 448 33.67 3.22 -37.18
C TRP B 448 32.90 2.37 -38.19
N THR B 449 33.56 1.33 -38.70
CA THR B 449 32.98 0.39 -39.66
C THR B 449 33.03 -1.02 -39.10
N THR B 450 32.52 -1.99 -39.85
CA THR B 450 32.55 -3.41 -39.47
C THR B 450 33.99 -3.94 -39.33
N GLU B 451 34.82 -3.62 -40.33
CA GLU B 451 36.22 -4.08 -40.38
C GLU B 451 37.06 -3.63 -39.19
N THR B 452 36.81 -2.41 -38.70
CA THR B 452 37.51 -1.88 -37.53
C THR B 452 36.93 -2.36 -36.19
N LEU B 453 35.63 -2.65 -36.15
CA LEU B 453 34.95 -3.12 -34.93
C LEU B 453 34.84 -4.65 -34.80
N SER B 454 35.31 -5.40 -35.80
CA SER B 454 35.22 -6.88 -35.79
C SER B 454 35.88 -7.52 -34.56
N ALA B 455 37.13 -7.17 -34.30
CA ALA B 455 37.90 -7.71 -33.17
C ALA B 455 37.29 -7.29 -31.82
N ALA B 456 36.87 -6.03 -31.73
CA ALA B 456 36.21 -5.51 -30.53
C ALA B 456 34.87 -6.20 -30.26
N MET B 457 34.10 -6.45 -31.31
CA MET B 457 32.82 -7.17 -31.19
C MET B 457 33.03 -8.61 -30.69
N LEU B 458 33.98 -9.32 -31.31
CA LEU B 458 34.31 -10.70 -30.91
C LEU B 458 34.81 -10.77 -29.46
N THR B 459 35.60 -9.77 -29.06
CA THR B 459 36.04 -9.62 -27.66
C THR B 459 34.86 -9.33 -26.74
N ALA B 460 33.96 -8.45 -27.18
CA ALA B 460 32.75 -8.11 -26.41
C ALA B 460 31.80 -9.30 -26.23
N LEU B 461 31.70 -10.14 -27.25
CA LEU B 461 30.86 -11.36 -27.17
C LEU B 461 31.47 -12.42 -26.26
N LEU B 462 32.75 -12.74 -26.47
CA LEU B 462 33.43 -13.81 -25.72
C LEU B 462 33.62 -13.50 -24.23
N ASP B 463 33.78 -12.23 -23.87
CA ASP B 463 33.96 -11.82 -22.47
C ASP B 463 32.68 -11.31 -21.77
N ASP B 464 31.51 -11.50 -22.39
CA ASP B 464 30.21 -11.15 -21.82
C ASP B 464 30.07 -9.63 -21.56
N LYS B 465 30.48 -8.82 -22.54
CA LYS B 465 30.32 -7.37 -22.48
C LYS B 465 29.10 -7.00 -23.32
N ALA B 466 27.92 -7.15 -22.72
CA ALA B 466 26.64 -6.99 -23.42
C ALA B 466 26.37 -5.56 -23.87
N GLU B 467 26.67 -4.60 -23.00
CA GLU B 467 26.43 -3.18 -23.27
C GLU B 467 27.32 -2.65 -24.41
N PHE B 468 28.56 -3.13 -24.47
CA PHE B 468 29.47 -2.82 -25.58
C PHE B 468 28.99 -3.40 -26.91
N ALA B 469 28.51 -4.65 -26.87
CA ALA B 469 27.95 -5.30 -28.06
C ALA B 469 26.71 -4.56 -28.59
N GLU B 470 25.83 -4.16 -27.68
CA GLU B 470 24.68 -3.29 -28.01
C GLU B 470 25.13 -1.99 -28.68
N LEU B 471 26.13 -1.35 -28.06
CA LEU B 471 26.65 -0.06 -28.53
C LEU B 471 27.35 -0.17 -29.89
N PHE B 472 28.09 -1.27 -30.12
CA PHE B 472 28.74 -1.50 -31.42
C PHE B 472 27.71 -1.77 -32.52
N LEU B 473 26.66 -2.52 -32.21
CA LEU B 473 25.57 -2.77 -33.16
C LEU B 473 24.88 -1.48 -33.61
N GLN B 474 24.51 -0.65 -32.63
CA GLN B 474 23.78 0.59 -32.91
C GLN B 474 24.65 1.80 -33.29
N ASN B 475 25.96 1.62 -33.43
CA ASN B 475 26.86 2.66 -33.98
C ASN B 475 27.26 2.37 -35.42
N GLY B 476 28.10 1.34 -35.63
CA GLY B 476 28.58 1.00 -36.98
C GLY B 476 28.92 -0.45 -37.30
N LEU B 477 28.41 -1.40 -36.53
CA LEU B 477 28.65 -2.82 -36.77
C LEU B 477 27.40 -3.43 -37.41
N SER B 478 27.60 -4.16 -38.50
CA SER B 478 26.52 -4.86 -39.22
C SER B 478 26.79 -6.35 -39.17
N MET B 479 25.91 -7.09 -38.49
CA MET B 479 26.13 -8.52 -38.23
C MET B 479 26.06 -9.41 -39.48
N ARG B 480 25.48 -8.90 -40.56
CA ARG B 480 25.51 -9.55 -41.88
C ARG B 480 26.96 -9.71 -42.39
N GLU B 481 27.77 -8.65 -42.24
CA GLU B 481 29.19 -8.68 -42.63
C GLU B 481 30.09 -9.34 -41.59
N PHE B 482 29.81 -9.09 -40.31
CA PHE B 482 30.65 -9.57 -39.20
C PHE B 482 30.67 -11.09 -39.08
N LEU B 483 29.49 -11.69 -38.89
CA LEU B 483 29.38 -13.11 -38.57
C LEU B 483 29.59 -14.00 -39.79
N SER B 484 30.74 -14.68 -39.84
CA SER B 484 31.00 -15.76 -40.80
C SER B 484 30.82 -17.10 -40.07
N LEU B 485 31.09 -18.20 -40.75
CA LEU B 485 30.99 -19.54 -40.15
C LEU B 485 32.09 -19.80 -39.11
N ASP B 486 33.31 -19.37 -39.41
CA ASP B 486 34.47 -19.56 -38.52
C ASP B 486 34.31 -18.82 -37.18
N ILE B 487 33.75 -17.62 -37.22
CA ILE B 487 33.45 -16.83 -36.02
C ILE B 487 32.42 -17.55 -35.16
N LEU B 488 31.37 -18.09 -35.80
CA LEU B 488 30.32 -18.83 -35.10
C LEU B 488 30.85 -20.11 -34.47
N CYS B 489 31.68 -20.84 -35.21
CA CYS B 489 32.37 -22.02 -34.65
C CYS B 489 33.34 -21.65 -33.53
N LYS B 490 34.02 -20.50 -33.67
CA LYS B 490 34.87 -19.96 -32.60
C LYS B 490 34.06 -19.58 -31.34
N LEU B 491 32.85 -19.04 -31.53
CA LEU B 491 31.97 -18.74 -30.40
C LEU B 491 31.55 -19.99 -29.62
N TYR B 492 31.19 -21.05 -30.33
CA TYR B 492 30.85 -22.34 -29.67
C TYR B 492 32.08 -23.08 -29.14
N ALA B 493 33.24 -22.89 -29.78
CA ALA B 493 34.50 -23.47 -29.28
C ALA B 493 34.92 -22.92 -27.92
N GLU B 494 34.67 -21.64 -27.68
CA GLU B 494 35.07 -20.95 -26.45
C GLU B 494 33.88 -20.74 -25.48
N VAL B 495 33.09 -21.80 -25.26
CA VAL B 495 32.07 -21.77 -24.20
C VAL B 495 32.77 -21.89 -22.83
N PRO B 496 32.18 -21.30 -21.76
CA PRO B 496 32.91 -21.13 -20.50
C PRO B 496 33.49 -22.40 -19.84
N GLY B 497 32.62 -23.35 -19.48
CA GLY B 497 33.02 -24.53 -18.70
C GLY B 497 32.05 -24.82 -17.56
N ASN B 498 31.61 -23.75 -16.89
CA ASN B 498 30.61 -23.87 -15.81
C ASN B 498 29.14 -23.91 -16.30
N THR B 499 28.92 -23.86 -17.61
CA THR B 499 27.57 -23.90 -18.21
C THR B 499 27.06 -25.32 -18.41
N THR B 500 25.76 -25.43 -18.71
CA THR B 500 25.09 -26.70 -18.96
C THR B 500 25.36 -27.24 -20.38
N ILE B 501 25.53 -26.34 -21.34
CA ILE B 501 25.78 -26.71 -22.75
C ILE B 501 27.12 -27.43 -22.99
N LYS B 502 28.13 -27.14 -22.16
CA LYS B 502 29.49 -27.69 -22.32
C LYS B 502 29.55 -29.23 -22.13
N PRO B 503 28.94 -29.77 -21.06
CA PRO B 503 28.78 -31.23 -20.96
C PRO B 503 28.01 -31.86 -22.13
N LEU B 504 26.92 -31.21 -22.54
CA LEU B 504 26.08 -31.69 -23.65
C LEU B 504 26.83 -31.74 -24.97
N LEU B 505 27.58 -30.67 -25.28
CA LEU B 505 28.43 -30.65 -26.48
C LEU B 505 29.55 -31.69 -26.43
N GLN B 506 30.18 -31.83 -25.25
CA GLN B 506 31.23 -32.84 -25.04
C GLN B 506 30.70 -34.28 -25.17
N LYS B 507 29.52 -34.54 -24.63
CA LYS B 507 28.87 -35.86 -24.75
C LYS B 507 28.46 -36.17 -26.20
N GLU B 508 28.03 -35.15 -26.95
CA GLU B 508 27.61 -35.34 -28.34
C GLU B 508 28.81 -35.60 -29.27
N MET B 509 29.85 -34.79 -29.15
CA MET B 509 31.08 -34.99 -29.95
C MET B 509 31.98 -36.09 -29.38
N GLY B 510 31.70 -36.53 -28.14
CA GLY B 510 32.38 -37.69 -27.55
C GLY B 510 32.07 -38.97 -28.31
N LYS B 511 30.77 -39.22 -28.53
CA LYS B 511 30.34 -40.27 -29.46
C LYS B 511 30.59 -39.81 -30.90
N ARG B 512 30.75 -40.78 -31.80
CA ARG B 512 31.12 -40.55 -33.21
C ARG B 512 32.52 -39.93 -33.46
N GLN B 513 33.34 -39.84 -32.40
CA GLN B 513 34.77 -39.49 -32.46
C GLN B 513 35.12 -38.33 -33.41
N VAL B 514 34.78 -37.11 -32.99
CA VAL B 514 35.11 -35.88 -33.71
C VAL B 514 35.84 -34.95 -32.74
N LYS B 515 37.04 -34.52 -33.12
CA LYS B 515 37.91 -33.72 -32.25
C LYS B 515 37.65 -32.21 -32.33
N THR B 516 37.07 -31.73 -33.44
CA THR B 516 36.80 -30.29 -33.64
C THR B 516 35.30 -30.02 -33.66
N ILE B 517 34.87 -28.99 -32.93
CA ILE B 517 33.46 -28.57 -32.92
C ILE B 517 33.03 -27.96 -34.26
N ASP B 518 31.84 -28.33 -34.70
CA ASP B 518 31.19 -27.74 -35.89
C ASP B 518 29.68 -27.65 -35.66
N MET B 519 28.96 -27.05 -36.61
CA MET B 519 27.53 -26.74 -36.42
C MET B 519 26.59 -27.96 -36.47
N ASP B 520 27.08 -29.08 -37.01
CA ASP B 520 26.32 -30.35 -36.98
C ASP B 520 26.13 -30.86 -35.54
N VAL B 521 27.17 -30.71 -34.71
CA VAL B 521 27.12 -31.07 -33.29
C VAL B 521 26.12 -30.17 -32.56
N VAL B 522 26.24 -28.85 -32.79
CA VAL B 522 25.37 -27.86 -32.16
C VAL B 522 23.91 -28.05 -32.60
N GLY B 523 23.72 -28.36 -33.88
CA GLY B 523 22.39 -28.69 -34.41
C GLY B 523 21.75 -29.88 -33.73
N GLU B 524 22.52 -30.96 -33.57
CA GLU B 524 22.02 -32.18 -32.92
C GLU B 524 21.69 -31.99 -31.44
N VAL B 525 22.45 -31.14 -30.74
CA VAL B 525 22.16 -30.78 -29.35
C VAL B 525 20.86 -29.95 -29.24
N ILE B 526 20.69 -28.99 -30.16
CA ILE B 526 19.45 -28.21 -30.24
C ILE B 526 18.25 -29.11 -30.63
N GLU B 527 18.50 -30.10 -31.48
CA GLU B 527 17.46 -31.08 -31.86
C GLU B 527 16.98 -31.93 -30.68
N GLU B 528 17.92 -32.44 -29.87
CA GLU B 528 17.55 -33.25 -28.70
C GLU B 528 17.02 -32.45 -27.51
N LEU B 529 17.26 -31.13 -27.48
CA LEU B 529 16.63 -30.23 -26.50
C LEU B 529 15.21 -29.78 -26.89
N MET B 530 14.76 -30.13 -28.10
CA MET B 530 13.37 -29.91 -28.53
C MET B 530 12.86 -31.20 -29.17
N GLY B 531 12.27 -32.06 -28.35
CA GLY B 531 12.05 -33.46 -28.70
C GLY B 531 10.97 -33.80 -29.71
N ASP B 532 10.05 -32.87 -29.98
CA ASP B 532 8.89 -33.14 -30.84
C ASP B 532 9.23 -33.04 -32.33
N MET B 533 10.10 -33.95 -32.79
CA MET B 533 10.61 -33.97 -34.17
C MET B 533 11.06 -32.60 -34.70
N PHE B 534 11.84 -31.88 -33.90
CA PHE B 534 12.42 -30.61 -34.31
C PHE B 534 13.59 -30.89 -35.26
N GLU B 535 13.79 -29.97 -36.21
CA GLU B 535 14.84 -30.09 -37.21
C GLU B 535 15.58 -28.76 -37.34
N SER B 536 16.74 -28.66 -36.70
CA SER B 536 17.57 -27.46 -36.77
C SER B 536 18.16 -27.30 -38.17
N TYR B 537 18.21 -26.06 -38.65
CA TYR B 537 18.66 -25.75 -40.01
C TYR B 537 20.17 -25.94 -40.26
N TYR B 538 20.95 -26.11 -39.19
CA TYR B 538 22.39 -26.43 -39.29
C TYR B 538 22.63 -27.78 -39.96
N ARG B 539 21.74 -28.74 -39.72
CA ARG B 539 21.88 -30.10 -40.25
C ARG B 539 21.57 -30.20 -41.75
N LYS B 540 20.79 -29.26 -42.27
CA LYS B 540 20.33 -29.29 -43.68
C LYS B 540 20.86 -28.16 -44.56
N ASP B 541 20.94 -26.94 -44.04
CA ASP B 541 21.32 -25.77 -44.85
C ASP B 541 22.79 -25.81 -45.28
N GLY B 542 23.05 -25.47 -46.54
CA GLY B 542 24.39 -25.55 -47.12
C GLY B 542 25.41 -24.53 -46.62
N HIS B 543 24.93 -23.43 -46.04
CA HIS B 543 25.82 -22.38 -45.51
C HIS B 543 26.59 -22.78 -44.25
N TYR B 544 26.14 -23.83 -43.55
CA TYR B 544 26.76 -24.27 -42.29
C TYR B 544 27.51 -25.60 -42.45
N PHE B 545 28.34 -25.69 -43.48
CA PHE B 545 29.25 -26.83 -43.70
C PHE B 545 30.62 -26.34 -44.19
N GLY B 546 31.61 -27.22 -44.09
CA GLY B 546 32.98 -26.90 -44.52
C GLY B 546 33.90 -28.10 -44.53
N ILE B 573 32.86 -14.64 -50.46
CA ILE B 573 31.90 -15.51 -49.78
C ILE B 573 30.59 -14.74 -49.51
N ASP B 574 29.46 -15.45 -49.62
CA ASP B 574 28.14 -14.88 -49.30
C ASP B 574 27.85 -15.04 -47.80
N PRO B 575 27.09 -14.09 -47.20
CA PRO B 575 26.87 -14.11 -45.76
C PRO B 575 25.87 -15.18 -45.32
N LEU B 576 25.78 -15.41 -44.00
CA LEU B 576 24.87 -16.40 -43.44
C LEU B 576 23.41 -15.90 -43.50
N PRO B 577 22.42 -16.81 -43.62
CA PRO B 577 21.02 -16.40 -43.73
C PRO B 577 20.46 -15.61 -42.54
N THR B 578 20.70 -16.10 -41.33
CA THR B 578 20.17 -15.49 -40.10
C THR B 578 21.28 -15.32 -39.05
N PRO B 579 22.06 -14.22 -39.12
CA PRO B 579 23.11 -13.96 -38.14
C PRO B 579 22.61 -13.65 -36.73
N TYR B 580 21.60 -12.81 -36.61
CA TYR B 580 21.04 -12.45 -35.30
C TYR B 580 20.45 -13.64 -34.55
N LEU B 581 19.81 -14.56 -35.28
CA LEU B 581 19.17 -15.73 -34.69
C LEU B 581 20.17 -16.69 -34.06
N ASP B 582 21.18 -17.11 -34.82
CA ASP B 582 22.15 -18.11 -34.33
C ASP B 582 23.13 -17.57 -33.28
N VAL B 583 23.38 -16.26 -33.27
CA VAL B 583 24.14 -15.63 -32.19
C VAL B 583 23.25 -15.50 -30.94
N PHE B 584 21.95 -15.22 -31.13
CA PHE B 584 20.97 -15.25 -30.04
C PHE B 584 20.81 -16.66 -29.43
N LEU B 585 20.81 -17.69 -30.28
CA LEU B 585 20.77 -19.08 -29.81
C LEU B 585 22.02 -19.43 -28.99
N TRP B 586 23.19 -18.97 -29.45
CA TRP B 586 24.43 -19.12 -28.68
C TRP B 586 24.34 -18.41 -27.32
N ALA B 587 23.75 -17.21 -27.31
CA ALA B 587 23.60 -16.44 -26.07
C ALA B 587 22.70 -17.13 -25.04
N VAL B 588 21.55 -17.64 -25.48
CA VAL B 588 20.61 -18.35 -24.58
C VAL B 588 21.12 -19.73 -24.11
N LEU B 589 21.88 -20.42 -24.96
CA LEU B 589 22.49 -21.71 -24.57
C LEU B 589 23.63 -21.56 -23.55
N CYS B 590 24.31 -20.41 -23.56
CA CYS B 590 25.34 -20.09 -22.55
C CYS B 590 24.77 -19.52 -21.24
N ASN B 591 23.47 -19.26 -21.19
CA ASN B 591 22.79 -18.69 -20.03
C ASN B 591 23.29 -17.28 -19.70
N ARG B 592 23.50 -16.47 -20.73
CA ARG B 592 23.89 -15.06 -20.59
C ARG B 592 22.64 -14.20 -20.72
N ARG B 593 22.17 -13.64 -19.60
CA ARG B 593 20.89 -12.92 -19.57
C ARG B 593 20.89 -11.62 -20.37
N GLU B 594 21.85 -10.74 -20.08
CA GLU B 594 21.93 -9.42 -20.70
C GLU B 594 22.26 -9.49 -22.19
N LEU B 595 23.19 -10.37 -22.55
CA LEU B 595 23.57 -10.56 -23.96
C LEU B 595 22.43 -11.13 -24.80
N ALA B 596 21.69 -12.08 -24.23
CA ALA B 596 20.51 -12.65 -24.89
C ALA B 596 19.41 -11.59 -25.07
N ARG B 597 19.20 -10.75 -24.06
CA ARG B 597 18.24 -9.64 -24.15
C ARG B 597 18.63 -8.65 -25.27
N VAL B 598 19.90 -8.25 -25.28
CA VAL B 598 20.43 -7.34 -26.31
C VAL B 598 20.21 -7.90 -27.72
N LEU B 599 20.53 -9.18 -27.90
CA LEU B 599 20.36 -9.85 -29.21
C LEU B 599 18.90 -10.16 -29.56
N TRP B 600 18.06 -10.34 -28.54
CA TRP B 600 16.61 -10.53 -28.76
C TRP B 600 15.94 -9.27 -29.32
N GLU B 601 16.30 -8.11 -28.76
CA GLU B 601 15.71 -6.83 -29.17
C GLU B 601 16.04 -6.45 -30.63
N ALA B 602 17.22 -6.88 -31.11
CA ALA B 602 17.60 -6.72 -32.52
C ALA B 602 17.45 -8.06 -33.26
N GLY B 603 16.20 -8.43 -33.54
CA GLY B 603 15.88 -9.70 -34.20
C GLY B 603 14.59 -9.65 -35.01
N ARG B 604 14.41 -10.61 -35.91
CA ARG B 604 13.33 -10.57 -36.90
C ARG B 604 11.97 -11.08 -36.37
N GLU B 605 11.98 -12.23 -35.71
CA GLU B 605 10.78 -12.77 -35.04
C GLU B 605 11.01 -12.79 -33.54
N PRO B 606 10.57 -11.73 -32.82
CA PRO B 606 10.75 -11.69 -31.36
C PRO B 606 9.92 -12.73 -30.59
N MET B 607 8.66 -12.92 -31.02
CA MET B 607 7.72 -13.80 -30.32
C MET B 607 8.11 -15.26 -30.41
N ALA B 608 8.45 -15.71 -31.62
CA ALA B 608 8.90 -17.10 -31.85
C ALA B 608 10.24 -17.40 -31.18
N ALA B 609 11.16 -16.44 -31.25
CA ALA B 609 12.48 -16.58 -30.61
C ALA B 609 12.38 -16.68 -29.09
N ALA B 610 11.50 -15.86 -28.50
CA ALA B 610 11.23 -15.89 -27.06
C ALA B 610 10.66 -17.24 -26.61
N LEU B 611 9.72 -17.77 -27.38
CA LEU B 611 9.14 -19.09 -27.09
C LEU B 611 10.14 -20.24 -27.26
N MET B 612 10.99 -20.16 -28.28
CA MET B 612 12.08 -21.14 -28.46
C MET B 612 13.11 -21.03 -27.34
N ALA B 613 13.42 -19.80 -26.91
CA ALA B 613 14.36 -19.58 -25.81
C ALA B 613 13.87 -20.24 -24.52
N SER B 614 12.62 -19.94 -24.14
CA SER B 614 12.02 -20.52 -22.92
C SER B 614 11.97 -22.05 -22.96
N ARG B 615 11.70 -22.63 -24.14
CA ARG B 615 11.76 -24.08 -24.34
C ARG B 615 13.16 -24.62 -24.06
N LEU B 616 14.16 -24.03 -24.72
CA LEU B 616 15.57 -24.41 -24.52
C LEU B 616 16.00 -24.28 -23.06
N LEU B 617 15.69 -23.15 -22.42
CA LEU B 617 16.11 -22.92 -21.02
C LEU B 617 15.52 -23.94 -20.03
N LYS B 618 14.20 -24.11 -20.05
CA LYS B 618 13.55 -25.00 -19.08
C LYS B 618 13.80 -26.49 -19.36
N ARG B 619 14.04 -26.85 -20.62
CA ARG B 619 14.40 -28.23 -20.97
C ARG B 619 15.83 -28.56 -20.52
N MET B 620 16.78 -27.64 -20.71
CA MET B 620 18.14 -27.83 -20.21
C MET B 620 18.21 -27.67 -18.67
N ALA B 621 17.27 -26.93 -18.09
CA ALA B 621 17.10 -26.89 -16.63
C ALA B 621 16.76 -28.27 -16.05
N SER B 622 15.77 -28.94 -16.65
CA SER B 622 15.38 -30.30 -16.24
C SER B 622 16.49 -31.32 -16.51
N ARG B 623 17.22 -31.12 -17.61
CA ARG B 623 18.40 -31.92 -17.94
C ARG B 623 19.50 -31.74 -16.88
N ALA B 624 19.73 -30.50 -16.46
CA ALA B 624 20.71 -30.21 -15.40
C ALA B 624 20.28 -30.75 -14.02
N GLN B 625 18.97 -30.77 -13.77
CA GLN B 625 18.42 -31.25 -12.49
C GLN B 625 18.54 -32.75 -12.31
N GLU B 626 18.12 -33.52 -13.32
CA GLU B 626 18.04 -34.99 -13.22
C GLU B 626 19.36 -35.76 -13.47
N ASP B 627 20.43 -35.05 -13.84
CA ASP B 627 21.72 -35.68 -14.14
C ASP B 627 22.75 -35.34 -13.05
N ASN B 628 23.54 -36.34 -12.67
CA ASN B 628 24.55 -36.20 -11.60
C ASN B 628 25.86 -35.60 -12.12
N THR B 629 26.21 -35.90 -13.37
CA THR B 629 27.43 -35.36 -14.02
C THR B 629 27.26 -33.96 -14.64
N ILE B 630 26.14 -33.29 -14.35
CA ILE B 630 25.95 -31.87 -14.68
C ILE B 630 25.56 -31.14 -13.39
N THR B 631 26.15 -29.97 -13.17
CA THR B 631 25.93 -29.20 -11.94
C THR B 631 24.54 -28.56 -11.92
N ASP B 632 23.89 -28.60 -10.76
CA ASP B 632 22.52 -28.11 -10.61
C ASP B 632 22.48 -26.58 -10.53
N ILE B 633 22.12 -25.95 -11.65
CA ILE B 633 21.84 -24.51 -11.72
C ILE B 633 20.41 -24.31 -12.25
N SER B 634 19.51 -25.18 -11.78
CA SER B 634 18.18 -25.35 -12.38
C SER B 634 17.23 -24.18 -12.13
N SER B 635 17.24 -23.68 -10.89
CA SER B 635 16.40 -22.53 -10.52
C SER B 635 16.77 -21.24 -11.28
N ASP B 636 18.05 -21.08 -11.59
CA ASP B 636 18.52 -19.97 -12.42
C ASP B 636 17.99 -20.09 -13.86
N LEU B 637 18.05 -21.30 -14.41
CA LEU B 637 17.55 -21.57 -15.76
C LEU B 637 16.02 -21.46 -15.88
N TYR B 638 15.29 -21.90 -14.85
CA TYR B 638 13.82 -21.73 -14.82
C TYR B 638 13.41 -20.25 -14.74
N ASP B 639 14.15 -19.48 -13.95
CA ASP B 639 13.91 -18.04 -13.82
C ASP B 639 14.18 -17.29 -15.14
N HIS B 640 15.22 -17.71 -15.85
CA HIS B 640 15.56 -17.14 -17.17
C HIS B 640 14.52 -17.52 -18.23
N ALA B 641 14.04 -18.77 -18.18
CA ALA B 641 12.93 -19.22 -19.02
C ALA B 641 11.64 -18.42 -18.78
N ARG B 642 11.39 -18.10 -17.51
CA ARG B 642 10.22 -17.31 -17.13
C ARG B 642 10.28 -15.87 -17.69
N LEU B 643 11.48 -15.28 -17.71
CA LEU B 643 11.68 -13.95 -18.31
C LEU B 643 11.32 -13.91 -19.79
N PHE B 644 11.78 -14.91 -20.54
CA PHE B 644 11.45 -15.01 -21.97
C PHE B 644 9.97 -15.30 -22.22
N GLU B 645 9.33 -16.03 -21.31
CA GLU B 645 7.88 -16.26 -21.38
C GLU B 645 7.10 -14.95 -21.25
N GLU B 646 7.51 -14.11 -20.29
CA GLU B 646 6.90 -12.77 -20.11
C GLU B 646 7.07 -11.88 -21.34
N ARG B 647 8.24 -11.93 -21.97
CA ARG B 647 8.52 -11.16 -23.19
C ARG B 647 7.63 -11.59 -24.36
N ALA B 648 7.44 -12.90 -24.53
CA ALA B 648 6.57 -13.45 -25.58
C ALA B 648 5.12 -13.00 -25.42
N VAL B 649 4.62 -13.04 -24.18
CA VAL B 649 3.25 -12.61 -23.87
C VAL B 649 3.09 -11.09 -24.10
N GLY B 650 4.11 -10.32 -23.71
CA GLY B 650 4.11 -8.87 -23.91
C GLY B 650 4.04 -8.43 -25.35
N VAL B 651 4.78 -9.12 -26.22
CA VAL B 651 4.76 -8.85 -27.66
C VAL B 651 3.40 -9.25 -28.26
N LEU B 652 2.84 -10.38 -27.83
CA LEU B 652 1.50 -10.79 -28.25
C LEU B 652 0.44 -9.79 -27.83
N ASP B 653 0.53 -9.32 -26.58
CA ASP B 653 -0.44 -8.34 -26.05
C ASP B 653 -0.44 -7.04 -26.83
N GLU B 654 0.74 -6.55 -27.20
CA GLU B 654 0.87 -5.33 -28.00
C GLU B 654 0.37 -5.54 -29.44
N CYS B 655 0.70 -6.69 -30.02
CA CYS B 655 0.15 -7.09 -31.33
C CYS B 655 -1.37 -7.19 -31.32
N PHE B 656 -1.93 -7.69 -30.23
CA PHE B 656 -3.39 -7.79 -30.07
C PHE B 656 -4.05 -6.42 -29.95
N ASN B 657 -3.43 -5.50 -29.21
CA ASN B 657 -3.97 -4.14 -29.04
C ASN B 657 -3.96 -3.31 -30.33
N GLU B 658 -2.99 -3.53 -31.21
CA GLU B 658 -2.91 -2.82 -32.49
C GLU B 658 -3.96 -3.32 -33.48
N ASN B 659 -3.95 -4.62 -33.77
CA ASN B 659 -4.94 -5.26 -34.65
C ASN B 659 -5.22 -6.69 -34.16
N GLU B 660 -6.49 -6.97 -33.86
CA GLU B 660 -6.88 -8.24 -33.24
C GLU B 660 -6.92 -9.43 -34.22
N THR B 661 -7.21 -9.16 -35.49
CA THR B 661 -7.33 -10.22 -36.50
C THR B 661 -5.97 -10.70 -36.99
N LEU B 662 -5.13 -9.76 -37.42
CA LEU B 662 -3.79 -10.09 -37.95
C LEU B 662 -2.84 -10.67 -36.89
N SER B 663 -3.10 -10.39 -35.61
CA SER B 663 -2.38 -11.03 -34.50
C SER B 663 -2.69 -12.52 -34.41
N GLN B 664 -3.94 -12.90 -34.69
CA GLN B 664 -4.34 -14.31 -34.76
C GLN B 664 -3.78 -15.00 -36.00
N THR B 665 -3.63 -14.25 -37.10
CA THR B 665 -2.89 -14.71 -38.28
C THR B 665 -1.41 -14.88 -37.97
N LEU B 666 -0.86 -13.96 -37.16
CA LEU B 666 0.52 -14.02 -36.66
C LEU B 666 0.81 -15.31 -35.85
N LEU B 667 -0.18 -15.79 -35.10
CA LEU B 667 -0.05 -17.03 -34.31
C LEU B 667 -0.01 -18.33 -35.12
N VAL B 668 -0.57 -18.32 -36.34
CA VAL B 668 -0.61 -19.52 -37.20
C VAL B 668 0.31 -19.43 -38.43
N ARG B 669 1.33 -18.56 -38.37
CA ARG B 669 2.31 -18.45 -39.46
C ARG B 669 3.20 -19.68 -39.49
N GLU B 670 3.38 -20.26 -40.67
CA GLU B 670 4.32 -21.36 -40.86
C GLU B 670 5.74 -20.77 -40.93
N LEU B 671 6.45 -20.82 -39.80
CA LEU B 671 7.80 -20.24 -39.69
C LEU B 671 8.83 -21.16 -40.32
N ASP B 672 9.62 -20.64 -41.26
CA ASP B 672 10.61 -21.43 -41.99
C ASP B 672 11.90 -21.68 -41.20
N HIS B 673 12.31 -20.71 -40.39
CA HIS B 673 13.53 -20.82 -39.58
C HIS B 673 13.39 -21.67 -38.31
N TYR B 674 12.15 -22.01 -37.94
CA TYR B 674 11.88 -22.84 -36.76
C TYR B 674 11.31 -24.23 -37.14
N SER B 675 11.82 -24.80 -38.23
CA SER B 675 11.46 -26.14 -38.71
C SER B 675 9.99 -26.32 -39.08
N ARG B 676 9.47 -25.36 -39.86
CA ARG B 676 8.06 -25.35 -40.33
C ARG B 676 7.03 -25.42 -39.18
N MET B 677 7.42 -24.90 -38.01
CA MET B 677 6.60 -24.99 -36.80
C MET B 677 6.04 -23.61 -36.47
N THR B 678 4.75 -23.55 -36.15
CA THR B 678 4.09 -22.27 -35.86
C THR B 678 4.25 -21.84 -34.40
N ALA B 679 3.94 -20.57 -34.14
CA ALA B 679 4.14 -19.95 -32.82
C ALA B 679 3.25 -20.55 -31.73
N LEU B 680 2.05 -20.99 -32.10
CA LEU B 680 1.13 -21.66 -31.18
C LEU B 680 1.68 -23.03 -30.73
N GLU B 681 2.30 -23.76 -31.66
CA GLU B 681 2.95 -25.04 -31.37
C GLU B 681 4.20 -24.86 -30.50
N LEU B 682 4.98 -23.81 -30.77
CA LEU B 682 6.11 -23.44 -29.92
C LEU B 682 5.66 -23.07 -28.49
N ALA B 683 4.52 -22.36 -28.38
CA ALA B 683 3.95 -22.00 -27.09
C ALA B 683 3.30 -23.18 -26.35
N VAL B 684 3.00 -24.27 -27.06
CA VAL B 684 2.53 -25.52 -26.45
C VAL B 684 3.72 -26.44 -26.07
N SER B 685 4.76 -26.46 -26.91
CA SER B 685 5.96 -27.29 -26.64
C SER B 685 6.61 -26.93 -25.30
N ALA B 686 6.98 -25.66 -25.14
CA ALA B 686 7.28 -25.11 -23.82
C ALA B 686 5.94 -24.85 -23.16
N GLU B 687 5.70 -25.46 -22.00
CA GLU B 687 4.38 -25.41 -21.36
C GLU B 687 4.11 -24.00 -20.82
N SER B 688 3.74 -23.10 -21.74
CA SER B 688 3.56 -21.69 -21.43
C SER B 688 2.07 -21.38 -21.32
N GLN B 689 1.55 -21.51 -20.10
CA GLN B 689 0.12 -21.32 -19.84
C GLN B 689 -0.34 -19.87 -19.97
N ASP B 690 0.55 -18.92 -19.64
CA ASP B 690 0.25 -17.49 -19.76
C ASP B 690 0.06 -17.04 -21.22
N PHE B 691 0.77 -17.68 -22.14
CA PHE B 691 0.65 -17.37 -23.58
C PHE B 691 -0.66 -17.91 -24.15
N ILE B 692 -0.98 -19.17 -23.84
CA ILE B 692 -2.19 -19.81 -24.35
C ILE B 692 -3.46 -19.23 -23.67
N ALA B 693 -3.34 -18.83 -22.41
CA ALA B 693 -4.45 -18.19 -21.69
C ALA B 693 -4.77 -16.75 -22.14
N HIS B 694 -3.90 -16.14 -22.93
CA HIS B 694 -4.13 -14.78 -23.46
C HIS B 694 -5.31 -14.75 -24.43
N THR B 695 -6.02 -13.62 -24.45
CA THR B 695 -7.28 -13.46 -25.21
C THR B 695 -7.16 -13.77 -26.71
N SER B 696 -6.04 -13.39 -27.31
CA SER B 696 -5.76 -13.64 -28.72
C SER B 696 -5.75 -15.13 -29.07
N CYS B 697 -5.06 -15.92 -28.25
CA CYS B 697 -5.02 -17.39 -28.42
C CYS B 697 -6.38 -18.04 -28.18
N GLN B 698 -7.09 -17.57 -27.16
CA GLN B 698 -8.41 -18.11 -26.81
C GLN B 698 -9.46 -17.84 -27.90
N VAL B 699 -9.45 -16.63 -28.45
CA VAL B 699 -10.33 -16.29 -29.58
C VAL B 699 -9.95 -17.07 -30.84
N LEU B 700 -8.65 -17.25 -31.06
CA LEU B 700 -8.15 -18.09 -32.17
C LEU B 700 -8.62 -19.53 -32.05
N LEU B 701 -8.49 -20.10 -30.84
CA LEU B 701 -8.96 -21.48 -30.59
C LEU B 701 -10.47 -21.64 -30.80
N THR B 702 -11.25 -20.61 -30.45
CA THR B 702 -12.70 -20.60 -30.71
C THR B 702 -13.00 -20.51 -32.21
N ARG B 703 -12.18 -19.74 -32.95
CA ARG B 703 -12.30 -19.67 -34.41
C ARG B 703 -11.90 -20.99 -35.09
N LEU B 704 -10.86 -21.65 -34.59
CA LEU B 704 -10.46 -22.97 -35.11
C LEU B 704 -11.49 -24.05 -34.77
N TRP B 705 -12.12 -23.93 -33.60
CA TRP B 705 -13.24 -24.80 -33.19
C TRP B 705 -14.43 -24.64 -34.13
N MET B 706 -14.69 -23.40 -34.56
CA MET B 706 -15.69 -23.08 -35.60
C MET B 706 -15.02 -23.10 -36.97
N GLY B 707 -14.55 -24.28 -37.37
CA GLY B 707 -13.74 -24.42 -38.59
C GLY B 707 -14.54 -24.22 -39.85
N THR B 708 -14.36 -23.07 -40.49
CA THR B 708 -15.04 -22.71 -41.76
C THR B 708 -16.56 -22.72 -41.59
N MET B 709 -17.03 -22.01 -40.58
CA MET B 709 -18.46 -21.98 -40.24
C MET B 709 -18.74 -20.73 -39.40
N ALA B 710 -19.92 -20.15 -39.57
CA ALA B 710 -20.27 -18.87 -38.92
C ALA B 710 -20.15 -18.94 -37.40
N MET B 711 -19.76 -17.82 -36.80
CA MET B 711 -19.38 -17.77 -35.38
C MET B 711 -20.54 -18.04 -34.42
N ASN B 712 -21.77 -17.72 -34.82
CA ASN B 712 -22.95 -17.87 -33.97
C ASN B 712 -23.92 -18.98 -34.44
N THR B 713 -23.35 -20.10 -34.91
CA THR B 713 -24.12 -21.29 -35.26
C THR B 713 -24.30 -22.13 -34.00
N ARG B 714 -25.54 -22.30 -33.55
CA ARG B 714 -25.84 -23.00 -32.30
C ARG B 714 -25.82 -24.52 -32.48
N TRP B 715 -25.71 -25.22 -31.36
CA TRP B 715 -25.59 -26.70 -31.33
C TRP B 715 -26.73 -27.46 -32.01
N TRP B 716 -27.96 -27.00 -31.79
CA TRP B 716 -29.17 -27.66 -32.32
C TRP B 716 -29.27 -27.53 -33.84
N LYS B 717 -28.87 -26.38 -34.37
CA LYS B 717 -28.81 -26.14 -35.81
C LYS B 717 -27.83 -27.11 -36.49
N VAL B 718 -26.69 -27.32 -35.85
CA VAL B 718 -25.70 -28.32 -36.30
C VAL B 718 -26.28 -29.72 -36.16
N LEU B 719 -26.91 -30.00 -35.01
CA LEU B 719 -27.55 -31.30 -34.76
C LEU B 719 -28.61 -31.68 -35.79
N VAL B 720 -29.42 -30.71 -36.22
CA VAL B 720 -30.42 -30.92 -37.28
C VAL B 720 -29.73 -31.17 -38.63
N CYS B 721 -28.78 -30.30 -38.99
CA CYS B 721 -28.07 -30.40 -40.27
C CYS B 721 -27.13 -31.60 -40.39
N LEU B 722 -26.73 -32.19 -39.26
CA LEU B 722 -25.84 -33.37 -39.27
C LEU B 722 -26.52 -34.61 -39.86
N TYR B 723 -27.80 -34.80 -39.55
CA TYR B 723 -28.59 -35.95 -40.05
C TYR B 723 -29.47 -35.63 -41.27
N LEU B 724 -29.84 -34.36 -41.44
CA LEU B 724 -30.55 -33.89 -42.64
C LEU B 724 -29.61 -33.01 -43.47
N PRO B 725 -28.79 -33.62 -44.35
CA PRO B 725 -27.86 -32.82 -45.17
C PRO B 725 -28.48 -32.01 -46.32
N VAL B 726 -29.80 -32.09 -46.52
CA VAL B 726 -30.49 -31.16 -47.43
C VAL B 726 -30.70 -29.77 -46.80
N LEU B 727 -30.81 -29.72 -45.47
CA LEU B 727 -30.85 -28.43 -44.73
C LEU B 727 -29.47 -27.77 -44.53
N ILE B 728 -28.40 -28.39 -45.05
CA ILE B 728 -27.03 -27.91 -44.86
C ILE B 728 -26.76 -26.55 -45.54
N PHE B 729 -27.41 -26.30 -46.68
CA PHE B 729 -27.20 -25.07 -47.46
C PHE B 729 -28.03 -23.86 -47.00
N PRO B 730 -29.35 -24.03 -46.78
CA PRO B 730 -30.16 -22.85 -46.42
C PRO B 730 -29.86 -22.19 -45.06
N ILE B 731 -29.77 -22.98 -43.99
CA ILE B 731 -29.73 -22.43 -42.61
C ILE B 731 -28.35 -22.24 -41.97
N ILE B 732 -27.33 -22.94 -42.48
CA ILE B 732 -25.95 -22.78 -41.97
C ILE B 732 -25.24 -21.65 -42.72
N TYR B 733 -24.85 -20.61 -42.00
CA TYR B 733 -23.99 -19.55 -42.54
C TYR B 733 -22.52 -19.93 -42.41
N PHE B 734 -21.68 -19.30 -43.22
CA PHE B 734 -20.25 -19.63 -43.30
C PHE B 734 -19.39 -18.37 -43.18
N VAL B 735 -18.07 -18.55 -43.11
CA VAL B 735 -17.13 -17.42 -42.92
C VAL B 735 -17.11 -16.45 -44.10
N PRO B 736 -17.11 -16.96 -45.36
CA PRO B 736 -17.20 -16.04 -46.51
C PRO B 736 -18.45 -15.15 -46.52
N ASP B 737 -19.58 -15.69 -46.06
CA ASP B 737 -20.86 -14.97 -46.05
C ASP B 737 -20.83 -13.76 -45.11
N GLU B 738 -20.39 -13.98 -43.87
CA GLU B 738 -20.28 -12.90 -42.88
C GLU B 738 -19.20 -11.87 -43.24
N GLN B 739 -18.07 -12.33 -43.79
CA GLN B 739 -17.00 -11.44 -44.25
C GLN B 739 -17.42 -10.62 -45.48
N HIS B 740 -18.17 -11.24 -46.41
CA HIS B 740 -18.75 -10.51 -47.54
C HIS B 740 -19.74 -9.44 -47.08
N GLU B 741 -20.55 -9.76 -46.07
CA GLU B 741 -21.51 -8.82 -45.48
C GLU B 741 -20.82 -7.62 -44.81
N ARG B 742 -19.77 -7.90 -44.03
CA ARG B 742 -18.99 -6.85 -43.35
C ARG B 742 -18.28 -5.92 -44.35
N GLN B 743 -17.66 -6.51 -45.37
CA GLN B 743 -16.99 -5.74 -46.42
C GLN B 743 -17.97 -4.91 -47.26
N ALA B 744 -19.11 -5.51 -47.61
CA ALA B 744 -20.18 -4.81 -48.34
C ALA B 744 -20.78 -3.65 -47.54
N ALA B 745 -20.86 -3.80 -46.22
CA ALA B 745 -21.31 -2.73 -45.32
C ALA B 745 -20.27 -1.61 -45.23
N GLU B 746 -19.03 -1.98 -44.96
CA GLU B 746 -17.93 -1.00 -44.78
C GLU B 746 -17.57 -0.21 -46.04
N ARG B 747 -17.84 -0.76 -47.22
CA ARG B 747 -17.77 0.01 -48.48
C ARG B 747 -18.86 1.09 -48.54
N GLU B 748 -20.04 0.79 -48.00
CA GLU B 748 -21.16 1.73 -47.95
C GLU B 748 -21.02 2.83 -46.89
N HIS B 749 -20.36 2.52 -45.76
CA HIS B 749 -20.14 3.50 -44.69
C HIS B 749 -19.25 4.67 -45.12
N GLN B 750 -18.34 4.43 -46.06
CA GLN B 750 -17.45 5.47 -46.59
C GLN B 750 -18.13 6.49 -47.51
N LYS B 751 -19.37 6.22 -47.94
CA LYS B 751 -20.15 7.18 -48.72
C LYS B 751 -20.51 8.43 -47.90
N SER B 752 -20.70 9.55 -48.60
CA SER B 752 -21.13 10.79 -47.97
C SER B 752 -22.60 10.68 -47.54
N LEU B 753 -22.94 11.36 -46.45
CA LEU B 753 -24.29 11.28 -45.87
C LEU B 753 -25.33 12.01 -46.71
N ASN B 754 -24.93 13.14 -47.32
CA ASN B 754 -25.80 13.89 -48.25
C ASN B 754 -25.67 13.36 -49.67
N GLN B 755 -26.72 13.63 -50.47
CA GLN B 755 -26.86 13.17 -51.87
C GLN B 755 -26.37 11.74 -52.13
N ASP B 812 -9.00 -30.10 -47.61
CA ASP B 812 -7.91 -29.80 -46.68
C ASP B 812 -7.44 -28.34 -46.73
N ASP B 813 -8.35 -27.44 -47.13
CA ASP B 813 -8.04 -26.01 -47.29
C ASP B 813 -8.87 -25.14 -46.34
N SER B 814 -9.09 -25.65 -45.13
CA SER B 814 -9.94 -24.98 -44.13
C SER B 814 -9.30 -23.72 -43.57
N MET B 815 -8.00 -23.79 -43.27
CA MET B 815 -7.25 -22.63 -42.79
C MET B 815 -7.19 -21.49 -43.80
N GLU B 816 -7.13 -21.84 -45.09
CA GLU B 816 -7.12 -20.85 -46.16
C GLU B 816 -8.45 -20.09 -46.19
N VAL B 817 -9.55 -20.82 -46.31
CA VAL B 817 -10.89 -20.20 -46.36
C VAL B 817 -11.30 -19.49 -45.04
N ILE B 818 -10.65 -19.83 -43.92
CA ILE B 818 -10.78 -19.03 -42.69
C ILE B 818 -10.05 -17.69 -42.81
N MET B 819 -8.79 -17.72 -43.23
CA MET B 819 -7.92 -16.52 -43.21
C MET B 819 -7.58 -15.91 -44.58
N ARG B 820 -8.44 -16.13 -45.57
CA ARG B 820 -8.32 -15.50 -46.90
C ARG B 820 -9.71 -15.01 -47.34
N ASN B 821 -9.77 -14.43 -48.53
CA ASN B 821 -11.05 -14.10 -49.18
C ASN B 821 -11.36 -15.17 -50.24
N LYS B 822 -11.52 -16.41 -49.78
CA LYS B 822 -11.93 -17.53 -50.62
C LYS B 822 -13.43 -17.77 -50.45
N LYS B 823 -14.05 -18.32 -51.49
CA LYS B 823 -15.49 -18.59 -51.51
C LYS B 823 -15.78 -20.07 -51.64
N LEU B 824 -16.91 -20.51 -51.08
CA LEU B 824 -17.35 -21.90 -51.11
C LEU B 824 -18.57 -22.02 -52.03
N GLY B 825 -18.58 -23.05 -52.88
CA GLY B 825 -19.69 -23.33 -53.78
C GLY B 825 -20.86 -24.00 -53.06
N PHE B 826 -21.34 -25.11 -53.62
CA PHE B 826 -22.39 -25.92 -53.01
C PHE B 826 -21.80 -27.16 -52.34
N CYS B 827 -21.08 -27.96 -53.13
CA CYS B 827 -20.46 -29.21 -52.64
C CYS B 827 -19.27 -28.97 -51.70
N ASP B 828 -18.64 -27.81 -51.80
CA ASP B 828 -17.52 -27.45 -50.91
C ASP B 828 -18.00 -27.22 -49.48
N ARG B 829 -19.09 -26.48 -49.34
CA ARG B 829 -19.66 -26.15 -48.02
C ARG B 829 -20.53 -27.27 -47.38
N ILE B 830 -20.57 -28.45 -48.00
CA ILE B 830 -21.07 -29.67 -47.36
C ILE B 830 -19.89 -30.33 -46.64
N MET B 831 -18.83 -30.63 -47.39
CA MET B 831 -17.62 -31.24 -46.84
C MET B 831 -16.94 -30.37 -45.77
N HIS B 832 -16.96 -29.06 -45.97
CA HIS B 832 -16.44 -28.12 -44.96
C HIS B 832 -17.28 -28.07 -43.67
N PHE B 833 -18.58 -28.33 -43.77
CA PHE B 833 -19.45 -28.45 -42.59
C PHE B 833 -19.11 -29.71 -41.79
N TYR B 834 -19.02 -30.84 -42.48
CA TYR B 834 -18.64 -32.12 -41.84
C TYR B 834 -17.21 -32.13 -41.31
N SER B 835 -16.30 -31.40 -41.97
CA SER B 835 -14.91 -31.31 -41.53
C SER B 835 -14.66 -30.42 -40.30
N ALA B 836 -15.64 -29.60 -39.92
CA ALA B 836 -15.51 -28.70 -38.76
C ALA B 836 -15.40 -29.50 -37.45
N PRO B 837 -14.49 -29.10 -36.54
CA PRO B 837 -14.39 -29.77 -35.23
C PRO B 837 -15.68 -29.81 -34.40
N PHE B 838 -16.42 -28.69 -34.38
CA PHE B 838 -17.66 -28.60 -33.60
C PHE B 838 -18.76 -29.58 -34.08
N SER B 839 -18.85 -29.78 -35.39
CA SER B 839 -19.80 -30.75 -35.94
C SER B 839 -19.41 -32.19 -35.60
N LYS B 840 -18.10 -32.47 -35.60
CA LYS B 840 -17.58 -33.76 -35.13
C LYS B 840 -17.85 -33.98 -33.64
N PHE B 841 -17.71 -32.92 -32.85
CA PHE B 841 -18.01 -32.97 -31.42
C PHE B 841 -19.49 -33.28 -31.14
N VAL B 842 -20.38 -32.57 -31.84
CA VAL B 842 -21.84 -32.79 -31.70
C VAL B 842 -22.19 -34.22 -32.12
N GLY B 843 -21.59 -34.68 -33.22
CA GLY B 843 -21.69 -36.06 -33.64
C GLY B 843 -21.22 -37.04 -32.57
N ASN B 844 -20.04 -36.79 -32.02
CA ASN B 844 -19.49 -37.65 -30.96
C ASN B 844 -20.43 -37.76 -29.76
N VAL B 845 -21.01 -36.63 -29.34
CA VAL B 845 -21.94 -36.59 -28.19
C VAL B 845 -23.20 -37.43 -28.44
N VAL B 846 -23.77 -37.33 -29.64
CA VAL B 846 -24.98 -38.09 -29.99
C VAL B 846 -24.68 -39.59 -30.05
N GLY B 847 -23.58 -39.96 -30.71
CA GLY B 847 -23.12 -41.34 -30.75
C GLY B 847 -22.79 -41.92 -29.39
N TYR B 848 -22.22 -41.10 -28.52
CA TYR B 848 -21.90 -41.53 -27.15
C TYR B 848 -23.14 -41.80 -26.30
N LEU B 849 -24.14 -40.91 -26.40
CA LEU B 849 -25.45 -41.13 -25.76
C LEU B 849 -26.10 -42.44 -26.20
N ALA B 850 -26.06 -42.70 -27.52
CA ALA B 850 -26.58 -43.94 -28.08
C ALA B 850 -25.87 -45.17 -27.51
N PHE B 851 -24.55 -45.08 -27.37
CA PHE B 851 -23.75 -46.17 -26.78
C PHE B 851 -24.11 -46.46 -25.33
N ILE B 852 -24.25 -45.41 -24.52
CA ILE B 852 -24.56 -45.55 -23.08
C ILE B 852 -25.96 -46.16 -22.87
N PHE B 853 -26.97 -45.68 -23.62
CA PHE B 853 -28.31 -46.28 -23.54
C PHE B 853 -28.33 -47.74 -24.01
N LEU B 854 -27.56 -48.03 -25.05
CA LEU B 854 -27.47 -49.39 -25.60
C LEU B 854 -26.78 -50.33 -24.61
N TYR B 855 -25.66 -49.88 -24.05
CA TYR B 855 -24.91 -50.64 -23.05
C TYR B 855 -25.67 -50.77 -21.72
N ALA B 856 -26.42 -49.74 -21.34
CA ALA B 856 -27.27 -49.79 -20.15
C ALA B 856 -28.44 -50.77 -20.32
N TYR B 857 -28.99 -50.85 -21.53
CA TYR B 857 -30.08 -51.80 -21.82
C TYR B 857 -29.60 -53.24 -21.69
N VAL B 858 -28.54 -53.58 -22.41
CA VAL B 858 -28.02 -54.95 -22.40
C VAL B 858 -27.61 -55.39 -20.98
N VAL B 859 -27.00 -54.49 -20.21
CA VAL B 859 -26.58 -54.78 -18.83
C VAL B 859 -27.77 -54.92 -17.87
N LEU B 860 -28.76 -54.05 -17.98
CA LEU B 860 -29.93 -54.08 -17.07
C LEU B 860 -30.97 -55.16 -17.43
N PHE B 861 -31.30 -55.28 -18.71
CA PHE B 861 -32.48 -56.05 -19.16
C PHE B 861 -32.22 -57.39 -19.82
N ASN B 862 -31.23 -57.45 -20.72
CA ASN B 862 -31.05 -58.63 -21.59
C ASN B 862 -29.58 -58.98 -21.86
N PHE B 863 -29.02 -59.84 -21.00
CA PHE B 863 -27.69 -60.41 -21.14
C PHE B 863 -27.77 -61.88 -20.71
N PRO B 864 -28.29 -62.76 -21.59
CA PRO B 864 -28.48 -64.17 -21.24
C PRO B 864 -27.16 -64.95 -21.32
N ARG B 865 -27.20 -66.21 -20.89
CA ARG B 865 -26.03 -67.09 -20.95
C ARG B 865 -25.97 -67.87 -22.26
N PHE B 866 -24.76 -68.25 -22.66
CA PHE B 866 -24.52 -68.90 -23.95
C PHE B 866 -24.91 -70.37 -23.91
N ASP B 867 -25.83 -70.77 -24.80
CA ASP B 867 -26.21 -72.18 -24.99
C ASP B 867 -26.12 -72.52 -26.49
N PRO B 868 -25.31 -73.55 -26.86
CA PRO B 868 -25.21 -73.93 -28.29
C PRO B 868 -26.49 -74.45 -28.97
N ALA B 869 -27.49 -74.84 -28.20
CA ALA B 869 -28.76 -75.36 -28.76
C ALA B 869 -29.53 -74.33 -29.57
N LYS B 870 -29.69 -73.13 -29.01
CA LYS B 870 -30.43 -72.05 -29.68
C LYS B 870 -29.64 -71.42 -30.84
N THR B 871 -30.36 -70.73 -31.72
CA THR B 871 -29.76 -70.01 -32.85
C THR B 871 -28.89 -68.84 -32.37
N LEU B 872 -27.72 -68.68 -33.00
CA LEU B 872 -26.75 -67.62 -32.67
C LEU B 872 -26.19 -67.68 -31.23
N GLY B 873 -26.44 -68.77 -30.52
CA GLY B 873 -26.18 -68.85 -29.07
C GLY B 873 -27.20 -68.13 -28.21
N GLY B 874 -28.40 -67.88 -28.74
CA GLY B 874 -29.44 -67.12 -28.04
C GLY B 874 -29.09 -65.67 -27.75
N ILE B 875 -28.22 -65.09 -28.59
CA ILE B 875 -27.71 -63.74 -28.39
C ILE B 875 -28.65 -62.75 -29.07
N HIS B 876 -29.04 -61.69 -28.35
CA HIS B 876 -29.85 -60.62 -28.92
C HIS B 876 -28.95 -59.77 -29.83
N PRO B 877 -29.49 -59.25 -30.97
CA PRO B 877 -28.67 -58.40 -31.86
C PRO B 877 -28.04 -57.17 -31.19
N THR B 878 -28.71 -56.62 -30.19
CA THR B 878 -28.21 -55.53 -29.34
C THR B 878 -26.73 -55.70 -28.92
N GLU B 879 -26.40 -56.89 -28.43
CA GLU B 879 -25.04 -57.19 -27.96
C GLU B 879 -24.00 -57.20 -29.09
N ILE B 880 -24.43 -57.57 -30.30
CA ILE B 880 -23.57 -57.52 -31.49
C ILE B 880 -23.33 -56.07 -31.92
N VAL B 881 -24.35 -55.23 -31.82
CA VAL B 881 -24.22 -53.79 -32.06
C VAL B 881 -23.31 -53.14 -31.01
N LEU B 882 -23.37 -53.65 -29.77
CA LEU B 882 -22.45 -53.21 -28.71
C LEU B 882 -20.99 -53.58 -29.01
N TYR B 883 -20.75 -54.79 -29.51
CA TYR B 883 -19.41 -55.20 -29.94
C TYR B 883 -18.86 -54.29 -31.04
N PHE B 884 -19.74 -53.93 -31.99
CA PHE B 884 -19.41 -53.03 -33.09
C PHE B 884 -18.94 -51.66 -32.60
N TRP B 885 -19.68 -51.05 -31.66
CA TRP B 885 -19.31 -49.73 -31.16
C TRP B 885 -18.06 -49.72 -30.27
N VAL B 886 -17.87 -50.76 -29.45
CA VAL B 886 -16.67 -50.88 -28.62
C VAL B 886 -15.43 -51.09 -29.49
N PHE B 887 -15.59 -51.86 -30.58
CA PHE B 887 -14.54 -52.00 -31.59
C PHE B 887 -14.18 -50.67 -32.27
N THR B 888 -15.20 -49.83 -32.50
CA THR B 888 -14.98 -48.46 -32.99
C THR B 888 -14.18 -47.59 -32.01
N ILE B 889 -14.48 -47.71 -30.71
CA ILE B 889 -13.73 -46.97 -29.67
C ILE B 889 -12.29 -47.48 -29.59
N LEU B 890 -12.10 -48.80 -29.71
CA LEU B 890 -10.76 -49.39 -29.73
C LEU B 890 -9.90 -48.84 -30.88
N ILE B 891 -10.49 -48.78 -32.08
CA ILE B 891 -9.83 -48.21 -33.26
C ILE B 891 -9.46 -46.73 -33.02
N GLU B 892 -10.38 -45.97 -32.43
CA GLU B 892 -10.14 -44.56 -32.10
C GLU B 892 -8.92 -44.37 -31.18
N GLU B 893 -8.81 -45.22 -30.16
CA GLU B 893 -7.66 -45.18 -29.23
C GLU B 893 -6.35 -45.63 -29.89
N ILE B 894 -6.43 -46.59 -30.82
CA ILE B 894 -5.26 -47.01 -31.61
C ILE B 894 -4.72 -45.87 -32.46
N ARG B 895 -5.60 -45.18 -33.19
CA ARG B 895 -5.20 -44.04 -34.03
C ARG B 895 -4.83 -42.78 -33.21
N GLN B 896 -5.34 -42.67 -31.99
CA GLN B 896 -4.87 -41.63 -31.05
C GLN B 896 -3.44 -41.90 -30.58
N LEU B 897 -3.09 -43.18 -30.39
CA LEU B 897 -1.72 -43.58 -30.09
C LEU B 897 -0.79 -43.33 -31.28
N ALA B 898 -1.22 -43.75 -32.47
CA ALA B 898 -0.41 -43.66 -33.69
C ALA B 898 -0.08 -42.24 -34.15
N ALA B 899 -0.95 -41.28 -33.82
CA ALA B 899 -0.80 -39.88 -34.28
C ALA B 899 -0.29 -38.96 -33.17
N LYS B 900 0.85 -39.30 -32.59
CA LYS B 900 1.53 -38.47 -31.59
C LYS B 900 2.77 -37.80 -32.20
N PRO B 901 3.28 -36.70 -31.57
CA PRO B 901 4.41 -35.97 -32.18
C PRO B 901 5.74 -36.75 -32.35
N PRO B 902 6.17 -37.55 -31.34
CA PRO B 902 7.39 -38.35 -31.54
C PRO B 902 7.21 -39.50 -32.54
N LYS B 903 8.32 -39.94 -33.16
CA LYS B 903 8.33 -41.07 -34.09
C LYS B 903 9.16 -42.23 -33.52
N TYR B 904 8.78 -42.65 -32.32
CA TYR B 904 9.33 -43.86 -31.68
C TYR B 904 8.22 -44.47 -30.82
N ILE B 905 7.97 -45.77 -31.02
CA ILE B 905 6.80 -46.44 -30.41
C ILE B 905 6.82 -46.33 -28.88
N LYS B 906 8.00 -46.43 -28.28
CA LYS B 906 8.17 -46.19 -26.84
C LYS B 906 7.83 -44.74 -26.47
N ASP B 907 8.29 -43.78 -27.28
CA ASP B 907 8.01 -42.36 -27.04
C ASP B 907 6.55 -42.01 -27.27
N LYS B 908 5.94 -42.63 -28.29
CA LYS B 908 4.50 -42.51 -28.53
C LYS B 908 3.70 -43.03 -27.33
N VAL B 909 4.06 -44.21 -26.85
CA VAL B 909 3.41 -44.82 -25.68
C VAL B 909 3.63 -43.96 -24.41
N SER B 910 4.86 -43.47 -24.22
CA SER B 910 5.18 -42.65 -23.04
C SER B 910 4.38 -41.35 -22.98
N VAL B 911 4.26 -40.67 -24.12
CA VAL B 911 3.44 -39.45 -24.22
C VAL B 911 1.93 -39.76 -24.26
N TYR B 912 1.55 -40.93 -24.79
CA TYR B 912 0.15 -41.38 -24.78
C TYR B 912 -0.39 -41.62 -23.37
N PHE B 913 0.45 -42.13 -22.46
CA PHE B 913 0.07 -42.30 -21.04
C PHE B 913 0.45 -41.10 -20.16
N SER B 914 0.58 -39.91 -20.76
CA SER B 914 0.85 -38.69 -20.01
C SER B 914 -0.42 -38.21 -19.31
N ASP B 915 -1.48 -38.02 -20.10
CA ASP B 915 -2.81 -37.69 -19.56
C ASP B 915 -3.47 -38.92 -18.95
N THR B 916 -4.24 -38.71 -17.88
CA THR B 916 -4.80 -39.81 -17.08
C THR B 916 -6.08 -40.44 -17.66
N TRP B 917 -6.70 -39.81 -18.66
CA TRP B 917 -7.88 -40.39 -19.33
C TRP B 917 -7.57 -41.67 -20.11
N ASN B 918 -6.39 -41.73 -20.71
CA ASN B 918 -5.97 -42.89 -21.52
C ASN B 918 -5.72 -44.17 -20.70
N PHE B 919 -5.40 -44.03 -19.41
CA PHE B 919 -5.39 -45.18 -18.49
C PHE B 919 -6.79 -45.76 -18.36
N VAL B 920 -7.76 -44.88 -18.11
CA VAL B 920 -9.18 -45.27 -17.99
C VAL B 920 -9.69 -45.85 -19.32
N ASP B 921 -9.27 -45.25 -20.44
CA ASP B 921 -9.65 -45.76 -21.78
C ASP B 921 -9.17 -47.19 -22.01
N ILE B 922 -7.87 -47.42 -21.88
CA ILE B 922 -7.29 -48.74 -22.11
C ILE B 922 -7.72 -49.76 -21.04
N PHE B 923 -7.92 -49.31 -19.80
CA PHE B 923 -8.44 -50.18 -18.73
C PHE B 923 -9.84 -50.68 -19.06
N SER B 924 -10.75 -49.74 -19.33
CA SER B 924 -12.16 -50.07 -19.65
C SER B 924 -12.30 -50.94 -20.90
N LEU B 925 -11.47 -50.69 -21.91
CA LEU B 925 -11.47 -51.50 -23.14
C LEU B 925 -10.91 -52.91 -22.91
N THR B 926 -9.82 -53.01 -22.16
CA THR B 926 -9.25 -54.31 -21.78
C THR B 926 -10.25 -55.12 -20.93
N VAL B 927 -10.84 -54.46 -19.94
CA VAL B 927 -11.86 -55.09 -19.08
C VAL B 927 -13.06 -55.61 -19.89
N PHE B 928 -13.49 -54.84 -20.89
CA PHE B 928 -14.59 -55.26 -21.76
C PHE B 928 -14.25 -56.49 -22.60
N ILE B 929 -13.07 -56.48 -23.22
CA ILE B 929 -12.61 -57.60 -24.07
C ILE B 929 -12.48 -58.89 -23.24
N ILE B 930 -11.94 -58.77 -22.02
CA ILE B 930 -11.84 -59.91 -21.10
C ILE B 930 -13.22 -60.49 -20.77
N ALA B 931 -14.20 -59.61 -20.52
CA ALA B 931 -15.58 -60.02 -20.22
C ALA B 931 -16.22 -60.82 -21.35
N ILE B 932 -16.06 -60.32 -22.58
CA ILE B 932 -16.64 -60.97 -23.77
C ILE B 932 -15.89 -62.27 -24.13
N ILE B 933 -14.60 -62.36 -23.83
CA ILE B 933 -13.86 -63.62 -23.97
C ILE B 933 -14.37 -64.67 -22.96
N LEU B 934 -14.54 -64.27 -21.70
CA LEU B 934 -15.07 -65.18 -20.66
C LEU B 934 -16.54 -65.59 -20.86
N ARG B 935 -17.31 -64.78 -21.60
CA ARG B 935 -18.76 -64.98 -21.77
C ARG B 935 -19.19 -66.33 -22.37
N PHE B 936 -18.49 -66.77 -23.43
CA PHE B 936 -18.99 -67.86 -24.29
C PHE B 936 -18.87 -69.30 -23.74
N PHE B 937 -18.19 -69.50 -22.61
CA PHE B 937 -17.78 -70.86 -22.20
C PHE B 937 -18.87 -71.78 -21.62
N THR B 938 -20.05 -71.24 -21.30
CA THR B 938 -21.19 -72.03 -20.78
C THR B 938 -20.84 -72.72 -19.45
N ASN B 939 -20.67 -71.90 -18.42
CA ASN B 939 -20.38 -72.37 -17.07
C ASN B 939 -20.78 -71.27 -16.09
N SER B 940 -21.58 -71.64 -15.09
CA SER B 940 -22.24 -70.69 -14.19
C SER B 940 -21.28 -69.76 -13.44
N ARG B 941 -20.12 -70.29 -13.03
CA ARG B 941 -19.15 -69.53 -12.24
C ARG B 941 -18.50 -68.43 -13.07
N ILE B 942 -17.90 -68.80 -14.19
CA ILE B 942 -17.26 -67.83 -15.10
C ILE B 942 -18.26 -66.96 -15.90
N PHE B 943 -19.48 -67.45 -16.11
CA PHE B 943 -20.55 -66.59 -16.65
C PHE B 943 -20.94 -65.50 -15.64
N THR B 944 -21.02 -65.87 -14.35
CA THR B 944 -21.24 -64.90 -13.28
C THR B 944 -20.10 -63.86 -13.24
N ALA B 945 -18.87 -64.32 -13.45
CA ALA B 945 -17.71 -63.43 -13.57
C ALA B 945 -17.83 -62.49 -14.78
N SER B 946 -18.31 -63.02 -15.91
CA SER B 946 -18.52 -62.20 -17.12
C SER B 946 -19.51 -61.07 -16.92
N ARG B 947 -20.71 -61.39 -16.44
CA ARG B 947 -21.77 -60.37 -16.24
C ARG B 947 -21.46 -59.36 -15.14
N ILE B 948 -20.76 -59.80 -14.08
CA ILE B 948 -20.29 -58.89 -13.03
C ILE B 948 -19.25 -57.91 -13.58
N ILE B 949 -18.31 -58.41 -14.39
CA ILE B 949 -17.27 -57.55 -14.99
C ILE B 949 -17.87 -56.50 -15.92
N LEU B 950 -18.86 -56.87 -16.73
CA LEU B 950 -19.58 -55.89 -17.58
C LEU B 950 -20.37 -54.88 -16.74
N SER B 951 -21.12 -55.40 -15.76
CA SER B 951 -21.95 -54.56 -14.88
C SER B 951 -21.17 -53.61 -13.96
N LEU B 952 -19.85 -53.84 -13.80
CA LEU B 952 -18.96 -52.88 -13.14
C LEU B 952 -18.22 -51.96 -14.13
N ASP B 953 -18.07 -52.39 -15.37
CA ASP B 953 -17.40 -51.59 -16.42
C ASP B 953 -18.25 -50.40 -16.88
N ILE B 954 -19.58 -50.51 -16.72
CA ILE B 954 -20.52 -49.38 -16.91
C ILE B 954 -20.11 -48.10 -16.15
N ILE B 955 -19.50 -48.26 -14.97
CA ILE B 955 -18.99 -47.14 -14.17
C ILE B 955 -17.97 -46.33 -14.96
N PHE B 956 -16.97 -47.02 -15.50
CA PHE B 956 -15.86 -46.37 -16.21
C PHE B 956 -16.28 -45.74 -17.52
N PHE B 957 -17.17 -46.40 -18.26
CA PHE B 957 -17.72 -45.83 -19.50
C PHE B 957 -18.63 -44.62 -19.26
N ILE B 958 -19.35 -44.59 -18.14
CA ILE B 958 -20.18 -43.42 -17.79
C ILE B 958 -19.32 -42.29 -17.22
N VAL B 959 -18.40 -42.60 -16.32
CA VAL B 959 -17.47 -41.59 -15.76
C VAL B 959 -16.60 -40.94 -16.85
N ARG B 960 -16.33 -41.68 -17.93
CA ARG B 960 -15.66 -41.14 -19.12
C ARG B 960 -16.40 -39.98 -19.81
N SER B 961 -17.72 -39.84 -19.56
CA SER B 961 -18.51 -38.69 -20.05
C SER B 961 -18.02 -37.31 -19.59
N LEU B 962 -17.35 -37.25 -18.44
CA LEU B 962 -16.89 -35.97 -17.89
C LEU B 962 -15.90 -35.19 -18.76
N GLN B 963 -15.24 -35.87 -19.71
CA GLN B 963 -14.42 -35.20 -20.72
C GLN B 963 -15.26 -34.42 -21.74
N ILE B 964 -16.38 -34.99 -22.18
CA ILE B 964 -17.29 -34.26 -23.09
C ILE B 964 -18.10 -33.16 -22.36
N PHE B 965 -18.24 -33.28 -21.04
CA PHE B 965 -18.80 -32.18 -20.22
C PHE B 965 -17.82 -31.02 -20.01
N SER B 966 -16.52 -31.29 -20.12
CA SER B 966 -15.47 -30.29 -19.82
C SER B 966 -15.16 -29.30 -20.97
N VAL B 967 -15.93 -29.32 -22.06
CA VAL B 967 -15.84 -28.28 -23.09
C VAL B 967 -16.56 -26.99 -22.64
N ASN B 968 -17.46 -27.11 -21.66
CA ASN B 968 -18.21 -25.95 -21.13
C ASN B 968 -17.29 -24.98 -20.39
N ARG B 969 -17.63 -23.69 -20.46
CA ARG B 969 -16.87 -22.63 -19.79
C ARG B 969 -16.91 -22.76 -18.26
N LEU B 970 -18.03 -23.23 -17.73
CA LEU B 970 -18.27 -23.27 -16.28
C LEU B 970 -17.97 -24.63 -15.65
N LEU B 971 -18.41 -25.71 -16.29
CA LEU B 971 -18.16 -27.08 -15.80
C LEU B 971 -16.69 -27.52 -15.93
N GLY B 972 -16.00 -27.00 -16.94
CA GLY B 972 -14.60 -27.37 -17.20
C GLY B 972 -13.65 -27.10 -16.05
N PRO B 973 -13.52 -25.82 -15.63
CA PRO B 973 -12.72 -25.44 -14.47
C PRO B 973 -13.05 -26.17 -13.16
N LYS B 974 -14.34 -26.47 -12.94
CA LYS B 974 -14.78 -27.23 -11.76
C LYS B 974 -14.23 -28.65 -11.76
N LEU B 975 -14.22 -29.29 -12.92
CA LEU B 975 -13.66 -30.65 -13.07
C LEU B 975 -12.13 -30.70 -12.88
N VAL B 976 -11.45 -29.57 -13.13
CA VAL B 976 -10.02 -29.43 -12.79
C VAL B 976 -9.84 -29.25 -11.28
N MET B 977 -10.71 -28.41 -10.67
CA MET B 977 -10.70 -28.19 -9.22
C MET B 977 -10.89 -29.49 -8.43
N ILE B 978 -11.75 -30.39 -8.91
CA ILE B 978 -12.02 -31.66 -8.23
C ILE B 978 -10.75 -32.52 -8.13
N GLN B 979 -10.06 -32.72 -9.25
CA GLN B 979 -8.83 -33.55 -9.26
C GLN B 979 -7.69 -32.96 -8.42
N LYS B 980 -7.68 -31.64 -8.24
CA LYS B 980 -6.73 -30.99 -7.33
C LYS B 980 -7.10 -31.16 -5.84
N MET B 981 -8.38 -31.42 -5.54
CA MET B 981 -8.83 -31.74 -4.18
C MET B 981 -8.65 -33.21 -3.77
N MET B 982 -8.33 -34.08 -4.73
CA MET B 982 -8.16 -35.53 -4.46
C MET B 982 -7.00 -35.83 -3.50
N GLN B 983 -5.98 -34.96 -3.50
CA GLN B 983 -4.82 -35.11 -2.62
C GLN B 983 -5.21 -34.96 -1.14
N ASP B 984 -5.96 -33.90 -0.83
CA ASP B 984 -6.48 -33.67 0.52
C ASP B 984 -7.46 -34.75 0.99
N LEU B 985 -8.27 -35.26 0.07
CA LEU B 985 -9.13 -36.41 0.34
C LEU B 985 -8.32 -37.67 0.67
N ALA B 986 -7.23 -37.89 -0.06
CA ALA B 986 -6.33 -39.04 0.18
C ALA B 986 -5.68 -38.99 1.56
N GLN B 987 -5.18 -37.81 1.95
CA GLN B 987 -4.58 -37.60 3.28
C GLN B 987 -5.60 -37.80 4.41
N PHE B 988 -6.81 -37.27 4.21
CA PHE B 988 -7.93 -37.43 5.14
C PHE B 988 -8.28 -38.91 5.39
N ILE B 989 -8.41 -39.67 4.30
CA ILE B 989 -8.76 -41.10 4.37
C ILE B 989 -7.70 -41.93 5.13
N ILE B 990 -6.42 -41.56 4.99
CA ILE B 990 -5.34 -42.24 5.72
C ILE B 990 -5.50 -42.05 7.24
N ILE B 991 -5.71 -40.82 7.67
CA ILE B 991 -5.90 -40.51 9.10
C ILE B 991 -7.20 -41.15 9.62
N LEU B 992 -8.26 -41.07 8.82
CA LEU B 992 -9.55 -41.70 9.15
C LEU B 992 -9.44 -43.22 9.29
N ALA B 993 -8.71 -43.84 8.38
CA ALA B 993 -8.45 -45.29 8.41
C ALA B 993 -7.75 -45.76 9.68
N VAL B 994 -6.85 -44.93 10.22
CA VAL B 994 -6.15 -45.23 11.48
C VAL B 994 -7.12 -45.26 12.66
N PHE B 995 -7.97 -44.23 12.77
CA PHE B 995 -9.01 -44.20 13.81
C PHE B 995 -10.05 -45.31 13.64
N THR B 996 -10.47 -45.54 12.39
CA THR B 996 -11.47 -46.58 12.09
C THR B 996 -11.02 -47.98 12.54
N ILE B 997 -9.80 -48.35 12.18
CA ILE B 997 -9.24 -49.68 12.50
C ILE B 997 -8.98 -49.84 14.00
N ALA B 998 -8.54 -48.79 14.67
CA ALA B 998 -8.34 -48.81 16.13
C ALA B 998 -9.64 -49.12 16.86
N TYR B 999 -10.66 -48.30 16.58
CA TYR B 999 -12.00 -48.49 17.14
C TYR B 999 -12.61 -49.84 16.75
N GLY B 1000 -12.45 -50.22 15.49
CA GLY B 1000 -12.98 -51.48 14.98
C GLY B 1000 -12.50 -52.72 15.71
N ILE B 1001 -11.18 -52.82 15.92
CA ILE B 1001 -10.56 -53.96 16.61
C ILE B 1001 -11.00 -54.00 18.07
N ALA B 1002 -10.99 -52.84 18.72
CA ALA B 1002 -11.43 -52.72 20.12
C ALA B 1002 -12.91 -53.11 20.29
N LEU B 1003 -13.76 -52.58 19.40
CA LEU B 1003 -15.21 -52.88 19.44
C LEU B 1003 -15.48 -54.38 19.29
N HIS B 1004 -14.93 -54.99 18.25
CA HIS B 1004 -15.17 -56.41 17.97
C HIS B 1004 -14.60 -57.33 19.05
N ALA B 1005 -13.43 -56.98 19.60
CA ALA B 1005 -12.81 -57.74 20.68
C ALA B 1005 -13.66 -57.74 21.95
N VAL B 1006 -14.25 -56.58 22.26
CA VAL B 1006 -15.06 -56.41 23.47
C VAL B 1006 -16.44 -57.07 23.34
N MET B 1007 -17.09 -56.92 22.18
CA MET B 1007 -18.43 -57.52 21.96
C MET B 1007 -18.40 -59.04 21.91
N PHE B 1008 -17.30 -59.53 21.05
CA PHE B 1008 -17.21 -60.97 20.83
C PHE B 1008 -15.85 -61.44 21.35
N PRO B 1009 -15.81 -62.06 22.56
CA PRO B 1009 -14.55 -62.58 23.11
C PRO B 1009 -13.88 -63.62 22.24
N SER B 1010 -12.57 -63.79 22.42
CA SER B 1010 -11.74 -64.45 21.43
C SER B 1010 -11.96 -65.98 21.40
N PRO B 1011 -11.70 -66.82 22.46
CA PRO B 1011 -12.48 -68.07 22.55
C PRO B 1011 -13.65 -67.93 23.51
N GLY B 1012 -14.67 -68.78 23.36
CA GLY B 1012 -15.65 -68.92 24.39
C GLY B 1012 -17.03 -69.17 23.82
N ILE B 1013 -18.03 -68.83 24.63
CA ILE B 1013 -19.43 -69.02 24.22
C ILE B 1013 -19.82 -68.00 23.16
N TYR B 1014 -19.45 -66.74 23.39
CA TYR B 1014 -19.79 -65.65 22.48
C TYR B 1014 -18.80 -65.49 21.33
N ALA B 1015 -17.76 -66.17 21.21
CA ALA B 1015 -16.83 -66.13 20.08
C ALA B 1015 -17.50 -66.61 18.79
N ARG B 1016 -17.61 -65.71 17.81
CA ARG B 1016 -18.03 -66.11 16.46
C ARG B 1016 -16.90 -66.90 15.80
N ASN B 1017 -17.20 -68.12 15.38
CA ASN B 1017 -16.19 -69.07 14.90
C ASN B 1017 -16.04 -69.00 13.38
N ASN B 1018 -15.56 -67.85 12.90
CA ASN B 1018 -15.40 -67.60 11.47
C ASN B 1018 -14.43 -66.42 11.28
N THR B 1019 -13.38 -66.66 10.50
CA THR B 1019 -12.28 -65.70 10.36
C THR B 1019 -12.64 -64.52 9.46
N TRP B 1020 -13.28 -64.80 8.32
CA TRP B 1020 -13.55 -63.77 7.32
C TRP B 1020 -14.54 -62.70 7.80
N VAL B 1021 -15.62 -63.13 8.45
CA VAL B 1021 -16.61 -62.19 9.01
C VAL B 1021 -16.01 -61.32 10.12
N THR B 1022 -15.07 -61.87 10.90
CA THR B 1022 -14.35 -61.09 11.91
C THR B 1022 -13.52 -59.98 11.26
N ILE B 1023 -12.73 -60.34 10.25
CA ILE B 1023 -11.88 -59.39 9.55
C ILE B 1023 -12.71 -58.31 8.85
N THR B 1024 -13.80 -58.70 8.21
CA THR B 1024 -14.68 -57.74 7.53
C THR B 1024 -15.54 -56.90 8.50
N SER B 1025 -15.95 -57.47 9.63
CA SER B 1025 -16.74 -56.73 10.63
C SER B 1025 -15.97 -55.59 11.29
N VAL B 1026 -14.69 -55.82 11.57
CA VAL B 1026 -13.79 -54.79 12.11
C VAL B 1026 -13.78 -53.53 11.23
N VAL B 1027 -13.71 -53.74 9.92
CA VAL B 1027 -13.73 -52.65 8.94
C VAL B 1027 -15.15 -52.11 8.73
N GLN B 1028 -16.14 -53.01 8.66
CA GLN B 1028 -17.52 -52.68 8.24
C GLN B 1028 -18.26 -51.72 9.17
N TYR B 1029 -18.44 -52.12 10.43
CA TYR B 1029 -19.39 -51.43 11.32
C TYR B 1029 -18.97 -50.02 11.76
N PRO B 1030 -17.68 -49.81 12.08
CA PRO B 1030 -17.16 -48.45 12.26
C PRO B 1030 -17.38 -47.50 11.07
N TYR B 1031 -17.30 -48.03 9.86
CA TYR B 1031 -17.44 -47.22 8.64
C TYR B 1031 -18.87 -46.71 8.44
N TRP B 1032 -19.86 -47.60 8.57
CA TRP B 1032 -21.27 -47.20 8.45
C TRP B 1032 -21.73 -46.29 9.60
N GLN B 1033 -21.12 -46.46 10.77
CA GLN B 1033 -21.43 -45.62 11.93
C GLN B 1033 -21.05 -44.14 11.78
N MET B 1034 -20.13 -43.83 10.84
CA MET B 1034 -19.84 -42.42 10.48
C MET B 1034 -21.06 -41.69 9.92
N TYR B 1035 -21.78 -42.34 9.02
CA TYR B 1035 -22.88 -41.73 8.28
C TYR B 1035 -24.24 -41.76 9.02
N GLY B 1036 -24.22 -41.93 10.34
CA GLY B 1036 -25.44 -41.93 11.15
C GLY B 1036 -26.13 -43.28 11.29
N GLU B 1037 -25.57 -44.34 10.69
CA GLU B 1037 -26.12 -45.69 10.85
C GLU B 1037 -25.56 -46.29 12.13
N LEU B 1038 -26.10 -45.82 13.26
CA LEU B 1038 -25.69 -46.29 14.58
C LEU B 1038 -26.39 -47.60 14.84
N PHE B 1039 -25.62 -48.66 15.10
CA PHE B 1039 -26.19 -49.99 15.33
C PHE B 1039 -26.48 -50.20 16.82
N LEU B 1040 -27.30 -49.32 17.39
CA LEU B 1040 -27.51 -49.26 18.85
C LEU B 1040 -28.25 -50.46 19.41
N ASP B 1041 -29.24 -50.96 18.67
CA ASP B 1041 -29.92 -52.21 19.03
C ASP B 1041 -28.97 -53.41 18.90
N GLU B 1042 -28.10 -53.38 17.88
CA GLU B 1042 -27.22 -54.51 17.56
C GLU B 1042 -26.02 -54.64 18.50
N ILE B 1043 -25.30 -53.54 18.71
CA ILE B 1043 -24.08 -53.56 19.57
C ILE B 1043 -24.40 -53.73 21.06
N GLN B 1044 -25.62 -53.34 21.46
CA GLN B 1044 -26.15 -53.69 22.78
C GLN B 1044 -26.75 -55.10 22.72
N GLY B 1045 -27.52 -55.50 23.74
CA GLY B 1045 -28.02 -56.87 23.84
C GLY B 1045 -28.94 -57.42 22.75
N GLU B 1046 -29.70 -56.55 22.10
CA GLU B 1046 -30.77 -56.97 21.18
C GLU B 1046 -30.22 -57.46 19.83
N LYS B 1047 -31.11 -58.02 19.01
CA LYS B 1047 -30.75 -58.68 17.73
C LYS B 1047 -29.74 -59.84 17.90
N PRO B 1048 -30.14 -60.90 18.65
CA PRO B 1048 -29.25 -62.08 18.75
C PRO B 1048 -29.20 -62.92 17.47
N LYS B 1049 -30.30 -62.95 16.71
CA LYS B 1049 -30.40 -63.77 15.49
C LYS B 1049 -29.71 -63.12 14.29
N GLU B 1050 -29.91 -61.82 14.12
CA GLU B 1050 -29.39 -61.09 12.95
C GLU B 1050 -27.92 -60.75 13.12
N PHE B 1051 -27.61 -60.03 14.20
CA PHE B 1051 -26.25 -59.52 14.46
C PHE B 1051 -25.35 -60.56 15.15
N GLY B 1052 -25.93 -61.33 16.07
CA GLY B 1052 -25.18 -62.28 16.90
C GLY B 1052 -25.21 -61.84 18.35
N GLU B 1053 -25.24 -62.80 19.27
CA GLU B 1053 -25.31 -62.49 20.71
C GLU B 1053 -24.00 -61.93 21.25
N VAL B 1054 -24.10 -60.81 21.98
CA VAL B 1054 -22.95 -60.04 22.47
C VAL B 1054 -22.62 -60.46 23.91
N ASP B 1055 -21.35 -60.31 24.29
CA ASP B 1055 -20.93 -60.58 25.67
C ASP B 1055 -21.57 -59.59 26.66
N PRO B 1056 -21.99 -60.05 27.86
CA PRO B 1056 -22.62 -59.15 28.86
C PRO B 1056 -21.88 -57.86 29.19
N ASP B 1057 -20.55 -57.88 29.18
CA ASP B 1057 -19.76 -56.67 29.43
C ASP B 1057 -19.52 -55.83 28.17
N GLY B 1058 -19.64 -56.44 27.00
CA GLY B 1058 -19.68 -55.69 25.74
C GLY B 1058 -20.94 -54.87 25.54
N ARG B 1059 -22.04 -55.31 26.14
CA ARG B 1059 -23.35 -54.63 26.04
C ARG B 1059 -23.32 -53.18 26.56
N TRP B 1060 -22.44 -52.89 27.53
CA TRP B 1060 -22.27 -51.51 28.06
C TRP B 1060 -20.99 -50.79 27.63
N LEU B 1061 -19.96 -51.53 27.21
CA LEU B 1061 -18.75 -50.92 26.63
C LEU B 1061 -18.98 -50.33 25.24
N SER B 1062 -19.82 -50.98 24.43
CA SER B 1062 -19.97 -50.64 23.01
C SER B 1062 -20.53 -49.24 22.73
N PRO B 1063 -21.58 -48.80 23.46
CA PRO B 1063 -22.07 -47.42 23.28
C PRO B 1063 -21.10 -46.35 23.75
N LEU B 1064 -20.35 -46.63 24.83
CA LEU B 1064 -19.35 -45.71 25.37
C LEU B 1064 -18.22 -45.47 24.37
N LEU B 1065 -17.69 -46.56 23.80
CA LEU B 1065 -16.67 -46.47 22.74
C LEU B 1065 -17.21 -45.80 21.47
N LEU B 1066 -18.46 -46.10 21.14
CA LEU B 1066 -19.14 -45.44 20.01
C LEU B 1066 -19.23 -43.94 20.24
N ALA B 1067 -19.67 -43.53 21.43
CA ALA B 1067 -19.78 -42.11 21.77
C ALA B 1067 -18.46 -41.35 21.58
N ILE B 1068 -17.36 -41.94 22.05
CA ILE B 1068 -16.02 -41.34 21.90
C ILE B 1068 -15.64 -41.25 20.42
N TYR B 1069 -15.84 -42.36 19.69
CA TYR B 1069 -15.57 -42.43 18.25
C TYR B 1069 -16.37 -41.38 17.45
N MET B 1070 -17.64 -41.17 17.82
CA MET B 1070 -18.49 -40.18 17.16
C MET B 1070 -18.05 -38.74 17.40
N VAL B 1071 -17.44 -38.45 18.56
CA VAL B 1071 -16.85 -37.14 18.82
C VAL B 1071 -15.66 -36.90 17.90
N PHE B 1072 -14.71 -37.83 17.92
CA PHE B 1072 -13.46 -37.68 17.16
C PHE B 1072 -13.59 -37.87 15.65
N THR B 1073 -14.69 -38.45 15.17
CA THR B 1073 -14.90 -38.65 13.73
C THR B 1073 -15.83 -37.59 13.13
N ASN B 1074 -17.07 -37.52 13.61
CA ASN B 1074 -18.09 -36.65 13.00
C ASN B 1074 -17.91 -35.16 13.27
N ILE B 1075 -17.67 -34.80 14.53
CA ILE B 1075 -17.58 -33.37 14.93
C ILE B 1075 -16.14 -32.85 15.11
N LEU B 1076 -15.16 -33.57 14.55
CA LEU B 1076 -13.76 -33.11 14.54
C LEU B 1076 -13.16 -33.25 13.14
N LEU B 1077 -13.03 -34.47 12.65
CA LEU B 1077 -12.38 -34.74 11.35
C LEU B 1077 -13.18 -34.24 10.14
N LEU B 1078 -14.47 -34.55 10.09
CA LEU B 1078 -15.33 -34.14 8.97
C LEU B 1078 -15.43 -32.61 8.85
N ASN B 1079 -15.54 -31.93 9.98
CA ASN B 1079 -15.54 -30.46 10.02
C ASN B 1079 -14.17 -29.88 9.67
N LEU B 1080 -13.10 -30.60 10.05
CA LEU B 1080 -11.74 -30.23 9.65
C LEU B 1080 -11.52 -30.40 8.14
N LEU B 1081 -12.13 -31.42 7.54
CA LEU B 1081 -12.08 -31.61 6.08
C LEU B 1081 -12.78 -30.48 5.33
N ILE B 1082 -13.89 -29.98 5.88
CA ILE B 1082 -14.59 -28.80 5.34
C ILE B 1082 -13.67 -27.57 5.39
N ALA B 1083 -12.94 -27.41 6.48
CA ALA B 1083 -11.95 -26.31 6.62
C ALA B 1083 -10.79 -26.41 5.64
N ILE B 1084 -10.32 -27.64 5.39
CA ILE B 1084 -9.22 -27.88 4.44
C ILE B 1084 -9.64 -27.53 3.00
N PHE B 1085 -10.81 -28.00 2.58
CA PHE B 1085 -11.33 -27.67 1.25
C PHE B 1085 -11.57 -26.18 0.97
N ASN B 1086 -12.18 -25.48 1.93
CA ASN B 1086 -12.33 -24.02 1.82
C ASN B 1086 -11.02 -23.21 1.76
N TYR B 1087 -9.99 -23.75 2.41
CA TYR B 1087 -8.67 -23.13 2.41
C TYR B 1087 -8.09 -23.28 1.01
N THR B 1088 -8.04 -24.51 0.52
CA THR B 1088 -7.41 -24.81 -0.78
C THR B 1088 -8.22 -24.39 -2.01
N PHE B 1089 -9.52 -24.13 -1.85
CA PHE B 1089 -10.39 -23.79 -2.99
C PHE B 1089 -10.01 -22.47 -3.65
N GLU B 1090 -9.65 -21.46 -2.85
CA GLU B 1090 -9.24 -20.15 -3.37
C GLU B 1090 -7.91 -20.22 -4.15
N ARG B 1091 -6.95 -20.94 -3.59
CA ARG B 1091 -5.64 -21.12 -4.20
C ARG B 1091 -5.74 -21.89 -5.53
N VAL B 1092 -6.55 -22.95 -5.53
CA VAL B 1092 -6.81 -23.75 -6.72
C VAL B 1092 -7.67 -23.01 -7.75
N GLN B 1093 -8.61 -22.17 -7.27
CA GLN B 1093 -9.45 -21.33 -8.15
C GLN B 1093 -8.64 -20.47 -9.12
N GLU B 1094 -7.55 -19.89 -8.61
CA GLU B 1094 -6.66 -19.05 -9.43
C GLU B 1094 -6.00 -19.80 -10.59
N ASP B 1095 -5.53 -21.03 -10.33
CA ASP B 1095 -4.72 -21.80 -11.27
C ASP B 1095 -5.52 -22.73 -12.19
N SER B 1096 -6.60 -23.32 -11.67
CA SER B 1096 -7.41 -24.28 -12.44
C SER B 1096 -8.03 -23.71 -13.73
N ASP B 1097 -8.29 -22.40 -13.75
CA ASP B 1097 -8.81 -21.71 -14.94
C ASP B 1097 -7.77 -21.70 -16.06
N LYS B 1098 -6.54 -21.30 -15.73
CA LYS B 1098 -5.40 -21.35 -16.66
C LYS B 1098 -5.17 -22.76 -17.23
N VAL B 1099 -5.29 -23.77 -16.37
CA VAL B 1099 -5.15 -25.17 -16.77
C VAL B 1099 -6.24 -25.57 -17.78
N TRP B 1100 -7.46 -25.11 -17.55
CA TRP B 1100 -8.56 -25.33 -18.50
C TRP B 1100 -8.30 -24.58 -19.82
N LYS B 1101 -7.91 -23.30 -19.71
CA LYS B 1101 -7.49 -22.51 -20.88
C LYS B 1101 -6.42 -23.21 -21.72
N PHE B 1102 -5.41 -23.78 -21.06
CA PHE B 1102 -4.32 -24.48 -21.75
C PHE B 1102 -4.76 -25.78 -22.41
N GLN B 1103 -5.68 -26.52 -21.77
CA GLN B 1103 -6.17 -27.79 -22.30
C GLN B 1103 -7.09 -27.66 -23.53
N ARG B 1104 -7.63 -26.45 -23.78
CA ARG B 1104 -8.44 -26.20 -24.99
C ARG B 1104 -7.70 -26.45 -26.32
N TYR B 1105 -6.37 -26.28 -26.33
CA TYR B 1105 -5.57 -26.58 -27.52
C TYR B 1105 -5.60 -28.07 -27.87
N ASP B 1106 -5.38 -28.92 -26.87
CA ASP B 1106 -5.42 -30.38 -27.05
C ASP B 1106 -6.81 -30.85 -27.50
N LEU B 1107 -7.84 -30.23 -26.92
CA LEU B 1107 -9.23 -30.47 -27.28
C LEU B 1107 -9.49 -30.18 -28.76
N VAL B 1108 -9.11 -28.98 -29.20
CA VAL B 1108 -9.29 -28.56 -30.59
C VAL B 1108 -8.44 -29.42 -31.54
N GLN B 1109 -7.17 -29.63 -31.18
CA GLN B 1109 -6.28 -30.48 -31.99
C GLN B 1109 -6.76 -31.93 -32.10
N GLU B 1110 -7.35 -32.45 -31.02
CA GLU B 1110 -7.92 -33.80 -31.05
C GLU B 1110 -9.04 -33.88 -32.08
N TYR B 1111 -10.06 -33.03 -31.92
CA TYR B 1111 -11.22 -33.04 -32.84
C TYR B 1111 -10.93 -32.51 -34.25
N HIS B 1112 -9.82 -31.79 -34.43
CA HIS B 1112 -9.36 -31.43 -35.78
C HIS B 1112 -8.93 -32.66 -36.60
N SER B 1113 -8.33 -33.65 -35.92
CA SER B 1113 -7.81 -34.87 -36.56
C SER B 1113 -8.80 -36.05 -36.60
N ARG B 1114 -9.95 -35.94 -35.93
CA ARG B 1114 -10.95 -37.03 -35.90
C ARG B 1114 -11.53 -37.30 -37.30
N PRO B 1115 -12.09 -38.51 -37.52
CA PRO B 1115 -12.68 -38.83 -38.83
C PRO B 1115 -13.87 -37.93 -39.18
N VAL B 1116 -14.07 -37.72 -40.48
CA VAL B 1116 -15.04 -36.74 -40.99
C VAL B 1116 -16.49 -37.15 -40.70
N PHE B 1117 -16.80 -38.44 -40.88
CA PHE B 1117 -18.19 -38.91 -40.87
C PHE B 1117 -18.82 -39.04 -39.47
N ALA B 1118 -20.15 -39.09 -39.46
CA ALA B 1118 -21.01 -39.01 -38.26
C ALA B 1118 -20.95 -40.27 -37.38
N PRO B 1119 -21.45 -40.18 -36.11
CA PRO B 1119 -21.36 -41.34 -35.20
C PRO B 1119 -21.92 -42.67 -35.72
N PRO B 1120 -23.04 -42.68 -36.47
CA PRO B 1120 -23.48 -44.01 -36.92
C PRO B 1120 -22.48 -44.66 -37.90
N LEU B 1121 -22.04 -43.89 -38.89
CA LEU B 1121 -21.07 -44.33 -39.89
C LEU B 1121 -19.61 -44.02 -39.55
N VAL B 1122 -19.33 -43.39 -38.40
CA VAL B 1122 -17.96 -43.03 -37.98
C VAL B 1122 -16.87 -44.09 -38.24
N LEU B 1123 -17.20 -45.37 -38.08
CA LEU B 1123 -16.26 -46.46 -38.39
C LEU B 1123 -15.97 -46.57 -39.89
N LEU B 1124 -16.97 -46.28 -40.73
CA LEU B 1124 -16.75 -46.21 -42.18
C LEU B 1124 -15.81 -45.06 -42.52
N GLY B 1125 -16.02 -43.90 -41.89
CA GLY B 1125 -15.12 -42.75 -42.01
C GLY B 1125 -13.67 -43.10 -41.65
N HIS B 1126 -13.50 -43.80 -40.53
CA HIS B 1126 -12.19 -44.32 -40.09
C HIS B 1126 -11.40 -45.04 -41.18
N ILE B 1127 -12.10 -45.77 -42.06
CA ILE B 1127 -11.45 -46.50 -43.17
C ILE B 1127 -10.70 -45.54 -44.11
N LEU B 1128 -11.32 -44.39 -44.41
CA LEU B 1128 -10.69 -43.40 -45.32
C LEU B 1128 -9.33 -42.90 -44.82
N ILE B 1129 -9.17 -42.82 -43.49
CA ILE B 1129 -7.86 -42.50 -42.88
C ILE B 1129 -6.89 -43.68 -43.11
N PHE B 1130 -7.38 -44.91 -43.03
CA PHE B 1130 -6.56 -46.10 -43.33
C PHE B 1130 -6.13 -46.17 -44.79
N ILE B 1131 -7.03 -45.79 -45.71
CA ILE B 1131 -6.72 -45.70 -47.14
C ILE B 1131 -5.71 -44.58 -47.42
N ARG B 1132 -5.86 -43.45 -46.74
CA ARG B 1132 -4.90 -42.35 -46.83
C ARG B 1132 -3.53 -42.75 -46.25
N TRP B 1133 -3.54 -43.48 -45.14
CA TRP B 1133 -2.32 -43.95 -44.49
C TRP B 1133 -1.58 -45.02 -45.31
N VAL B 1134 -2.33 -46.00 -45.83
CA VAL B 1134 -1.73 -47.05 -46.67
C VAL B 1134 -1.26 -46.52 -48.04
N TRP B 1135 -1.92 -45.49 -48.56
CA TRP B 1135 -1.46 -44.80 -49.78
C TRP B 1135 -0.16 -44.02 -49.55
N ARG B 1136 0.00 -43.45 -48.34
CA ARG B 1136 1.19 -42.67 -47.94
C ARG B 1136 1.41 -41.44 -48.82
N THR B 1148 -1.03 -29.20 -39.15
CA THR B 1148 -2.12 -28.96 -40.11
C THR B 1148 -2.83 -27.62 -39.86
N MET B 1149 -2.92 -27.21 -38.60
CA MET B 1149 -3.48 -25.90 -38.24
C MET B 1149 -2.44 -24.79 -38.47
N LYS B 1150 -2.24 -24.44 -39.74
CA LYS B 1150 -1.29 -23.40 -40.13
C LYS B 1150 -1.55 -22.94 -41.57
N ILE B 1151 -1.00 -21.76 -41.90
CA ILE B 1151 -1.10 -21.21 -43.26
C ILE B 1151 0.30 -20.83 -43.78
N GLY B 1152 0.52 -21.09 -45.08
CA GLY B 1152 1.73 -20.66 -45.77
C GLY B 1152 1.48 -19.32 -46.43
N LEU B 1153 2.27 -18.31 -46.06
CA LEU B 1153 2.13 -16.95 -46.61
C LEU B 1153 3.11 -16.76 -47.77
N SER B 1154 2.85 -15.73 -48.58
CA SER B 1154 3.77 -15.33 -49.65
C SER B 1154 5.01 -14.66 -49.06
N PRO B 1155 6.12 -14.61 -49.83
CA PRO B 1155 7.31 -13.86 -49.38
C PRO B 1155 7.06 -12.39 -49.06
N ALA B 1156 6.21 -11.74 -49.84
CA ALA B 1156 5.79 -10.35 -49.60
C ALA B 1156 5.00 -10.21 -48.30
N GLU B 1157 4.07 -11.13 -48.06
CA GLU B 1157 3.25 -11.14 -46.84
C GLU B 1157 4.09 -11.47 -45.60
N MET B 1158 4.97 -12.45 -45.73
CA MET B 1158 5.90 -12.85 -44.67
C MET B 1158 6.81 -11.69 -44.26
N GLU B 1159 7.25 -10.90 -45.24
CA GLU B 1159 8.02 -9.68 -44.99
C GLU B 1159 7.18 -8.64 -44.24
N GLN B 1160 5.95 -8.43 -44.71
CA GLN B 1160 5.00 -7.50 -44.07
C GLN B 1160 4.67 -7.87 -42.62
N MET B 1161 4.46 -9.17 -42.38
CA MET B 1161 4.16 -9.66 -41.03
C MET B 1161 5.37 -9.54 -40.09
N ASP B 1162 6.58 -9.80 -40.59
CA ASP B 1162 7.82 -9.59 -39.83
C ASP B 1162 8.01 -8.13 -39.41
N ASN B 1163 7.74 -7.21 -40.34
CA ASN B 1163 7.88 -5.77 -40.07
C ASN B 1163 6.89 -5.29 -39.01
N TRP B 1164 5.64 -5.73 -39.11
CA TRP B 1164 4.58 -5.37 -38.15
C TRP B 1164 4.85 -5.94 -36.75
N GLU B 1165 5.29 -7.20 -36.70
CA GLU B 1165 5.65 -7.87 -35.44
C GLU B 1165 6.83 -7.16 -34.76
N PHE B 1166 7.83 -6.77 -35.55
CA PHE B 1166 9.02 -6.10 -35.03
C PHE B 1166 8.69 -4.72 -34.42
N GLN B 1167 7.83 -3.96 -35.10
CA GLN B 1167 7.37 -2.66 -34.58
C GLN B 1167 6.56 -2.80 -33.30
N ALA B 1168 5.73 -3.85 -33.22
CA ALA B 1168 4.98 -4.16 -32.00
C ALA B 1168 5.90 -4.50 -30.82
N ALA B 1169 6.98 -5.23 -31.11
CA ALA B 1169 7.99 -5.55 -30.09
C ALA B 1169 8.73 -4.30 -29.60
N GLU B 1170 9.05 -3.38 -30.51
CA GLU B 1170 9.64 -2.08 -30.13
C GLU B 1170 8.75 -1.29 -29.20
N MET B 1171 7.45 -1.25 -29.49
CA MET B 1171 6.47 -0.58 -28.64
C MET B 1171 6.43 -1.17 -27.22
N TYR B 1172 6.49 -2.51 -27.15
CA TYR B 1172 6.54 -3.20 -25.85
C TYR B 1172 7.82 -2.87 -25.05
N ILE B 1173 8.97 -2.92 -25.72
CA ILE B 1173 10.27 -2.68 -25.07
C ILE B 1173 10.36 -1.27 -24.50
N HIS B 1174 9.99 -0.26 -25.29
CA HIS B 1174 10.03 1.13 -24.85
C HIS B 1174 8.99 1.46 -23.77
N GLN B 1175 7.82 0.83 -23.84
CA GLN B 1175 6.81 0.98 -22.77
C GLN B 1175 7.28 0.40 -21.43
N GLN B 1176 7.99 -0.73 -21.48
CA GLN B 1176 8.59 -1.32 -20.27
C GLN B 1176 9.69 -0.45 -19.67
N GLN B 1177 10.53 0.15 -20.54
CA GLN B 1177 11.55 1.11 -20.10
C GLN B 1177 10.94 2.34 -19.42
N GLN B 1178 9.91 2.91 -20.06
CA GLN B 1178 9.18 4.06 -19.51
C GLN B 1178 8.36 3.72 -18.26
N LYS B 1179 7.96 2.45 -18.10
CA LYS B 1179 7.29 1.99 -16.87
C LYS B 1179 8.27 1.87 -15.71
N ASN B 1180 9.42 1.24 -15.95
CA ASN B 1180 10.46 1.07 -14.92
C ASN B 1180 11.12 2.38 -14.50
N SER B 1181 11.24 3.33 -15.43
CA SER B 1181 11.80 4.66 -15.13
C SER B 1181 10.85 5.55 -14.33
N GLY B 1182 9.55 5.44 -14.61
CA GLY B 1182 8.53 6.28 -13.97
C GLY B 1182 8.01 5.83 -12.61
N THR B 1183 8.65 4.84 -11.99
CA THR B 1183 8.31 4.40 -10.63
C THR B 1183 8.69 5.48 -9.63
N LEU B 1184 7.92 5.57 -8.54
CA LEU B 1184 8.09 6.62 -7.51
C LEU B 1184 9.50 6.67 -6.91
N GLU B 1185 10.08 5.50 -6.65
CA GLU B 1185 11.43 5.41 -6.07
C GLU B 1185 12.50 5.94 -7.03
N GLU B 1186 12.36 5.62 -8.32
CA GLU B 1186 13.28 6.10 -9.35
C GLU B 1186 13.18 7.60 -9.60
N ARG B 1187 11.98 8.15 -9.50
CA ARG B 1187 11.76 9.60 -9.59
C ARG B 1187 12.43 10.34 -8.42
N VAL B 1188 12.27 9.81 -7.21
CA VAL B 1188 12.90 10.39 -6.01
C VAL B 1188 14.44 10.28 -6.06
N ARG B 1189 14.95 9.14 -6.57
CA ARG B 1189 16.39 8.94 -6.72
C ARG B 1189 17.01 9.91 -7.73
N ALA B 1190 16.37 10.04 -8.89
CA ALA B 1190 16.80 10.99 -9.93
C ALA B 1190 16.68 12.45 -9.48
N LEU B 1191 15.65 12.74 -8.70
CA LEU B 1191 15.46 14.06 -8.09
C LEU B 1191 16.59 14.39 -7.11
N GLY B 1192 17.04 13.39 -6.35
CA GLY B 1192 18.21 13.52 -5.48
C GLY B 1192 19.51 13.81 -6.20
N ASP B 1193 19.69 13.19 -7.37
CA ASP B 1193 20.87 13.44 -8.22
C ASP B 1193 20.91 14.87 -8.76
N ARG B 1194 19.76 15.38 -9.22
CA ARG B 1194 19.67 16.76 -9.70
C ARG B 1194 19.86 17.81 -8.59
N VAL B 1195 19.41 17.49 -7.38
CA VAL B 1195 19.65 18.35 -6.20
C VAL B 1195 21.15 18.41 -5.85
N ASP B 1196 21.86 17.29 -6.00
CA ASP B 1196 23.32 17.27 -5.82
C ASP B 1196 24.06 18.11 -6.87
N CYS B 1197 23.57 18.07 -8.12
CA CYS B 1197 24.12 18.91 -9.19
C CYS B 1197 23.93 20.40 -8.94
N ILE B 1198 22.75 20.78 -8.41
CA ILE B 1198 22.48 22.16 -8.00
C ILE B 1198 23.43 22.61 -6.88
N ASN B 1199 23.66 21.73 -5.90
CA ASN B 1199 24.54 22.04 -4.76
C ASN B 1199 25.99 22.26 -5.21
N SER B 1200 26.47 21.42 -6.12
CA SER B 1200 27.81 21.55 -6.70
C SER B 1200 27.98 22.84 -7.51
N GLN B 1201 26.96 23.21 -8.28
CA GLN B 1201 26.96 24.47 -9.05
C GLN B 1201 27.04 25.70 -8.15
N LEU B 1202 26.26 25.71 -7.07
CA LEU B 1202 26.30 26.81 -6.08
C LEU B 1202 27.64 26.91 -5.35
N ASN B 1203 28.27 25.76 -5.07
CA ASN B 1203 29.62 25.75 -4.50
C ASN B 1203 30.63 26.43 -5.43
N ARG B 1204 30.52 26.15 -6.74
CA ARG B 1204 31.36 26.83 -7.75
C ARG B 1204 31.05 28.32 -7.89
N VAL B 1205 29.78 28.71 -7.72
CA VAL B 1205 29.39 30.13 -7.67
C VAL B 1205 30.03 30.79 -6.43
N LEU B 1206 29.94 30.13 -5.28
CA LEU B 1206 30.61 30.64 -4.06
C LEU B 1206 32.14 30.71 -4.20
N ASP B 1207 32.73 29.77 -4.94
CA ASP B 1207 34.16 29.85 -5.30
C ASP B 1207 34.44 31.01 -6.26
N SER B 1208 33.54 31.23 -7.21
CA SER B 1208 33.64 32.38 -8.14
C SER B 1208 33.48 33.73 -7.43
N MET B 1209 32.69 33.77 -6.35
CA MET B 1209 32.60 34.97 -5.50
C MET B 1209 33.91 35.23 -4.75
N SER B 1210 34.38 34.20 -4.04
CA SER B 1210 35.62 34.30 -3.26
C SER B 1210 36.85 34.26 -4.16
N PHE C 6 -1.68 -16.18 -52.26
CA PHE C 6 -2.83 -16.44 -53.19
C PHE C 6 -3.85 -15.28 -53.18
N THR C 7 -4.97 -15.43 -52.45
CA THR C 7 -5.95 -14.35 -52.30
C THR C 7 -5.51 -13.40 -51.18
N PRO C 8 -6.17 -12.26 -51.07
CA PRO C 8 -5.83 -11.25 -50.07
C PRO C 8 -6.20 -11.74 -48.66
N LEU C 9 -5.26 -11.60 -47.72
CA LEU C 9 -5.46 -12.03 -46.33
C LEU C 9 -6.42 -11.10 -45.60
N TYR C 10 -7.27 -11.67 -44.75
CA TYR C 10 -8.35 -10.93 -44.09
C TYR C 10 -7.84 -10.16 -42.87
N ASP C 11 -7.84 -8.82 -42.98
CA ASP C 11 -7.61 -7.93 -41.84
C ASP C 11 -8.92 -7.20 -41.54
N GLY C 12 -9.21 -7.00 -40.26
CA GLY C 12 -10.46 -6.33 -39.84
C GLY C 12 -10.42 -4.84 -40.18
N GLY C 13 -10.81 -4.52 -41.42
CA GLY C 13 -10.81 -3.15 -41.92
C GLY C 13 -11.86 -2.31 -41.20
N ASP C 14 -11.57 -1.02 -41.02
CA ASP C 14 -12.45 -0.08 -40.32
C ASP C 14 -12.82 -0.49 -38.88
N SER C 15 -11.96 -1.28 -38.24
CA SER C 15 -12.19 -1.79 -36.89
C SER C 15 -10.96 -1.56 -36.00
N SER C 16 -9.81 -2.08 -36.46
CA SER C 16 -8.52 -1.85 -35.82
C SER C 16 -7.69 -0.84 -36.61
N HIS C 17 -6.64 -0.32 -35.97
CA HIS C 17 -5.83 0.77 -36.53
C HIS C 17 -4.79 0.28 -37.54
N VAL C 18 -3.84 -0.53 -37.08
CA VAL C 18 -2.68 -0.93 -37.87
C VAL C 18 -2.99 -1.98 -38.93
N HIS C 19 -3.13 -1.55 -40.19
CA HIS C 19 -3.27 -2.44 -41.34
C HIS C 19 -1.89 -2.71 -41.96
N LEU C 20 -1.79 -3.81 -42.71
CA LEU C 20 -0.51 -4.26 -43.27
C LEU C 20 -0.05 -3.52 -44.54
N ASN C 21 -0.85 -2.59 -45.05
CA ASN C 21 -0.48 -1.76 -46.21
C ASN C 21 0.70 -0.81 -45.92
N LYS C 22 0.79 -0.32 -44.68
CA LYS C 22 1.87 0.58 -44.27
C LYS C 22 3.24 -0.09 -44.21
N PHE C 23 3.27 -1.37 -43.82
CA PHE C 23 4.51 -2.16 -43.75
C PHE C 23 4.79 -2.85 -45.08
N SER C 41 5.71 1.01 -64.56
CA SER C 41 4.87 1.22 -63.37
C SER C 41 5.27 2.51 -62.64
N ARG C 42 5.42 3.59 -63.40
CA ARG C 42 5.83 4.89 -62.85
C ARG C 42 5.53 6.02 -63.84
N ARG C 43 5.75 7.25 -63.38
CA ARG C 43 5.55 8.45 -64.22
C ARG C 43 6.72 8.65 -65.20
N GLU C 44 6.90 9.86 -65.72
CA GLU C 44 7.98 10.16 -66.68
C GLU C 44 9.36 9.79 -66.14
N CYS C 45 9.84 10.54 -65.13
CA CYS C 45 11.12 10.30 -64.46
C CYS C 45 12.31 10.15 -65.42
N ILE C 46 12.81 11.29 -65.90
CA ILE C 46 13.91 11.31 -66.86
C ILE C 46 15.27 11.17 -66.15
N ARG C 47 16.21 10.52 -66.83
CA ARG C 47 17.57 10.32 -66.32
C ARG C 47 18.60 10.67 -67.39
N PHE C 48 19.32 11.77 -67.20
CA PHE C 48 20.38 12.20 -68.10
C PHE C 48 21.62 11.33 -67.89
N VAL C 49 21.87 10.43 -68.85
CA VAL C 49 22.97 9.47 -68.76
C VAL C 49 23.70 9.30 -70.10
N PRO C 50 24.43 10.36 -70.48
CA PRO C 50 25.26 10.36 -71.69
C PRO C 50 26.59 11.06 -71.44
N LYS C 51 26.53 12.36 -71.11
CA LYS C 51 27.71 13.16 -70.75
C LYS C 51 28.71 13.27 -71.88
N CYS C 86 24.93 15.36 -76.22
CA CYS C 86 25.62 15.39 -74.94
C CYS C 86 24.77 14.83 -73.79
N THR C 87 23.44 14.96 -73.88
CA THR C 87 22.51 14.43 -72.89
C THR C 87 21.34 13.71 -73.58
N THR C 88 21.11 12.45 -73.19
CA THR C 88 20.02 11.64 -73.71
C THR C 88 19.19 11.12 -72.53
N LYS C 89 18.01 11.71 -72.33
CA LYS C 89 17.13 11.37 -71.19
C LYS C 89 16.46 10.00 -71.38
N HIS C 90 16.91 9.01 -70.60
CA HIS C 90 16.31 7.68 -70.57
C HIS C 90 15.41 7.52 -69.33
N PRO C 91 14.65 6.42 -69.26
CA PRO C 91 14.00 6.03 -68.00
C PRO C 91 15.03 5.71 -66.90
N THR C 92 14.67 5.99 -65.65
CA THR C 92 15.62 5.89 -64.53
C THR C 92 15.97 4.46 -64.17
N ASN C 93 17.18 4.28 -63.64
CA ASN C 93 17.67 2.98 -63.18
C ASN C 93 17.57 2.82 -61.65
N ALA C 94 17.45 3.93 -60.93
CA ALA C 94 17.60 3.94 -59.47
C ALA C 94 16.37 4.57 -58.79
N TYR C 95 15.45 3.72 -58.32
CA TYR C 95 14.23 4.19 -57.64
C TYR C 95 13.60 3.24 -56.58
N GLY C 96 14.37 2.29 -56.04
CA GLY C 96 13.86 1.35 -55.05
C GLY C 96 13.83 1.91 -53.62
N GLU C 97 14.42 1.16 -52.69
CA GLU C 97 14.60 1.59 -51.29
C GLU C 97 16.00 1.18 -50.83
N ILE C 98 16.46 1.79 -49.73
CA ILE C 98 17.79 1.56 -49.19
C ILE C 98 17.71 0.98 -47.78
N ASP C 99 18.24 -0.22 -47.60
CA ASP C 99 18.45 -0.81 -46.27
C ASP C 99 19.90 -0.51 -45.87
N PHE C 100 20.07 0.50 -45.01
CA PHE C 100 21.39 0.90 -44.52
C PHE C 100 21.94 -0.17 -43.57
N GLU C 101 23.25 -0.41 -43.65
CA GLU C 101 23.88 -1.57 -42.99
C GLU C 101 23.97 -1.44 -41.47
N GLY C 102 22.90 -1.86 -40.80
CA GLY C 102 22.90 -2.11 -39.36
C GLY C 102 23.18 -0.92 -38.46
N TYR C 103 22.31 0.08 -38.52
CA TYR C 103 22.33 1.23 -37.61
C TYR C 103 21.13 1.19 -36.64
N GLY C 104 20.57 0.00 -36.42
CA GLY C 104 19.41 -0.19 -35.54
C GLY C 104 18.09 -0.11 -36.30
N GLY C 105 17.18 -1.04 -36.00
CA GLY C 105 15.85 -1.05 -36.59
C GLY C 105 15.77 -1.55 -38.02
N GLN C 106 14.54 -1.72 -38.51
CA GLN C 106 14.26 -2.09 -39.90
C GLN C 106 13.59 -0.89 -40.58
N LYS C 107 14.40 -0.09 -41.29
CA LYS C 107 13.94 1.14 -41.91
C LYS C 107 14.41 1.21 -43.37
N ARG C 108 13.46 1.02 -44.29
CA ARG C 108 13.72 1.14 -45.73
C ARG C 108 13.39 2.55 -46.17
N ALA C 109 14.40 3.28 -46.65
CA ALA C 109 14.25 4.67 -47.09
C ALA C 109 14.12 4.71 -48.62
N PRO C 110 12.89 4.95 -49.15
CA PRO C 110 12.76 5.03 -50.61
C PRO C 110 13.48 6.23 -51.22
N TYR C 111 13.97 6.04 -52.44
CA TYR C 111 14.76 7.05 -53.14
C TYR C 111 14.37 7.13 -54.61
N LEU C 112 14.87 8.16 -55.29
CA LEU C 112 14.63 8.33 -56.72
C LEU C 112 15.64 9.29 -57.35
N ARG C 113 16.26 8.86 -58.44
CA ARG C 113 17.10 9.74 -59.26
C ARG C 113 16.22 10.43 -60.31
N MET C 114 16.50 11.70 -60.58
CA MET C 114 15.70 12.47 -61.55
C MET C 114 16.47 13.65 -62.13
N SER C 115 16.11 14.06 -63.34
CA SER C 115 16.78 15.17 -64.02
C SER C 115 16.47 16.53 -63.38
N HIS C 116 17.34 17.49 -63.66
CA HIS C 116 17.21 18.86 -63.12
C HIS C 116 16.07 19.70 -63.75
N ASP C 117 15.53 19.24 -64.88
CA ASP C 117 14.41 19.92 -65.56
C ASP C 117 13.01 19.32 -65.26
N THR C 118 12.93 18.43 -64.26
CA THR C 118 11.65 17.82 -63.87
C THR C 118 10.78 18.83 -63.13
N ASP C 119 9.50 18.90 -63.50
CA ASP C 119 8.54 19.79 -62.83
C ASP C 119 8.24 19.31 -61.41
N ALA C 120 8.13 20.27 -60.49
CA ALA C 120 7.95 19.98 -59.07
C ALA C 120 6.58 19.36 -58.74
N ASN C 121 5.55 19.72 -59.50
CA ASN C 121 4.19 19.19 -59.30
C ASN C 121 4.12 17.66 -59.40
N LEU C 122 4.91 17.08 -60.31
CA LEU C 122 5.02 15.62 -60.45
C LEU C 122 5.71 14.99 -59.23
N VAL C 123 6.69 15.70 -58.65
CA VAL C 123 7.37 15.25 -57.43
C VAL C 123 6.41 15.26 -56.23
N ILE C 124 5.54 16.27 -56.17
CA ILE C 124 4.49 16.34 -55.14
C ILE C 124 3.49 15.19 -55.32
N THR C 125 3.10 14.94 -56.57
CA THR C 125 2.25 13.79 -56.93
C THR C 125 2.90 12.46 -56.55
N LEU C 126 4.22 12.36 -56.76
CA LEU C 126 5.00 11.17 -56.39
C LEU C 126 5.05 10.96 -54.87
N MET C 127 5.27 12.04 -54.12
CA MET C 127 5.31 11.99 -52.66
C MET C 127 3.96 11.65 -52.05
N LEU C 128 2.93 12.42 -52.41
CA LEU C 128 1.60 12.29 -51.78
C LEU C 128 0.87 10.99 -52.15
N LYS C 129 0.84 10.66 -53.44
CA LYS C 129 0.09 9.50 -53.94
C LYS C 129 0.91 8.21 -53.94
N ARG C 130 2.02 8.22 -54.69
CA ARG C 130 2.79 6.99 -54.93
C ARG C 130 3.54 6.47 -53.69
N TRP C 131 4.24 7.36 -52.99
CA TRP C 131 4.95 6.98 -51.75
C TRP C 131 4.06 6.87 -50.50
N ASN C 132 2.79 7.31 -50.59
CA ASN C 132 1.84 7.29 -49.47
C ASN C 132 2.35 8.12 -48.27
N LEU C 133 2.76 9.34 -48.58
CA LEU C 133 3.28 10.29 -47.60
C LEU C 133 2.18 11.30 -47.27
N GLU C 134 1.90 11.47 -45.98
CA GLU C 134 0.78 12.31 -45.53
C GLU C 134 1.05 13.81 -45.76
N ILE C 135 -0.02 14.57 -45.98
CA ILE C 135 0.09 16.01 -46.24
C ILE C 135 0.51 16.72 -44.95
N PRO C 136 1.64 17.44 -44.97
CA PRO C 136 2.18 18.02 -43.74
C PRO C 136 1.50 19.34 -43.37
N ASN C 137 1.59 19.71 -42.09
CA ASN C 137 1.11 21.01 -41.60
C ASN C 137 2.24 22.04 -41.48
N LEU C 138 3.47 21.63 -41.79
CA LEU C 138 4.65 22.50 -41.71
C LEU C 138 5.80 21.88 -42.51
N VAL C 139 6.68 22.72 -43.05
CA VAL C 139 7.90 22.26 -43.74
C VAL C 139 9.10 23.06 -43.22
N ILE C 140 10.06 22.34 -42.63
CA ILE C 140 11.29 22.94 -42.10
C ILE C 140 12.44 22.70 -43.07
N SER C 141 12.92 23.78 -43.70
CA SER C 141 14.07 23.74 -44.59
C SER C 141 15.34 24.11 -43.80
N VAL C 142 16.22 23.14 -43.59
CA VAL C 142 17.46 23.34 -42.85
C VAL C 142 18.61 23.54 -43.83
N THR C 143 19.09 24.78 -43.91
CA THR C 143 20.30 25.12 -44.69
C THR C 143 21.43 25.49 -43.74
N GLY C 144 22.65 25.45 -44.24
CA GLY C 144 23.82 25.79 -43.43
C GLY C 144 25.15 25.44 -44.08
N GLY C 145 26.10 25.00 -43.26
CA GLY C 145 27.43 24.64 -43.73
C GLY C 145 27.48 23.26 -44.33
N ALA C 146 28.17 23.13 -45.46
CA ALA C 146 28.35 21.83 -46.14
C ALA C 146 29.41 20.98 -45.43
N LYS C 147 30.52 21.62 -45.05
CA LYS C 147 31.58 20.96 -44.29
C LYS C 147 31.20 20.82 -42.82
N SER C 148 31.76 19.81 -42.16
CA SER C 148 31.43 19.50 -40.77
C SER C 148 31.91 20.58 -39.80
N PHE C 149 31.06 20.90 -38.82
CA PHE C 149 31.35 21.95 -37.82
C PHE C 149 30.93 21.50 -36.43
N VAL C 150 31.38 22.24 -35.41
CA VAL C 150 31.19 21.88 -34.00
C VAL C 150 30.14 22.78 -33.35
N LEU C 151 29.17 22.16 -32.68
CA LEU C 151 28.21 22.84 -31.81
C LEU C 151 28.62 22.64 -30.35
N LYS C 152 28.37 23.65 -29.51
CA LYS C 152 28.59 23.53 -28.06
C LYS C 152 27.50 22.62 -27.48
N PRO C 153 27.88 21.65 -26.62
CA PRO C 153 27.01 20.53 -26.22
C PRO C 153 25.61 20.90 -25.71
N ARG C 154 25.51 22.03 -25.00
CA ARG C 154 24.22 22.57 -24.55
C ARG C 154 23.35 22.97 -25.74
N LEU C 155 23.94 23.74 -26.66
CA LEU C 155 23.26 24.22 -27.86
C LEU C 155 22.95 23.07 -28.84
N ARG C 156 23.86 22.09 -28.90
CA ARG C 156 23.66 20.86 -29.67
C ARG C 156 22.45 20.09 -29.15
N GLU C 157 22.41 19.88 -27.83
CA GLU C 157 21.28 19.19 -27.17
C GLU C 157 19.98 19.98 -27.35
N MET C 158 20.04 21.29 -27.15
CA MET C 158 18.88 22.17 -27.35
C MET C 158 18.37 22.15 -28.79
N PHE C 159 19.29 22.10 -29.75
CA PHE C 159 18.95 22.01 -31.17
C PHE C 159 18.20 20.71 -31.51
N ARG C 160 18.79 19.58 -31.13
CA ARG C 160 18.17 18.27 -31.43
C ARG C 160 16.93 17.93 -30.58
N ARG C 161 16.71 18.65 -29.48
CA ARG C 161 15.41 18.60 -28.78
C ARG C 161 14.37 19.44 -29.54
N GLY C 162 14.73 20.67 -29.88
CA GLY C 162 13.83 21.61 -30.54
C GLY C 162 13.32 21.19 -31.90
N LEU C 163 14.22 20.77 -32.78
CA LEU C 163 13.87 20.40 -34.16
C LEU C 163 12.91 19.22 -34.22
N ILE C 164 13.19 18.19 -33.43
CA ILE C 164 12.39 16.95 -33.42
C ILE C 164 11.06 17.14 -32.69
N LYS C 165 11.06 17.94 -31.61
CA LYS C 165 9.82 18.28 -30.90
C LYS C 165 8.86 19.06 -31.80
N ALA C 166 9.39 20.04 -32.54
CA ALA C 166 8.61 20.79 -33.52
C ALA C 166 8.04 19.89 -34.60
N ALA C 167 8.89 19.02 -35.16
CA ALA C 167 8.48 18.08 -36.21
C ALA C 167 7.46 17.05 -35.75
N LYS C 168 7.65 16.49 -34.55
CA LYS C 168 6.74 15.46 -34.01
C LYS C 168 5.36 16.02 -33.63
N THR C 169 5.35 17.11 -32.87
CA THR C 169 4.08 17.71 -32.39
C THR C 169 3.26 18.34 -33.52
N THR C 170 3.94 18.99 -34.47
CA THR C 170 3.27 19.63 -35.61
C THR C 170 2.85 18.62 -36.69
N GLY C 171 3.70 17.62 -36.94
CA GLY C 171 3.48 16.67 -38.04
C GLY C 171 4.03 17.27 -39.32
N ALA C 172 5.34 17.48 -39.34
CA ALA C 172 6.03 18.24 -40.37
C ALA C 172 7.01 17.40 -41.17
N TRP C 173 7.40 17.91 -42.34
CA TRP C 173 8.54 17.39 -43.10
C TRP C 173 9.78 18.22 -42.80
N ILE C 174 10.95 17.57 -42.80
CA ILE C 174 12.23 18.27 -42.66
C ILE C 174 13.03 18.06 -43.96
N ILE C 175 13.21 19.13 -44.72
CA ILE C 175 13.92 19.04 -46.01
C ILE C 175 15.38 19.47 -45.82
N THR C 176 16.31 18.59 -46.20
CA THR C 176 17.75 18.81 -46.03
C THR C 176 18.55 18.41 -47.28
N GLY C 177 19.85 18.69 -47.24
CA GLY C 177 20.78 18.35 -48.33
C GLY C 177 20.92 16.87 -48.68
N GLY C 178 20.71 15.99 -47.69
CA GLY C 178 20.76 14.54 -47.91
C GLY C 178 22.06 13.83 -47.57
N THR C 179 23.20 14.50 -47.75
CA THR C 179 24.51 13.87 -47.58
C THR C 179 24.91 13.68 -46.11
N ASN C 180 26.05 13.02 -45.87
CA ASN C 180 26.47 12.61 -44.52
C ASN C 180 27.41 13.61 -43.81
N THR C 181 27.48 14.86 -44.28
CA THR C 181 28.38 15.87 -43.71
C THR C 181 27.67 17.21 -43.49
N GLY C 182 28.25 18.04 -42.60
CA GLY C 182 27.73 19.38 -42.34
C GLY C 182 26.51 19.39 -41.45
N VAL C 183 25.57 20.31 -41.73
CA VAL C 183 24.31 20.40 -40.99
C VAL C 183 23.41 19.16 -41.16
N MET C 184 23.47 18.53 -42.33
CA MET C 184 22.73 17.29 -42.60
C MET C 184 23.05 16.17 -41.60
N LYS C 185 24.31 16.09 -41.19
CA LYS C 185 24.74 15.14 -40.15
C LYS C 185 24.09 15.43 -38.80
N HIS C 186 24.03 16.72 -38.43
CA HIS C 186 23.39 17.14 -37.17
C HIS C 186 21.90 16.80 -37.13
N VAL C 187 21.22 17.00 -38.27
CA VAL C 187 19.80 16.65 -38.40
C VAL C 187 19.62 15.13 -38.35
N GLY C 188 20.52 14.39 -39.00
CA GLY C 188 20.51 12.93 -38.96
C GLY C 188 20.73 12.36 -37.58
N GLU C 189 21.74 12.87 -36.88
CA GLU C 189 22.05 12.45 -35.50
C GLU C 189 20.92 12.80 -34.53
N ALA C 190 20.29 13.96 -34.73
CA ALA C 190 19.11 14.37 -33.95
C ALA C 190 17.98 13.35 -34.09
N VAL C 191 17.67 12.98 -35.33
CA VAL C 191 16.64 11.97 -35.62
C VAL C 191 17.02 10.60 -35.03
N LYS C 192 18.31 10.25 -35.11
CA LYS C 192 18.78 8.95 -34.60
C LYS C 192 18.58 8.79 -33.08
N GLU C 193 19.18 9.69 -32.29
CA GLU C 193 19.09 9.57 -30.82
C GLU C 193 17.83 10.21 -30.20
N GLN C 194 16.87 10.62 -31.04
CA GLN C 194 15.48 10.83 -30.59
C GLN C 194 14.56 9.65 -30.94
N GLN C 195 14.92 8.83 -31.93
CA GLN C 195 14.19 7.59 -32.24
C GLN C 195 14.75 6.35 -31.51
N LEU C 196 16.05 6.37 -31.18
CA LEU C 196 16.63 5.33 -30.29
C LEU C 196 16.13 5.45 -28.84
N MET C 197 15.77 6.68 -28.42
CA MET C 197 15.30 6.94 -27.06
C MET C 197 13.82 6.60 -26.86
N PHE C 198 12.97 7.05 -27.80
CA PHE C 198 11.51 6.94 -27.69
C PHE C 198 10.84 5.98 -28.69
N GLY C 199 11.60 5.39 -29.60
CA GLY C 199 11.05 4.51 -30.64
C GLY C 199 10.41 5.29 -31.79
N SER C 200 9.97 4.55 -32.81
CA SER C 200 9.36 5.14 -34.01
C SER C 200 7.86 4.84 -34.08
N ASP C 201 7.09 5.64 -33.33
CA ASP C 201 5.62 5.64 -33.39
C ASP C 201 5.09 6.85 -34.16
N THR C 202 5.66 8.03 -33.89
CA THR C 202 5.41 9.24 -34.68
C THR C 202 6.63 9.49 -35.56
N GLN C 203 6.62 8.88 -36.75
CA GLN C 203 7.78 8.92 -37.66
C GLN C 203 7.95 10.30 -38.28
N VAL C 204 9.12 10.89 -38.05
CA VAL C 204 9.47 12.19 -38.62
C VAL C 204 9.98 11.96 -40.05
N ASN C 205 9.34 12.63 -41.02
CA ASN C 205 9.72 12.50 -42.43
C ASN C 205 10.86 13.47 -42.76
N VAL C 206 12.04 12.93 -43.00
CA VAL C 206 13.20 13.72 -43.43
C VAL C 206 13.48 13.47 -44.91
N ILE C 207 13.45 14.54 -45.70
CA ILE C 207 13.64 14.48 -47.15
C ILE C 207 15.04 14.98 -47.49
N GLY C 208 15.84 14.13 -48.14
CA GLY C 208 17.20 14.46 -48.58
C GLY C 208 17.25 14.74 -50.07
N ILE C 209 17.35 16.03 -50.43
CA ILE C 209 17.46 16.43 -51.83
C ILE C 209 18.94 16.62 -52.17
N ALA C 210 19.56 15.56 -52.70
CA ALA C 210 20.99 15.54 -53.02
C ALA C 210 21.24 15.47 -54.53
N THR C 211 22.51 15.48 -54.92
CA THR C 211 22.92 15.35 -56.33
C THR C 211 23.53 13.95 -56.59
N TRP C 212 23.31 13.44 -57.80
CA TRP C 212 23.70 12.07 -58.17
C TRP C 212 25.18 11.95 -58.56
N GLY C 213 25.77 13.05 -59.06
CA GLY C 213 27.18 13.06 -59.47
C GLY C 213 28.21 13.00 -58.34
N ILE C 214 27.76 13.15 -57.09
CA ILE C 214 28.64 13.13 -55.91
C ILE C 214 28.48 11.86 -55.06
N VAL C 215 27.24 11.41 -54.84
CA VAL C 215 26.94 10.23 -54.00
C VAL C 215 27.81 8.99 -54.32
N ASP C 216 28.31 8.33 -53.28
CA ASP C 216 29.13 7.10 -53.44
C ASP C 216 28.27 5.88 -53.77
N LYS C 217 28.95 4.84 -54.27
CA LYS C 217 28.35 3.53 -54.54
C LYS C 217 27.14 3.59 -55.49
N GLN C 218 27.32 4.30 -56.60
CA GLN C 218 26.25 4.46 -57.60
C GLN C 218 25.83 3.13 -58.22
N SER C 219 26.81 2.29 -58.55
CA SER C 219 26.57 0.95 -59.09
C SER C 219 25.74 0.05 -58.15
N ASP C 220 25.80 0.31 -56.84
CA ASP C 220 24.95 -0.39 -55.87
C ASP C 220 23.46 -0.07 -56.06
N LEU C 221 23.14 1.20 -56.34
CA LEU C 221 21.74 1.64 -56.50
C LEU C 221 21.15 1.44 -57.92
N ILE C 222 22.00 1.14 -58.91
CA ILE C 222 21.57 1.07 -60.31
C ILE C 222 21.03 -0.33 -60.66
N SER C 223 19.90 -0.35 -61.39
CA SER C 223 19.38 -1.58 -62.02
C SER C 223 18.44 -1.23 -63.18
N GLU C 224 18.80 -1.71 -64.38
CA GLU C 224 18.01 -1.46 -65.60
C GLU C 224 16.55 -1.91 -65.53
N LYS C 225 16.30 -3.03 -64.85
CA LYS C 225 14.94 -3.59 -64.70
C LYS C 225 14.13 -2.88 -63.60
N ASN C 226 12.88 -3.30 -63.44
CA ASN C 226 12.05 -2.92 -62.30
C ASN C 226 12.26 -3.89 -61.14
N GLY C 227 12.12 -3.39 -59.91
CA GLY C 227 12.29 -4.19 -58.70
C GLY C 227 13.68 -4.06 -58.10
N LYS C 228 14.00 -2.84 -57.66
CA LYS C 228 15.24 -2.56 -56.94
C LYS C 228 14.97 -2.26 -55.45
N TYR C 229 13.82 -2.73 -54.95
CA TYR C 229 13.30 -2.29 -53.65
C TYR C 229 14.06 -2.86 -52.44
N PRO C 230 14.75 -3.99 -52.59
CA PRO C 230 15.85 -4.32 -51.68
C PRO C 230 17.19 -3.78 -52.21
N ALA C 231 17.85 -2.95 -51.43
CA ALA C 231 19.21 -2.46 -51.74
C ALA C 231 20.04 -2.34 -50.47
N LEU C 232 21.33 -2.69 -50.58
CA LEU C 232 22.21 -2.81 -49.42
C LEU C 232 23.36 -1.80 -49.50
N TYR C 233 23.06 -0.58 -49.05
CA TYR C 233 24.02 0.54 -49.09
C TYR C 233 24.99 0.47 -47.91
N SER C 234 26.24 0.10 -48.19
CA SER C 234 27.27 -0.03 -47.16
C SER C 234 27.82 1.33 -46.72
N MET C 235 28.45 1.35 -45.55
CA MET C 235 28.98 2.58 -44.95
C MET C 235 30.48 2.81 -45.20
N GLU C 236 31.21 1.77 -45.58
CA GLU C 236 32.65 1.88 -45.86
C GLU C 236 32.84 2.66 -47.17
N PRO C 237 33.48 3.86 -47.11
CA PRO C 237 33.64 4.65 -48.34
C PRO C 237 34.56 3.98 -49.37
N THR C 238 34.24 4.13 -50.65
CA THR C 238 35.11 3.64 -51.72
C THR C 238 36.40 4.47 -51.76
N PRO C 239 37.58 3.81 -51.92
CA PRO C 239 38.83 4.58 -51.85
C PRO C 239 39.07 5.55 -53.02
N GLY C 240 39.15 6.84 -52.71
CA GLY C 240 39.51 7.86 -53.68
C GLY C 240 38.42 8.24 -54.66
N HIS C 241 37.29 8.72 -54.13
CA HIS C 241 36.19 9.26 -54.93
C HIS C 241 36.10 10.79 -54.90
N GLN C 242 36.33 11.38 -53.72
CA GLN C 242 36.15 12.82 -53.46
C GLN C 242 34.70 13.25 -53.67
N GLY C 243 33.84 12.74 -52.79
CA GLY C 243 32.41 13.03 -52.81
C GLY C 243 31.71 12.30 -51.68
N ALA C 244 30.74 12.96 -51.05
CA ALA C 244 30.07 12.44 -49.84
C ALA C 244 29.18 11.22 -50.09
N MET C 245 28.75 10.60 -49.00
CA MET C 245 27.80 9.48 -49.00
C MET C 245 26.43 9.99 -48.57
N LEU C 246 25.42 9.12 -48.66
CA LEU C 246 24.09 9.43 -48.16
C LEU C 246 24.05 9.31 -46.63
N ASP C 247 23.16 10.08 -46.00
CA ASP C 247 22.95 10.01 -44.56
C ASP C 247 22.13 8.76 -44.22
N PRO C 248 22.55 7.96 -43.22
CA PRO C 248 21.75 6.78 -42.86
C PRO C 248 20.37 7.07 -42.25
N ASN C 249 20.22 8.23 -41.61
CA ASN C 249 19.03 8.53 -40.79
C ASN C 249 17.87 9.23 -41.53
N HIS C 250 18.08 9.65 -42.78
CA HIS C 250 17.01 10.28 -43.57
C HIS C 250 16.03 9.24 -44.11
N SER C 251 14.78 9.65 -44.29
CA SER C 251 13.67 8.75 -44.64
C SER C 251 13.42 8.64 -46.14
N HIS C 252 13.61 9.74 -46.88
CA HIS C 252 13.37 9.77 -48.33
C HIS C 252 14.48 10.51 -49.05
N PHE C 253 14.80 10.10 -50.28
CA PHE C 253 15.88 10.71 -51.07
C PHE C 253 15.47 11.13 -52.48
N PHE C 254 15.82 12.36 -52.84
CA PHE C 254 15.69 12.85 -54.22
C PHE C 254 17.09 13.16 -54.75
N LEU C 255 17.52 12.38 -55.74
CA LEU C 255 18.87 12.48 -56.29
C LEU C 255 18.84 13.14 -57.67
N VAL C 256 19.38 14.36 -57.75
CA VAL C 256 19.31 15.17 -58.96
C VAL C 256 20.46 14.79 -59.92
N ASP C 257 20.11 14.38 -61.13
CA ASP C 257 21.07 14.14 -62.22
C ASP C 257 21.33 15.45 -62.96
N ASP C 258 22.54 15.56 -63.50
CA ASP C 258 22.86 16.59 -64.50
C ASP C 258 23.66 16.01 -65.69
N GLY C 259 23.89 14.70 -65.71
CA GLY C 259 24.87 14.08 -66.61
C GLY C 259 26.29 14.09 -66.06
N THR C 260 26.70 15.25 -65.54
CA THR C 260 28.06 15.46 -65.00
C THR C 260 28.29 14.77 -63.66
N GLU C 261 29.56 14.77 -63.24
CA GLU C 261 29.97 14.26 -61.92
C GLU C 261 30.96 15.22 -61.27
N GLY C 262 31.00 15.20 -59.94
CA GLY C 262 31.89 16.06 -59.16
C GLY C 262 31.56 17.55 -59.20
N LYS C 263 30.27 17.86 -59.34
CA LYS C 263 29.78 19.25 -59.32
C LYS C 263 28.74 19.41 -58.22
N TYR C 264 28.92 20.43 -57.38
CA TYR C 264 28.14 20.59 -56.14
C TYR C 264 26.81 21.31 -56.31
N GLY C 265 26.79 22.40 -57.09
CA GLY C 265 25.60 23.25 -57.23
C GLY C 265 24.58 22.77 -58.26
N VAL C 266 24.15 21.51 -58.13
CA VAL C 266 23.16 20.90 -59.02
C VAL C 266 21.76 20.95 -58.40
N GLU C 267 21.67 20.61 -57.11
CA GLU C 267 20.38 20.52 -56.40
C GLU C 267 19.81 21.87 -55.88
N ILE C 268 20.41 22.99 -56.26
CA ILE C 268 19.97 24.32 -55.76
C ILE C 268 18.63 24.72 -56.39
N GLY C 269 18.46 24.45 -57.69
CA GLY C 269 17.23 24.77 -58.41
C GLY C 269 16.03 23.94 -57.99
N MET C 270 16.22 22.62 -57.92
CA MET C 270 15.15 21.68 -57.55
C MET C 270 14.65 21.91 -56.11
N ARG C 271 15.59 22.18 -55.21
CA ARG C 271 15.30 22.54 -53.81
C ARG C 271 14.30 23.69 -53.72
N SER C 272 14.58 24.77 -54.45
CA SER C 272 13.71 25.95 -54.47
C SER C 272 12.36 25.66 -55.14
N ARG C 273 12.39 24.98 -56.28
CA ARG C 273 11.17 24.66 -57.04
C ARG C 273 10.25 23.65 -56.32
N ILE C 274 10.82 22.75 -55.52
CA ILE C 274 10.01 21.90 -54.62
C ILE C 274 9.41 22.75 -53.49
N GLU C 275 10.25 23.57 -52.85
CA GLU C 275 9.79 24.50 -51.81
C GLU C 275 8.71 25.49 -52.29
N GLU C 276 8.72 25.83 -53.58
CA GLU C 276 7.59 26.54 -54.20
C GLU C 276 6.34 25.64 -54.28
N ALA C 277 6.54 24.39 -54.69
CA ALA C 277 5.44 23.44 -54.92
C ALA C 277 4.62 23.08 -53.68
N ILE C 278 5.27 23.03 -52.51
CA ILE C 278 4.55 22.74 -51.24
C ILE C 278 4.19 24.01 -50.43
N MET C 279 4.06 25.15 -51.12
CA MET C 279 3.41 26.34 -50.57
C MET C 279 1.98 26.56 -51.13
N LYS C 280 1.62 25.79 -52.17
CA LYS C 280 0.27 25.85 -52.76
C LYS C 280 -0.54 24.54 -52.62
N VAL C 281 -0.02 23.57 -51.86
CA VAL C 281 -0.79 22.39 -51.45
C VAL C 281 -1.59 22.78 -50.21
N LYS C 282 -2.86 22.42 -50.18
CA LYS C 282 -3.75 22.75 -49.06
C LYS C 282 -3.70 21.64 -48.00
N THR C 283 -3.77 22.04 -46.73
CA THR C 283 -3.74 21.09 -45.61
C THR C 283 -5.05 20.31 -45.51
N ASP C 284 -4.97 19.12 -44.90
CA ASP C 284 -6.11 18.21 -44.81
C ASP C 284 -6.98 18.56 -43.60
N SER C 285 -8.27 18.79 -43.85
CA SER C 285 -9.25 19.03 -42.79
C SER C 285 -10.68 18.81 -43.30
N ARG C 286 -11.61 18.65 -42.36
CA ARG C 286 -13.03 18.42 -42.69
C ARG C 286 -13.70 19.71 -43.16
N SER C 287 -13.38 20.83 -42.51
CA SER C 287 -13.86 22.14 -42.92
C SER C 287 -13.13 22.64 -44.16
N GLU C 288 -13.83 23.43 -44.98
CA GLU C 288 -13.23 24.09 -46.14
C GLU C 288 -12.60 25.45 -45.80
N ALA C 289 -12.84 25.95 -44.58
CA ALA C 289 -12.17 27.14 -44.06
C ALA C 289 -10.85 26.80 -43.35
N GLY C 290 -10.77 25.60 -42.78
CA GLY C 290 -9.56 25.12 -42.09
C GLY C 290 -8.42 24.66 -43.00
N SER C 291 -8.69 24.45 -44.29
CA SER C 291 -7.66 24.03 -45.26
C SER C 291 -6.80 25.21 -45.70
N ILE C 292 -5.74 25.48 -44.92
CA ILE C 292 -4.76 26.53 -45.25
C ILE C 292 -3.66 26.00 -46.16
N GLY C 293 -2.93 26.92 -46.79
CA GLY C 293 -1.73 26.59 -47.55
C GLY C 293 -0.62 26.21 -46.59
N VAL C 294 0.20 25.22 -46.97
CA VAL C 294 1.22 24.68 -46.07
C VAL C 294 2.33 25.72 -45.84
N PRO C 295 2.56 26.11 -44.56
CA PRO C 295 3.62 27.07 -44.26
C PRO C 295 5.00 26.44 -44.28
N VAL C 296 5.97 27.17 -44.83
CA VAL C 296 7.36 26.75 -44.88
C VAL C 296 8.18 27.66 -43.97
N VAL C 297 9.16 27.08 -43.28
CA VAL C 297 10.09 27.85 -42.43
C VAL C 297 11.53 27.42 -42.74
N LEU C 298 12.45 28.37 -42.59
CA LEU C 298 13.86 28.15 -42.92
C LEU C 298 14.73 28.27 -41.67
N LEU C 299 15.67 27.35 -41.51
CA LEU C 299 16.51 27.28 -40.30
C LEU C 299 17.99 27.32 -40.69
N VAL C 300 18.75 28.23 -40.07
CA VAL C 300 20.16 28.46 -40.43
C VAL C 300 21.12 28.23 -39.25
N LEU C 301 22.19 27.45 -39.49
CA LEU C 301 23.24 27.17 -38.50
C LEU C 301 24.60 27.80 -38.82
N GLU C 302 25.05 27.72 -40.07
CA GLU C 302 26.31 28.25 -40.57
C GLU C 302 26.26 28.62 -42.04
N GLY C 303 27.41 28.72 -42.71
CA GLY C 303 27.48 28.85 -44.18
C GLY C 303 28.41 29.99 -44.53
N GLY C 304 28.56 30.25 -45.83
CA GLY C 304 29.34 31.37 -46.35
C GLY C 304 28.44 32.51 -46.75
N PRO C 305 28.78 33.23 -47.84
CA PRO C 305 27.83 34.17 -48.45
C PRO C 305 26.63 33.51 -49.16
N ASN C 306 26.78 32.25 -49.57
CA ASN C 306 25.76 31.53 -50.35
C ASN C 306 24.46 31.31 -49.55
N THR C 307 24.58 30.96 -48.27
CA THR C 307 23.41 30.80 -47.39
C THR C 307 22.65 32.11 -47.18
N VAL C 308 23.38 33.23 -47.15
CA VAL C 308 22.78 34.56 -46.98
C VAL C 308 22.07 34.98 -48.27
N ALA C 309 22.60 34.57 -49.43
CA ALA C 309 21.92 34.74 -50.72
C ALA C 309 20.62 33.94 -50.78
N THR C 310 20.70 32.67 -50.36
CA THR C 310 19.52 31.79 -50.25
C THR C 310 18.48 32.33 -49.26
N MET C 311 18.96 32.89 -48.15
CA MET C 311 18.10 33.51 -47.14
C MET C 311 17.31 34.68 -47.71
N TYR C 312 18.02 35.63 -48.33
CA TYR C 312 17.39 36.78 -48.97
C TYR C 312 16.53 36.39 -50.19
N GLU C 313 16.92 35.33 -50.89
CA GLU C 313 16.11 34.80 -52.00
C GLU C 313 14.74 34.31 -51.53
N LEU C 314 14.71 33.54 -50.45
CA LEU C 314 13.46 32.95 -49.95
C LEU C 314 12.60 33.88 -49.07
N ILE C 315 13.21 34.91 -48.46
CA ILE C 315 12.43 35.96 -47.76
C ILE C 315 11.48 36.68 -48.72
N LYS C 316 11.96 36.98 -49.93
CA LYS C 316 11.14 37.63 -50.97
C LYS C 316 9.96 36.78 -51.46
N LYS C 317 10.00 35.46 -51.23
CA LYS C 317 8.85 34.58 -51.40
C LYS C 317 8.03 34.38 -50.10
N LYS C 318 8.12 35.34 -49.16
CA LYS C 318 7.35 35.33 -47.92
C LYS C 318 7.59 34.11 -47.01
N VAL C 319 8.82 33.59 -47.01
CA VAL C 319 9.23 32.50 -46.12
C VAL C 319 10.13 33.11 -45.03
N PRO C 320 9.72 33.02 -43.75
CA PRO C 320 10.56 33.57 -42.68
C PRO C 320 11.82 32.73 -42.43
N ALA C 321 12.76 33.28 -41.66
CA ALA C 321 14.05 32.62 -41.41
C ALA C 321 14.44 32.70 -39.94
N VAL C 322 14.87 31.55 -39.39
CA VAL C 322 15.38 31.47 -38.02
C VAL C 322 16.88 31.21 -38.07
N VAL C 323 17.65 32.12 -37.46
CA VAL C 323 19.11 32.02 -37.41
C VAL C 323 19.55 31.62 -36.00
N ILE C 324 20.35 30.55 -35.90
CA ILE C 324 20.83 30.05 -34.62
C ILE C 324 22.20 30.65 -34.29
N ASP C 325 22.24 31.53 -33.28
CA ASP C 325 23.51 32.05 -32.74
C ASP C 325 24.13 31.05 -31.78
N GLY C 326 25.40 31.28 -31.45
CA GLY C 326 26.20 30.30 -30.71
C GLY C 326 26.65 29.15 -31.60
N SER C 327 26.78 29.44 -32.90
CA SER C 327 27.20 28.46 -33.91
C SER C 327 28.26 29.14 -34.80
N GLY C 328 28.45 28.65 -36.03
CA GLY C 328 29.53 29.13 -36.90
C GLY C 328 29.33 30.48 -37.58
N ARG C 329 29.92 30.59 -38.77
CA ARG C 329 30.22 31.88 -39.41
C ARG C 329 29.00 32.76 -39.74
N ALA C 330 28.27 32.42 -40.81
CA ALA C 330 27.23 33.30 -41.36
C ALA C 330 26.07 33.56 -40.38
N ALA C 331 25.72 32.55 -39.60
CA ALA C 331 24.68 32.68 -38.57
C ALA C 331 25.08 33.67 -37.48
N SER C 332 26.31 33.55 -36.99
CA SER C 332 26.84 34.48 -35.97
C SER C 332 26.96 35.92 -36.49
N VAL C 333 27.39 36.09 -37.74
CA VAL C 333 27.52 37.42 -38.35
C VAL C 333 26.15 38.10 -38.51
N VAL C 334 25.21 37.39 -39.13
CA VAL C 334 23.84 37.90 -39.32
C VAL C 334 23.15 38.10 -37.96
N GLY C 335 23.40 37.19 -37.03
CA GLY C 335 22.87 37.30 -35.67
C GLY C 335 23.40 38.50 -34.89
N PHE C 336 24.71 38.66 -34.85
CA PHE C 336 25.33 39.82 -34.19
C PHE C 336 25.06 41.13 -34.92
N ALA C 337 24.76 41.07 -36.23
CA ALA C 337 24.25 42.23 -36.96
C ALA C 337 22.84 42.61 -36.50
N TYR C 338 21.99 41.61 -36.28
CA TYR C 338 20.65 41.80 -35.71
C TYR C 338 20.67 42.21 -34.22
N ASN C 339 21.67 41.76 -33.48
CA ASN C 339 21.71 41.87 -32.01
C ASN C 339 22.02 43.27 -31.45
N HIS C 340 22.43 44.23 -32.29
CA HIS C 340 22.85 45.56 -31.81
C HIS C 340 21.72 46.37 -31.17
N THR C 341 20.80 46.87 -32.01
CA THR C 341 19.77 47.83 -31.60
C THR C 341 18.53 47.69 -32.50
N ILE C 342 17.58 48.62 -32.39
CA ILE C 342 16.46 48.74 -33.35
C ILE C 342 16.39 50.17 -33.87
N LYS C 343 15.99 50.33 -35.14
CA LYS C 343 15.97 51.64 -35.80
C LYS C 343 15.03 51.65 -37.02
N ARG C 344 13.93 52.40 -36.91
CA ARG C 344 13.03 52.63 -38.04
C ARG C 344 13.43 53.94 -38.72
N ASN C 345 14.07 53.82 -39.89
CA ASN C 345 14.51 54.98 -40.68
C ASN C 345 13.30 55.69 -41.30
N VAL C 346 12.49 54.91 -42.02
CA VAL C 346 11.19 55.35 -42.52
C VAL C 346 10.13 54.49 -41.79
N ASP C 347 8.86 54.87 -41.90
CA ASP C 347 7.76 54.06 -41.34
C ASP C 347 7.75 52.68 -42.01
N GLY C 348 7.45 52.62 -43.30
CA GLY C 348 7.52 51.41 -44.12
C GLY C 348 6.99 50.09 -43.58
N GLN C 349 6.01 50.17 -42.67
CA GLN C 349 5.48 49.00 -41.93
C GLN C 349 6.57 48.24 -41.16
N THR C 350 7.26 48.98 -40.28
CA THR C 350 8.26 48.43 -39.36
C THR C 350 9.47 47.78 -40.07
N ILE C 351 10.25 48.63 -40.75
CA ILE C 351 11.53 48.20 -41.37
C ILE C 351 12.71 48.52 -40.45
N ASN C 352 13.78 47.73 -40.60
CA ASN C 352 15.00 47.93 -39.81
C ASN C 352 16.23 48.03 -40.72
N VAL C 353 17.11 48.98 -40.40
CA VAL C 353 18.44 49.08 -41.00
C VAL C 353 19.40 49.54 -39.91
N ILE C 354 19.93 48.57 -39.17
CA ILE C 354 20.75 48.85 -37.99
C ILE C 354 22.17 49.19 -38.45
N ASP C 355 22.35 50.47 -38.79
CA ASP C 355 23.65 51.03 -39.14
C ASP C 355 23.71 52.51 -38.75
N PRO C 356 23.83 52.81 -37.44
CA PRO C 356 24.07 54.18 -37.01
C PRO C 356 25.54 54.60 -37.22
N GLN C 357 25.90 55.77 -36.69
CA GLN C 357 27.29 56.25 -36.72
C GLN C 357 28.23 55.40 -35.86
N TYR C 358 27.70 54.76 -34.81
CA TYR C 358 28.50 54.05 -33.81
C TYR C 358 29.09 52.73 -34.32
N GLU C 359 28.24 51.87 -34.86
CA GLU C 359 28.59 50.46 -35.11
C GLU C 359 28.44 50.04 -36.59
N ASP C 360 29.24 50.68 -37.44
CA ASP C 360 29.42 50.30 -38.85
C ASP C 360 30.73 49.52 -39.04
N GLU C 361 31.80 50.07 -38.46
CA GLU C 361 33.15 49.47 -38.53
C GLU C 361 33.22 48.07 -37.90
N VAL C 362 32.53 47.89 -36.77
CA VAL C 362 32.44 46.56 -36.12
C VAL C 362 31.82 45.50 -37.03
N ARG C 363 30.78 45.89 -37.78
CA ARG C 363 30.16 45.01 -38.78
C ARG C 363 31.04 44.86 -40.02
N ALA C 364 31.71 45.93 -40.41
CA ALA C 364 32.68 45.88 -41.52
C ALA C 364 33.81 44.88 -41.24
N LYS C 365 34.40 44.96 -40.04
CA LYS C 365 35.51 44.06 -39.66
C LYS C 365 35.04 42.60 -39.45
N VAL C 366 33.88 42.42 -38.81
CA VAL C 366 33.31 41.07 -38.58
C VAL C 366 32.91 40.38 -39.90
N VAL C 367 32.47 41.16 -40.89
CA VAL C 367 32.32 40.64 -42.27
C VAL C 367 33.70 40.32 -42.86
N GLU C 368 34.68 41.20 -42.63
CA GLU C 368 36.07 40.97 -43.09
C GLU C 368 36.86 39.87 -42.35
N VAL C 369 36.31 39.31 -41.26
CA VAL C 369 36.92 38.14 -40.58
C VAL C 369 37.12 36.96 -41.55
N PHE C 370 36.11 36.69 -42.38
CA PHE C 370 36.22 35.68 -43.46
C PHE C 370 35.74 36.27 -44.78
N GLY C 371 36.54 36.11 -45.83
CA GLY C 371 36.22 36.62 -47.16
C GLY C 371 36.53 38.10 -47.35
N ALA C 372 37.50 38.38 -48.22
CA ALA C 372 37.86 39.75 -48.61
C ALA C 372 37.33 40.11 -50.01
N LYS C 373 37.38 39.15 -50.94
CA LYS C 373 36.88 39.36 -52.31
C LYS C 373 35.37 39.49 -52.33
N GLY C 374 34.88 40.72 -52.19
CA GLY C 374 33.45 41.02 -52.18
C GLY C 374 32.87 41.08 -50.78
N ALA C 375 33.51 41.87 -49.90
CA ALA C 375 33.00 42.13 -48.56
C ALA C 375 31.79 43.08 -48.59
N ASP C 376 31.78 43.99 -49.57
CA ASP C 376 30.71 44.97 -49.74
C ASP C 376 29.39 44.30 -50.17
N LYS C 377 29.46 43.39 -51.13
CA LYS C 377 28.27 42.69 -51.62
C LYS C 377 27.64 41.76 -50.57
N THR C 378 28.47 41.01 -49.85
CA THR C 378 27.98 40.17 -48.75
C THR C 378 27.45 41.00 -47.57
N TYR C 379 28.11 42.13 -47.27
CA TYR C 379 27.59 43.08 -46.28
C TYR C 379 26.25 43.70 -46.73
N SER C 380 26.12 43.97 -48.03
CA SER C 380 24.85 44.42 -48.61
C SER C 380 23.74 43.37 -48.42
N MET C 381 24.07 42.11 -48.67
CA MET C 381 23.13 40.99 -48.46
C MET C 381 22.80 40.78 -46.98
N ILE C 382 23.77 41.02 -46.09
CA ILE C 382 23.52 40.95 -44.63
C ILE C 382 22.60 42.08 -44.15
N LYS C 383 22.80 43.31 -44.64
CA LYS C 383 21.89 44.41 -44.31
C LYS C 383 20.54 44.32 -45.06
N ASP C 384 20.51 43.61 -46.19
CA ASP C 384 19.24 43.34 -46.91
C ASP C 384 18.29 42.38 -46.17
N VAL C 385 18.83 41.32 -45.56
CA VAL C 385 18.00 40.34 -44.82
C VAL C 385 17.35 40.90 -43.54
N LEU C 386 17.96 41.95 -42.96
CA LEU C 386 17.43 42.60 -41.76
C LEU C 386 16.38 43.70 -42.05
N GLU C 387 15.91 43.80 -43.31
CA GLU C 387 14.92 44.80 -43.71
C GLU C 387 13.60 44.61 -42.95
N ASP C 388 12.92 43.49 -43.19
CA ASP C 388 11.66 43.17 -42.50
C ASP C 388 11.96 42.60 -41.13
N GLU C 389 11.43 43.26 -40.08
CA GLU C 389 11.52 42.76 -38.71
C GLU C 389 10.72 41.47 -38.52
N LYS C 390 9.58 41.37 -39.21
CA LYS C 390 8.70 40.21 -39.12
C LYS C 390 9.28 38.92 -39.71
N MET C 391 10.00 39.02 -40.83
CA MET C 391 10.54 37.86 -41.54
C MET C 391 11.70 37.20 -40.79
N ILE C 392 12.79 37.95 -40.63
CA ILE C 392 14.00 37.42 -39.97
C ILE C 392 13.79 37.25 -38.46
N SER C 393 14.37 36.19 -37.91
CA SER C 393 14.38 35.94 -36.47
C SER C 393 15.69 35.28 -36.05
N VAL C 394 16.19 35.66 -34.88
CA VAL C 394 17.49 35.19 -34.39
C VAL C 394 17.34 34.57 -33.00
N TYR C 395 17.62 33.27 -32.91
CA TYR C 395 17.67 32.57 -31.63
C TYR C 395 19.07 32.63 -31.06
N SER C 396 19.19 33.19 -29.85
CA SER C 396 20.43 33.16 -29.07
C SER C 396 20.19 32.35 -27.79
N LEU C 397 21.24 31.68 -27.33
CA LEU C 397 21.15 30.83 -26.12
C LEU C 397 20.97 31.64 -24.83
N ASP C 398 21.40 32.90 -24.82
CA ASP C 398 21.29 33.78 -23.65
C ASP C 398 20.13 34.79 -23.76
N GLY C 399 19.07 34.43 -24.47
CA GLY C 399 17.91 35.31 -24.64
C GLY C 399 16.91 35.20 -23.51
N GLU C 400 16.31 34.02 -23.39
CA GLU C 400 15.31 33.72 -22.35
C GLU C 400 15.53 32.33 -21.76
N ILE C 401 14.77 32.01 -20.70
CA ILE C 401 14.80 30.70 -20.06
C ILE C 401 13.74 29.78 -20.70
N SER C 402 12.51 30.27 -20.78
CA SER C 402 11.37 29.46 -21.22
C SER C 402 11.16 29.37 -22.75
N GLN C 403 12.09 29.90 -23.54
CA GLN C 403 12.03 29.82 -25.00
C GLN C 403 12.99 28.77 -25.54
N ASP C 404 12.45 27.66 -26.05
CA ASP C 404 13.22 26.64 -26.77
C ASP C 404 13.20 26.97 -28.26
N ILE C 405 13.92 26.16 -29.05
CA ILE C 405 14.05 26.40 -30.51
C ILE C 405 12.76 26.08 -31.28
N ASP C 406 12.00 25.08 -30.84
CA ASP C 406 10.68 24.79 -31.44
C ASP C 406 9.71 25.98 -31.32
N LEU C 407 9.73 26.66 -30.18
CA LEU C 407 8.95 27.88 -29.99
C LEU C 407 9.45 29.00 -30.90
N ALA C 408 10.77 29.12 -31.06
CA ALA C 408 11.36 30.10 -31.98
C ALA C 408 10.92 29.87 -33.44
N ILE C 409 10.92 28.60 -33.84
CA ILE C 409 10.47 28.21 -35.20
C ILE C 409 9.00 28.57 -35.43
N LEU C 410 8.13 28.17 -34.50
CA LEU C 410 6.69 28.37 -34.67
C LEU C 410 6.26 29.83 -34.45
N LYS C 411 6.88 30.51 -33.47
CA LYS C 411 6.63 31.94 -33.26
C LYS C 411 7.19 32.82 -34.38
N ALA C 412 8.20 32.33 -35.11
CA ALA C 412 8.67 33.02 -36.32
C ALA C 412 7.59 33.03 -37.42
N LEU C 413 6.88 31.92 -37.56
CA LEU C 413 5.74 31.84 -38.49
C LEU C 413 4.53 32.68 -38.04
N LEU C 414 4.27 32.70 -36.73
CA LEU C 414 3.25 33.60 -36.17
C LEU C 414 3.65 35.08 -36.33
N LYS C 415 4.94 35.36 -36.19
CA LYS C 415 5.49 36.70 -36.47
C LYS C 415 5.40 37.03 -37.97
N ALA C 416 5.60 36.04 -38.83
CA ALA C 416 5.45 36.21 -40.28
C ALA C 416 4.01 36.56 -40.70
N ASN C 417 3.01 36.07 -39.96
CA ASN C 417 1.60 36.41 -40.18
C ASN C 417 1.08 37.42 -39.14
N ARG C 418 1.85 38.47 -38.90
CA ARG C 418 1.53 39.46 -37.86
C ARG C 418 0.35 40.37 -38.21
N SER C 419 0.07 40.55 -39.51
CA SER C 419 -0.98 41.46 -39.96
C SER C 419 -2.39 41.00 -39.56
N SER C 420 -2.77 39.81 -40.00
CA SER C 420 -4.10 39.23 -39.71
C SER C 420 -4.00 38.21 -38.58
N PRO C 421 -4.72 38.45 -37.45
CA PRO C 421 -4.79 37.42 -36.38
C PRO C 421 -5.54 36.13 -36.74
N VAL C 422 -6.42 36.19 -37.75
CA VAL C 422 -7.20 35.02 -38.17
C VAL C 422 -6.27 33.94 -38.76
N ALA C 423 -5.32 34.36 -39.59
CA ALA C 423 -4.30 33.48 -40.17
C ALA C 423 -3.44 32.82 -39.08
N GLN C 424 -3.06 33.61 -38.07
CA GLN C 424 -2.31 33.09 -36.91
C GLN C 424 -3.09 32.01 -36.17
N LEU C 425 -4.38 32.24 -35.98
CA LEU C 425 -5.26 31.29 -35.31
C LEU C 425 -5.45 30.00 -36.12
N ASN C 426 -5.58 30.14 -37.43
CA ASN C 426 -5.68 28.98 -38.34
C ASN C 426 -4.41 28.12 -38.31
N LEU C 427 -3.25 28.78 -38.28
CA LEU C 427 -1.96 28.08 -38.11
C LEU C 427 -1.89 27.36 -36.76
N ALA C 428 -2.34 28.03 -35.69
CA ALA C 428 -2.41 27.44 -34.35
C ALA C 428 -3.36 26.25 -34.28
N LEU C 429 -4.49 26.34 -34.99
CA LEU C 429 -5.43 25.20 -35.12
C LEU C 429 -4.81 24.06 -35.92
N ALA C 430 -4.25 24.38 -37.08
CA ALA C 430 -3.64 23.38 -37.97
C ALA C 430 -2.54 22.55 -37.29
N TRP C 431 -1.71 23.20 -36.48
CA TRP C 431 -0.64 22.50 -35.75
C TRP C 431 -1.12 21.76 -34.50
N ASN C 432 -2.28 22.16 -33.96
CA ASN C 432 -2.87 21.57 -32.75
C ASN C 432 -1.95 21.82 -31.53
N ARG C 433 -1.59 23.09 -31.33
CA ARG C 433 -0.75 23.53 -30.23
C ARG C 433 -1.40 24.72 -29.53
N ILE C 434 -2.04 24.46 -28.39
CA ILE C 434 -2.81 25.47 -27.67
C ILE C 434 -1.95 26.41 -26.80
N ASP C 435 -0.77 25.96 -26.41
CA ASP C 435 0.19 26.82 -25.69
C ASP C 435 0.57 28.10 -26.47
N LEU C 436 0.68 27.99 -27.79
CA LEU C 436 0.85 29.15 -28.67
C LEU C 436 -0.38 30.06 -28.66
N ALA C 437 -1.57 29.45 -28.72
CA ALA C 437 -2.85 30.17 -28.63
C ALA C 437 -2.97 30.95 -27.32
N LYS C 438 -2.61 30.31 -26.21
CA LYS C 438 -2.54 30.98 -24.91
C LYS C 438 -1.43 32.04 -24.85
N SER C 439 -0.29 31.75 -25.48
CA SER C 439 0.86 32.67 -25.48
C SER C 439 0.59 33.99 -26.20
N ASP C 440 0.45 33.95 -27.53
CA ASP C 440 0.43 35.17 -28.35
C ASP C 440 -0.68 35.25 -29.43
N ILE C 441 -1.78 34.53 -29.22
CA ILE C 441 -2.98 34.68 -30.05
C ILE C 441 -4.09 35.33 -29.22
N PHE C 442 -4.36 34.76 -28.04
CA PHE C 442 -5.35 35.34 -27.10
C PHE C 442 -4.64 36.08 -25.97
N THR C 443 -4.28 37.34 -26.26
CA THR C 443 -3.61 38.23 -25.31
C THR C 443 -4.55 39.35 -24.88
N GLU C 444 -4.08 40.19 -23.95
CA GLU C 444 -4.78 41.42 -23.55
C GLU C 444 -4.86 42.48 -24.67
N GLU C 445 -3.92 42.42 -25.62
CA GLU C 445 -3.81 43.42 -26.69
C GLU C 445 -4.98 43.41 -27.68
N GLN C 446 -5.39 42.22 -28.10
CA GLN C 446 -6.41 42.06 -29.16
C GLN C 446 -7.66 41.33 -28.65
N GLN C 447 -8.82 41.72 -29.20
CA GLN C 447 -10.12 41.21 -28.77
C GLN C 447 -10.77 40.32 -29.83
N TRP C 448 -11.39 39.23 -29.39
CA TRP C 448 -12.08 38.28 -30.26
C TRP C 448 -13.58 38.27 -29.97
N THR C 449 -14.38 38.16 -31.03
CA THR C 449 -15.84 38.12 -30.95
C THR C 449 -16.35 36.82 -31.59
N THR C 450 -17.67 36.62 -31.56
CA THR C 450 -18.31 35.46 -32.20
C THR C 450 -18.07 35.43 -33.72
N GLU C 451 -18.27 36.58 -34.36
CA GLU C 451 -18.14 36.71 -35.82
C GLU C 451 -16.74 36.36 -36.34
N THR C 452 -15.71 36.70 -35.58
CA THR C 452 -14.32 36.37 -35.93
C THR C 452 -13.91 34.94 -35.58
N LEU C 453 -14.51 34.37 -34.52
CA LEU C 453 -14.21 33.00 -34.08
C LEU C 453 -15.15 31.90 -34.63
N SER C 454 -16.16 32.29 -35.41
CA SER C 454 -17.13 31.33 -35.97
C SER C 454 -16.49 30.22 -36.79
N ALA C 455 -15.66 30.59 -37.76
CA ALA C 455 -14.98 29.64 -38.64
C ALA C 455 -13.99 28.75 -37.88
N ALA C 456 -13.25 29.36 -36.95
CA ALA C 456 -12.31 28.64 -36.08
C ALA C 456 -13.03 27.64 -35.17
N MET C 457 -14.17 28.04 -34.61
CA MET C 457 -14.98 27.14 -33.77
C MET C 457 -15.50 25.93 -34.56
N LEU C 458 -16.06 26.19 -35.74
CA LEU C 458 -16.57 25.13 -36.62
C LEU C 458 -15.45 24.17 -37.05
N THR C 459 -14.26 24.72 -37.33
CA THR C 459 -13.06 23.92 -37.61
C THR C 459 -12.64 23.10 -36.38
N ALA C 460 -12.67 23.73 -35.21
CA ALA C 460 -12.34 23.06 -33.96
C ALA C 460 -13.30 21.92 -33.61
N LEU C 461 -14.58 22.10 -33.90
CA LEU C 461 -15.59 21.06 -33.67
C LEU C 461 -15.45 19.89 -34.65
N LEU C 462 -15.37 20.20 -35.94
CA LEU C 462 -15.32 19.16 -36.99
C LEU C 462 -14.03 18.31 -36.99
N ASP C 463 -12.91 18.90 -36.56
CA ASP C 463 -11.62 18.18 -36.50
C ASP C 463 -11.25 17.65 -35.10
N ASP C 464 -12.19 17.67 -34.15
CA ASP C 464 -12.01 17.12 -32.80
C ASP C 464 -10.89 17.84 -32.01
N LYS C 465 -10.91 19.17 -32.07
CA LYS C 465 -9.97 19.99 -31.30
C LYS C 465 -10.71 20.51 -30.06
N ALA C 466 -10.80 19.65 -29.04
CA ALA C 466 -11.61 19.92 -27.86
C ALA C 466 -11.09 21.07 -27.01
N GLU C 467 -9.77 21.12 -26.83
CA GLU C 467 -9.12 22.16 -26.01
C GLU C 467 -9.26 23.56 -26.62
N PHE C 468 -9.20 23.64 -27.95
CA PHE C 468 -9.45 24.89 -28.67
C PHE C 468 -10.90 25.35 -28.54
N ALA C 469 -11.84 24.42 -28.64
CA ALA C 469 -13.27 24.71 -28.46
C ALA C 469 -13.57 25.22 -27.04
N GLU C 470 -12.97 24.58 -26.04
CA GLU C 470 -13.03 25.05 -24.65
C GLU C 470 -12.49 26.48 -24.52
N LEU C 471 -11.32 26.71 -25.11
CA LEU C 471 -10.64 28.00 -25.06
C LEU C 471 -11.41 29.11 -25.77
N PHE C 472 -12.02 28.79 -26.92
CA PHE C 472 -12.85 29.77 -27.65
C PHE C 472 -14.12 30.12 -26.87
N LEU C 473 -14.74 29.13 -26.25
CA LEU C 473 -15.92 29.37 -25.41
C LEU C 473 -15.63 30.31 -24.25
N GLN C 474 -14.55 30.02 -23.51
CA GLN C 474 -14.18 30.82 -22.33
C GLN C 474 -13.37 32.10 -22.61
N ASN C 475 -13.14 32.44 -23.88
CA ASN C 475 -12.53 33.74 -24.24
C ASN C 475 -13.58 34.71 -24.79
N GLY C 476 -14.11 34.45 -26.00
CA GLY C 476 -15.09 35.35 -26.62
C GLY C 476 -16.14 34.77 -27.57
N LEU C 477 -16.39 33.46 -27.49
CA LEU C 477 -17.41 32.80 -28.33
C LEU C 477 -18.64 32.54 -27.49
N SER C 478 -19.81 32.94 -28.02
CA SER C 478 -21.10 32.73 -27.37
C SER C 478 -21.94 31.82 -28.26
N MET C 479 -22.25 30.62 -27.76
CA MET C 479 -22.92 29.59 -28.57
C MET C 479 -24.38 29.93 -28.94
N ARG C 480 -24.99 30.88 -28.22
CA ARG C 480 -26.29 31.43 -28.59
C ARG C 480 -26.26 32.10 -29.97
N GLU C 481 -25.20 32.88 -30.24
CA GLU C 481 -25.02 33.54 -31.55
C GLU C 481 -24.43 32.59 -32.60
N PHE C 482 -23.48 31.75 -32.20
CA PHE C 482 -22.75 30.88 -33.13
C PHE C 482 -23.64 29.83 -33.80
N LEU C 483 -24.29 29.00 -32.99
CA LEU C 483 -25.03 27.84 -33.50
C LEU C 483 -26.37 28.23 -34.11
N SER C 484 -26.45 28.15 -35.43
CA SER C 484 -27.72 28.23 -36.17
C SER C 484 -28.15 26.81 -36.56
N LEU C 485 -29.24 26.69 -37.31
CA LEU C 485 -29.73 25.39 -37.78
C LEU C 485 -28.82 24.76 -38.84
N ASP C 486 -28.33 25.59 -39.77
CA ASP C 486 -27.45 25.13 -40.87
C ASP C 486 -26.11 24.57 -40.35
N ILE C 487 -25.56 25.22 -39.32
CA ILE C 487 -24.32 24.76 -38.68
C ILE C 487 -24.53 23.39 -38.02
N LEU C 488 -25.68 23.24 -37.34
CA LEU C 488 -26.03 21.98 -36.68
C LEU C 488 -26.25 20.85 -37.69
N CYS C 489 -26.95 21.16 -38.79
CA CYS C 489 -27.10 20.20 -39.89
C CYS C 489 -25.76 19.88 -40.56
N LYS C 490 -24.88 20.89 -40.69
CA LYS C 490 -23.52 20.68 -41.19
C LYS C 490 -22.69 19.79 -40.26
N LEU C 491 -22.87 19.93 -38.94
CA LEU C 491 -22.20 19.06 -37.97
C LEU C 491 -22.60 17.58 -38.10
N TYR C 492 -23.90 17.34 -38.26
CA TYR C 492 -24.40 15.96 -38.48
C TYR C 492 -24.11 15.44 -39.89
N ALA C 493 -24.03 16.33 -40.87
CA ALA C 493 -23.65 15.96 -42.25
C ALA C 493 -22.21 15.43 -42.35
N GLU C 494 -21.31 16.00 -41.56
CA GLU C 494 -19.88 15.63 -41.58
C GLU C 494 -19.49 14.75 -40.38
N VAL C 495 -20.28 13.69 -40.12
CA VAL C 495 -19.88 12.66 -39.15
C VAL C 495 -18.78 11.79 -39.79
N PRO C 496 -17.87 11.22 -38.96
CA PRO C 496 -16.63 10.61 -39.51
C PRO C 496 -16.83 9.49 -40.54
N GLY C 497 -17.49 8.40 -40.16
CA GLY C 497 -17.58 7.19 -41.01
C GLY C 497 -17.30 5.92 -40.23
N ASN C 498 -16.31 5.98 -39.33
CA ASN C 498 -15.97 4.85 -38.44
C ASN C 498 -16.83 4.77 -37.15
N THR C 499 -17.78 5.70 -36.99
CA THR C 499 -18.66 5.74 -35.81
C THR C 499 -19.89 4.84 -35.96
N THR C 500 -20.60 4.65 -34.85
CA THR C 500 -21.82 3.85 -34.80
C THR C 500 -23.06 4.61 -35.33
N ILE C 501 -23.07 5.93 -35.14
CA ILE C 501 -24.19 6.79 -35.57
C ILE C 501 -24.37 6.87 -37.10
N LYS C 502 -23.27 6.72 -37.84
CA LYS C 502 -23.28 6.86 -39.31
C LYS C 502 -24.13 5.78 -40.01
N PRO C 503 -23.94 4.49 -39.67
CA PRO C 503 -24.88 3.46 -40.15
C PRO C 503 -26.35 3.70 -39.77
N LEU C 504 -26.58 4.11 -38.52
CA LEU C 504 -27.93 4.39 -38.01
C LEU C 504 -28.62 5.52 -38.76
N LEU C 505 -27.88 6.62 -38.98
CA LEU C 505 -28.40 7.75 -39.78
C LEU C 505 -28.66 7.35 -41.24
N GLN C 506 -27.73 6.59 -41.83
CA GLN C 506 -27.89 6.08 -43.20
C GLN C 506 -29.09 5.14 -43.36
N LYS C 507 -29.28 4.25 -42.38
CA LYS C 507 -30.44 3.34 -42.37
C LYS C 507 -31.77 4.08 -42.19
N GLU C 508 -31.76 5.14 -41.38
CA GLU C 508 -32.98 5.92 -41.14
C GLU C 508 -33.38 6.76 -42.35
N MET C 509 -32.43 7.49 -42.94
CA MET C 509 -32.69 8.26 -44.16
C MET C 509 -32.71 7.40 -45.43
N GLY C 510 -32.25 6.15 -45.33
CA GLY C 510 -32.36 5.17 -46.42
C GLY C 510 -33.81 4.84 -46.71
N LYS C 511 -34.56 4.48 -45.66
CA LYS C 511 -36.02 4.38 -45.75
C LYS C 511 -36.62 5.79 -45.83
N ARG C 512 -37.81 5.87 -46.43
CA ARG C 512 -38.51 7.14 -46.72
C ARG C 512 -37.80 8.10 -47.72
N GLN C 513 -36.74 7.61 -48.38
CA GLN C 513 -36.09 8.28 -49.51
C GLN C 513 -35.86 9.78 -49.37
N VAL C 514 -34.90 10.15 -48.52
CA VAL C 514 -34.49 11.54 -48.32
C VAL C 514 -32.97 11.61 -48.54
N LYS C 515 -32.56 12.50 -49.45
CA LYS C 515 -31.16 12.61 -49.86
C LYS C 515 -30.32 13.54 -48.98
N THR C 516 -30.96 14.49 -48.28
CA THR C 516 -30.27 15.47 -47.43
C THR C 516 -30.61 15.24 -45.95
N ILE C 517 -29.59 15.24 -45.10
CA ILE C 517 -29.78 15.10 -43.64
C ILE C 517 -30.45 16.35 -43.04
N ASP C 518 -31.39 16.12 -42.14
CA ASP C 518 -32.04 17.18 -41.35
C ASP C 518 -32.33 16.66 -39.94
N MET C 519 -32.83 17.52 -39.05
CA MET C 519 -32.98 17.19 -37.63
C MET C 519 -34.13 16.20 -37.32
N ASP C 520 -35.06 16.01 -38.25
CA ASP C 520 -36.11 14.99 -38.12
C ASP C 520 -35.52 13.58 -38.11
N VAL C 521 -34.50 13.36 -38.96
CA VAL C 521 -33.78 12.08 -39.02
C VAL C 521 -33.03 11.84 -37.71
N VAL C 522 -32.30 12.87 -37.25
CA VAL C 522 -31.52 12.80 -36.02
C VAL C 522 -32.43 12.60 -34.80
N GLY C 523 -33.58 13.28 -34.80
CA GLY C 523 -34.60 13.10 -33.77
C GLY C 523 -35.12 11.68 -33.68
N GLU C 524 -35.44 11.09 -34.83
CA GLU C 524 -35.96 9.72 -34.89
C GLU C 524 -34.93 8.66 -34.46
N VAL C 525 -33.65 8.91 -34.76
CA VAL C 525 -32.56 8.03 -34.28
C VAL C 525 -32.39 8.13 -32.75
N ILE C 526 -32.46 9.35 -32.22
CA ILE C 526 -32.42 9.55 -30.76
C ILE C 526 -33.66 8.96 -30.09
N GLU C 527 -34.81 9.02 -30.76
CA GLU C 527 -36.05 8.39 -30.26
C GLU C 527 -35.95 6.87 -30.16
N GLU C 528 -35.40 6.21 -31.19
CA GLU C 528 -35.26 4.75 -31.18
C GLU C 528 -34.10 4.24 -30.31
N LEU C 529 -33.15 5.12 -29.96
CA LEU C 529 -32.10 4.80 -28.96
C LEU C 529 -32.57 4.98 -27.50
N MET C 530 -33.77 5.52 -27.29
CA MET C 530 -34.39 5.59 -25.96
C MET C 530 -35.84 5.11 -26.08
N GLY C 531 -36.03 3.81 -25.88
CA GLY C 531 -37.25 3.12 -26.31
C GLY C 531 -38.52 3.35 -25.51
N ASP C 532 -38.41 3.88 -24.30
CA ASP C 532 -39.56 4.02 -23.39
C ASP C 532 -40.41 5.25 -23.71
N MET C 533 -41.02 5.27 -24.90
CA MET C 533 -41.80 6.39 -25.42
C MET C 533 -41.14 7.76 -25.25
N PHE C 534 -39.86 7.83 -25.62
CA PHE C 534 -39.12 9.09 -25.61
C PHE C 534 -39.56 9.94 -26.81
N GLU C 535 -39.55 11.25 -26.63
CA GLU C 535 -39.96 12.20 -27.66
C GLU C 535 -38.94 13.34 -27.75
N SER C 536 -38.04 13.25 -28.74
CA SER C 536 -37.03 14.27 -28.97
C SER C 536 -37.70 15.56 -29.48
N TYR C 537 -37.20 16.69 -29.01
CA TYR C 537 -37.79 18.00 -29.33
C TYR C 537 -37.58 18.47 -30.79
N TYR C 538 -36.68 17.80 -31.52
CA TYR C 538 -36.49 18.07 -32.96
C TYR C 538 -37.73 17.78 -33.79
N ARG C 539 -38.48 16.76 -33.39
CA ARG C 539 -39.68 16.31 -34.11
C ARG C 539 -40.88 17.26 -33.94
N LYS C 540 -40.89 18.03 -32.84
CA LYS C 540 -42.02 18.90 -32.49
C LYS C 540 -41.72 20.40 -32.52
N ASP C 541 -40.55 20.81 -32.05
CA ASP C 541 -40.23 22.24 -31.91
C ASP C 541 -40.05 22.92 -33.27
N GLY C 542 -40.61 24.13 -33.40
CA GLY C 542 -40.60 24.88 -34.66
C GLY C 542 -39.26 25.42 -35.13
N HIS C 543 -38.31 25.57 -34.19
CA HIS C 543 -36.97 26.08 -34.52
C HIS C 543 -36.11 25.12 -35.35
N TYR C 544 -36.45 23.83 -35.37
CA TYR C 544 -35.67 22.80 -36.07
C TYR C 544 -36.39 22.29 -37.33
N PHE C 545 -36.87 23.22 -38.16
CA PHE C 545 -37.45 22.91 -39.47
C PHE C 545 -37.01 23.94 -40.51
N GLY C 546 -37.18 23.59 -41.78
CA GLY C 546 -36.81 24.48 -42.89
C GLY C 546 -37.29 23.98 -44.25
N ILE C 573 -33.00 36.47 -37.69
CA ILE C 573 -33.42 35.17 -37.18
C ILE C 573 -33.18 35.10 -35.66
N ASP C 574 -34.09 34.43 -34.97
CA ASP C 574 -33.94 34.19 -33.52
C ASP C 574 -33.12 32.92 -33.26
N PRO C 575 -32.35 32.89 -32.16
CA PRO C 575 -31.45 31.75 -31.91
C PRO C 575 -32.18 30.48 -31.44
N LEU C 576 -31.44 29.36 -31.43
CA LEU C 576 -32.01 28.08 -31.02
C LEU C 576 -32.21 28.05 -29.49
N PRO C 577 -33.22 27.28 -29.00
CA PRO C 577 -33.51 27.24 -27.55
C PRO C 577 -32.37 26.72 -26.67
N THR C 578 -31.77 25.59 -27.06
CA THR C 578 -30.71 24.94 -26.27
C THR C 578 -29.51 24.58 -27.16
N PRO C 579 -28.59 25.54 -27.38
CA PRO C 579 -27.39 25.28 -28.20
C PRO C 579 -26.39 24.31 -27.56
N TYR C 580 -26.11 24.48 -26.27
CA TYR C 580 -25.16 23.61 -25.57
C TYR C 580 -25.62 22.14 -25.54
N LEU C 581 -26.93 21.92 -25.38
CA LEU C 581 -27.48 20.58 -25.28
C LEU C 581 -27.34 19.78 -26.58
N ASP C 582 -27.81 20.35 -27.69
CA ASP C 582 -27.79 19.64 -28.98
C ASP C 582 -26.39 19.48 -29.60
N VAL C 583 -25.46 20.36 -29.25
CA VAL C 583 -24.04 20.18 -29.63
C VAL C 583 -23.41 19.11 -28.72
N PHE C 584 -23.80 19.07 -27.45
CA PHE C 584 -23.40 17.99 -26.53
C PHE C 584 -23.94 16.62 -26.97
N LEU C 585 -25.18 16.58 -27.45
CA LEU C 585 -25.77 15.35 -28.00
C LEU C 585 -25.02 14.88 -29.25
N TRP C 586 -24.64 15.82 -30.12
CA TRP C 586 -23.80 15.51 -31.27
C TRP C 586 -22.44 14.95 -30.85
N ALA C 587 -21.86 15.53 -29.80
CA ALA C 587 -20.56 15.07 -29.27
C ALA C 587 -20.60 13.64 -28.73
N VAL C 588 -21.62 13.32 -27.94
CA VAL C 588 -21.77 11.97 -27.37
C VAL C 588 -22.18 10.90 -28.39
N LEU C 589 -22.96 11.29 -29.41
CA LEU C 589 -23.31 10.36 -30.50
C LEU C 589 -22.14 10.03 -31.42
N CYS C 590 -21.17 10.95 -31.54
CA CYS C 590 -19.93 10.69 -32.30
C CYS C 590 -18.85 9.94 -31.51
N ASN C 591 -19.09 9.72 -30.21
CA ASN C 591 -18.14 9.04 -29.31
C ASN C 591 -16.83 9.82 -29.13
N ARG C 592 -16.95 11.14 -29.02
CA ARG C 592 -15.82 12.03 -28.75
C ARG C 592 -15.77 12.32 -27.26
N ARG C 593 -14.80 11.74 -26.56
CA ARG C 593 -14.74 11.82 -25.09
C ARG C 593 -14.45 13.22 -24.55
N GLU C 594 -13.36 13.82 -25.03
CA GLU C 594 -12.91 15.13 -24.56
C GLU C 594 -13.86 16.26 -24.94
N LEU C 595 -14.37 16.22 -26.16
CA LEU C 595 -15.32 17.23 -26.64
C LEU C 595 -16.65 17.17 -25.89
N ALA C 596 -17.13 15.95 -25.62
CA ALA C 596 -18.34 15.76 -24.81
C ALA C 596 -18.15 16.25 -23.37
N ARG C 597 -16.99 15.99 -22.78
CA ARG C 597 -16.66 16.49 -21.44
C ARG C 597 -16.65 18.03 -21.41
N VAL C 598 -15.97 18.64 -22.38
CA VAL C 598 -15.91 20.11 -22.51
C VAL C 598 -17.31 20.72 -22.60
N LEU C 599 -18.16 20.13 -23.44
CA LEU C 599 -19.54 20.62 -23.62
C LEU C 599 -20.47 20.28 -22.45
N TRP C 600 -20.17 19.19 -21.73
CA TRP C 600 -20.93 18.84 -20.52
C TRP C 600 -20.72 19.86 -19.40
N GLU C 601 -19.47 20.28 -19.19
CA GLU C 601 -19.14 21.23 -18.13
C GLU C 601 -19.76 22.61 -18.32
N ALA C 602 -19.98 23.02 -19.57
CA ALA C 602 -20.71 24.24 -19.90
C ALA C 602 -22.13 23.90 -20.37
N GLY C 603 -22.99 23.52 -19.42
CA GLY C 603 -24.37 23.12 -19.70
C GLY C 603 -25.31 23.39 -18.54
N ARG C 604 -26.62 23.38 -18.83
CA ARG C 604 -27.64 23.84 -17.86
C ARG C 604 -28.06 22.77 -16.85
N GLU C 605 -28.35 21.56 -17.32
CA GLU C 605 -28.65 20.41 -16.46
C GLU C 605 -27.55 19.36 -16.61
N PRO C 606 -26.51 19.39 -15.74
CA PRO C 606 -25.43 18.40 -15.83
C PRO C 606 -25.86 16.96 -15.50
N MET C 607 -26.70 16.81 -14.47
CA MET C 607 -27.10 15.49 -13.97
C MET C 607 -27.98 14.74 -14.96
N ALA C 608 -28.98 15.44 -15.51
CA ALA C 608 -29.88 14.85 -16.51
C ALA C 608 -29.18 14.54 -17.82
N ALA C 609 -28.29 15.44 -18.26
CA ALA C 609 -27.49 15.25 -19.47
C ALA C 609 -26.55 14.05 -19.37
N ALA C 610 -25.91 13.91 -18.21
CA ALA C 610 -25.04 12.77 -17.93
C ALA C 610 -25.79 11.43 -17.98
N LEU C 611 -26.99 11.39 -17.40
CA LEU C 611 -27.83 10.20 -17.42
C LEU C 611 -28.35 9.87 -18.83
N MET C 612 -28.72 10.90 -19.60
CA MET C 612 -29.11 10.70 -21.00
C MET C 612 -27.91 10.24 -21.85
N ALA C 613 -26.72 10.78 -21.57
CA ALA C 613 -25.51 10.38 -22.30
C ALA C 613 -25.23 8.89 -22.10
N SER C 614 -25.19 8.46 -20.84
CA SER C 614 -24.93 7.06 -20.49
C SER C 614 -25.96 6.10 -21.10
N ARG C 615 -27.23 6.53 -21.16
CA ARG C 615 -28.29 5.77 -21.84
C ARG C 615 -27.97 5.60 -23.33
N LEU C 616 -27.71 6.73 -24.00
CA LEU C 616 -27.34 6.74 -25.42
C LEU C 616 -26.12 5.87 -25.72
N LEU C 617 -25.05 6.03 -24.92
CA LEU C 617 -23.81 5.28 -25.14
C LEU C 617 -23.98 3.77 -25.02
N LYS C 618 -24.54 3.29 -23.91
CA LYS C 618 -24.68 1.85 -23.68
C LYS C 618 -25.75 1.19 -24.55
N ARG C 619 -26.77 1.95 -24.97
CA ARG C 619 -27.77 1.43 -25.90
C ARG C 619 -27.20 1.28 -27.31
N MET C 620 -26.42 2.27 -27.77
CA MET C 620 -25.74 2.14 -29.07
C MET C 620 -24.56 1.16 -29.02
N ALA C 621 -24.01 0.94 -27.82
CA ALA C 621 -23.03 -0.15 -27.59
C ALA C 621 -23.64 -1.53 -27.86
N SER C 622 -24.81 -1.78 -27.28
CA SER C 622 -25.54 -3.04 -27.50
C SER C 622 -26.01 -3.19 -28.95
N ARG C 623 -26.39 -2.07 -29.57
CA ARG C 623 -26.73 -2.01 -30.99
C ARG C 623 -25.53 -2.37 -31.87
N ALA C 624 -24.36 -1.82 -31.53
CA ALA C 624 -23.11 -2.15 -32.24
C ALA C 624 -22.67 -3.61 -32.03
N GLN C 625 -22.94 -4.16 -30.86
CA GLN C 625 -22.56 -5.53 -30.52
C GLN C 625 -23.38 -6.59 -31.28
N GLU C 626 -24.70 -6.46 -31.26
CA GLU C 626 -25.60 -7.48 -31.83
C GLU C 626 -25.84 -7.41 -33.34
N ASP C 627 -25.27 -6.39 -34.02
CA ASP C 627 -25.45 -6.22 -35.47
C ASP C 627 -24.14 -6.53 -36.22
N ASN C 628 -24.26 -7.23 -37.35
CA ASN C 628 -23.10 -7.63 -38.15
C ASN C 628 -22.63 -6.52 -39.11
N THR C 629 -23.57 -5.70 -39.59
CA THR C 629 -23.25 -4.57 -40.48
C THR C 629 -22.83 -3.27 -39.74
N ILE C 630 -22.57 -3.36 -38.44
CA ILE C 630 -21.94 -2.29 -37.66
C ILE C 630 -20.72 -2.87 -36.94
N THR C 631 -19.60 -2.13 -36.97
CA THR C 631 -18.35 -2.61 -36.39
C THR C 631 -18.39 -2.60 -34.86
N ASP C 632 -17.83 -3.65 -34.25
CA ASP C 632 -17.87 -3.81 -32.80
C ASP C 632 -16.85 -2.92 -32.10
N ILE C 633 -17.32 -1.81 -31.54
CA ILE C 633 -16.53 -0.93 -30.67
C ILE C 633 -17.25 -0.81 -29.32
N SER C 634 -17.79 -1.95 -28.86
CA SER C 634 -18.76 -1.98 -27.77
C SER C 634 -18.14 -1.68 -26.40
N SER C 635 -16.97 -2.27 -26.13
CA SER C 635 -16.25 -2.04 -24.87
C SER C 635 -15.83 -0.58 -24.68
N ASP C 636 -15.51 0.09 -25.78
CA ASP C 636 -15.20 1.53 -25.76
C ASP C 636 -16.44 2.36 -25.37
N LEU C 637 -17.58 2.01 -25.96
CA LEU C 637 -18.85 2.69 -25.68
C LEU C 637 -19.37 2.42 -24.26
N TYR C 638 -19.19 1.20 -23.75
CA TYR C 638 -19.56 0.88 -22.36
C TYR C 638 -18.69 1.65 -21.34
N ASP C 639 -17.39 1.76 -21.64
CA ASP C 639 -16.46 2.51 -20.80
C ASP C 639 -16.78 4.01 -20.77
N HIS C 640 -17.20 4.55 -21.91
CA HIS C 640 -17.61 5.96 -22.02
C HIS C 640 -18.94 6.21 -21.28
N ALA C 641 -19.86 5.25 -21.38
CA ALA C 641 -21.12 5.28 -20.61
C ALA C 641 -20.86 5.25 -19.11
N ARG C 642 -19.88 4.47 -18.68
CA ARG C 642 -19.49 4.37 -17.27
C ARG C 642 -18.91 5.69 -16.74
N LEU C 643 -18.16 6.41 -17.56
CA LEU C 643 -17.64 7.74 -17.18
C LEU C 643 -18.75 8.74 -16.89
N PHE C 644 -19.76 8.79 -17.77
CA PHE C 644 -20.91 9.67 -17.57
C PHE C 644 -21.77 9.27 -16.37
N GLU C 645 -21.83 7.97 -16.07
CA GLU C 645 -22.52 7.48 -14.86
C GLU C 645 -21.84 8.00 -13.59
N GLU C 646 -20.50 7.94 -13.56
CA GLU C 646 -19.72 8.48 -12.44
C GLU C 646 -19.93 9.99 -12.24
N ARG C 647 -20.00 10.73 -13.34
CA ARG C 647 -20.25 12.18 -13.30
C ARG C 647 -21.63 12.53 -12.74
N ALA C 648 -22.65 11.77 -13.14
CA ALA C 648 -24.01 11.96 -12.62
C ALA C 648 -24.10 11.72 -11.11
N VAL C 649 -23.44 10.66 -10.63
CA VAL C 649 -23.41 10.33 -9.20
C VAL C 649 -22.65 11.41 -8.41
N GLY C 650 -21.54 11.88 -8.98
CA GLY C 650 -20.73 12.94 -8.38
C GLY C 650 -21.47 14.26 -8.17
N VAL C 651 -22.26 14.65 -9.16
CA VAL C 651 -23.08 15.87 -9.08
C VAL C 651 -24.20 15.68 -8.04
N LEU C 652 -24.82 14.50 -8.01
CA LEU C 652 -25.83 14.18 -7.00
C LEU C 652 -25.25 14.21 -5.59
N ASP C 653 -24.07 13.62 -5.42
CA ASP C 653 -23.39 13.58 -4.12
C ASP C 653 -23.09 14.99 -3.57
N GLU C 654 -22.62 15.88 -4.44
CA GLU C 654 -22.34 17.26 -4.06
C GLU C 654 -23.63 18.04 -3.75
N CYS C 655 -24.66 17.83 -4.57
CA CYS C 655 -26.00 18.38 -4.29
C CYS C 655 -26.57 17.90 -2.96
N PHE C 656 -26.34 16.62 -2.64
CA PHE C 656 -26.77 16.06 -1.36
C PHE C 656 -26.03 16.66 -0.16
N ASN C 657 -24.73 16.86 -0.30
CA ASN C 657 -23.91 17.45 0.77
C ASN C 657 -24.25 18.91 1.09
N GLU C 658 -24.67 19.66 0.07
CA GLU C 658 -25.07 21.07 0.27
C GLU C 658 -26.43 21.19 0.97
N ASN C 659 -27.45 20.58 0.39
CA ASN C 659 -28.80 20.54 0.97
C ASN C 659 -29.50 19.23 0.63
N GLU C 660 -29.88 18.48 1.65
CA GLU C 660 -30.43 17.12 1.48
C GLU C 660 -31.86 17.08 0.97
N THR C 661 -32.66 18.09 1.30
CA THR C 661 -34.08 18.12 0.92
C THR C 661 -34.26 18.56 -0.54
N LEU C 662 -33.67 19.69 -0.90
CA LEU C 662 -33.81 20.22 -2.27
C LEU C 662 -33.12 19.36 -3.34
N SER C 663 -32.15 18.53 -2.94
CA SER C 663 -31.57 17.52 -3.83
C SER C 663 -32.58 16.42 -4.19
N GLN C 664 -33.43 16.05 -3.22
CA GLN C 664 -34.52 15.10 -3.48
C GLN C 664 -35.63 15.73 -4.33
N THR C 665 -35.84 17.04 -4.18
CA THR C 665 -36.70 17.81 -5.08
C THR C 665 -36.10 17.88 -6.49
N LEU C 666 -34.77 18.02 -6.55
CA LEU C 666 -34.01 18.00 -7.81
C LEU C 666 -34.19 16.68 -8.60
N LEU C 667 -34.32 15.56 -7.88
CA LEU C 667 -34.53 14.24 -8.51
C LEU C 667 -35.91 14.02 -9.13
N VAL C 668 -36.93 14.75 -8.67
CA VAL C 668 -38.31 14.62 -9.17
C VAL C 668 -38.78 15.82 -10.01
N ARG C 669 -37.84 16.61 -10.54
CA ARG C 669 -38.18 17.73 -11.42
C ARG C 669 -38.70 17.23 -12.76
N GLU C 670 -39.83 17.77 -13.21
CA GLU C 670 -40.34 17.47 -14.54
C GLU C 670 -39.54 18.27 -15.57
N LEU C 671 -38.56 17.62 -16.20
CA LEU C 671 -37.66 18.27 -17.16
C LEU C 671 -38.34 18.44 -18.51
N ASP C 672 -38.37 19.67 -19.02
CA ASP C 672 -39.06 19.97 -20.29
C ASP C 672 -38.24 19.59 -21.53
N HIS C 673 -36.92 19.73 -21.45
CA HIS C 673 -36.03 19.40 -22.57
C HIS C 673 -35.76 17.90 -22.76
N TYR C 674 -36.14 17.07 -21.78
CA TYR C 674 -35.97 15.62 -21.86
C TYR C 674 -37.31 14.87 -21.95
N SER C 675 -38.25 15.45 -22.70
CA SER C 675 -39.57 14.85 -22.97
C SER C 675 -40.43 14.61 -21.72
N ARG C 676 -40.52 15.63 -20.88
CA ARG C 676 -41.31 15.59 -19.62
C ARG C 676 -40.91 14.44 -18.67
N MET C 677 -39.65 14.02 -18.76
CA MET C 677 -39.15 12.85 -18.03
C MET C 677 -38.22 13.33 -16.91
N THR C 678 -38.39 12.78 -15.72
CA THR C 678 -37.59 13.20 -14.55
C THR C 678 -36.25 12.45 -14.46
N ALA C 679 -35.36 12.98 -13.63
CA ALA C 679 -33.99 12.46 -13.48
C ALA C 679 -33.93 11.04 -12.91
N LEU C 680 -34.87 10.71 -12.03
CA LEU C 680 -34.98 9.36 -11.46
C LEU C 680 -35.38 8.33 -12.52
N GLU C 681 -36.27 8.72 -13.43
CA GLU C 681 -36.69 7.88 -14.56
C GLU C 681 -35.56 7.69 -15.58
N LEU C 682 -34.80 8.77 -15.84
CA LEU C 682 -33.59 8.68 -16.67
C LEU C 682 -32.54 7.76 -16.05
N ALA C 683 -32.38 7.82 -14.73
CA ALA C 683 -31.46 6.94 -14.01
C ALA C 683 -31.93 5.49 -13.91
N VAL C 684 -33.22 5.24 -14.13
CA VAL C 684 -33.76 3.88 -14.22
C VAL C 684 -33.70 3.35 -15.66
N SER C 685 -33.94 4.23 -16.65
CA SER C 685 -33.88 3.84 -18.07
C SER C 685 -32.51 3.27 -18.46
N ALA C 686 -31.46 4.05 -18.25
CA ALA C 686 -30.10 3.52 -18.23
C ALA C 686 -29.94 2.84 -16.89
N GLU C 687 -29.62 1.54 -16.90
CA GLU C 687 -29.59 0.75 -15.66
C GLU C 687 -28.40 1.17 -14.80
N SER C 688 -28.56 2.30 -14.10
CA SER C 688 -27.51 2.93 -13.31
C SER C 688 -27.73 2.63 -11.84
N GLN C 689 -27.15 1.52 -11.39
CA GLN C 689 -27.34 1.06 -10.01
C GLN C 689 -26.64 1.94 -8.97
N ASP C 690 -25.51 2.53 -9.35
CA ASP C 690 -24.76 3.45 -8.46
C ASP C 690 -25.53 4.74 -8.15
N PHE C 691 -26.34 5.21 -9.10
CA PHE C 691 -27.16 6.41 -8.91
C PHE C 691 -28.35 6.13 -7.97
N ILE C 692 -29.05 5.03 -8.22
CA ILE C 692 -30.23 4.65 -7.42
C ILE C 692 -29.81 4.18 -6.02
N ALA C 693 -28.64 3.55 -5.90
CA ALA C 693 -28.11 3.13 -4.59
C ALA C 693 -27.60 4.26 -3.70
N HIS C 694 -27.45 5.47 -4.25
CA HIS C 694 -27.02 6.65 -3.48
C HIS C 694 -28.06 7.04 -2.42
N THR C 695 -27.58 7.58 -1.30
CA THR C 695 -28.42 7.89 -0.13
C THR C 695 -29.60 8.81 -0.43
N SER C 696 -29.39 9.80 -1.29
CA SER C 696 -30.44 10.75 -1.70
C SER C 696 -31.63 10.06 -2.37
N CYS C 697 -31.35 9.15 -3.30
CA CYS C 697 -32.40 8.37 -3.98
C CYS C 697 -33.11 7.41 -3.02
N GLN C 698 -32.35 6.77 -2.15
CA GLN C 698 -32.91 5.82 -1.17
C GLN C 698 -33.83 6.49 -0.15
N VAL C 699 -33.42 7.66 0.34
CA VAL C 699 -34.26 8.45 1.25
C VAL C 699 -35.51 8.99 0.51
N LEU C 700 -35.34 9.39 -0.74
CA LEU C 700 -36.47 9.80 -1.58
C LEU C 700 -37.48 8.67 -1.78
N LEU C 701 -36.98 7.48 -2.11
CA LEU C 701 -37.85 6.30 -2.26
C LEU C 701 -38.61 5.94 -0.98
N THR C 702 -37.97 6.12 0.18
CA THR C 702 -38.62 5.92 1.48
C THR C 702 -39.69 6.99 1.75
N ARG C 703 -39.43 8.22 1.31
CA ARG C 703 -40.43 9.30 1.39
C ARG C 703 -41.61 9.08 0.44
N LEU C 704 -41.34 8.58 -0.77
CA LEU C 704 -42.41 8.24 -1.72
C LEU C 704 -43.23 7.03 -1.24
N TRP C 705 -42.56 6.08 -0.58
CA TRP C 705 -43.22 4.93 0.07
C TRP C 705 -44.16 5.40 1.18
N MET C 706 -43.75 6.40 1.94
CA MET C 706 -44.58 7.09 2.93
C MET C 706 -45.32 8.26 2.27
N GLY C 707 -46.19 7.95 1.33
CA GLY C 707 -46.83 8.96 0.50
C GLY C 707 -47.85 9.78 1.26
N THR C 708 -47.48 11.03 1.58
CA THR C 708 -48.34 11.99 2.29
C THR C 708 -48.75 11.45 3.66
N MET C 709 -47.75 11.03 4.43
CA MET C 709 -47.97 10.41 5.74
C MET C 709 -46.69 10.51 6.56
N ALA C 710 -46.83 10.68 7.88
CA ALA C 710 -45.68 10.92 8.76
C ALA C 710 -44.63 9.80 8.68
N MET C 711 -43.37 10.17 8.83
CA MET C 711 -42.24 9.27 8.56
C MET C 711 -42.15 8.08 9.52
N ASN C 712 -42.63 8.25 10.75
CA ASN C 712 -42.54 7.21 11.79
C ASN C 712 -43.90 6.59 12.16
N THR C 713 -44.75 6.38 11.15
CA THR C 713 -46.02 5.67 11.32
C THR C 713 -45.76 4.17 11.16
N ARG C 714 -45.98 3.41 12.22
CA ARG C 714 -45.68 1.98 12.23
C ARG C 714 -46.78 1.16 11.56
N TRP C 715 -46.43 -0.08 11.19
CA TRP C 715 -47.31 -0.99 10.45
C TRP C 715 -48.67 -1.29 11.13
N TRP C 716 -48.63 -1.50 12.44
CA TRP C 716 -49.83 -1.85 13.23
C TRP C 716 -50.82 -0.69 13.32
N LYS C 717 -50.30 0.53 13.45
CA LYS C 717 -51.11 1.75 13.43
C LYS C 717 -51.88 1.91 12.12
N VAL C 718 -51.19 1.61 11.01
CA VAL C 718 -51.81 1.57 9.68
C VAL C 718 -52.82 0.43 9.60
N LEU C 719 -52.42 -0.76 10.09
CA LEU C 719 -53.31 -1.93 10.11
C LEU C 719 -54.61 -1.70 10.87
N VAL C 720 -54.54 -1.00 12.00
CA VAL C 720 -55.75 -0.64 12.77
C VAL C 720 -56.60 0.38 11.99
N CYS C 721 -55.97 1.44 11.51
CA CYS C 721 -56.67 2.51 10.77
C CYS C 721 -57.21 2.09 9.39
N LEU C 722 -56.69 1.01 8.83
CA LEU C 722 -57.16 0.51 7.52
C LEU C 722 -58.59 -0.02 7.58
N TYR C 723 -58.94 -0.72 8.66
CA TYR C 723 -60.29 -1.29 8.85
C TYR C 723 -61.21 -0.44 9.74
N LEU C 724 -60.63 0.38 10.62
CA LEU C 724 -61.39 1.35 11.42
C LEU C 724 -61.07 2.78 10.92
N PRO C 725 -61.79 3.26 9.89
CA PRO C 725 -61.52 4.60 9.37
C PRO C 725 -62.00 5.78 10.24
N VAL C 726 -62.63 5.52 11.38
CA VAL C 726 -62.89 6.57 12.38
C VAL C 726 -61.63 6.94 13.18
N LEU C 727 -60.71 5.98 13.35
CA LEU C 727 -59.39 6.23 13.97
C LEU C 727 -58.37 6.89 13.02
N ILE C 728 -58.76 7.15 11.77
CA ILE C 728 -57.85 7.70 10.76
C ILE C 728 -57.35 9.12 11.07
N PHE C 729 -58.19 9.93 11.72
CA PHE C 729 -57.86 11.33 12.04
C PHE C 729 -57.04 11.53 13.33
N PRO C 730 -57.45 10.90 14.45
CA PRO C 730 -56.71 11.16 15.71
C PRO C 730 -55.25 10.68 15.76
N ILE C 731 -55.00 9.42 15.38
CA ILE C 731 -53.69 8.78 15.63
C ILE C 731 -52.67 8.80 14.48
N ILE C 732 -53.11 9.01 13.24
CA ILE C 732 -52.20 9.12 12.09
C ILE C 732 -51.76 10.57 11.91
N TYR C 733 -50.44 10.81 12.03
CA TYR C 733 -49.85 12.10 11.70
C TYR C 733 -49.52 12.16 10.21
N PHE C 734 -49.38 13.38 9.70
CA PHE C 734 -49.16 13.62 8.27
C PHE C 734 -47.98 14.57 8.04
N VAL C 735 -47.60 14.77 6.78
CA VAL C 735 -46.43 15.58 6.42
C VAL C 735 -46.60 17.08 6.77
N PRO C 736 -47.78 17.67 6.52
CA PRO C 736 -48.02 19.05 6.95
C PRO C 736 -47.88 19.28 8.47
N ASP C 737 -48.28 18.30 9.26
CA ASP C 737 -48.25 18.39 10.73
C ASP C 737 -46.80 18.47 11.26
N GLU C 738 -45.95 17.57 10.81
CA GLU C 738 -44.54 17.55 11.22
C GLU C 738 -43.75 18.75 10.67
N GLN C 739 -44.05 19.17 9.43
CA GLN C 739 -43.43 20.37 8.84
C GLN C 739 -43.89 21.65 9.52
N HIS C 740 -45.16 21.73 9.90
CA HIS C 740 -45.67 22.86 10.70
C HIS C 740 -44.99 22.93 12.08
N GLU C 741 -44.78 21.77 12.70
CA GLU C 741 -44.09 21.67 13.99
C GLU C 741 -42.63 22.12 13.91
N ARG C 742 -41.92 21.67 12.87
CA ARG C 742 -40.52 22.06 12.65
C ARG C 742 -40.36 23.56 12.37
N GLN C 743 -41.22 24.10 11.51
CA GLN C 743 -41.22 25.54 11.21
C GLN C 743 -41.59 26.38 12.43
N ALA C 744 -42.61 25.96 13.18
CA ALA C 744 -43.01 26.64 14.42
C ALA C 744 -41.91 26.62 15.49
N ALA C 745 -41.14 25.54 15.54
CA ALA C 745 -39.99 25.44 16.44
C ALA C 745 -38.85 26.37 16.00
N GLU C 746 -38.48 26.28 14.72
CA GLU C 746 -37.36 27.06 14.16
C GLU C 746 -37.58 28.57 14.14
N ARG C 747 -38.85 29.01 14.10
CA ARG C 747 -39.18 30.43 14.33
C ARG C 747 -38.89 30.86 15.77
N GLU C 748 -39.12 29.95 16.73
CA GLU C 748 -38.85 30.22 18.15
C GLU C 748 -37.37 30.15 18.53
N HIS C 749 -36.58 29.32 17.83
CA HIS C 749 -35.13 29.23 18.10
C HIS C 749 -34.36 30.51 17.78
N GLN C 750 -34.87 31.30 16.83
CA GLN C 750 -34.25 32.58 16.45
C GLN C 750 -34.45 33.70 17.49
N LYS C 751 -35.34 33.51 18.46
CA LYS C 751 -35.52 34.47 19.57
C LYS C 751 -34.27 34.56 20.45
N SER C 752 -34.09 35.72 21.08
CA SER C 752 -33.00 35.93 22.03
C SER C 752 -33.26 35.14 23.31
N LEU C 753 -32.18 34.68 23.95
CA LEU C 753 -32.30 33.85 25.15
C LEU C 753 -32.76 34.64 26.38
N ASN C 754 -32.31 35.89 26.48
CA ASN C 754 -32.75 36.80 27.55
C ASN C 754 -34.03 37.54 27.18
N GLN C 755 -34.76 38.01 28.20
CA GLN C 755 -36.05 38.70 28.08
C GLN C 755 -36.99 38.13 27.01
N ASP C 812 -55.10 13.24 -6.55
CA ASP C 812 -53.91 13.05 -7.37
C ASP C 812 -52.84 14.13 -7.16
N ASP C 813 -52.83 14.75 -5.97
CA ASP C 813 -51.92 15.85 -5.63
C ASP C 813 -50.99 15.48 -4.48
N SER C 814 -50.55 14.22 -4.46
CA SER C 814 -49.73 13.67 -3.37
C SER C 814 -48.31 14.24 -3.38
N MET C 815 -47.72 14.33 -4.56
CA MET C 815 -46.38 14.91 -4.73
C MET C 815 -46.32 16.39 -4.31
N GLU C 816 -47.40 17.12 -4.58
CA GLU C 816 -47.50 18.52 -4.19
C GLU C 816 -47.48 18.66 -2.67
N VAL C 817 -48.39 17.99 -2.00
CA VAL C 817 -48.48 18.04 -0.52
C VAL C 817 -47.25 17.43 0.20
N ILE C 818 -46.48 16.58 -0.49
CA ILE C 818 -45.17 16.13 0.01
C ILE C 818 -44.14 17.27 -0.08
N MET C 819 -44.02 17.91 -1.24
CA MET C 819 -42.95 18.89 -1.51
C MET C 819 -43.37 20.36 -1.60
N ARG C 820 -44.49 20.71 -0.95
CA ARG C 820 -44.94 22.11 -0.83
C ARG C 820 -45.40 22.35 0.61
N ASN C 821 -45.86 23.57 0.88
CA ASN C 821 -46.52 23.90 2.15
C ASN C 821 -48.05 23.90 1.94
N LYS C 822 -48.58 22.74 1.56
CA LYS C 822 -50.02 22.54 1.42
C LYS C 822 -50.57 21.86 2.67
N LYS C 823 -51.85 22.09 2.96
CA LYS C 823 -52.51 21.55 4.14
C LYS C 823 -53.67 20.64 3.75
N LEU C 824 -53.94 19.65 4.61
CA LEU C 824 -55.00 18.68 4.40
C LEU C 824 -56.12 18.92 5.41
N GLY C 825 -57.37 18.89 4.94
CA GLY C 825 -58.54 19.07 5.80
C GLY C 825 -58.88 17.81 6.59
N PHE C 826 -60.14 17.39 6.52
CA PHE C 826 -60.60 16.15 7.15
C PHE C 826 -60.74 15.04 6.09
N CYS C 827 -61.56 15.30 5.07
CA CYS C 827 -61.82 14.34 4.00
C CYS C 827 -60.62 14.12 3.06
N ASP C 828 -59.73 15.11 2.97
CA ASP C 828 -58.51 14.99 2.17
C ASP C 828 -57.54 13.96 2.75
N ARG C 829 -57.34 14.03 4.06
CA ARG C 829 -56.42 13.12 4.76
C ARG C 829 -56.98 11.72 5.08
N ILE C 830 -58.19 11.42 4.58
CA ILE C 830 -58.71 10.04 4.52
C ILE C 830 -58.24 9.41 3.21
N MET C 831 -58.58 10.07 2.10
CA MET C 831 -58.21 9.61 0.76
C MET C 831 -56.68 9.56 0.56
N HIS C 832 -55.97 10.53 1.13
CA HIS C 832 -54.50 10.54 1.12
C HIS C 832 -53.87 9.39 1.93
N PHE C 833 -54.54 8.95 2.99
CA PHE C 833 -54.11 7.77 3.76
C PHE C 833 -54.27 6.50 2.94
N TYR C 834 -55.44 6.31 2.35
CA TYR C 834 -55.69 5.14 1.48
C TYR C 834 -54.85 5.14 0.20
N SER C 835 -54.53 6.33 -0.32
CA SER C 835 -53.70 6.45 -1.54
C SER C 835 -52.20 6.17 -1.32
N ALA C 836 -51.74 6.16 -0.07
CA ALA C 836 -50.32 5.90 0.23
C ALA C 836 -49.90 4.48 -0.16
N PRO C 837 -48.71 4.31 -0.78
CA PRO C 837 -48.21 2.97 -1.11
C PRO C 837 -48.10 2.00 0.06
N PHE C 838 -47.63 2.47 1.21
CA PHE C 838 -47.45 1.63 2.40
C PHE C 838 -48.77 1.07 2.95
N SER C 839 -49.83 1.86 2.91
CA SER C 839 -51.16 1.40 3.32
C SER C 839 -51.72 0.35 2.36
N LYS C 840 -51.46 0.53 1.06
CA LYS C 840 -51.80 -0.47 0.05
C LYS C 840 -51.01 -1.77 0.25
N PHE C 841 -49.74 -1.65 0.61
CA PHE C 841 -48.89 -2.80 0.90
C PHE C 841 -49.39 -3.60 2.12
N VAL C 842 -49.71 -2.90 3.21
CA VAL C 842 -50.25 -3.53 4.42
C VAL C 842 -51.57 -4.22 4.11
N GLY C 843 -52.42 -3.54 3.33
CA GLY C 843 -53.65 -4.14 2.81
C GLY C 843 -53.38 -5.40 2.00
N ASN C 844 -52.44 -5.32 1.07
CA ASN C 844 -52.10 -6.48 0.23
C ASN C 844 -51.66 -7.70 1.08
N VAL C 845 -50.84 -7.44 2.10
CA VAL C 845 -50.34 -8.50 3.00
C VAL C 845 -51.48 -9.19 3.76
N VAL C 846 -52.43 -8.41 4.28
CA VAL C 846 -53.56 -8.97 5.03
C VAL C 846 -54.48 -9.79 4.11
N GLY C 847 -54.79 -9.25 2.94
CA GLY C 847 -55.56 -9.96 1.93
C GLY C 847 -54.90 -11.22 1.42
N TYR C 848 -53.56 -11.18 1.30
CA TYR C 848 -52.80 -12.36 0.86
C TYR C 848 -52.81 -13.48 1.90
N LEU C 849 -52.65 -13.12 3.18
CA LEU C 849 -52.78 -14.09 4.29
C LEU C 849 -54.15 -14.76 4.29
N ALA C 850 -55.20 -13.97 4.10
CA ALA C 850 -56.58 -14.48 4.01
C ALA C 850 -56.74 -15.47 2.86
N PHE C 851 -56.15 -15.16 1.72
CA PHE C 851 -56.17 -16.05 0.55
C PHE C 851 -55.48 -17.39 0.79
N ILE C 852 -54.30 -17.36 1.41
CA ILE C 852 -53.52 -18.58 1.67
C ILE C 852 -54.22 -19.49 2.68
N PHE C 853 -54.77 -18.92 3.76
CA PHE C 853 -55.56 -19.72 4.72
C PHE C 853 -56.82 -20.31 4.09
N LEU C 854 -57.48 -19.52 3.24
CA LEU C 854 -58.70 -19.95 2.55
C LEU C 854 -58.39 -21.09 1.56
N TYR C 855 -57.33 -20.89 0.77
CA TYR C 855 -56.90 -21.91 -0.20
C TYR C 855 -56.31 -23.16 0.46
N ALA C 856 -55.65 -22.98 1.60
CA ALA C 856 -55.15 -24.11 2.39
C ALA C 856 -56.29 -24.92 3.01
N TYR C 857 -57.36 -24.24 3.44
CA TYR C 857 -58.54 -24.93 4.00
C TYR C 857 -59.21 -25.80 2.95
N VAL C 858 -59.58 -25.21 1.82
CA VAL C 858 -60.27 -25.94 0.75
C VAL C 858 -59.46 -27.13 0.25
N VAL C 859 -58.14 -26.95 0.12
CA VAL C 859 -57.24 -28.03 -0.34
C VAL C 859 -57.09 -29.15 0.71
N LEU C 860 -56.91 -28.79 1.98
CA LEU C 860 -56.72 -29.78 3.05
C LEU C 860 -58.00 -30.48 3.50
N PHE C 861 -59.06 -29.72 3.71
CA PHE C 861 -60.26 -30.20 4.43
C PHE C 861 -61.49 -30.49 3.57
N ASN C 862 -61.83 -29.61 2.63
CA ASN C 862 -63.12 -29.66 1.93
C ASN C 862 -63.05 -29.29 0.44
N PHE C 863 -62.82 -30.31 -0.39
CA PHE C 863 -62.83 -30.19 -1.85
C PHE C 863 -63.51 -31.46 -2.40
N PRO C 864 -64.86 -31.51 -2.33
CA PRO C 864 -65.59 -32.70 -2.77
C PRO C 864 -65.71 -32.78 -4.29
N ARG C 865 -66.25 -33.89 -4.79
CA ARG C 865 -66.46 -34.08 -6.23
C ARG C 865 -67.86 -33.61 -6.66
N PHE C 866 -67.96 -33.22 -7.92
CA PHE C 866 -69.18 -32.63 -8.46
C PHE C 866 -70.23 -33.69 -8.74
N ASP C 867 -71.41 -33.54 -8.13
CA ASP C 867 -72.58 -34.39 -8.41
C ASP C 867 -73.80 -33.49 -8.69
N PRO C 868 -74.44 -33.65 -9.87
CA PRO C 868 -75.63 -32.82 -10.18
C PRO C 868 -76.86 -33.00 -9.27
N ALA C 869 -76.93 -34.10 -8.50
CA ALA C 869 -78.07 -34.35 -7.61
C ALA C 869 -78.22 -33.32 -6.50
N LYS C 870 -77.12 -33.02 -5.80
CA LYS C 870 -77.13 -32.05 -4.70
C LYS C 870 -77.25 -30.61 -5.18
N THR C 871 -77.65 -29.72 -4.27
CA THR C 871 -77.75 -28.28 -4.54
C THR C 871 -76.37 -27.66 -4.81
N LEU C 872 -76.31 -26.78 -5.81
CA LEU C 872 -75.07 -26.08 -6.21
C LEU C 872 -73.94 -27.01 -6.69
N GLY C 873 -74.24 -28.29 -6.92
CA GLY C 873 -73.21 -29.32 -7.12
C GLY C 873 -72.50 -29.77 -5.86
N GLY C 874 -73.11 -29.57 -4.70
CA GLY C 874 -72.49 -29.88 -3.41
C GLY C 874 -71.22 -29.08 -3.10
N ILE C 875 -71.14 -27.87 -3.64
CA ILE C 875 -69.95 -27.02 -3.52
C ILE C 875 -70.10 -26.16 -2.27
N HIS C 876 -69.06 -26.12 -1.45
CA HIS C 876 -69.02 -25.25 -0.27
C HIS C 876 -68.80 -23.82 -0.74
N PRO C 877 -69.42 -22.81 -0.08
CA PRO C 877 -69.21 -21.40 -0.48
C PRO C 877 -67.75 -20.93 -0.49
N THR C 878 -66.94 -21.51 0.39
CA THR C 878 -65.48 -21.30 0.43
C THR C 878 -64.80 -21.31 -0.95
N GLU C 879 -65.12 -22.32 -1.75
CA GLU C 879 -64.53 -22.48 -3.08
C GLU C 879 -64.97 -21.38 -4.07
N ILE C 880 -66.17 -20.85 -3.89
CA ILE C 880 -66.67 -19.72 -4.69
C ILE C 880 -65.95 -18.43 -4.30
N VAL C 881 -65.68 -18.25 -2.99
CA VAL C 881 -64.87 -17.13 -2.49
C VAL C 881 -63.43 -17.24 -3.02
N LEU C 882 -62.92 -18.47 -3.13
CA LEU C 882 -61.61 -18.72 -3.74
C LEU C 882 -61.56 -18.33 -5.22
N TYR C 883 -62.61 -18.68 -5.97
CA TYR C 883 -62.71 -18.25 -7.38
C TYR C 883 -62.70 -16.73 -7.51
N PHE C 884 -63.40 -16.06 -6.60
CA PHE C 884 -63.47 -14.60 -6.55
C PHE C 884 -62.09 -13.96 -6.37
N TRP C 885 -61.31 -14.46 -5.40
CA TRP C 885 -59.97 -13.89 -5.14
C TRP C 885 -58.94 -14.21 -6.24
N VAL C 886 -59.00 -15.40 -6.82
CA VAL C 886 -58.09 -15.74 -7.92
C VAL C 886 -58.41 -14.91 -9.17
N PHE C 887 -59.70 -14.64 -9.40
CA PHE C 887 -60.14 -13.72 -10.44
C PHE C 887 -59.62 -12.29 -10.21
N THR C 888 -59.57 -11.87 -8.95
CA THR C 888 -58.96 -10.58 -8.57
C THR C 888 -57.46 -10.53 -8.88
N ILE C 889 -56.74 -11.62 -8.62
CA ILE C 889 -55.30 -11.71 -8.93
C ILE C 889 -55.09 -11.71 -10.45
N LEU C 890 -55.96 -12.39 -11.19
CA LEU C 890 -55.91 -12.39 -12.67
C LEU C 890 -56.05 -10.97 -13.23
N ILE C 891 -57.03 -10.22 -12.71
CA ILE C 891 -57.25 -8.82 -13.11
C ILE C 891 -56.01 -7.96 -12.80
N GLU C 892 -55.41 -8.17 -11.62
CA GLU C 892 -54.20 -7.45 -11.22
C GLU C 892 -53.04 -7.67 -12.20
N GLU C 893 -52.85 -8.92 -12.63
CA GLU C 893 -51.80 -9.25 -13.62
C GLU C 893 -52.11 -8.70 -15.02
N ILE C 894 -53.39 -8.64 -15.39
CA ILE C 894 -53.81 -8.02 -16.66
C ILE C 894 -53.48 -6.53 -16.68
N ARG C 895 -53.82 -5.81 -15.61
CA ARG C 895 -53.52 -4.38 -15.52
C ARG C 895 -52.04 -4.07 -15.27
N GLN C 896 -51.29 -5.04 -14.71
CA GLN C 896 -49.83 -4.94 -14.66
C GLN C 896 -49.19 -5.06 -16.05
N LEU C 897 -49.77 -5.90 -16.91
CA LEU C 897 -49.36 -6.00 -18.33
C LEU C 897 -49.71 -4.72 -19.08
N ALA C 898 -50.94 -4.24 -18.91
CA ALA C 898 -51.45 -3.08 -19.66
C ALA C 898 -50.72 -1.75 -19.35
N ALA C 899 -50.17 -1.62 -18.14
CA ALA C 899 -49.54 -0.38 -17.69
C ALA C 899 -48.00 -0.46 -17.71
N LYS C 900 -47.45 -0.78 -18.87
CA LYS C 900 -45.99 -0.80 -19.09
C LYS C 900 -45.56 0.40 -19.95
N PRO C 901 -44.26 0.78 -19.90
CA PRO C 901 -43.82 1.99 -20.63
C PRO C 901 -43.99 1.98 -22.17
N PRO C 902 -43.66 0.86 -22.87
CA PRO C 902 -43.92 0.84 -24.32
C PRO C 902 -45.41 0.79 -24.69
N LYS C 903 -45.73 1.26 -25.89
CA LYS C 903 -47.10 1.23 -26.42
C LYS C 903 -47.18 0.32 -27.65
N TYR C 904 -46.75 -0.93 -27.45
CA TYR C 904 -46.91 -2.00 -28.44
C TYR C 904 -47.11 -3.31 -27.69
N ILE C 905 -48.15 -4.06 -28.02
CA ILE C 905 -48.57 -5.23 -27.24
C ILE C 905 -47.45 -6.28 -27.15
N LYS C 906 -46.69 -6.45 -28.24
CA LYS C 906 -45.50 -7.30 -28.24
C LYS C 906 -44.42 -6.75 -27.29
N ASP C 907 -44.19 -5.44 -27.33
CA ASP C 907 -43.21 -4.80 -26.45
C ASP C 907 -43.63 -4.81 -24.99
N LYS C 908 -44.93 -4.62 -24.74
CA LYS C 908 -45.51 -4.77 -23.40
C LYS C 908 -45.30 -6.18 -22.86
N VAL C 909 -45.62 -7.18 -23.68
CA VAL C 909 -45.42 -8.59 -23.31
C VAL C 909 -43.92 -8.90 -23.11
N SER C 910 -43.06 -8.41 -23.99
CA SER C 910 -41.61 -8.67 -23.88
C SER C 910 -40.99 -8.10 -22.60
N VAL C 911 -41.38 -6.88 -22.24
CA VAL C 911 -40.93 -6.26 -20.97
C VAL C 911 -41.68 -6.83 -19.74
N TYR C 912 -42.91 -7.30 -19.93
CA TYR C 912 -43.68 -7.97 -18.86
C TYR C 912 -43.04 -9.29 -18.42
N PHE C 913 -42.48 -10.04 -19.38
CA PHE C 913 -41.74 -11.29 -19.06
C PHE C 913 -40.23 -11.07 -18.86
N SER C 914 -39.83 -9.85 -18.47
CA SER C 914 -38.42 -9.56 -18.17
C SER C 914 -38.07 -10.11 -16.79
N ASP C 915 -38.85 -9.71 -15.78
CA ASP C 915 -38.71 -10.24 -14.42
C ASP C 915 -39.31 -11.65 -14.33
N THR C 916 -38.70 -12.51 -13.52
CA THR C 916 -39.05 -13.93 -13.46
C THR C 916 -40.29 -14.26 -12.59
N TRP C 917 -40.76 -13.31 -11.79
CA TRP C 917 -42.00 -13.50 -11.00
C TRP C 917 -43.25 -13.66 -11.87
N ASN C 918 -43.31 -12.93 -12.98
CA ASN C 918 -44.47 -12.97 -13.88
C ASN C 918 -44.66 -14.29 -14.63
N PHE C 919 -43.58 -15.05 -14.82
CA PHE C 919 -43.68 -16.45 -15.29
C PHE C 919 -44.44 -17.29 -14.27
N VAL C 920 -44.03 -17.18 -13.01
CA VAL C 920 -44.68 -17.90 -11.89
C VAL C 920 -46.13 -17.44 -11.73
N ASP C 921 -46.38 -16.13 -11.88
CA ASP C 921 -47.74 -15.59 -11.81
C ASP C 921 -48.67 -16.18 -12.87
N ILE C 922 -48.28 -16.07 -14.14
CA ILE C 922 -49.09 -16.58 -15.24
C ILE C 922 -49.17 -18.11 -15.25
N PHE C 923 -48.09 -18.79 -14.83
CA PHE C 923 -48.10 -20.25 -14.70
C PHE C 923 -49.12 -20.71 -13.67
N SER C 924 -49.00 -20.17 -12.45
CA SER C 924 -49.91 -20.53 -11.34
C SER C 924 -51.38 -20.21 -11.63
N LEU C 925 -51.64 -19.08 -12.30
CA LEU C 925 -53.00 -18.70 -12.69
C LEU C 925 -53.56 -19.61 -13.80
N THR C 926 -52.74 -19.92 -14.80
CA THR C 926 -53.13 -20.86 -15.86
C THR C 926 -53.41 -22.26 -15.28
N VAL C 927 -52.51 -22.73 -14.42
CA VAL C 927 -52.66 -24.02 -13.75
C VAL C 927 -53.95 -24.09 -12.92
N PHE C 928 -54.29 -22.99 -12.23
CA PHE C 928 -55.53 -22.92 -11.45
C PHE C 928 -56.78 -23.00 -12.33
N ILE C 929 -56.80 -22.21 -13.41
CA ILE C 929 -57.96 -22.18 -14.33
C ILE C 929 -58.17 -23.56 -14.97
N ILE C 930 -57.08 -24.22 -15.37
CA ILE C 930 -57.16 -25.58 -15.92
C ILE C 930 -57.77 -26.57 -14.91
N ALA C 931 -57.35 -26.45 -13.64
CA ALA C 931 -57.88 -27.32 -12.57
C ALA C 931 -59.39 -27.16 -12.37
N ILE C 932 -59.85 -25.91 -12.36
CA ILE C 932 -61.28 -25.62 -12.15
C ILE C 932 -62.12 -25.96 -13.39
N ILE C 933 -61.53 -25.89 -14.59
CA ILE C 933 -62.20 -26.39 -15.81
C ILE C 933 -62.36 -27.92 -15.76
N LEU C 934 -61.29 -28.62 -15.38
CA LEU C 934 -61.34 -30.10 -15.26
C LEU C 934 -62.24 -30.61 -14.12
N ARG C 935 -62.48 -29.78 -13.11
CA ARG C 935 -63.21 -30.17 -11.89
C ARG C 935 -64.65 -30.70 -12.10
N PHE C 936 -65.42 -30.02 -12.96
CA PHE C 936 -66.88 -30.22 -13.02
C PHE C 936 -67.40 -31.49 -13.72
N PHE C 937 -66.53 -32.25 -14.38
CA PHE C 937 -66.98 -33.30 -15.32
C PHE C 937 -67.55 -34.60 -14.71
N THR C 938 -67.38 -34.81 -13.41
CA THR C 938 -67.91 -35.99 -12.71
C THR C 938 -67.33 -37.29 -13.28
N ASN C 939 -66.03 -37.48 -13.05
CA ASN C 939 -65.32 -38.69 -13.45
C ASN C 939 -64.06 -38.83 -12.59
N SER C 940 -63.90 -40.00 -11.99
CA SER C 940 -62.88 -40.24 -10.95
C SER C 940 -61.45 -39.93 -11.40
N ARG C 941 -61.12 -40.25 -12.65
CA ARG C 941 -59.76 -40.08 -13.17
C ARG C 941 -59.39 -38.60 -13.32
N ILE C 942 -60.20 -37.86 -14.06
CA ILE C 942 -59.99 -36.41 -14.24
C ILE C 942 -60.31 -35.55 -13.00
N PHE C 943 -61.18 -36.04 -12.11
CA PHE C 943 -61.35 -35.40 -10.79
C PHE C 943 -60.09 -35.56 -9.94
N THR C 944 -59.47 -36.75 -9.98
CA THR C 944 -58.18 -36.97 -9.33
C THR C 944 -57.10 -36.04 -9.90
N ALA C 945 -57.13 -35.85 -11.22
CA ALA C 945 -56.25 -34.88 -11.88
C ALA C 945 -56.51 -33.45 -11.41
N SER C 946 -57.78 -33.08 -11.25
CA SER C 946 -58.15 -31.75 -10.75
C SER C 946 -57.61 -31.44 -9.36
N ARG C 947 -57.89 -32.32 -8.39
CA ARG C 947 -57.46 -32.12 -7.00
C ARG C 947 -55.95 -32.20 -6.81
N ILE C 948 -55.28 -33.05 -7.59
CA ILE C 948 -53.80 -33.12 -7.58
C ILE C 948 -53.20 -31.82 -8.11
N ILE C 949 -53.76 -31.29 -9.20
CA ILE C 949 -53.27 -30.03 -9.79
C ILE C 949 -53.43 -28.85 -8.83
N LEU C 950 -54.56 -28.76 -8.13
CA LEU C 950 -54.74 -27.73 -7.09
C LEU C 950 -53.78 -27.92 -5.91
N SER C 951 -53.70 -29.16 -5.42
CA SER C 951 -52.84 -29.50 -4.28
C SER C 951 -51.33 -29.36 -4.55
N LEU C 952 -50.92 -29.26 -5.82
CA LEU C 952 -49.54 -28.89 -6.19
C LEU C 952 -49.38 -27.39 -6.49
N ASP C 953 -50.47 -26.71 -6.86
CA ASP C 953 -50.44 -25.27 -7.15
C ASP C 953 -50.27 -24.42 -5.89
N ILE C 954 -50.68 -24.96 -4.73
CA ILE C 954 -50.39 -24.38 -3.41
C ILE C 954 -48.91 -24.01 -3.19
N ILE C 955 -48.00 -24.80 -3.78
CA ILE C 955 -46.55 -24.55 -3.72
C ILE C 955 -46.24 -23.17 -4.31
N PHE C 956 -46.71 -22.94 -5.54
CA PHE C 956 -46.40 -21.72 -6.28
C PHE C 956 -47.04 -20.47 -5.68
N PHE C 957 -48.27 -20.60 -5.18
CA PHE C 957 -48.94 -19.49 -4.48
C PHE C 957 -48.29 -19.15 -3.13
N ILE C 958 -47.75 -20.15 -2.43
CA ILE C 958 -47.04 -19.88 -1.17
C ILE C 958 -45.62 -19.36 -1.43
N VAL C 959 -44.89 -19.96 -2.37
CA VAL C 959 -43.55 -19.48 -2.75
C VAL C 959 -43.58 -18.03 -3.29
N ARG C 960 -44.70 -17.64 -3.89
CA ARG C 960 -44.95 -16.25 -4.31
C ARG C 960 -44.92 -15.22 -3.15
N SER C 961 -45.11 -15.67 -1.91
CA SER C 961 -44.97 -14.81 -0.72
C SER C 961 -43.59 -14.15 -0.54
N LEU C 962 -42.54 -14.76 -1.09
CA LEU C 962 -41.17 -14.23 -0.92
C LEU C 962 -40.95 -12.83 -1.52
N GLN C 963 -41.82 -12.38 -2.42
CA GLN C 963 -41.79 -11.01 -2.92
C GLN C 963 -42.28 -10.00 -1.87
N ILE C 964 -43.32 -10.35 -1.10
CA ILE C 964 -43.77 -9.48 -0.01
C ILE C 964 -42.84 -9.53 1.22
N PHE C 965 -42.06 -10.61 1.35
CA PHE C 965 -40.97 -10.67 2.35
C PHE C 965 -39.75 -9.83 1.97
N SER C 966 -39.56 -9.56 0.68
CA SER C 966 -38.37 -8.86 0.19
C SER C 966 -38.39 -7.33 0.29
N VAL C 967 -39.42 -6.75 0.93
CA VAL C 967 -39.42 -5.32 1.26
C VAL C 967 -38.52 -5.03 2.48
N ASN C 968 -38.23 -6.06 3.29
CA ASN C 968 -37.38 -5.92 4.47
C ASN C 968 -35.93 -5.61 4.09
N ARG C 969 -35.26 -4.82 4.96
CA ARG C 969 -33.86 -4.45 4.76
C ARG C 969 -32.91 -5.65 4.78
N LEU C 970 -33.22 -6.64 5.62
CA LEU C 970 -32.34 -7.79 5.86
C LEU C 970 -32.68 -9.01 5.01
N LEU C 971 -33.96 -9.35 4.94
CA LEU C 971 -34.42 -10.51 4.13
C LEU C 971 -34.32 -10.27 2.62
N GLY C 972 -34.44 -9.03 2.17
CA GLY C 972 -34.38 -8.69 0.74
C GLY C 972 -33.10 -9.10 0.04
N PRO C 973 -31.94 -8.56 0.50
CA PRO C 973 -30.62 -8.95 -0.02
C PRO C 973 -30.32 -10.45 0.01
N LYS C 974 -30.80 -11.15 1.05
CA LYS C 974 -30.63 -12.61 1.17
C LYS C 974 -31.35 -13.36 0.06
N LEU C 975 -32.56 -12.91 -0.28
CA LEU C 975 -33.35 -13.51 -1.37
C LEU C 975 -32.75 -13.25 -2.76
N VAL C 976 -31.95 -12.18 -2.90
CA VAL C 976 -31.16 -11.95 -4.12
C VAL C 976 -29.94 -12.88 -4.13
N MET C 977 -29.28 -13.03 -2.99
CA MET C 977 -28.13 -13.95 -2.85
C MET C 977 -28.49 -15.40 -3.21
N ILE C 978 -29.69 -15.84 -2.83
CA ILE C 978 -30.14 -17.21 -3.12
C ILE C 978 -30.21 -17.48 -4.63
N GLN C 979 -30.87 -16.59 -5.39
CA GLN C 979 -31.00 -16.78 -6.84
C GLN C 979 -29.66 -16.71 -7.60
N LYS C 980 -28.67 -16.01 -7.02
CA LYS C 980 -27.31 -16.01 -7.57
C LYS C 980 -26.52 -17.30 -7.25
N MET C 981 -26.93 -18.03 -6.21
CA MET C 981 -26.35 -19.34 -5.89
C MET C 981 -26.97 -20.51 -6.66
N MET C 982 -28.07 -20.28 -7.37
CA MET C 982 -28.77 -21.33 -8.13
C MET C 982 -27.92 -21.90 -9.27
N GLN C 983 -27.01 -21.08 -9.82
CA GLN C 983 -26.10 -21.51 -10.90
C GLN C 983 -25.13 -22.59 -10.42
N ASP C 984 -24.48 -22.34 -9.28
CA ASP C 984 -23.57 -23.32 -8.67
C ASP C 984 -24.28 -24.61 -8.24
N LEU C 985 -25.52 -24.49 -7.77
CA LEU C 985 -26.37 -25.65 -7.47
C LEU C 985 -26.68 -26.47 -8.73
N ALA C 986 -26.96 -25.77 -9.84
CA ALA C 986 -27.23 -26.43 -11.13
C ALA C 986 -26.04 -27.22 -11.65
N GLN C 987 -24.85 -26.62 -11.57
CA GLN C 987 -23.60 -27.30 -11.98
C GLN C 987 -23.29 -28.52 -11.11
N PHE C 988 -23.50 -28.38 -9.80
CA PHE C 988 -23.33 -29.46 -8.83
C PHE C 988 -24.25 -30.66 -9.13
N ILE C 989 -25.52 -30.38 -9.39
CA ILE C 989 -26.51 -31.43 -9.69
C ILE C 989 -26.18 -32.20 -10.97
N ILE C 990 -25.60 -31.53 -11.97
CA ILE C 990 -25.17 -32.19 -13.22
C ILE C 990 -24.07 -33.23 -12.94
N ILE C 991 -23.05 -32.82 -12.19
CA ILE C 991 -21.93 -33.72 -11.84
C ILE C 991 -22.42 -34.86 -10.93
N LEU C 992 -23.28 -34.51 -9.97
CA LEU C 992 -23.88 -35.50 -9.07
C LEU C 992 -24.73 -36.53 -9.82
N ALA C 993 -25.52 -36.05 -10.79
CA ALA C 993 -26.35 -36.92 -11.63
C ALA C 993 -25.54 -37.96 -12.42
N VAL C 994 -24.34 -37.57 -12.86
CA VAL C 994 -23.45 -38.49 -13.58
C VAL C 994 -22.97 -39.63 -12.67
N PHE C 995 -22.53 -39.29 -11.45
CA PHE C 995 -22.13 -40.32 -10.47
C PHE C 995 -23.32 -41.17 -10.02
N THR C 996 -24.47 -40.53 -9.77
CA THR C 996 -25.67 -41.24 -9.34
C THR C 996 -26.12 -42.33 -10.33
N ILE C 997 -26.20 -41.97 -11.61
CA ILE C 997 -26.65 -42.87 -12.67
C ILE C 997 -25.64 -44.01 -12.93
N ALA C 998 -24.35 -43.70 -12.84
CA ALA C 998 -23.30 -44.72 -12.98
C ALA C 998 -23.43 -45.80 -11.91
N TYR C 999 -23.43 -45.37 -10.66
CA TYR C 999 -23.62 -46.25 -9.51
C TYR C 999 -24.97 -46.99 -9.55
N GLY C 1000 -26.03 -46.27 -9.91
CA GLY C 1000 -27.38 -46.84 -9.99
C GLY C 1000 -27.51 -48.03 -10.94
N ILE C 1001 -26.99 -47.86 -12.16
CA ILE C 1001 -27.05 -48.92 -13.18
C ILE C 1001 -26.21 -50.12 -12.76
N ALA C 1002 -25.01 -49.86 -12.24
CA ALA C 1002 -24.13 -50.93 -11.73
C ALA C 1002 -24.76 -51.70 -10.57
N LEU C 1003 -25.32 -50.97 -9.61
CA LEU C 1003 -25.96 -51.57 -8.43
C LEU C 1003 -27.13 -52.48 -8.83
N HIS C 1004 -28.05 -51.96 -9.64
CA HIS C 1004 -29.24 -52.72 -10.03
C HIS C 1004 -28.91 -53.92 -10.92
N ALA C 1005 -27.92 -53.78 -11.79
CA ALA C 1005 -27.45 -54.87 -12.64
C ALA C 1005 -26.87 -56.03 -11.83
N VAL C 1006 -26.10 -55.69 -10.80
CA VAL C 1006 -25.43 -56.69 -9.95
C VAL C 1006 -26.43 -57.39 -8.99
N MET C 1007 -27.33 -56.63 -8.37
CA MET C 1007 -28.32 -57.20 -7.43
C MET C 1007 -29.33 -58.13 -8.13
N PHE C 1008 -29.87 -57.49 -9.35
CA PHE C 1008 -30.92 -58.22 -10.08
C PHE C 1008 -30.41 -58.52 -11.48
N PRO C 1009 -29.97 -59.78 -11.74
CA PRO C 1009 -29.50 -60.17 -13.08
C PRO C 1009 -30.54 -60.01 -14.17
N SER C 1010 -30.08 -59.88 -15.42
CA SER C 1010 -30.93 -59.36 -16.49
C SER C 1010 -32.01 -60.35 -16.94
N PRO C 1011 -31.72 -61.59 -17.51
CA PRO C 1011 -32.73 -62.65 -17.34
C PRO C 1011 -32.38 -63.59 -16.19
N GLY C 1012 -33.37 -64.28 -15.64
CA GLY C 1012 -33.08 -65.39 -14.78
C GLY C 1012 -34.10 -65.51 -13.67
N ILE C 1013 -33.66 -66.16 -12.59
CA ILE C 1013 -34.53 -66.36 -11.43
C ILE C 1013 -34.73 -65.05 -10.67
N TYR C 1014 -33.65 -64.32 -10.45
CA TYR C 1014 -33.68 -63.07 -9.70
C TYR C 1014 -34.04 -61.87 -10.57
N ALA C 1015 -34.21 -61.92 -11.80
CA ALA C 1015 -34.64 -60.81 -12.67
C ALA C 1015 -36.05 -60.36 -12.32
N ARG C 1016 -36.19 -59.12 -11.87
CA ARG C 1016 -37.52 -58.51 -11.70
C ARG C 1016 -38.10 -58.21 -13.09
N ASN C 1017 -39.28 -58.76 -13.36
CA ASN C 1017 -39.88 -58.72 -14.70
C ASN C 1017 -40.82 -57.53 -14.84
N ASN C 1018 -40.24 -56.34 -14.81
CA ASN C 1018 -41.00 -55.08 -14.89
C ASN C 1018 -40.06 -53.94 -15.25
N THR C 1019 -40.38 -53.25 -16.34
CA THR C 1019 -39.49 -52.23 -16.92
C THR C 1019 -39.47 -50.94 -16.12
N TRP C 1020 -40.64 -50.46 -15.70
CA TRP C 1020 -40.76 -49.16 -15.05
C TRP C 1020 -40.06 -49.11 -13.68
N VAL C 1021 -40.26 -50.14 -12.87
CA VAL C 1021 -39.61 -50.22 -11.56
C VAL C 1021 -38.08 -50.32 -11.67
N THR C 1022 -37.59 -50.98 -12.73
CA THR C 1022 -36.15 -51.03 -13.02
C THR C 1022 -35.59 -49.63 -13.31
N ILE C 1023 -36.26 -48.91 -14.20
CA ILE C 1023 -35.83 -47.56 -14.59
C ILE C 1023 -35.89 -46.60 -13.39
N THR C 1024 -36.95 -46.68 -12.59
CA THR C 1024 -37.09 -45.82 -11.42
C THR C 1024 -36.17 -46.23 -10.25
N SER C 1025 -35.90 -47.53 -10.09
CA SER C 1025 -35.01 -48.00 -9.01
C SER C 1025 -33.56 -47.56 -9.20
N VAL C 1026 -33.09 -47.55 -10.44
CA VAL C 1026 -31.74 -47.05 -10.79
C VAL C 1026 -31.54 -45.62 -10.29
N VAL C 1027 -32.54 -44.78 -10.49
CA VAL C 1027 -32.51 -43.39 -10.03
C VAL C 1027 -32.79 -43.28 -8.52
N GLN C 1028 -33.74 -44.06 -8.03
CA GLN C 1028 -34.28 -43.93 -6.66
C GLN C 1028 -33.28 -44.21 -5.54
N TYR C 1029 -32.74 -45.42 -5.51
CA TYR C 1029 -32.00 -45.90 -4.32
C TYR C 1029 -30.64 -45.21 -4.08
N PRO C 1030 -29.86 -44.96 -5.14
CA PRO C 1030 -28.68 -44.09 -5.00
C PRO C 1030 -28.96 -42.69 -4.44
N TYR C 1031 -30.10 -42.12 -4.79
CA TYR C 1031 -30.46 -40.77 -4.35
C TYR C 1031 -30.74 -40.68 -2.86
N TRP C 1032 -31.56 -41.60 -2.34
CA TRP C 1032 -31.87 -41.66 -0.90
C TRP C 1032 -30.65 -42.05 -0.06
N GLN C 1033 -29.74 -42.84 -0.64
CA GLN C 1033 -28.51 -43.24 0.05
C GLN C 1033 -27.52 -42.09 0.33
N MET C 1034 -27.66 -40.96 -0.38
CA MET C 1034 -26.91 -39.74 -0.06
C MET C 1034 -27.22 -39.20 1.34
N TYR C 1035 -28.51 -39.16 1.67
CA TYR C 1035 -28.99 -38.53 2.92
C TYR C 1035 -28.96 -39.46 4.14
N GLY C 1036 -28.15 -40.53 4.09
CA GLY C 1036 -28.00 -41.44 5.22
C GLY C 1036 -29.02 -42.58 5.27
N GLU C 1037 -29.93 -42.66 4.30
CA GLU C 1037 -30.88 -43.76 4.21
C GLU C 1037 -30.19 -44.93 3.50
N LEU C 1038 -29.31 -45.61 4.21
CA LEU C 1038 -28.56 -46.74 3.69
C LEU C 1038 -29.47 -47.96 3.77
N PHE C 1039 -29.72 -48.60 2.63
CA PHE C 1039 -30.60 -49.76 2.57
C PHE C 1039 -29.81 -51.05 2.79
N LEU C 1040 -29.13 -51.14 3.93
CA LEU C 1040 -28.16 -52.22 4.19
C LEU C 1040 -28.81 -53.59 4.37
N ASP C 1041 -29.97 -53.63 5.02
CA ASP C 1041 -30.76 -54.87 5.10
C ASP C 1041 -31.30 -55.27 3.72
N GLU C 1042 -31.70 -54.28 2.91
CA GLU C 1042 -32.35 -54.51 1.63
C GLU C 1042 -31.38 -54.95 0.53
N ILE C 1043 -30.29 -54.21 0.35
CA ILE C 1043 -29.31 -54.52 -0.72
C ILE C 1043 -28.50 -55.79 -0.45
N GLN C 1044 -28.38 -56.17 0.82
CA GLN C 1044 -27.88 -57.49 1.21
C GLN C 1044 -29.04 -58.52 1.12
N GLY C 1045 -28.85 -59.71 1.69
CA GLY C 1045 -29.84 -60.78 1.56
C GLY C 1045 -31.25 -60.58 2.09
N GLU C 1046 -31.38 -59.77 3.14
CA GLU C 1046 -32.65 -59.67 3.89
C GLU C 1046 -33.70 -58.84 3.14
N LYS C 1047 -34.93 -58.82 3.67
CA LYS C 1047 -36.11 -58.23 3.02
C LYS C 1047 -36.40 -58.81 1.62
N PRO C 1048 -36.71 -60.12 1.53
CA PRO C 1048 -37.11 -60.69 0.24
C PRO C 1048 -38.51 -60.28 -0.22
N LYS C 1049 -39.43 -60.05 0.73
CA LYS C 1049 -40.81 -59.70 0.43
C LYS C 1049 -40.99 -58.23 0.04
N GLU C 1050 -40.33 -57.33 0.79
CA GLU C 1050 -40.49 -55.89 0.58
C GLU C 1050 -39.65 -55.39 -0.59
N PHE C 1051 -38.34 -55.65 -0.53
CA PHE C 1051 -37.39 -55.15 -1.52
C PHE C 1051 -37.27 -56.05 -2.75
N GLY C 1052 -37.34 -57.36 -2.53
CA GLY C 1052 -37.13 -58.36 -3.59
C GLY C 1052 -35.86 -59.14 -3.31
N GLU C 1053 -35.86 -60.43 -3.68
CA GLU C 1053 -34.71 -61.30 -3.42
C GLU C 1053 -33.52 -60.98 -4.35
N VAL C 1054 -32.34 -60.83 -3.75
CA VAL C 1054 -31.13 -60.39 -4.43
C VAL C 1054 -30.29 -61.61 -4.86
N ASP C 1055 -29.51 -61.46 -5.93
CA ASP C 1055 -28.60 -62.51 -6.39
C ASP C 1055 -27.50 -62.78 -5.34
N PRO C 1056 -27.11 -64.05 -5.11
CA PRO C 1056 -26.06 -64.39 -4.13
C PRO C 1056 -24.74 -63.62 -4.21
N ASP C 1057 -24.33 -63.26 -5.43
CA ASP C 1057 -23.11 -62.47 -5.62
C ASP C 1057 -23.34 -60.97 -5.51
N GLY C 1058 -24.58 -60.52 -5.70
CA GLY C 1058 -24.98 -59.15 -5.39
C GLY C 1058 -25.00 -58.82 -3.91
N ARG C 1059 -25.25 -59.85 -3.08
CA ARG C 1059 -25.30 -59.70 -1.62
C ARG C 1059 -24.01 -59.15 -1.00
N TRP C 1060 -22.85 -59.44 -1.62
CA TRP C 1060 -21.56 -58.91 -1.17
C TRP C 1060 -20.95 -57.78 -2.03
N LEU C 1061 -21.37 -57.67 -3.29
CA LEU C 1061 -20.97 -56.54 -4.15
C LEU C 1061 -21.61 -55.21 -3.72
N SER C 1062 -22.87 -55.27 -3.28
CA SER C 1062 -23.67 -54.06 -3.05
C SER C 1062 -23.15 -53.12 -1.95
N PRO C 1063 -22.72 -53.68 -0.79
CA PRO C 1063 -22.12 -52.81 0.24
C PRO C 1063 -20.77 -52.21 -0.16
N LEU C 1064 -19.97 -52.97 -0.91
CA LEU C 1064 -18.66 -52.50 -1.40
C LEU C 1064 -18.82 -51.31 -2.36
N LEU C 1065 -19.73 -51.43 -3.31
CA LEU C 1065 -20.05 -50.33 -4.23
C LEU C 1065 -20.68 -49.15 -3.51
N LEU C 1066 -21.52 -49.42 -2.51
CA LEU C 1066 -22.10 -48.38 -1.65
C LEU C 1066 -20.99 -47.62 -0.92
N ALA C 1067 -20.06 -48.35 -0.30
CA ALA C 1067 -18.94 -47.73 0.41
C ALA C 1067 -18.15 -46.76 -0.45
N ILE C 1068 -17.83 -47.17 -1.68
CA ILE C 1068 -17.10 -46.32 -2.63
C ILE C 1068 -17.94 -45.08 -3.00
N TYR C 1069 -19.21 -45.31 -3.31
CA TYR C 1069 -20.16 -44.23 -3.63
C TYR C 1069 -20.29 -43.21 -2.49
N MET C 1070 -20.34 -43.69 -1.25
CA MET C 1070 -20.43 -42.82 -0.07
C MET C 1070 -19.17 -41.96 0.15
N VAL C 1071 -18.00 -42.47 -0.22
CA VAL C 1071 -16.77 -41.65 -0.17
C VAL C 1071 -16.85 -40.52 -1.18
N PHE C 1072 -17.12 -40.86 -2.44
CA PHE C 1072 -17.12 -39.87 -3.53
C PHE C 1072 -18.32 -38.92 -3.55
N THR C 1073 -19.39 -39.25 -2.83
CA THR C 1073 -20.58 -38.38 -2.77
C THR C 1073 -20.61 -37.52 -1.50
N ASN C 1074 -20.67 -38.16 -0.33
CA ASN C 1074 -20.87 -37.46 0.95
C ASN C 1074 -19.65 -36.67 1.44
N ILE C 1075 -18.47 -37.29 1.42
CA ILE C 1075 -17.26 -36.66 1.97
C ILE C 1075 -16.31 -36.06 0.90
N LEU C 1076 -16.82 -35.84 -0.32
CA LEU C 1076 -16.06 -35.18 -1.37
C LEU C 1076 -16.91 -34.07 -2.02
N LEU C 1077 -18.00 -34.45 -2.69
CA LEU C 1077 -18.83 -33.49 -3.43
C LEU C 1077 -19.61 -32.52 -2.55
N LEU C 1078 -20.28 -33.03 -1.51
CA LEU C 1078 -21.07 -32.18 -0.60
C LEU C 1078 -20.20 -31.17 0.14
N ASN C 1079 -19.01 -31.59 0.58
CA ASN C 1079 -18.05 -30.69 1.21
C ASN C 1079 -17.45 -29.71 0.21
N LEU C 1080 -17.29 -30.13 -1.04
CA LEU C 1080 -16.87 -29.24 -2.13
C LEU C 1080 -17.94 -28.19 -2.45
N LEU C 1081 -19.22 -28.56 -2.36
CA LEU C 1081 -20.32 -27.61 -2.54
C LEU C 1081 -20.34 -26.54 -1.44
N ILE C 1082 -20.01 -26.94 -0.21
CA ILE C 1082 -19.86 -25.99 0.90
C ILE C 1082 -18.73 -25.00 0.61
N ALA C 1083 -17.62 -25.50 0.06
CA ALA C 1083 -16.49 -24.64 -0.35
C ALA C 1083 -16.84 -23.67 -1.48
N ILE C 1084 -17.64 -24.13 -2.44
CA ILE C 1084 -18.08 -23.29 -3.56
C ILE C 1084 -18.98 -22.14 -3.10
N PHE C 1085 -19.96 -22.45 -2.24
CA PHE C 1085 -20.84 -21.41 -1.68
C PHE C 1085 -20.15 -20.34 -0.83
N ASN C 1086 -19.24 -20.76 0.05
CA ASN C 1086 -18.43 -19.80 0.82
C ASN C 1086 -17.50 -18.89 -0.02
N TYR C 1087 -17.06 -19.43 -1.16
CA TYR C 1087 -16.20 -18.68 -2.08
C TYR C 1087 -17.07 -17.59 -2.72
N THR C 1088 -18.19 -17.99 -3.31
CA THR C 1088 -19.05 -17.06 -4.05
C THR C 1088 -19.91 -16.13 -3.19
N PHE C 1089 -20.07 -16.44 -1.89
CA PHE C 1089 -20.92 -15.63 -1.01
C PHE C 1089 -20.39 -14.21 -0.81
N GLU C 1090 -19.08 -14.06 -0.66
CA GLU C 1090 -18.44 -12.74 -0.49
C GLU C 1090 -18.57 -11.86 -1.73
N ARG C 1091 -18.32 -12.47 -2.90
CA ARG C 1091 -18.43 -11.77 -4.19
C ARG C 1091 -19.87 -11.32 -4.47
N VAL C 1092 -20.82 -12.21 -4.18
CA VAL C 1092 -22.25 -11.91 -4.36
C VAL C 1092 -22.77 -10.92 -3.28
N GLN C 1093 -22.21 -11.00 -2.06
CA GLN C 1093 -22.55 -10.07 -0.96
C GLN C 1093 -22.38 -8.60 -1.37
N GLU C 1094 -21.29 -8.30 -2.09
CA GLU C 1094 -21.02 -6.93 -2.54
C GLU C 1094 -22.07 -6.39 -3.51
N ASP C 1095 -22.52 -7.23 -4.45
CA ASP C 1095 -23.40 -6.81 -5.55
C ASP C 1095 -24.90 -6.94 -5.26
N SER C 1096 -25.29 -7.98 -4.52
CA SER C 1096 -26.71 -8.24 -4.23
C SER C 1096 -27.43 -7.12 -3.46
N ASP C 1097 -26.69 -6.35 -2.67
CA ASP C 1097 -27.22 -5.20 -1.95
C ASP C 1097 -27.64 -4.09 -2.92
N LYS C 1098 -26.73 -3.75 -3.85
CA LYS C 1098 -27.03 -2.79 -4.93
C LYS C 1098 -28.25 -3.20 -5.76
N VAL C 1099 -28.36 -4.49 -6.06
CA VAL C 1099 -29.49 -5.04 -6.81
C VAL C 1099 -30.80 -4.86 -6.03
N TRP C 1100 -30.76 -5.07 -4.72
CA TRP C 1100 -31.92 -4.81 -3.86
C TRP C 1100 -32.26 -3.31 -3.81
N LYS C 1101 -31.22 -2.48 -3.61
CA LYS C 1101 -31.37 -1.02 -3.69
C LYS C 1101 -32.05 -0.56 -4.99
N PHE C 1102 -31.62 -1.11 -6.12
CA PHE C 1102 -32.17 -0.75 -7.43
C PHE C 1102 -33.63 -1.21 -7.61
N GLN C 1103 -33.96 -2.39 -7.09
CA GLN C 1103 -35.32 -2.94 -7.21
C GLN C 1103 -36.38 -2.22 -6.36
N ARG C 1104 -35.96 -1.43 -5.37
CA ARG C 1104 -36.89 -0.61 -4.57
C ARG C 1104 -37.71 0.40 -5.39
N TYR C 1105 -37.17 0.88 -6.52
CA TYR C 1105 -37.91 1.78 -7.41
C TYR C 1105 -39.13 1.10 -8.03
N ASP C 1106 -38.91 -0.11 -8.57
CA ASP C 1106 -39.99 -0.91 -9.17
C ASP C 1106 -41.06 -1.26 -8.14
N LEU C 1107 -40.62 -1.58 -6.93
CA LEU C 1107 -41.49 -1.85 -5.78
C LEU C 1107 -42.40 -0.65 -5.48
N VAL C 1108 -41.80 0.52 -5.32
CA VAL C 1108 -42.54 1.75 -5.02
C VAL C 1108 -43.46 2.13 -6.19
N GLN C 1109 -42.93 2.08 -7.41
CA GLN C 1109 -43.73 2.39 -8.62
C GLN C 1109 -44.90 1.42 -8.81
N GLU C 1110 -44.69 0.15 -8.47
CA GLU C 1110 -45.78 -0.84 -8.53
C GLU C 1110 -46.92 -0.45 -7.60
N TYR C 1111 -46.61 -0.31 -6.31
CA TYR C 1111 -47.62 0.04 -5.29
C TYR C 1111 -48.15 1.48 -5.38
N HIS C 1112 -47.44 2.36 -6.07
CA HIS C 1112 -47.97 3.70 -6.38
C HIS C 1112 -49.19 3.64 -7.32
N SER C 1113 -49.16 2.69 -8.27
CA SER C 1113 -50.21 2.52 -9.28
C SER C 1113 -51.34 1.55 -8.90
N ARG C 1114 -51.19 0.81 -7.80
CA ARG C 1114 -52.21 -0.17 -7.38
C ARG C 1114 -53.54 0.52 -7.01
N PRO C 1115 -54.66 -0.24 -7.04
CA PRO C 1115 -55.96 0.37 -6.68
C PRO C 1115 -56.03 0.85 -5.24
N VAL C 1116 -56.84 1.88 -5.02
CA VAL C 1116 -56.88 2.59 -3.73
C VAL C 1116 -57.44 1.73 -2.59
N PHE C 1117 -58.50 0.98 -2.87
CA PHE C 1117 -59.25 0.28 -1.82
C PHE C 1117 -58.60 -1.00 -1.27
N ALA C 1118 -59.07 -1.38 -0.08
CA ALA C 1118 -58.49 -2.44 0.76
C ALA C 1118 -58.67 -3.87 0.20
N PRO C 1119 -57.92 -4.87 0.73
CA PRO C 1119 -58.01 -6.23 0.18
C PRO C 1119 -59.42 -6.84 0.09
N PRO C 1120 -60.32 -6.61 1.08
CA PRO C 1120 -61.63 -7.24 0.87
C PRO C 1120 -62.39 -6.67 -0.33
N LEU C 1121 -62.42 -5.33 -0.43
CA LEU C 1121 -63.07 -4.62 -1.53
C LEU C 1121 -62.14 -4.28 -2.72
N VAL C 1122 -60.86 -4.65 -2.64
CA VAL C 1122 -59.86 -4.34 -3.71
C VAL C 1122 -60.37 -4.52 -5.16
N LEU C 1123 -61.20 -5.53 -5.41
CA LEU C 1123 -61.80 -5.74 -6.73
C LEU C 1123 -62.81 -4.64 -7.09
N LEU C 1124 -63.52 -4.12 -6.09
CA LEU C 1124 -64.40 -2.96 -6.31
C LEU C 1124 -63.57 -1.73 -6.69
N GLY C 1125 -62.46 -1.53 -5.97
CA GLY C 1125 -61.49 -0.47 -6.30
C GLY C 1125 -61.00 -0.55 -7.73
N HIS C 1126 -60.61 -1.77 -8.14
CA HIS C 1126 -60.20 -2.05 -9.54
C HIS C 1126 -61.17 -1.49 -10.60
N ILE C 1127 -62.47 -1.50 -10.32
CA ILE C 1127 -63.48 -0.98 -11.27
C ILE C 1127 -63.25 0.51 -11.54
N LEU C 1128 -62.92 1.29 -10.52
CA LEU C 1128 -62.69 2.74 -10.68
C LEU C 1128 -61.56 3.06 -11.67
N ILE C 1129 -60.55 2.20 -11.74
CA ILE C 1129 -59.50 2.30 -12.75
C ILE C 1129 -60.07 2.00 -14.15
N PHE C 1130 -60.99 1.04 -14.24
CA PHE C 1130 -61.68 0.71 -15.50
C PHE C 1130 -62.59 1.87 -15.97
N ILE C 1131 -63.27 2.52 -15.03
CA ILE C 1131 -64.10 3.70 -15.32
C ILE C 1131 -63.23 4.89 -15.75
N ARG C 1132 -62.08 5.06 -15.10
CA ARG C 1132 -61.10 6.09 -15.51
C ARG C 1132 -60.50 5.79 -16.88
N TRP C 1133 -60.23 4.51 -17.15
CA TRP C 1133 -59.66 4.08 -18.44
C TRP C 1133 -60.67 4.20 -19.58
N VAL C 1134 -61.92 3.77 -19.35
CA VAL C 1134 -62.97 3.88 -20.38
C VAL C 1134 -63.40 5.33 -20.63
N TRP C 1135 -63.32 6.18 -19.60
CA TRP C 1135 -63.54 7.63 -19.76
C TRP C 1135 -62.45 8.31 -20.60
N ARG C 1136 -61.21 7.84 -20.44
CA ARG C 1136 -60.03 8.36 -21.17
C ARG C 1136 -59.76 9.83 -20.87
N THR C 1148 -46.04 9.84 -13.04
CA THR C 1148 -46.92 10.38 -11.99
C THR C 1148 -46.12 10.85 -10.77
N MET C 1149 -45.02 10.16 -10.46
CA MET C 1149 -44.11 10.57 -9.38
C MET C 1149 -43.21 11.72 -9.84
N LYS C 1150 -43.78 12.92 -9.92
CA LYS C 1150 -43.06 14.13 -10.35
C LYS C 1150 -43.82 15.40 -9.96
N ILE C 1151 -43.12 16.52 -9.96
CA ILE C 1151 -43.71 17.84 -9.68
C ILE C 1151 -43.37 18.83 -10.79
N GLY C 1152 -44.34 19.67 -11.15
CA GLY C 1152 -44.13 20.77 -12.07
C GLY C 1152 -43.81 22.03 -11.29
N LEU C 1153 -42.63 22.61 -11.56
CA LEU C 1153 -42.18 23.82 -10.87
C LEU C 1153 -42.52 25.06 -11.71
N SER C 1154 -42.49 26.23 -11.06
CA SER C 1154 -42.67 27.51 -11.75
C SER C 1154 -41.41 27.85 -12.56
N PRO C 1155 -41.53 28.73 -13.57
CA PRO C 1155 -40.35 29.21 -14.31
C PRO C 1155 -39.25 29.82 -13.43
N ALA C 1156 -39.66 30.58 -12.40
CA ALA C 1156 -38.73 31.16 -11.42
C ALA C 1156 -38.01 30.08 -10.60
N GLU C 1157 -38.76 29.07 -10.16
CA GLU C 1157 -38.20 27.97 -9.37
C GLU C 1157 -37.29 27.07 -10.22
N MET C 1158 -37.72 26.80 -11.46
CA MET C 1158 -36.93 26.02 -12.43
C MET C 1158 -35.59 26.72 -12.72
N GLU C 1159 -35.61 28.05 -12.83
CA GLU C 1159 -34.39 28.84 -12.99
C GLU C 1159 -33.49 28.73 -11.75
N GLN C 1160 -34.09 28.87 -10.56
CA GLN C 1160 -33.36 28.72 -9.29
C GLN C 1160 -32.72 27.34 -9.11
N MET C 1161 -33.47 26.29 -9.45
CA MET C 1161 -32.96 24.91 -9.36
C MET C 1161 -31.83 24.63 -10.35
N ASP C 1162 -31.95 25.17 -11.57
CA ASP C 1162 -30.87 25.08 -12.58
C ASP C 1162 -29.57 25.76 -12.11
N ASN C 1163 -29.70 26.92 -11.50
CA ASN C 1163 -28.54 27.67 -11.00
C ASN C 1163 -27.84 26.93 -9.86
N TRP C 1164 -28.62 26.39 -8.92
CA TRP C 1164 -28.07 25.64 -7.79
C TRP C 1164 -27.40 24.33 -8.23
N GLU C 1165 -28.03 23.62 -9.17
CA GLU C 1165 -27.48 22.39 -9.73
C GLU C 1165 -26.15 22.65 -10.46
N PHE C 1166 -26.10 23.74 -11.23
CA PHE C 1166 -24.91 24.12 -11.98
C PHE C 1166 -23.72 24.46 -11.08
N GLN C 1167 -23.98 25.19 -9.99
CA GLN C 1167 -22.94 25.51 -9.01
C GLN C 1167 -22.42 24.26 -8.28
N ALA C 1168 -23.32 23.32 -7.99
CA ALA C 1168 -22.94 22.03 -7.40
C ALA C 1168 -22.06 21.21 -8.34
N ALA C 1169 -22.35 21.25 -9.64
CA ALA C 1169 -21.53 20.60 -10.65
C ALA C 1169 -20.13 21.22 -10.75
N GLU C 1170 -20.05 22.55 -10.69
CA GLU C 1170 -18.75 23.25 -10.65
C GLU C 1170 -17.90 22.83 -9.46
N MET C 1171 -18.51 22.71 -8.28
CA MET C 1171 -17.82 22.24 -7.08
C MET C 1171 -17.26 20.84 -7.26
N TYR C 1172 -18.04 19.95 -7.89
CA TYR C 1172 -17.58 18.58 -8.19
C TYR C 1172 -16.39 18.56 -9.16
N ILE C 1173 -16.50 19.33 -10.24
CA ILE C 1173 -15.47 19.37 -11.29
C ILE C 1173 -14.12 19.86 -10.74
N HIS C 1174 -14.16 20.96 -10.00
CA HIS C 1174 -12.93 21.54 -9.42
C HIS C 1174 -12.32 20.68 -8.30
N GLN C 1175 -13.17 20.01 -7.53
CA GLN C 1175 -12.69 19.05 -6.51
C GLN C 1175 -11.99 17.84 -7.14
N GLN C 1176 -12.51 17.36 -8.26
CA GLN C 1176 -11.86 16.26 -9.02
C GLN C 1176 -10.52 16.69 -9.62
N GLN C 1177 -10.44 17.91 -10.14
CA GLN C 1177 -9.17 18.47 -10.64
C GLN C 1177 -8.13 18.60 -9.53
N GLN C 1178 -8.54 19.14 -8.37
CA GLN C 1178 -7.66 19.26 -7.20
C GLN C 1178 -7.30 17.91 -6.57
N LYS C 1179 -8.14 16.89 -6.75
CA LYS C 1179 -7.83 15.52 -6.31
C LYS C 1179 -6.78 14.87 -7.20
N ASN C 1180 -6.97 14.96 -8.52
CA ASN C 1180 -6.03 14.39 -9.49
C ASN C 1180 -4.67 15.10 -9.51
N SER C 1181 -4.64 16.40 -9.23
CA SER C 1181 -3.40 17.18 -9.16
C SER C 1181 -2.60 16.88 -7.89
N GLY C 1182 -3.29 16.67 -6.77
CA GLY C 1182 -2.65 16.45 -5.47
C GLY C 1182 -2.18 15.04 -5.14
N THR C 1183 -2.19 14.14 -6.13
CA THR C 1183 -1.65 12.78 -5.96
C THR C 1183 -0.13 12.83 -5.80
N LEU C 1184 0.41 11.88 -5.03
CA LEU C 1184 1.85 11.84 -4.70
C LEU C 1184 2.76 11.83 -5.92
N GLU C 1185 2.39 11.06 -6.95
CA GLU C 1185 3.17 10.95 -8.18
C GLU C 1185 3.22 12.27 -8.95
N GLU C 1186 2.08 12.96 -9.01
CA GLU C 1186 1.98 14.28 -9.67
C GLU C 1186 2.76 15.37 -8.94
N ARG C 1187 2.78 15.32 -7.61
CA ARG C 1187 3.58 16.23 -6.80
C ARG C 1187 5.09 16.04 -7.04
N VAL C 1188 5.52 14.78 -7.08
CA VAL C 1188 6.92 14.44 -7.36
C VAL C 1188 7.33 14.83 -8.80
N ARG C 1189 6.43 14.62 -9.75
CA ARG C 1189 6.68 14.99 -11.15
C ARG C 1189 6.82 16.51 -11.32
N ALA C 1190 5.89 17.26 -10.73
CA ALA C 1190 5.94 18.73 -10.75
C ALA C 1190 7.15 19.29 -10.00
N LEU C 1191 7.53 18.62 -8.91
CA LEU C 1191 8.74 18.96 -8.16
C LEU C 1191 10.00 18.78 -9.00
N GLY C 1192 10.02 17.70 -9.80
CA GLY C 1192 11.10 17.47 -10.77
C GLY C 1192 11.22 18.54 -11.84
N ASP C 1193 10.08 19.05 -12.31
CA ASP C 1193 10.06 20.14 -13.30
C ASP C 1193 10.63 21.45 -12.74
N ARG C 1194 10.26 21.78 -11.50
CA ARG C 1194 10.79 22.98 -10.83
C ARG C 1194 12.29 22.89 -10.52
N VAL C 1195 12.77 21.68 -10.20
CA VAL C 1195 14.21 21.43 -10.01
C VAL C 1195 14.99 21.63 -11.33
N ASP C 1196 14.41 21.22 -12.45
CA ASP C 1196 15.00 21.47 -13.78
C ASP C 1196 15.07 22.97 -14.11
N CYS C 1197 14.04 23.72 -13.72
CA CYS C 1197 14.01 25.18 -13.90
C CYS C 1197 15.10 25.88 -13.07
N ILE C 1198 15.30 25.42 -11.84
CA ILE C 1198 16.39 25.91 -10.98
C ILE C 1198 17.77 25.64 -11.60
N ASN C 1199 17.95 24.44 -12.14
CA ASN C 1199 19.21 24.04 -12.77
C ASN C 1199 19.55 24.89 -14.01
N SER C 1200 18.53 25.16 -14.83
CA SER C 1200 18.68 26.04 -16.00
C SER C 1200 19.02 27.49 -15.63
N GLN C 1201 18.38 27.99 -14.57
CA GLN C 1201 18.67 29.35 -14.07
C GLN C 1201 20.11 29.49 -13.57
N LEU C 1202 20.59 28.49 -12.82
CA LEU C 1202 21.99 28.48 -12.35
C LEU C 1202 23.01 28.37 -13.49
N ASN C 1203 22.67 27.62 -14.54
CA ASN C 1203 23.50 27.57 -15.75
C ASN C 1203 23.64 28.95 -16.41
N ARG C 1204 22.54 29.71 -16.46
CA ARG C 1204 22.56 31.09 -16.95
C ARG C 1204 23.33 32.05 -16.03
N VAL C 1205 23.26 31.82 -14.72
CA VAL C 1205 24.09 32.57 -13.75
C VAL C 1205 25.57 32.27 -14.00
N LEU C 1206 25.92 30.99 -14.16
CA LEU C 1206 27.29 30.60 -14.51
C LEU C 1206 27.76 31.16 -15.87
N ASP C 1207 26.85 31.28 -16.83
CA ASP C 1207 27.13 31.97 -18.09
C ASP C 1207 27.32 33.48 -17.88
N SER C 1208 26.51 34.08 -17.00
CA SER C 1208 26.66 35.49 -16.63
C SER C 1208 27.95 35.78 -15.88
N MET C 1209 28.46 34.82 -15.12
CA MET C 1209 29.78 34.93 -14.48
C MET C 1209 30.90 34.89 -15.53
N SER C 1210 30.89 33.86 -16.37
CA SER C 1210 31.90 33.69 -17.41
C SER C 1210 31.67 34.65 -18.57
N PHE D 6 -46.83 27.39 -7.28
CA PHE D 6 -48.02 27.59 -6.39
C PHE D 6 -47.61 28.02 -4.97
N THR D 7 -47.58 27.09 -4.00
CA THR D 7 -47.10 27.39 -2.64
C THR D 7 -45.59 27.30 -2.60
N PRO D 8 -44.99 27.76 -1.49
CA PRO D 8 -43.53 27.75 -1.33
C PRO D 8 -43.01 26.33 -1.17
N LEU D 9 -41.95 25.99 -1.92
CA LEU D 9 -41.35 24.65 -1.88
C LEU D 9 -40.57 24.45 -0.57
N TYR D 10 -40.65 23.23 -0.04
CA TYR D 10 -40.08 22.92 1.27
C TYR D 10 -38.58 22.66 1.20
N ASP D 11 -37.78 23.58 1.76
CA ASP D 11 -36.35 23.37 1.99
C ASP D 11 -36.11 23.26 3.49
N GLY D 12 -35.20 22.36 3.88
CA GLY D 12 -34.91 22.15 5.31
C GLY D 12 -34.17 23.34 5.91
N GLY D 13 -34.94 24.34 6.35
CA GLY D 13 -34.39 25.56 6.93
C GLY D 13 -33.71 25.28 8.28
N ASP D 14 -32.65 26.04 8.57
CA ASP D 14 -31.85 25.88 9.79
C ASP D 14 -31.26 24.48 9.99
N SER D 15 -31.03 23.75 8.90
CA SER D 15 -30.52 22.38 8.94
C SER D 15 -29.36 22.22 7.95
N SER D 16 -29.62 22.54 6.68
CA SER D 16 -28.60 22.57 5.63
C SER D 16 -28.21 24.00 5.30
N HIS D 17 -27.08 24.16 4.60
CA HIS D 17 -26.50 25.47 4.31
C HIS D 17 -27.16 26.18 3.14
N VAL D 18 -27.04 25.59 1.94
CA VAL D 18 -27.45 26.25 0.70
C VAL D 18 -28.96 26.26 0.49
N HIS D 19 -29.58 27.41 0.76
CA HIS D 19 -31.00 27.65 0.46
C HIS D 19 -31.13 28.31 -0.92
N LEU D 20 -32.33 28.20 -1.51
CA LEU D 20 -32.58 28.66 -2.89
C LEU D 20 -32.82 30.18 -3.02
N ASN D 21 -32.83 30.92 -1.91
CA ASN D 21 -32.96 32.38 -1.93
C ASN D 21 -31.76 33.10 -2.57
N LYS D 22 -30.56 32.52 -2.41
CA LYS D 22 -29.33 33.09 -2.97
C LYS D 22 -29.27 33.00 -4.50
N PHE D 23 -29.82 31.92 -5.07
CA PHE D 23 -29.86 31.71 -6.52
C PHE D 23 -31.12 32.32 -7.12
N SER D 41 -41.66 49.16 -6.95
CA SER D 41 -41.00 48.21 -6.06
C SER D 41 -39.53 48.59 -5.84
N ARG D 42 -39.30 49.88 -5.54
CA ARG D 42 -37.94 50.40 -5.34
C ARG D 42 -37.99 51.75 -4.61
N ARG D 43 -36.81 52.26 -4.25
CA ARG D 43 -36.66 53.56 -3.58
C ARG D 43 -36.82 54.72 -4.60
N GLU D 44 -36.34 55.92 -4.24
CA GLU D 44 -36.44 57.09 -5.13
C GLU D 44 -35.83 56.84 -6.51
N CYS D 45 -34.51 56.71 -6.58
CA CYS D 45 -33.77 56.43 -7.82
C CYS D 45 -34.13 57.35 -8.99
N ILE D 46 -33.56 58.56 -8.96
CA ILE D 46 -33.82 59.58 -9.99
C ILE D 46 -32.98 59.34 -11.24
N ARG D 47 -33.54 59.68 -12.39
CA ARG D 47 -32.86 59.54 -13.69
C ARG D 47 -33.04 60.83 -14.50
N PHE D 48 -31.94 61.58 -14.66
CA PHE D 48 -31.93 62.80 -15.47
C PHE D 48 -31.94 62.44 -16.96
N VAL D 49 -33.08 62.63 -17.61
CA VAL D 49 -33.27 62.26 -19.02
C VAL D 49 -34.06 63.33 -19.78
N PRO D 50 -33.39 64.47 -20.00
CA PRO D 50 -33.94 65.58 -20.79
C PRO D 50 -32.87 66.21 -21.68
N LYS D 51 -31.82 66.76 -21.05
CA LYS D 51 -30.66 67.33 -21.76
C LYS D 51 -31.03 68.50 -22.66
N CYS D 86 -33.92 71.94 -18.49
CA CYS D 86 -32.79 71.20 -19.05
C CYS D 86 -32.65 69.79 -18.49
N THR D 87 -33.07 69.58 -17.24
CA THR D 87 -33.05 68.27 -16.59
C THR D 87 -34.38 67.99 -15.87
N THR D 88 -35.00 66.86 -16.20
CA THR D 88 -36.26 66.42 -15.58
C THR D 88 -36.07 65.00 -15.01
N LYS D 89 -35.94 64.92 -13.69
CA LYS D 89 -35.67 63.64 -13.01
C LYS D 89 -36.90 62.72 -13.00
N HIS D 90 -36.86 61.66 -13.80
CA HIS D 90 -37.91 60.64 -13.83
C HIS D 90 -37.47 59.39 -13.06
N PRO D 91 -38.39 58.43 -12.84
CA PRO D 91 -37.98 57.10 -12.38
C PRO D 91 -37.10 56.38 -13.41
N THR D 92 -36.18 55.55 -12.93
CA THR D 92 -35.15 54.93 -13.78
C THR D 92 -35.71 53.85 -14.70
N ASN D 93 -35.07 53.69 -15.85
CA ASN D 93 -35.42 52.67 -16.84
C ASN D 93 -34.51 51.43 -16.76
N ALA D 94 -33.34 51.57 -16.16
CA ALA D 94 -32.28 50.56 -16.22
C ALA D 94 -31.83 50.13 -14.83
N TYR D 95 -32.37 48.99 -14.35
CA TYR D 95 -32.00 48.46 -13.02
C TYR D 95 -32.10 46.93 -12.82
N GLY D 96 -32.09 46.15 -13.91
CA GLY D 96 -32.19 44.69 -13.83
C GLY D 96 -30.87 44.00 -13.52
N GLU D 97 -30.51 43.00 -14.33
CA GLU D 97 -29.21 42.31 -14.27
C GLU D 97 -28.69 42.09 -15.68
N ILE D 98 -27.39 41.81 -15.79
CA ILE D 98 -26.72 41.63 -17.08
C ILE D 98 -26.16 40.22 -17.20
N ASP D 99 -26.63 39.47 -18.20
CA ASP D 99 -26.03 38.20 -18.58
C ASP D 99 -25.08 38.49 -19.74
N PHE D 100 -23.78 38.55 -19.44
CA PHE D 100 -22.74 38.80 -20.44
C PHE D 100 -22.60 37.60 -21.36
N GLU D 101 -22.36 37.85 -22.65
CA GLU D 101 -22.45 36.82 -23.69
C GLU D 101 -21.30 35.81 -23.67
N GLY D 102 -21.47 34.77 -22.87
CA GLY D 102 -20.64 33.56 -22.92
C GLY D 102 -19.16 33.74 -22.63
N TYR D 103 -18.85 34.17 -21.42
CA TYR D 103 -17.47 34.23 -20.91
C TYR D 103 -17.24 33.19 -19.81
N GLY D 104 -18.04 32.11 -19.81
CA GLY D 104 -17.96 31.05 -18.81
C GLY D 104 -18.87 31.29 -17.62
N GLY D 105 -19.57 30.24 -17.19
CA GLY D 105 -20.43 30.29 -16.00
C GLY D 105 -21.76 31.00 -16.21
N GLN D 106 -22.62 30.91 -15.18
CA GLN D 106 -23.90 31.61 -15.15
C GLN D 106 -23.82 32.68 -14.05
N LYS D 107 -23.52 33.92 -14.45
CA LYS D 107 -23.30 35.03 -13.53
C LYS D 107 -24.10 36.26 -13.97
N ARG D 108 -25.17 36.54 -13.23
CA ARG D 108 -25.98 37.74 -13.47
C ARG D 108 -25.49 38.87 -12.57
N ALA D 109 -25.00 39.94 -13.18
CA ALA D 109 -24.46 41.09 -12.47
C ALA D 109 -25.52 42.21 -12.38
N PRO D 110 -26.15 42.39 -11.20
CA PRO D 110 -27.14 43.48 -11.09
C PRO D 110 -26.54 44.87 -11.25
N TYR D 111 -27.33 45.79 -11.81
CA TYR D 111 -26.89 47.13 -12.10
C TYR D 111 -27.98 48.15 -11.77
N LEU D 112 -27.61 49.42 -11.80
CA LEU D 112 -28.57 50.50 -11.57
C LEU D 112 -28.04 51.84 -12.09
N ARG D 113 -28.85 52.53 -12.87
CA ARG D 113 -28.56 53.92 -13.27
C ARG D 113 -29.13 54.87 -12.22
N MET D 114 -28.40 55.95 -11.93
CA MET D 114 -28.84 56.92 -10.90
C MET D 114 -28.21 58.29 -11.11
N SER D 115 -28.89 59.34 -10.65
CA SER D 115 -28.42 60.71 -10.82
C SER D 115 -27.21 61.02 -9.93
N HIS D 116 -26.48 62.07 -10.30
CA HIS D 116 -25.28 62.50 -9.57
C HIS D 116 -25.54 63.17 -8.21
N ASP D 117 -26.80 63.55 -7.95
CA ASP D 117 -27.19 64.17 -6.67
C ASP D 117 -27.85 63.19 -5.67
N THR D 118 -27.76 61.88 -5.93
CA THR D 118 -28.32 60.86 -5.03
C THR D 118 -27.46 60.73 -3.79
N ASP D 119 -28.10 60.69 -2.61
CA ASP D 119 -27.39 60.51 -1.34
C ASP D 119 -26.82 59.09 -1.23
N ALA D 120 -25.61 58.98 -0.67
CA ALA D 120 -24.88 57.72 -0.59
C ALA D 120 -25.51 56.72 0.38
N ASN D 121 -26.16 57.22 1.43
CA ASN D 121 -26.82 56.37 2.44
C ASN D 121 -27.90 55.46 1.84
N LEU D 122 -28.63 55.98 0.85
CA LEU D 122 -29.63 55.18 0.11
C LEU D 122 -28.97 54.09 -0.74
N VAL D 123 -27.79 54.38 -1.30
CA VAL D 123 -27.02 53.40 -2.07
C VAL D 123 -26.51 52.27 -1.14
N ILE D 124 -26.10 52.62 0.09
CA ILE D 124 -25.71 51.62 1.08
C ILE D 124 -26.92 50.77 1.49
N THR D 125 -28.06 51.42 1.69
CA THR D 125 -29.33 50.72 1.95
C THR D 125 -29.71 49.78 0.79
N LEU D 126 -29.48 50.24 -0.44
CA LEU D 126 -29.73 49.42 -1.64
C LEU D 126 -28.80 48.20 -1.73
N MET D 127 -27.52 48.41 -1.43
CA MET D 127 -26.54 47.31 -1.45
C MET D 127 -26.80 46.28 -0.36
N LEU D 128 -26.90 46.74 0.89
CA LEU D 128 -27.00 45.84 2.05
C LEU D 128 -28.33 45.10 2.15
N LYS D 129 -29.45 45.82 1.98
CA LYS D 129 -30.78 45.25 2.15
C LYS D 129 -31.35 44.67 0.85
N ARG D 130 -31.48 45.51 -0.18
CA ARG D 130 -32.18 45.13 -1.42
C ARG D 130 -31.42 44.11 -2.26
N TRP D 131 -30.13 44.35 -2.49
CA TRP D 131 -29.28 43.40 -3.24
C TRP D 131 -28.79 42.18 -2.44
N ASN D 132 -29.00 42.17 -1.12
CA ASN D 132 -28.56 41.09 -0.23
C ASN D 132 -27.04 40.87 -0.30
N LEU D 133 -26.32 41.98 -0.13
CA LEU D 133 -24.86 42.01 -0.18
C LEU D 133 -24.35 42.10 1.27
N GLU D 134 -23.45 41.20 1.64
CA GLU D 134 -22.98 41.09 3.02
C GLU D 134 -22.08 42.27 3.42
N ILE D 135 -22.08 42.61 4.71
CA ILE D 135 -21.30 43.74 5.22
C ILE D 135 -19.82 43.37 5.19
N PRO D 136 -18.98 44.15 4.48
CA PRO D 136 -17.58 43.76 4.29
C PRO D 136 -16.71 44.14 5.49
N ASN D 137 -15.56 43.46 5.61
CA ASN D 137 -14.55 43.79 6.62
C ASN D 137 -13.41 44.66 6.05
N LEU D 138 -13.48 44.96 4.75
CA LEU D 138 -12.47 45.77 4.06
C LEU D 138 -13.04 46.28 2.73
N VAL D 139 -12.57 47.45 2.29
CA VAL D 139 -12.93 47.99 0.97
C VAL D 139 -11.66 48.44 0.24
N ILE D 140 -11.39 47.83 -0.92
CA ILE D 140 -10.22 48.15 -1.73
C ILE D 140 -10.66 49.02 -2.92
N SER D 141 -10.23 50.29 -2.90
CA SER D 141 -10.47 51.23 -4.00
C SER D 141 -9.28 51.23 -4.94
N VAL D 142 -9.47 50.71 -6.14
CA VAL D 142 -8.41 50.63 -7.15
C VAL D 142 -8.56 51.79 -8.14
N THR D 143 -7.65 52.76 -8.05
CA THR D 143 -7.57 53.87 -9.01
C THR D 143 -6.29 53.71 -9.84
N GLY D 144 -6.25 54.40 -10.98
CA GLY D 144 -5.08 54.34 -11.86
C GLY D 144 -5.32 54.95 -13.22
N GLY D 145 -4.72 54.34 -14.24
CA GLY D 145 -4.81 54.82 -15.62
C GLY D 145 -6.11 54.40 -16.27
N ALA D 146 -6.74 55.32 -16.99
CA ALA D 146 -7.97 55.05 -17.74
C ALA D 146 -7.68 54.30 -19.03
N LYS D 147 -6.64 54.72 -19.75
CA LYS D 147 -6.19 54.04 -20.97
C LYS D 147 -5.41 52.78 -20.62
N SER D 148 -5.42 51.81 -21.54
CA SER D 148 -4.78 50.51 -21.33
C SER D 148 -3.25 50.62 -21.27
N PHE D 149 -2.65 49.89 -20.33
CA PHE D 149 -1.21 49.90 -20.10
C PHE D 149 -0.67 48.48 -19.87
N VAL D 150 0.65 48.33 -19.92
CA VAL D 150 1.31 47.03 -19.85
C VAL D 150 1.99 46.83 -18.49
N LEU D 151 1.73 45.68 -17.87
CA LEU D 151 2.45 45.23 -16.68
C LEU D 151 3.45 44.15 -17.09
N LYS D 152 4.59 44.10 -16.40
CA LYS D 152 5.58 43.04 -16.59
C LYS D 152 5.03 41.74 -15.99
N PRO D 153 5.13 40.61 -16.72
CA PRO D 153 4.37 39.37 -16.40
C PRO D 153 4.49 38.85 -14.96
N ARG D 154 5.67 39.01 -14.36
CA ARG D 154 5.90 38.67 -12.94
C ARG D 154 5.05 39.56 -12.03
N LEU D 155 5.12 40.87 -12.27
CA LEU D 155 4.37 41.86 -11.48
C LEU D 155 2.86 41.77 -11.74
N ARG D 156 2.49 41.44 -12.98
CA ARG D 156 1.10 41.17 -13.36
C ARG D 156 0.55 39.98 -12.58
N GLU D 157 1.30 38.88 -12.60
CA GLU D 157 0.94 37.66 -11.85
C GLU D 157 0.88 37.92 -10.34
N MET D 158 1.88 38.63 -9.83
CA MET D 158 1.93 39.00 -8.40
C MET D 158 0.75 39.91 -8.00
N PHE D 159 0.39 40.83 -8.89
CA PHE D 159 -0.77 41.72 -8.68
C PHE D 159 -2.08 40.93 -8.57
N ARG D 160 -2.37 40.10 -9.57
CA ARG D 160 -3.62 39.33 -9.58
C ARG D 160 -3.67 38.16 -8.59
N ARG D 161 -2.53 37.74 -8.04
CA ARG D 161 -2.53 36.85 -6.87
C ARG D 161 -2.85 37.65 -5.59
N GLY D 162 -2.16 38.77 -5.40
CA GLY D 162 -2.31 39.60 -4.20
C GLY D 162 -3.69 40.18 -3.97
N LEU D 163 -4.25 40.81 -5.00
CA LEU D 163 -5.56 41.48 -4.89
C LEU D 163 -6.70 40.51 -4.53
N ILE D 164 -6.72 39.37 -5.21
CA ILE D 164 -7.78 38.37 -5.02
C ILE D 164 -7.59 37.59 -3.70
N LYS D 165 -6.35 37.30 -3.33
CA LYS D 165 -6.06 36.66 -2.04
C LYS D 165 -6.49 37.55 -0.87
N ALA D 166 -6.19 38.84 -0.96
CA ALA D 166 -6.63 39.83 0.04
C ALA D 166 -8.16 39.88 0.13
N ALA D 167 -8.81 39.97 -1.03
CA ALA D 167 -10.28 40.04 -1.10
C ALA D 167 -10.97 38.77 -0.61
N LYS D 168 -10.44 37.61 -0.97
CA LYS D 168 -11.04 36.32 -0.59
C LYS D 168 -10.88 36.02 0.91
N THR D 169 -9.66 36.15 1.42
CA THR D 169 -9.37 35.83 2.83
C THR D 169 -10.00 36.83 3.81
N THR D 170 -10.01 38.11 3.44
CA THR D 170 -10.61 39.16 4.28
C THR D 170 -12.15 39.19 4.19
N GLY D 171 -12.68 38.98 2.98
CA GLY D 171 -14.11 39.12 2.73
C GLY D 171 -14.43 40.57 2.45
N ALA D 172 -13.86 41.07 1.36
CA ALA D 172 -13.85 42.50 1.03
C ALA D 172 -14.60 42.82 -0.25
N TRP D 173 -14.94 44.10 -0.42
CA TRP D 173 -15.42 44.63 -1.70
C TRP D 173 -14.26 45.27 -2.45
N ILE D 174 -14.29 45.19 -3.77
CA ILE D 174 -13.31 45.88 -4.63
C ILE D 174 -14.07 46.90 -5.48
N ILE D 175 -13.84 48.19 -5.20
CA ILE D 175 -14.54 49.27 -5.93
C ILE D 175 -13.64 49.79 -7.06
N THR D 176 -14.17 49.76 -8.29
CA THR D 176 -13.42 50.17 -9.49
C THR D 176 -14.26 51.05 -10.42
N GLY D 177 -13.62 51.55 -11.48
CA GLY D 177 -14.28 52.39 -12.49
C GLY D 177 -15.42 51.75 -13.28
N GLY D 178 -15.39 50.43 -13.43
CA GLY D 178 -16.46 49.68 -14.10
C GLY D 178 -16.25 49.33 -15.57
N THR D 179 -15.55 50.20 -16.31
CA THR D 179 -15.40 50.05 -17.77
C THR D 179 -14.38 48.96 -18.15
N ASN D 180 -14.27 48.69 -19.45
CA ASN D 180 -13.45 47.57 -19.97
C ASN D 180 -12.01 47.93 -20.36
N THR D 181 -11.51 49.07 -19.90
CA THR D 181 -10.15 49.54 -20.25
C THR D 181 -9.37 50.04 -19.03
N GLY D 182 -8.06 50.07 -19.16
CA GLY D 182 -7.17 50.57 -18.11
C GLY D 182 -6.96 49.60 -16.97
N VAL D 183 -6.89 50.13 -15.75
CA VAL D 183 -6.73 49.31 -14.54
C VAL D 183 -7.95 48.39 -14.27
N MET D 184 -9.14 48.87 -14.64
CA MET D 184 -10.39 48.09 -14.50
C MET D 184 -10.32 46.74 -15.24
N LYS D 185 -9.65 46.73 -16.40
CA LYS D 185 -9.42 45.51 -17.16
C LYS D 185 -8.52 44.52 -16.41
N HIS D 186 -7.45 45.04 -15.79
CA HIS D 186 -6.54 44.21 -14.99
C HIS D 186 -7.23 43.57 -13.78
N VAL D 187 -8.10 44.34 -13.12
CA VAL D 187 -8.90 43.83 -12.00
C VAL D 187 -9.92 42.79 -12.48
N GLY D 188 -10.52 43.05 -13.64
CA GLY D 188 -11.46 42.09 -14.27
C GLY D 188 -10.80 40.77 -14.66
N GLU D 189 -9.65 40.87 -15.33
CA GLU D 189 -8.88 39.68 -15.74
C GLU D 189 -8.36 38.88 -14.54
N ALA D 190 -7.96 39.59 -13.48
CA ALA D 190 -7.56 38.98 -12.21
C ALA D 190 -8.70 38.11 -11.64
N VAL D 191 -9.88 38.69 -11.56
CA VAL D 191 -11.08 37.99 -11.07
C VAL D 191 -11.44 36.82 -11.98
N LYS D 192 -11.29 36.99 -13.30
CA LYS D 192 -11.62 35.93 -14.28
C LYS D 192 -10.74 34.68 -14.11
N GLU D 193 -9.42 34.82 -14.24
CA GLU D 193 -8.52 33.67 -14.15
C GLU D 193 -8.11 33.27 -12.72
N GLN D 194 -8.74 33.87 -11.70
CA GLN D 194 -8.76 33.29 -10.35
C GLN D 194 -10.07 32.56 -10.03
N GLN D 195 -11.16 32.87 -10.76
CA GLN D 195 -12.42 32.10 -10.64
C GLN D 195 -12.53 30.95 -11.65
N LEU D 196 -11.86 31.07 -12.80
CA LEU D 196 -11.72 29.94 -13.74
C LEU D 196 -10.82 28.82 -13.18
N MET D 197 -9.87 29.19 -12.32
CA MET D 197 -8.92 28.23 -11.74
C MET D 197 -9.50 27.47 -10.54
N PHE D 198 -10.13 28.21 -9.62
CA PHE D 198 -10.62 27.65 -8.35
C PHE D 198 -12.16 27.60 -8.18
N GLY D 199 -12.90 28.10 -9.16
CA GLY D 199 -14.37 28.15 -9.07
C GLY D 199 -14.87 29.30 -8.21
N SER D 200 -16.19 29.46 -8.17
CA SER D 200 -16.84 30.53 -7.41
C SER D 200 -17.58 30.00 -6.18
N ASP D 201 -16.81 29.75 -5.12
CA ASP D 201 -17.35 29.38 -3.79
C ASP D 201 -17.26 30.55 -2.81
N THR D 202 -16.13 31.26 -2.82
CA THR D 202 -15.97 32.52 -2.09
C THR D 202 -16.00 33.65 -3.12
N GLN D 203 -17.21 34.14 -3.42
CA GLN D 203 -17.43 35.13 -4.47
C GLN D 203 -16.90 36.51 -4.06
N VAL D 204 -15.96 37.04 -4.85
CA VAL D 204 -15.40 38.37 -4.63
C VAL D 204 -16.35 39.40 -5.23
N ASN D 205 -16.81 40.34 -4.40
CA ASN D 205 -17.73 41.39 -4.85
C ASN D 205 -16.95 42.56 -5.45
N VAL D 206 -17.06 42.72 -6.78
CA VAL D 206 -16.45 43.83 -7.49
C VAL D 206 -17.54 44.83 -7.90
N ILE D 207 -17.40 46.08 -7.43
CA ILE D 207 -18.37 47.14 -7.69
C ILE D 207 -17.80 48.09 -8.75
N GLY D 208 -18.54 48.24 -9.86
CA GLY D 208 -18.16 49.15 -10.95
C GLY D 208 -18.99 50.42 -10.92
N ILE D 209 -18.36 51.51 -10.48
CA ILE D 209 -19.02 52.83 -10.44
C ILE D 209 -18.64 53.59 -11.71
N ALA D 210 -19.48 53.48 -12.74
CA ALA D 210 -19.23 54.09 -14.06
C ALA D 210 -20.22 55.21 -14.37
N THR D 211 -20.06 55.85 -15.53
CA THR D 211 -20.98 56.90 -16.00
C THR D 211 -21.85 56.38 -17.15
N TRP D 212 -23.08 56.88 -17.21
CA TRP D 212 -24.09 56.41 -18.17
C TRP D 212 -23.94 57.01 -19.58
N GLY D 213 -23.38 58.22 -19.65
CA GLY D 213 -23.17 58.90 -20.94
C GLY D 213 -22.10 58.33 -21.85
N ILE D 214 -21.29 57.39 -21.34
CA ILE D 214 -20.20 56.76 -22.10
C ILE D 214 -20.49 55.30 -22.47
N VAL D 215 -21.05 54.53 -21.53
CA VAL D 215 -21.33 53.09 -21.75
C VAL D 215 -22.08 52.79 -23.07
N ASP D 216 -21.63 51.75 -23.78
CA ASP D 216 -22.24 51.32 -25.05
C ASP D 216 -23.55 50.55 -24.82
N LYS D 217 -24.34 50.45 -25.89
CA LYS D 217 -25.57 49.65 -25.92
C LYS D 217 -26.58 50.05 -24.84
N GLN D 218 -26.84 51.36 -24.74
CA GLN D 218 -27.76 51.89 -23.74
C GLN D 218 -29.19 51.38 -23.95
N SER D 219 -29.63 51.37 -25.21
CA SER D 219 -30.95 50.84 -25.60
C SER D 219 -31.17 49.37 -25.21
N ASP D 220 -30.09 48.60 -25.10
CA ASP D 220 -30.15 47.22 -24.59
C ASP D 220 -30.58 47.16 -23.13
N LEU D 221 -30.06 48.07 -22.30
CA LEU D 221 -30.35 48.08 -20.85
C LEU D 221 -31.65 48.82 -20.45
N ILE D 222 -32.23 49.60 -21.38
CA ILE D 222 -33.39 50.45 -21.07
C ILE D 222 -34.72 49.68 -21.20
N SER D 223 -35.60 49.88 -20.23
CA SER D 223 -37.00 49.43 -20.30
C SER D 223 -37.89 50.24 -19.35
N GLU D 224 -38.90 50.91 -19.91
CA GLU D 224 -39.84 51.74 -19.15
C GLU D 224 -40.58 51.00 -18.01
N LYS D 225 -40.92 49.74 -18.25
CA LYS D 225 -41.63 48.90 -17.26
C LYS D 225 -40.69 48.32 -16.20
N ASN D 226 -41.28 47.60 -15.24
CA ASN D 226 -40.52 46.78 -14.29
C ASN D 226 -40.29 45.38 -14.85
N GLY D 227 -39.16 44.78 -14.47
CA GLY D 227 -38.80 43.44 -14.92
C GLY D 227 -37.84 43.46 -16.09
N LYS D 228 -36.64 43.98 -15.85
CA LYS D 228 -35.54 43.99 -16.83
C LYS D 228 -34.43 43.01 -16.39
N TYR D 229 -34.78 42.04 -15.55
CA TYR D 229 -33.77 41.23 -14.85
C TYR D 229 -33.05 40.20 -15.72
N PRO D 230 -33.66 39.78 -16.85
CA PRO D 230 -32.88 39.22 -17.94
C PRO D 230 -32.45 40.31 -18.93
N ALA D 231 -31.14 40.44 -19.16
CA ALA D 231 -30.59 41.34 -20.17
C ALA D 231 -29.36 40.72 -20.83
N LEU D 232 -29.23 40.93 -22.13
CA LEU D 232 -28.22 40.26 -22.96
C LEU D 232 -27.24 41.27 -23.55
N TYR D 233 -26.23 41.62 -22.75
CA TYR D 233 -25.23 42.62 -23.12
C TYR D 233 -24.13 41.98 -23.99
N SER D 234 -24.15 42.29 -25.28
CA SER D 234 -23.18 41.74 -26.24
C SER D 234 -21.82 42.44 -26.13
N MET D 235 -20.79 41.76 -26.64
CA MET D 235 -19.39 42.25 -26.58
C MET D 235 -18.91 42.99 -27.83
N GLU D 236 -19.60 42.80 -28.95
CA GLU D 236 -19.24 43.47 -30.21
C GLU D 236 -19.56 44.97 -30.10
N PRO D 237 -18.54 45.85 -30.16
CA PRO D 237 -18.83 47.29 -30.00
C PRO D 237 -19.64 47.87 -31.16
N THR D 238 -20.53 48.81 -30.85
CA THR D 238 -21.31 49.52 -31.87
C THR D 238 -20.36 50.42 -32.69
N PRO D 239 -20.50 50.45 -34.04
CA PRO D 239 -19.52 51.21 -34.83
C PRO D 239 -19.62 52.74 -34.66
N GLY D 240 -18.55 53.35 -34.17
CA GLY D 240 -18.43 54.81 -34.09
C GLY D 240 -19.22 55.45 -32.97
N HIS D 241 -18.92 55.06 -31.73
CA HIS D 241 -19.50 55.68 -30.53
C HIS D 241 -18.51 56.59 -29.79
N GLN D 242 -17.25 56.17 -29.71
CA GLN D 242 -16.21 56.84 -28.92
C GLN D 242 -16.55 56.86 -27.43
N GLY D 243 -16.58 55.67 -26.85
CA GLY D 243 -16.87 55.48 -25.42
C GLY D 243 -16.81 54.00 -25.06
N ALA D 244 -16.27 53.70 -23.89
CA ALA D 244 -16.02 52.31 -23.47
C ALA D 244 -17.27 51.48 -23.21
N MET D 245 -17.06 50.17 -23.05
CA MET D 245 -18.10 49.22 -22.68
C MET D 245 -17.94 48.84 -21.21
N LEU D 246 -18.91 48.09 -20.68
CA LEU D 246 -18.81 47.55 -19.31
C LEU D 246 -17.85 46.36 -19.28
N ASP D 247 -17.23 46.14 -18.13
CA ASP D 247 -16.35 44.99 -17.93
C ASP D 247 -17.20 43.73 -17.70
N PRO D 248 -16.90 42.61 -18.40
CA PRO D 248 -17.68 41.39 -18.17
C PRO D 248 -17.54 40.75 -16.79
N ASN D 249 -16.40 40.97 -16.12
CA ASN D 249 -16.05 40.25 -14.90
C ASN D 249 -16.48 40.91 -13.58
N HIS D 250 -17.00 42.14 -13.62
CA HIS D 250 -17.50 42.81 -12.41
C HIS D 250 -18.88 42.29 -12.00
N SER D 251 -19.14 42.34 -10.69
CA SER D 251 -20.34 41.72 -10.09
C SER D 251 -21.52 42.68 -9.97
N HIS D 252 -21.25 43.96 -9.70
CA HIS D 252 -22.31 44.96 -9.52
C HIS D 252 -21.95 46.26 -10.23
N PHE D 253 -22.96 46.98 -10.72
CA PHE D 253 -22.74 48.23 -11.47
C PHE D 253 -23.57 49.41 -10.96
N PHE D 254 -22.90 50.55 -10.76
CA PHE D 254 -23.57 51.82 -10.48
C PHE D 254 -23.27 52.78 -11.63
N LEU D 255 -24.31 53.14 -12.38
CA LEU D 255 -24.16 53.96 -13.58
C LEU D 255 -24.69 55.38 -13.31
N VAL D 256 -23.78 56.34 -13.28
CA VAL D 256 -24.11 57.72 -12.91
C VAL D 256 -24.61 58.49 -14.15
N ASP D 257 -25.84 59.02 -14.04
CA ASP D 257 -26.41 59.92 -15.05
C ASP D 257 -25.98 61.35 -14.76
N ASP D 258 -25.88 62.15 -15.82
CA ASP D 258 -25.79 63.61 -15.70
C ASP D 258 -26.71 64.33 -16.70
N GLY D 259 -27.50 63.58 -17.47
CA GLY D 259 -28.18 64.12 -18.66
C GLY D 259 -27.32 64.12 -19.91
N THR D 260 -26.08 64.58 -19.77
CA THR D 260 -25.13 64.70 -20.88
C THR D 260 -24.57 63.35 -21.34
N GLU D 261 -23.86 63.38 -22.47
CA GLU D 261 -23.14 62.21 -23.01
C GLU D 261 -21.74 62.61 -23.47
N GLY D 262 -20.83 61.64 -23.46
CA GLY D 262 -19.45 61.87 -23.87
C GLY D 262 -18.62 62.74 -22.93
N LYS D 263 -18.94 62.68 -21.63
CA LYS D 263 -18.20 63.42 -20.60
C LYS D 263 -17.69 62.42 -19.55
N TYR D 264 -16.39 62.51 -19.24
CA TYR D 264 -15.71 61.49 -18.44
C TYR D 264 -15.81 61.70 -16.92
N GLY D 265 -15.64 62.95 -16.48
CA GLY D 265 -15.59 63.26 -15.04
C GLY D 265 -16.94 63.43 -14.36
N VAL D 266 -17.82 62.43 -14.51
CA VAL D 266 -19.15 62.42 -13.91
C VAL D 266 -19.17 61.62 -12.61
N GLU D 267 -18.53 60.45 -12.62
CA GLU D 267 -18.54 59.52 -11.47
C GLU D 267 -17.50 59.83 -10.37
N ILE D 268 -16.83 60.98 -10.43
CA ILE D 268 -15.78 61.33 -9.45
C ILE D 268 -16.40 61.68 -8.08
N GLY D 269 -17.52 62.40 -8.10
CA GLY D 269 -18.22 62.79 -6.87
C GLY D 269 -18.87 61.64 -6.13
N MET D 270 -19.61 60.81 -6.86
CA MET D 270 -20.32 59.66 -6.30
C MET D 270 -19.36 58.62 -5.71
N ARG D 271 -18.25 58.39 -6.41
CA ARG D 271 -17.16 57.51 -5.93
C ARG D 271 -16.69 57.90 -4.54
N SER D 272 -16.40 59.19 -4.34
CA SER D 272 -15.95 59.71 -3.05
C SER D 272 -17.04 59.64 -1.98
N ARG D 273 -18.26 60.05 -2.35
CA ARG D 273 -19.39 60.07 -1.41
C ARG D 273 -19.86 58.67 -0.99
N ILE D 274 -19.70 57.67 -1.87
CA ILE D 274 -19.91 56.26 -1.47
C ILE D 274 -18.78 55.81 -0.52
N GLU D 275 -17.53 56.09 -0.91
CA GLU D 275 -16.37 55.79 -0.05
C GLU D 275 -16.41 56.47 1.33
N GLU D 276 -17.09 57.61 1.42
CA GLU D 276 -17.43 58.21 2.72
C GLU D 276 -18.48 57.38 3.46
N ALA D 277 -19.51 56.93 2.73
CA ALA D 277 -20.65 56.20 3.31
C ALA D 277 -20.30 54.84 3.92
N ILE D 278 -19.32 54.13 3.36
CA ILE D 278 -18.87 52.83 3.94
C ILE D 278 -17.63 52.95 4.84
N MET D 279 -17.40 54.13 5.41
CA MET D 279 -16.47 54.30 6.55
C MET D 279 -17.20 54.46 7.89
N LYS D 280 -18.53 54.62 7.86
CA LYS D 280 -19.35 54.73 9.07
C LYS D 280 -20.36 53.58 9.24
N VAL D 281 -20.30 52.56 8.39
CA VAL D 281 -21.04 51.31 8.59
C VAL D 281 -20.21 50.44 9.52
N LYS D 282 -20.86 49.84 10.52
CA LYS D 282 -20.17 48.98 11.48
C LYS D 282 -20.15 47.53 11.00
N THR D 283 -19.04 46.84 11.28
CA THR D 283 -18.87 45.44 10.89
C THR D 283 -19.74 44.51 11.73
N ASP D 284 -20.08 43.35 11.16
CA ASP D 284 -20.97 42.39 11.81
C ASP D 284 -20.22 41.49 12.79
N SER D 285 -20.67 41.47 14.04
CA SER D 285 -20.13 40.58 15.07
C SER D 285 -21.10 40.42 16.23
N ARG D 286 -20.87 39.38 17.04
CA ARG D 286 -21.71 39.09 18.21
C ARG D 286 -21.43 40.06 19.36
N SER D 287 -20.16 40.38 19.57
CA SER D 287 -19.75 41.37 20.56
C SER D 287 -20.04 42.79 20.07
N GLU D 288 -20.32 43.68 21.02
CA GLU D 288 -20.49 45.11 20.72
C GLU D 288 -19.16 45.90 20.75
N ALA D 289 -18.09 45.26 21.22
CA ALA D 289 -16.73 45.81 21.15
C ALA D 289 -16.02 45.43 19.83
N GLY D 290 -16.38 44.29 19.26
CA GLY D 290 -15.81 43.83 17.99
C GLY D 290 -16.34 44.50 16.73
N SER D 291 -17.46 45.24 16.86
CA SER D 291 -18.04 45.96 15.72
C SER D 291 -17.29 47.25 15.42
N ILE D 292 -16.24 47.15 14.61
CA ILE D 292 -15.45 48.31 14.17
C ILE D 292 -16.05 48.95 12.91
N GLY D 293 -15.65 50.19 12.63
CA GLY D 293 -15.98 50.85 11.38
C GLY D 293 -15.18 50.23 10.24
N VAL D 294 -15.81 50.10 9.08
CA VAL D 294 -15.20 49.39 7.95
C VAL D 294 -14.00 50.17 7.41
N PRO D 295 -12.80 49.55 7.40
CA PRO D 295 -11.61 50.22 6.89
C PRO D 295 -11.57 50.22 5.36
N VAL D 296 -11.15 51.35 4.79
CA VAL D 296 -10.99 51.50 3.34
C VAL D 296 -9.50 51.64 3.03
N VAL D 297 -9.06 51.04 1.92
CA VAL D 297 -7.68 51.15 1.44
C VAL D 297 -7.69 51.50 -0.04
N LEU D 298 -6.66 52.25 -0.47
CA LEU D 298 -6.55 52.74 -1.85
C LEU D 298 -5.32 52.13 -2.53
N LEU D 299 -5.50 51.68 -3.77
CA LEU D 299 -4.43 50.99 -4.51
C LEU D 299 -4.18 51.70 -5.84
N VAL D 300 -2.90 52.04 -6.11
CA VAL D 300 -2.53 52.83 -7.30
C VAL D 300 -1.55 52.08 -8.22
N LEU D 301 -1.86 52.07 -9.52
CA LEU D 301 -1.01 51.45 -10.57
C LEU D 301 -0.36 52.45 -11.53
N GLU D 302 -1.13 53.43 -12.01
CA GLU D 302 -0.70 54.48 -12.94
C GLU D 302 -1.50 55.78 -12.78
N GLY D 303 -1.51 56.64 -13.80
CA GLY D 303 -2.39 57.80 -13.86
C GLY D 303 -1.58 59.03 -14.22
N GLY D 304 -2.26 60.18 -14.28
CA GLY D 304 -1.63 61.47 -14.53
C GLY D 304 -1.47 62.24 -13.22
N PRO D 305 -1.63 63.58 -13.26
CA PRO D 305 -1.75 64.36 -12.03
C PRO D 305 -3.08 64.12 -11.25
N ASN D 306 -4.12 63.68 -11.96
CA ASN D 306 -5.46 63.51 -11.37
C ASN D 306 -5.50 62.43 -10.26
N THR D 307 -4.80 61.32 -10.48
CA THR D 307 -4.70 60.26 -9.46
C THR D 307 -3.96 60.72 -8.20
N VAL D 308 -2.97 61.61 -8.38
CA VAL D 308 -2.20 62.17 -7.26
C VAL D 308 -3.05 63.16 -6.47
N ALA D 309 -3.93 63.89 -7.17
CA ALA D 309 -4.93 64.75 -6.53
C ALA D 309 -5.93 63.93 -5.71
N THR D 310 -6.43 62.85 -6.32
CA THR D 310 -7.32 61.90 -5.64
C THR D 310 -6.64 61.24 -4.43
N MET D 311 -5.36 60.90 -4.58
CA MET D 311 -4.56 60.32 -3.50
C MET D 311 -4.46 61.27 -2.30
N TYR D 312 -4.03 62.51 -2.55
CA TYR D 312 -3.94 63.53 -1.50
C TYR D 312 -5.31 63.93 -0.95
N GLU D 313 -6.35 63.88 -1.78
CA GLU D 313 -7.72 64.13 -1.32
C GLU D 313 -8.17 63.12 -0.27
N LEU D 314 -7.94 61.83 -0.54
CA LEU D 314 -8.40 60.75 0.35
C LEU D 314 -7.49 60.47 1.56
N ILE D 315 -6.21 60.84 1.48
CA ILE D 315 -5.30 60.77 2.65
C ILE D 315 -5.82 61.66 3.79
N LYS D 316 -6.28 62.87 3.44
CA LYS D 316 -6.86 63.80 4.42
C LYS D 316 -8.14 63.31 5.11
N LYS D 317 -8.81 62.33 4.50
CA LYS D 317 -9.90 61.57 5.16
C LYS D 317 -9.41 60.28 5.86
N LYS D 318 -8.11 60.23 6.21
CA LYS D 318 -7.52 59.10 6.96
C LYS D 318 -7.61 57.74 6.23
N VAL D 319 -7.53 57.76 4.90
CA VAL D 319 -7.49 56.54 4.10
C VAL D 319 -6.05 56.36 3.59
N PRO D 320 -5.37 55.26 3.97
CA PRO D 320 -3.99 55.06 3.48
C PRO D 320 -3.94 54.70 1.99
N ALA D 321 -2.75 54.74 1.41
CA ALA D 321 -2.56 54.50 -0.04
C ALA D 321 -1.38 53.57 -0.30
N VAL D 322 -1.60 52.58 -1.16
CA VAL D 322 -0.55 51.66 -1.61
C VAL D 322 -0.24 51.96 -3.08
N VAL D 323 1.02 52.28 -3.36
CA VAL D 323 1.48 52.59 -4.72
C VAL D 323 2.33 51.43 -5.23
N ILE D 324 1.98 50.90 -6.40
CA ILE D 324 2.70 49.78 -7.02
C ILE D 324 3.78 50.30 -7.98
N ASP D 325 5.05 50.12 -7.60
CA ASP D 325 6.18 50.41 -8.50
C ASP D 325 6.40 49.25 -9.46
N GLY D 326 7.20 49.50 -10.49
CA GLY D 326 7.34 48.57 -11.62
C GLY D 326 6.14 48.62 -12.55
N SER D 327 5.48 49.77 -12.58
CA SER D 327 4.29 50.01 -13.42
C SER D 327 4.47 51.38 -14.12
N GLY D 328 3.38 52.01 -14.54
CA GLY D 328 3.47 53.24 -15.34
C GLY D 328 3.80 54.53 -14.60
N ARG D 329 3.26 55.62 -15.12
CA ARG D 329 3.76 56.98 -14.85
C ARG D 329 3.69 57.45 -13.39
N ALA D 330 2.50 57.82 -12.92
CA ALA D 330 2.34 58.48 -11.62
C ALA D 330 2.78 57.63 -10.42
N ALA D 331 2.55 56.32 -10.51
CA ALA D 331 2.98 55.37 -9.48
C ALA D 331 4.51 55.30 -9.38
N SER D 332 5.19 55.22 -10.53
CA SER D 332 6.65 55.20 -10.57
C SER D 332 7.28 56.51 -10.07
N VAL D 333 6.67 57.65 -10.44
CA VAL D 333 7.15 58.98 -9.99
C VAL D 333 7.02 59.14 -8.47
N VAL D 334 5.82 58.88 -7.94
CA VAL D 334 5.56 58.97 -6.50
C VAL D 334 6.39 57.92 -5.74
N GLY D 335 6.54 56.73 -6.34
CA GLY D 335 7.35 55.66 -5.76
C GLY D 335 8.83 56.00 -5.69
N PHE D 336 9.42 56.43 -6.81
CA PHE D 336 10.82 56.85 -6.84
C PHE D 336 11.07 58.15 -6.06
N ALA D 337 10.04 58.96 -5.86
CA ALA D 337 10.11 60.09 -4.91
C ALA D 337 10.21 59.60 -3.47
N TYR D 338 9.42 58.58 -3.13
CA TYR D 338 9.49 57.93 -1.82
C TYR D 338 10.78 57.10 -1.61
N ASN D 339 11.34 56.55 -2.68
CA ASN D 339 12.43 55.56 -2.62
C ASN D 339 13.82 56.12 -2.28
N HIS D 340 14.00 57.44 -2.26
CA HIS D 340 15.33 58.05 -2.05
C HIS D 340 15.92 57.79 -0.66
N THR D 341 15.35 58.46 0.36
CA THR D 341 15.92 58.49 1.71
C THR D 341 14.78 58.72 2.74
N ILE D 342 15.14 58.97 4.00
CA ILE D 342 14.19 59.43 5.03
C ILE D 342 14.74 60.69 5.70
N LYS D 343 13.83 61.60 6.08
CA LYS D 343 14.22 62.90 6.64
C LYS D 343 13.07 63.53 7.44
N ARG D 344 13.27 63.64 8.77
CA ARG D 344 12.34 64.35 9.64
C ARG D 344 12.85 65.78 9.82
N ASN D 345 12.18 66.73 9.15
CA ASN D 345 12.55 68.16 9.23
C ASN D 345 12.17 68.72 10.60
N VAL D 346 10.90 68.53 10.97
CA VAL D 346 10.40 68.81 12.32
C VAL D 346 10.00 67.46 12.92
N ASP D 347 9.75 67.43 14.24
CA ASP D 347 9.23 66.23 14.89
C ASP D 347 7.87 65.83 14.28
N GLY D 348 6.85 66.66 14.48
CA GLY D 348 5.52 66.50 13.88
C GLY D 348 4.87 65.13 13.80
N GLN D 349 5.21 64.25 14.75
CA GLN D 349 4.78 62.84 14.74
C GLN D 349 5.19 62.10 13.46
N THR D 350 6.50 62.11 13.18
CA THR D 350 7.11 61.36 12.08
C THR D 350 6.62 61.81 10.68
N ILE D 351 6.95 63.05 10.32
CA ILE D 351 6.69 63.58 8.97
C ILE D 351 7.91 63.43 8.08
N ASN D 352 7.67 63.34 6.76
CA ASN D 352 8.74 63.22 5.77
C ASN D 352 8.60 64.28 4.68
N VAL D 353 9.73 64.88 4.30
CA VAL D 353 9.82 65.75 3.14
C VAL D 353 11.20 65.51 2.50
N ILE D 354 11.25 64.51 1.62
CA ILE D 354 12.51 64.05 1.05
C ILE D 354 12.90 65.00 -0.09
N ASP D 355 13.56 66.09 0.28
CA ASP D 355 14.11 67.04 -0.67
C ASP D 355 15.36 67.71 -0.06
N PRO D 356 16.48 66.98 0.00
CA PRO D 356 17.75 67.59 0.39
C PRO D 356 18.37 68.41 -0.76
N GLN D 357 19.61 68.86 -0.56
CA GLN D 357 20.37 69.56 -1.60
C GLN D 357 20.73 68.66 -2.79
N TYR D 358 20.85 67.36 -2.55
CA TYR D 358 21.34 66.41 -3.55
C TYR D 358 20.34 66.10 -4.67
N GLU D 359 19.12 65.72 -4.29
CA GLU D 359 18.16 65.11 -5.21
C GLU D 359 16.84 65.87 -5.32
N ASP D 360 16.93 67.13 -5.79
CA ASP D 360 15.78 67.95 -6.17
C ASP D 360 15.59 67.96 -7.69
N GLU D 361 16.69 68.18 -8.41
CA GLU D 361 16.71 68.22 -9.87
C GLU D 361 16.27 66.90 -10.51
N VAL D 362 16.68 65.78 -9.93
CA VAL D 362 16.25 64.45 -10.40
C VAL D 362 14.72 64.27 -10.33
N ARG D 363 14.11 64.77 -9.25
CA ARG D 363 12.66 64.77 -9.11
C ARG D 363 12.00 65.82 -10.01
N ALA D 364 12.65 66.97 -10.17
CA ALA D 364 12.18 68.00 -11.11
C ALA D 364 12.11 67.47 -12.55
N LYS D 365 13.18 66.82 -13.01
CA LYS D 365 13.23 66.27 -14.38
C LYS D 365 12.28 65.08 -14.58
N VAL D 366 12.20 64.19 -13.59
CA VAL D 366 11.31 63.02 -13.65
C VAL D 366 9.82 63.42 -13.63
N VAL D 367 9.50 64.51 -12.94
CA VAL D 367 8.17 65.15 -13.07
C VAL D 367 8.02 65.76 -14.47
N GLU D 368 9.06 66.42 -14.97
CA GLU D 368 9.07 66.99 -16.33
C GLU D 368 9.14 65.97 -17.50
N VAL D 369 9.33 64.68 -17.21
CA VAL D 369 9.25 63.61 -18.24
C VAL D 369 7.89 63.63 -18.96
N PHE D 370 6.81 63.78 -18.19
CA PHE D 370 5.46 63.96 -18.77
C PHE D 370 4.77 65.17 -18.12
N GLY D 371 4.22 66.05 -18.96
CA GLY D 371 3.52 67.25 -18.49
C GLY D 371 4.45 68.40 -18.14
N ALA D 372 4.37 69.47 -18.93
CA ALA D 372 5.10 70.72 -18.67
C ALA D 372 4.20 71.82 -18.09
N LYS D 373 2.96 71.91 -18.57
CA LYS D 373 1.99 72.90 -18.09
C LYS D 373 1.54 72.59 -16.66
N GLY D 374 2.28 73.12 -15.68
CA GLY D 374 2.00 72.91 -14.26
C GLY D 374 2.81 71.77 -13.67
N ALA D 375 4.12 71.81 -13.88
CA ALA D 375 5.04 70.85 -13.26
C ALA D 375 5.24 71.16 -11.76
N ASP D 376 5.15 72.44 -11.40
CA ASP D 376 5.30 72.87 -10.00
C ASP D 376 4.15 72.41 -9.13
N LYS D 377 2.91 72.55 -9.61
CA LYS D 377 1.72 72.15 -8.86
C LYS D 377 1.64 70.63 -8.66
N THR D 378 1.92 69.85 -9.71
CA THR D 378 1.96 68.39 -9.59
C THR D 378 3.12 67.91 -8.70
N TYR D 379 4.28 68.57 -8.80
CA TYR D 379 5.41 68.33 -7.88
C TYR D 379 5.04 68.67 -6.43
N SER D 380 4.28 69.75 -6.25
CA SER D 380 3.75 70.11 -4.92
C SER D 380 2.84 69.01 -4.38
N MET D 381 1.96 68.48 -5.23
CA MET D 381 1.07 67.38 -4.84
C MET D 381 1.83 66.08 -4.58
N ILE D 382 2.92 65.84 -5.33
CA ILE D 382 3.79 64.66 -5.09
C ILE D 382 4.54 64.78 -3.75
N LYS D 383 5.07 65.95 -3.42
CA LYS D 383 5.70 66.17 -2.10
C LYS D 383 4.68 66.29 -0.96
N ASP D 384 3.43 66.65 -1.27
CA ASP D 384 2.34 66.66 -0.28
C ASP D 384 1.91 65.25 0.19
N VAL D 385 1.82 64.29 -0.73
CA VAL D 385 1.42 62.92 -0.37
C VAL D 385 2.44 62.16 0.49
N LEU D 386 3.71 62.55 0.42
CA LEU D 386 4.78 61.95 1.23
C LEU D 386 4.94 62.58 2.62
N GLU D 387 3.99 63.41 3.04
CA GLU D 387 4.02 64.06 4.36
C GLU D 387 3.98 63.04 5.49
N ASP D 388 2.86 62.32 5.62
CA ASP D 388 2.71 61.28 6.64
C ASP D 388 3.38 59.99 6.17
N GLU D 389 4.34 59.50 6.97
CA GLU D 389 4.98 58.21 6.72
C GLU D 389 4.01 57.05 6.89
N LYS D 390 3.10 57.19 7.86
CA LYS D 390 2.11 56.14 8.15
C LYS D 390 1.06 55.91 7.04
N MET D 391 0.61 57.00 6.41
CA MET D 391 -0.45 56.92 5.40
C MET D 391 0.03 56.29 4.08
N ILE D 392 0.99 56.93 3.43
CA ILE D 392 1.51 56.45 2.14
C ILE D 392 2.36 55.20 2.30
N SER D 393 2.24 54.28 1.34
CA SER D 393 3.07 53.07 1.28
C SER D 393 3.38 52.72 -0.18
N VAL D 394 4.60 52.24 -0.43
CA VAL D 394 5.06 51.95 -1.78
C VAL D 394 5.56 50.50 -1.87
N TYR D 395 4.88 49.69 -2.68
CA TYR D 395 5.31 48.34 -2.96
C TYR D 395 6.21 48.33 -4.19
N SER D 396 7.45 47.85 -4.02
CA SER D 396 8.37 47.60 -5.13
C SER D 396 8.65 46.10 -5.21
N LEU D 397 8.89 45.61 -6.43
CA LEU D 397 9.13 44.19 -6.67
C LEU D 397 10.47 43.70 -6.12
N ASP D 398 11.44 44.60 -5.96
CA ASP D 398 12.77 44.28 -5.44
C ASP D 398 12.97 44.68 -3.96
N GLY D 399 11.89 44.67 -3.18
CA GLY D 399 11.95 45.04 -1.77
C GLY D 399 12.32 43.87 -0.88
N GLU D 400 11.44 42.87 -0.84
CA GLU D 400 11.62 41.66 -0.02
C GLU D 400 11.21 40.41 -0.81
N ILE D 401 11.47 39.24 -0.23
CA ILE D 401 11.06 37.95 -0.80
C ILE D 401 9.69 37.55 -0.26
N SER D 402 9.53 37.59 1.06
CA SER D 402 8.32 37.08 1.73
C SER D 402 7.14 38.08 1.82
N GLN D 403 7.27 39.25 1.19
CA GLN D 403 6.19 40.24 1.15
C GLN D 403 5.47 40.24 -0.20
N ASP D 404 4.22 39.76 -0.19
CA ASP D 404 3.32 39.85 -1.35
C ASP D 404 2.50 41.14 -1.25
N ILE D 405 1.68 41.41 -2.27
CA ILE D 405 0.88 42.64 -2.33
C ILE D 405 -0.29 42.65 -1.32
N ASP D 406 -0.89 41.49 -1.07
CA ASP D 406 -1.93 41.38 -0.02
C ASP D 406 -1.41 41.79 1.37
N LEU D 407 -0.18 41.39 1.68
CA LEU D 407 0.48 41.80 2.92
C LEU D 407 0.75 43.31 2.92
N ALA D 408 1.16 43.86 1.78
CA ALA D 408 1.36 45.31 1.64
C ALA D 408 0.06 46.10 1.88
N ILE D 409 -1.05 45.60 1.32
CA ILE D 409 -2.37 46.23 1.52
C ILE D 409 -2.78 46.22 2.98
N LEU D 410 -2.70 45.06 3.63
CA LEU D 410 -3.17 44.91 5.01
C LEU D 410 -2.22 45.54 6.03
N LYS D 411 -0.91 45.43 5.81
CA LYS D 411 0.10 46.10 6.65
C LYS D 411 0.08 47.62 6.48
N ALA D 412 -0.40 48.13 5.34
CA ALA D 412 -0.63 49.57 5.17
C ALA D 412 -1.72 50.09 6.11
N LEU D 413 -2.79 49.30 6.28
CA LEU D 413 -3.86 49.61 7.23
C LEU D 413 -3.42 49.48 8.69
N LEU D 414 -2.59 48.48 8.98
CA LEU D 414 -1.97 48.34 10.31
C LEU D 414 -1.00 49.50 10.58
N LYS D 415 -0.28 49.94 9.54
CA LYS D 415 0.58 51.12 9.62
C LYS D 415 -0.27 52.40 9.79
N ALA D 416 -1.43 52.46 9.15
CA ALA D 416 -2.36 53.58 9.31
C ALA D 416 -2.90 53.72 10.75
N ASN D 417 -3.05 52.60 11.46
CA ASN D 417 -3.46 52.58 12.87
C ASN D 417 -2.27 52.31 13.81
N ARG D 418 -1.16 53.01 13.58
CA ARG D 418 0.09 52.79 14.33
C ARG D 418 0.04 53.29 15.78
N SER D 419 -0.83 54.27 16.06
CA SER D 419 -0.91 54.89 17.38
C SER D 419 -1.40 53.93 18.46
N SER D 420 -2.61 53.40 18.28
CA SER D 420 -3.22 52.46 19.23
C SER D 420 -3.07 51.01 18.76
N PRO D 421 -2.39 50.15 19.55
CA PRO D 421 -2.33 48.71 19.20
C PRO D 421 -3.68 47.96 19.31
N VAL D 422 -4.63 48.48 20.09
CA VAL D 422 -5.94 47.84 20.27
C VAL D 422 -6.73 47.85 18.95
N ALA D 423 -6.70 48.98 18.26
CA ALA D 423 -7.32 49.11 16.93
C ALA D 423 -6.70 48.15 15.90
N GLN D 424 -5.38 48.02 15.94
CA GLN D 424 -4.67 47.06 15.08
C GLN D 424 -5.12 45.62 15.34
N LEU D 425 -5.27 45.27 16.61
CA LEU D 425 -5.73 43.94 17.02
C LEU D 425 -7.18 43.67 16.60
N ASN D 426 -8.04 44.68 16.74
CA ASN D 426 -9.44 44.57 16.29
C ASN D 426 -9.55 44.37 14.78
N LEU D 427 -8.72 45.08 14.01
CA LEU D 427 -8.61 44.87 12.56
C LEU D 427 -8.14 43.44 12.23
N ALA D 428 -7.12 42.97 12.96
CA ALA D 428 -6.61 41.61 12.81
C ALA D 428 -7.65 40.54 13.16
N LEU D 429 -8.46 40.80 14.20
CA LEU D 429 -9.59 39.93 14.55
C LEU D 429 -10.67 39.95 13.47
N ALA D 430 -11.07 41.16 13.06
CA ALA D 430 -12.12 41.35 12.05
C ALA D 430 -11.83 40.63 10.72
N TRP D 431 -10.57 40.67 10.28
CA TRP D 431 -10.15 39.99 9.04
C TRP D 431 -9.95 38.49 9.20
N ASN D 432 -9.71 38.03 10.44
CA ASN D 432 -9.46 36.62 10.75
C ASN D 432 -8.16 36.13 10.08
N ARG D 433 -7.08 36.89 10.31
CA ARG D 433 -5.75 36.60 9.78
C ARG D 433 -4.72 36.67 10.90
N ILE D 434 -4.33 35.49 11.40
CA ILE D 434 -3.44 35.40 12.56
C ILE D 434 -1.95 35.58 12.22
N ASP D 435 -1.57 35.35 10.97
CA ASP D 435 -0.20 35.62 10.50
C ASP D 435 0.23 37.09 10.69
N LEU D 436 -0.71 38.02 10.50
CA LEU D 436 -0.51 39.44 10.81
C LEU D 436 -0.33 39.66 12.32
N ALA D 437 -1.18 39.00 13.12
CA ALA D 437 -1.07 39.04 14.58
C ALA D 437 0.28 38.54 15.08
N LYS D 438 0.75 37.44 14.51
CA LYS D 438 2.10 36.92 14.79
C LYS D 438 3.20 37.84 14.25
N SER D 439 2.98 38.44 13.08
CA SER D 439 3.95 39.33 12.43
C SER D 439 4.22 40.62 13.22
N ASP D 440 3.24 41.52 13.28
CA ASP D 440 3.46 42.88 13.81
C ASP D 440 2.40 43.41 14.80
N ILE D 441 1.70 42.51 15.49
CA ILE D 441 0.83 42.87 16.61
C ILE D 441 1.45 42.37 17.92
N PHE D 442 1.79 41.08 17.96
CA PHE D 442 2.48 40.49 19.12
C PHE D 442 3.98 40.33 18.85
N THR D 443 4.70 41.43 19.05
CA THR D 443 6.15 41.49 18.87
C THR D 443 6.86 41.62 20.22
N GLU D 444 8.19 41.59 20.18
CA GLU D 444 9.03 41.89 21.36
C GLU D 444 8.93 43.35 21.84
N GLU D 445 8.56 44.27 20.95
CA GLU D 445 8.52 45.70 21.24
C GLU D 445 7.43 46.09 22.25
N GLN D 446 6.22 45.54 22.09
CA GLN D 446 5.06 45.93 22.91
C GLN D 446 4.51 44.75 23.74
N GLN D 447 3.99 45.08 24.93
CA GLN D 447 3.53 44.09 25.91
C GLN D 447 2.02 44.14 26.07
N TRP D 448 1.40 42.95 26.18
CA TRP D 448 -0.05 42.81 26.35
C TRP D 448 -0.36 42.18 27.71
N THR D 449 -1.42 42.66 28.35
CA THR D 449 -1.88 42.17 29.65
C THR D 449 -3.33 41.68 29.53
N THR D 450 -3.89 41.19 30.63
CA THR D 450 -5.29 40.74 30.69
C THR D 450 -6.27 41.88 30.41
N GLU D 451 -6.03 43.03 31.06
CA GLU D 451 -6.91 44.20 30.94
C GLU D 451 -7.02 44.75 29.51
N THR D 452 -5.93 44.69 28.76
CA THR D 452 -5.91 45.12 27.36
C THR D 452 -6.47 44.07 26.38
N LEU D 453 -6.31 42.78 26.71
CA LEU D 453 -6.78 41.67 25.86
C LEU D 453 -8.18 41.13 26.21
N SER D 454 -8.81 41.67 27.27
CA SER D 454 -10.14 41.21 27.71
C SER D 454 -11.21 41.27 26.61
N ALA D 455 -11.35 42.44 26.00
CA ALA D 455 -12.35 42.67 24.94
C ALA D 455 -12.06 41.84 23.70
N ALA D 456 -10.78 41.74 23.33
CA ALA D 456 -10.34 40.91 22.21
C ALA D 456 -10.61 39.42 22.45
N MET D 457 -10.35 38.96 23.67
CA MET D 457 -10.62 37.55 24.05
C MET D 457 -12.13 37.23 23.96
N LEU D 458 -12.95 38.10 24.54
CA LEU D 458 -14.41 37.94 24.50
C LEU D 458 -14.95 37.95 23.07
N THR D 459 -14.39 38.82 22.23
CA THR D 459 -14.69 38.84 20.79
C THR D 459 -14.24 37.55 20.10
N ALA D 460 -13.03 37.09 20.43
CA ALA D 460 -12.50 35.84 19.89
C ALA D 460 -13.32 34.61 20.28
N LEU D 461 -13.83 34.59 21.51
CA LEU D 461 -14.70 33.49 21.97
C LEU D 461 -16.08 33.51 21.31
N LEU D 462 -16.74 34.66 21.32
CA LEU D 462 -18.11 34.78 20.79
C LEU D 462 -18.21 34.60 19.27
N ASP D 463 -17.16 34.96 18.52
CA ASP D 463 -17.16 34.82 17.06
C ASP D 463 -16.41 33.57 16.54
N ASP D 464 -16.08 32.63 17.43
CA ASP D 464 -15.44 31.36 17.06
C ASP D 464 -14.06 31.54 16.40
N LYS D 465 -13.24 32.41 16.98
CA LYS D 465 -11.86 32.63 16.53
C LYS D 465 -10.94 31.85 17.47
N ALA D 466 -10.83 30.55 17.21
CA ALA D 466 -10.11 29.62 18.10
C ALA D 466 -8.60 29.88 18.15
N GLU D 467 -8.01 30.14 16.99
CA GLU D 467 -6.55 30.37 16.88
C GLU D 467 -6.13 31.66 17.59
N PHE D 468 -6.96 32.70 17.51
CA PHE D 468 -6.73 33.95 18.26
C PHE D 468 -6.82 33.74 19.77
N ALA D 469 -7.81 32.97 20.22
CA ALA D 469 -7.98 32.63 21.63
C ALA D 469 -6.78 31.85 22.17
N GLU D 470 -6.31 30.88 21.39
CA GLU D 470 -5.07 30.14 21.70
C GLU D 470 -3.88 31.09 21.83
N LEU D 471 -3.75 31.98 20.85
CA LEU D 471 -2.64 32.93 20.80
C LEU D 471 -2.67 33.96 21.94
N PHE D 472 -3.86 34.42 22.32
CA PHE D 472 -4.01 35.33 23.46
C PHE D 472 -3.69 34.65 24.79
N LEU D 473 -4.10 33.40 24.95
CA LEU D 473 -3.77 32.61 26.14
C LEU D 473 -2.26 32.44 26.32
N GLN D 474 -1.59 32.03 25.25
CA GLN D 474 -0.13 31.76 25.31
C GLN D 474 0.77 32.98 25.11
N ASN D 475 0.20 34.20 25.00
CA ASN D 475 0.98 35.44 25.01
C ASN D 475 0.89 36.17 26.35
N GLY D 476 -0.28 36.73 26.68
CA GLY D 476 -0.46 37.49 27.93
C GLY D 476 -1.83 37.53 28.58
N LEU D 477 -2.72 36.58 28.26
CA LEU D 477 -4.05 36.51 28.86
C LEU D 477 -4.06 35.38 29.90
N SER D 478 -4.56 35.70 31.09
CA SER D 478 -4.68 34.75 32.19
C SER D 478 -6.16 34.59 32.53
N MET D 479 -6.70 33.39 32.31
CA MET D 479 -8.14 33.14 32.44
C MET D 479 -8.66 33.23 33.88
N ARG D 480 -7.77 33.14 34.86
CA ARG D 480 -8.10 33.39 36.27
C ARG D 480 -8.60 34.84 36.48
N GLU D 481 -7.93 35.81 35.86
CA GLU D 481 -8.33 37.21 35.92
C GLU D 481 -9.47 37.56 34.95
N PHE D 482 -9.42 37.00 33.74
CA PHE D 482 -10.38 37.32 32.68
C PHE D 482 -11.82 36.90 33.01
N LEU D 483 -12.02 35.61 33.25
CA LEU D 483 -13.36 35.05 33.41
C LEU D 483 -13.98 35.37 34.77
N SER D 484 -14.97 36.26 34.76
CA SER D 484 -15.84 36.50 35.91
C SER D 484 -17.17 35.78 35.67
N LEU D 485 -18.13 35.95 36.58
CA LEU D 485 -19.45 35.34 36.44
C LEU D 485 -20.28 35.97 35.31
N ASP D 486 -20.22 37.30 35.20
CA ASP D 486 -20.97 38.05 34.17
C ASP D 486 -20.53 37.70 32.74
N ILE D 487 -19.22 37.49 32.56
CA ILE D 487 -18.67 37.08 31.27
C ILE D 487 -19.17 35.68 30.89
N LEU D 488 -19.19 34.78 31.88
CA LEU D 488 -19.66 33.41 31.67
C LEU D 488 -21.15 33.38 31.35
N CYS D 489 -21.95 34.17 32.08
CA CYS D 489 -23.37 34.34 31.76
C CYS D 489 -23.60 34.99 30.38
N LYS D 490 -22.73 35.95 30.03
CA LYS D 490 -22.75 36.56 28.70
C LYS D 490 -22.41 35.54 27.59
N LEU D 491 -21.48 34.62 27.87
CA LEU D 491 -21.14 33.56 26.91
C LEU D 491 -22.32 32.62 26.64
N TYR D 492 -23.03 32.21 27.70
CA TYR D 492 -24.23 31.38 27.55
C TYR D 492 -25.45 32.16 27.01
N ALA D 493 -25.51 33.46 27.29
CA ALA D 493 -26.57 34.32 26.74
C ALA D 493 -26.50 34.45 25.21
N GLU D 494 -25.28 34.48 24.67
CA GLU D 494 -25.05 34.65 23.22
C GLU D 494 -24.69 33.34 22.52
N VAL D 495 -25.44 32.27 22.79
CA VAL D 495 -25.31 31.02 22.03
C VAL D 495 -25.94 31.23 20.64
N PRO D 496 -25.44 30.53 19.60
CA PRO D 496 -25.79 30.87 18.20
C PRO D 496 -27.30 30.88 17.85
N GLY D 497 -27.96 29.74 17.99
CA GLY D 497 -29.34 29.56 17.52
C GLY D 497 -29.54 28.27 16.76
N ASN D 498 -28.57 27.93 15.92
CA ASN D 498 -28.57 26.66 15.15
C ASN D 498 -28.03 25.44 15.94
N THR D 499 -27.63 25.64 17.20
CA THR D 499 -27.08 24.57 18.04
C THR D 499 -28.18 23.78 18.77
N THR D 500 -27.79 22.66 19.36
CA THR D 500 -28.69 21.78 20.12
C THR D 500 -28.97 22.30 21.54
N ILE D 501 -27.99 22.99 22.14
CA ILE D 501 -28.10 23.54 23.50
C ILE D 501 -29.15 24.66 23.64
N LYS D 502 -29.39 25.40 22.56
CA LYS D 502 -30.31 26.56 22.58
C LYS D 502 -31.79 26.16 22.85
N PRO D 503 -32.31 25.15 22.14
CA PRO D 503 -33.63 24.60 22.52
C PRO D 503 -33.70 24.07 23.97
N LEU D 504 -32.66 23.36 24.40
CA LEU D 504 -32.59 22.79 25.75
C LEU D 504 -32.59 23.87 26.83
N LEU D 505 -31.79 24.91 26.64
CA LEU D 505 -31.78 26.06 27.57
C LEU D 505 -33.12 26.80 27.57
N GLN D 506 -33.71 27.00 26.39
CA GLN D 506 -35.03 27.63 26.26
C GLN D 506 -36.15 26.83 26.93
N LYS D 507 -36.12 25.51 26.75
CA LYS D 507 -37.09 24.61 27.41
C LYS D 507 -36.93 24.58 28.94
N GLU D 508 -35.70 24.66 29.42
CA GLU D 508 -35.43 24.66 30.86
C GLU D 508 -35.86 25.95 31.54
N MET D 509 -35.47 27.10 30.97
CA MET D 509 -35.90 28.40 31.50
C MET D 509 -37.33 28.77 31.10
N GLY D 510 -37.91 28.05 30.15
CA GLY D 510 -39.33 28.19 29.79
C GLY D 510 -40.23 27.79 30.94
N LYS D 511 -39.99 26.61 31.50
CA LYS D 511 -40.61 26.21 32.77
C LYS D 511 -39.96 26.98 33.92
N ARG D 512 -40.71 27.15 35.00
CA ARG D 512 -40.32 27.97 36.17
C ARG D 512 -40.15 29.49 35.92
N GLN D 513 -40.56 29.96 34.72
CA GLN D 513 -40.69 31.37 34.38
C GLN D 513 -39.55 32.28 34.83
N VAL D 514 -38.40 32.16 34.15
CA VAL D 514 -37.23 32.99 34.39
C VAL D 514 -36.82 33.61 33.05
N LYS D 515 -36.73 34.94 33.03
CA LYS D 515 -36.47 35.70 31.79
C LYS D 515 -34.98 35.87 31.48
N THR D 516 -34.11 35.78 32.48
CA THR D 516 -32.66 35.97 32.31
C THR D 516 -31.91 34.67 32.57
N ILE D 517 -30.98 34.32 31.69
CA ILE D 517 -30.14 33.12 31.84
C ILE D 517 -29.14 33.29 33.01
N ASP D 518 -28.99 32.23 33.79
CA ASP D 518 -27.99 32.14 34.86
C ASP D 518 -27.45 30.71 34.94
N MET D 519 -26.46 30.48 35.80
CA MET D 519 -25.75 29.18 35.84
C MET D 519 -26.55 28.02 36.46
N ASP D 520 -27.63 28.34 37.19
CA ASP D 520 -28.55 27.31 37.70
C ASP D 520 -29.27 26.58 36.55
N VAL D 521 -29.65 27.33 35.52
CA VAL D 521 -30.27 26.77 34.31
C VAL D 521 -29.27 25.86 33.57
N VAL D 522 -28.05 26.38 33.38
CA VAL D 522 -26.98 25.65 32.69
C VAL D 522 -26.59 24.38 33.46
N GLY D 523 -26.54 24.51 34.79
CA GLY D 523 -26.29 23.37 35.67
C GLY D 523 -27.32 22.26 35.52
N GLU D 524 -28.60 22.64 35.52
CA GLU D 524 -29.70 21.67 35.39
C GLU D 524 -29.73 20.99 34.02
N VAL D 525 -29.35 21.71 32.96
CA VAL D 525 -29.23 21.11 31.62
C VAL D 525 -28.06 20.11 31.57
N ILE D 526 -26.93 20.46 32.17
CA ILE D 526 -25.78 19.54 32.28
C ILE D 526 -26.13 18.33 33.16
N GLU D 527 -26.94 18.55 34.21
CA GLU D 527 -27.42 17.46 35.06
C GLU D 527 -28.29 16.45 34.32
N GLU D 528 -29.24 16.94 33.51
CA GLU D 528 -30.13 16.04 32.75
C GLU D 528 -29.47 15.40 31.52
N LEU D 529 -28.35 15.97 31.05
CA LEU D 529 -27.52 15.32 30.01
C LEU D 529 -26.56 14.25 30.54
N MET D 530 -26.47 14.10 31.87
CA MET D 530 -25.72 13.01 32.50
C MET D 530 -26.60 12.40 33.61
N GLY D 531 -27.37 11.38 33.22
CA GLY D 531 -28.51 10.93 34.00
C GLY D 531 -28.25 10.15 35.28
N ASP D 532 -27.04 9.62 35.45
CA ASP D 532 -26.72 8.73 36.58
C ASP D 532 -26.42 9.52 37.87
N MET D 533 -27.44 10.22 38.37
CA MET D 533 -27.33 11.09 39.56
C MET D 533 -26.09 12.01 39.54
N PHE D 534 -25.87 12.68 38.41
CA PHE D 534 -24.81 13.67 38.30
C PHE D 534 -25.23 14.96 39.00
N GLU D 535 -24.25 15.66 39.59
CA GLU D 535 -24.49 16.89 40.33
C GLU D 535 -23.47 17.95 39.89
N SER D 536 -23.91 18.85 39.01
CA SER D 536 -23.06 19.94 38.54
C SER D 536 -22.80 20.94 39.68
N TYR D 537 -21.58 21.45 39.73
CA TYR D 537 -21.15 22.35 40.81
C TYR D 537 -21.77 23.76 40.77
N TYR D 538 -22.41 24.12 39.65
CA TYR D 538 -23.15 25.39 39.53
C TYR D 538 -24.33 25.46 40.51
N ARG D 539 -24.97 24.33 40.76
CA ARG D 539 -26.15 24.25 41.62
C ARG D 539 -25.82 24.39 43.11
N LYS D 540 -24.58 24.07 43.50
CA LYS D 540 -24.16 24.05 44.91
C LYS D 540 -23.11 25.10 45.29
N ASP D 541 -22.12 25.33 44.41
CA ASP D 541 -20.99 26.23 44.75
C ASP D 541 -21.42 27.69 44.83
N GLY D 542 -20.92 28.39 45.85
CA GLY D 542 -21.30 29.78 46.12
C GLY D 542 -20.82 30.83 45.14
N HIS D 543 -19.77 30.50 44.38
CA HIS D 543 -19.21 31.42 43.38
C HIS D 543 -20.11 31.66 42.15
N TYR D 544 -21.07 30.77 41.91
CA TYR D 544 -21.95 30.85 40.74
C TYR D 544 -23.39 31.25 41.12
N PHE D 545 -23.52 32.30 41.93
CA PHE D 545 -24.81 32.90 42.28
C PHE D 545 -24.71 34.43 42.28
N GLY D 546 -25.86 35.09 42.24
CA GLY D 546 -25.92 36.56 42.26
C GLY D 546 -27.33 37.10 42.42
N ILE D 573 -13.33 41.37 44.17
CA ILE D 573 -13.96 40.06 44.00
C ILE D 573 -12.89 38.98 43.81
N ASP D 574 -13.14 37.79 44.37
CA ASP D 574 -12.26 36.63 44.19
C ASP D 574 -12.63 35.87 42.90
N PRO D 575 -11.63 35.25 42.23
CA PRO D 575 -11.90 34.61 40.94
C PRO D 575 -12.64 33.28 41.05
N LEU D 576 -13.12 32.75 39.92
CA LEU D 576 -13.85 31.49 39.89
C LEU D 576 -12.89 30.30 40.11
N PRO D 577 -13.39 29.19 40.71
CA PRO D 577 -12.52 28.04 41.00
C PRO D 577 -11.87 27.38 39.78
N THR D 578 -12.66 27.11 38.74
CA THR D 578 -12.19 26.42 37.53
C THR D 578 -12.63 27.17 36.26
N PRO D 579 -11.85 28.19 35.84
CA PRO D 579 -12.18 28.94 34.62
C PRO D 579 -12.03 28.15 33.32
N TYR D 580 -10.94 27.38 33.19
CA TYR D 580 -10.71 26.58 31.98
C TYR D 580 -11.79 25.51 31.76
N LEU D 581 -12.26 24.90 32.85
CA LEU D 581 -13.25 23.83 32.78
C LEU D 581 -14.60 24.32 32.26
N ASP D 582 -15.15 25.36 32.88
CA ASP D 582 -16.50 25.85 32.51
C ASP D 582 -16.55 26.58 31.16
N VAL D 583 -15.44 27.15 30.72
CA VAL D 583 -15.33 27.68 29.34
C VAL D 583 -15.20 26.53 28.35
N PHE D 584 -14.47 25.47 28.73
CA PHE D 584 -14.40 24.23 27.94
C PHE D 584 -15.78 23.54 27.82
N LEU D 585 -16.55 23.53 28.90
CA LEU D 585 -17.91 22.99 28.88
C LEU D 585 -18.83 23.81 27.96
N TRP D 586 -18.68 25.13 27.99
CA TRP D 586 -19.39 26.01 27.06
C TRP D 586 -19.01 25.72 25.61
N ALA D 587 -17.72 25.49 25.37
CA ALA D 587 -17.22 25.17 24.02
C ALA D 587 -17.78 23.85 23.46
N VAL D 588 -17.79 22.80 24.27
CA VAL D 588 -18.32 21.48 23.83
C VAL D 588 -19.85 21.45 23.72
N LEU D 589 -20.56 22.23 24.54
CA LEU D 589 -22.03 22.34 24.43
C LEU D 589 -22.49 23.12 23.18
N CYS D 590 -21.65 24.06 22.71
CA CYS D 590 -21.91 24.78 21.46
C CYS D 590 -21.48 24.03 20.19
N ASN D 591 -20.83 22.88 20.35
CA ASN D 591 -20.34 22.05 19.24
C ASN D 591 -19.27 22.78 18.40
N ARG D 592 -18.37 23.49 19.09
CA ARG D 592 -17.25 24.17 18.45
C ARG D 592 -16.01 23.28 18.58
N ARG D 593 -15.58 22.66 17.48
CA ARG D 593 -14.50 21.67 17.51
C ARG D 593 -13.13 22.24 17.88
N GLU D 594 -12.71 23.26 17.14
CA GLU D 594 -11.38 23.85 17.31
C GLU D 594 -11.23 24.60 18.64
N LEU D 595 -12.27 25.31 19.05
CA LEU D 595 -12.26 26.05 20.32
C LEU D 595 -12.23 25.10 21.52
N ALA D 596 -12.99 23.99 21.43
CA ALA D 596 -12.97 22.95 22.47
C ALA D 596 -11.61 22.27 22.57
N ARG D 597 -10.98 22.00 21.42
CA ARG D 597 -9.63 21.44 21.38
C ARG D 597 -8.60 22.37 22.04
N VAL D 598 -8.65 23.65 21.65
CA VAL D 598 -7.77 24.68 22.23
C VAL D 598 -7.91 24.75 23.76
N LEU D 599 -9.15 24.76 24.24
CA LEU D 599 -9.42 24.83 25.69
C LEU D 599 -9.15 23.51 26.41
N TRP D 600 -9.26 22.37 25.71
CA TRP D 600 -8.91 21.07 26.28
C TRP D 600 -7.42 20.94 26.58
N GLU D 601 -6.59 21.40 25.63
CA GLU D 601 -5.13 21.32 25.77
C GLU D 601 -4.57 22.15 26.94
N ALA D 602 -5.24 23.26 27.26
CA ALA D 602 -4.92 24.07 28.44
C ALA D 602 -5.94 23.81 29.55
N GLY D 603 -5.81 22.65 30.20
CA GLY D 603 -6.74 22.22 31.26
C GLY D 603 -6.08 21.29 32.26
N ARG D 604 -6.72 21.14 33.42
CA ARG D 604 -6.11 20.44 34.57
C ARG D 604 -6.25 18.92 34.53
N GLU D 605 -7.45 18.43 34.25
CA GLU D 605 -7.70 16.99 34.06
C GLU D 605 -8.12 16.75 32.60
N PRO D 606 -7.16 16.41 31.72
CA PRO D 606 -7.50 16.15 30.32
C PRO D 606 -8.33 14.89 30.09
N MET D 607 -8.01 13.81 30.81
CA MET D 607 -8.65 12.51 30.62
C MET D 607 -10.12 12.52 31.07
N ALA D 608 -10.38 13.07 32.25
CA ALA D 608 -11.75 13.19 32.77
C ALA D 608 -12.62 14.15 31.96
N ALA D 609 -12.03 15.27 31.53
CA ALA D 609 -12.72 16.25 30.68
C ALA D 609 -13.11 15.68 29.33
N ALA D 610 -12.20 14.92 28.72
CA ALA D 610 -12.44 14.23 27.45
C ALA D 610 -13.59 13.23 27.55
N LEU D 611 -13.61 12.46 28.64
CA LEU D 611 -14.70 11.49 28.88
C LEU D 611 -16.04 12.16 29.16
N MET D 612 -16.03 13.27 29.90
CA MET D 612 -17.25 14.06 30.12
C MET D 612 -17.72 14.72 28.82
N ALA D 613 -16.79 15.18 27.99
CA ALA D 613 -17.13 15.78 26.70
C ALA D 613 -17.86 14.78 25.81
N SER D 614 -17.27 13.60 25.64
CA SER D 614 -17.86 12.54 24.81
C SER D 614 -19.24 12.10 25.31
N ARG D 615 -19.43 12.07 26.63
CA ARG D 615 -20.74 11.79 27.23
C ARG D 615 -21.75 12.86 26.82
N LEU D 616 -21.40 14.12 27.05
CA LEU D 616 -22.24 15.27 26.67
C LEU D 616 -22.59 15.27 25.19
N LEU D 617 -21.59 15.08 24.32
CA LEU D 617 -21.81 15.12 22.86
C LEU D 617 -22.77 14.02 22.36
N LYS D 618 -22.50 12.76 22.72
CA LYS D 618 -23.31 11.65 22.22
C LYS D 618 -24.70 11.57 22.87
N ARG D 619 -24.83 12.08 24.09
CA ARG D 619 -26.14 12.16 24.75
C ARG D 619 -27.02 13.25 24.12
N MET D 620 -26.44 14.42 23.83
CA MET D 620 -27.17 15.48 23.12
C MET D 620 -27.38 15.13 21.63
N ALA D 621 -26.52 14.28 21.07
CA ALA D 621 -26.74 13.70 19.73
C ALA D 621 -28.02 12.86 19.68
N SER D 622 -28.18 11.95 20.65
CA SER D 622 -29.39 11.12 20.76
C SER D 622 -30.64 11.96 21.06
N ARG D 623 -30.46 13.00 21.88
CA ARG D 623 -31.51 13.98 22.15
C ARG D 623 -31.94 14.72 20.88
N ALA D 624 -30.96 15.14 20.08
CA ALA D 624 -31.24 15.79 18.78
C ALA D 624 -31.90 14.85 17.76
N GLN D 625 -31.54 13.56 17.82
CA GLN D 625 -32.08 12.56 16.89
C GLN D 625 -33.54 12.23 17.15
N GLU D 626 -33.89 11.94 18.39
CA GLU D 626 -35.24 11.46 18.75
C GLU D 626 -36.31 12.55 18.94
N ASP D 627 -35.94 13.83 18.84
CA ASP D 627 -36.88 14.95 19.02
C ASP D 627 -37.15 15.65 17.69
N ASN D 628 -38.41 16.00 17.45
CA ASN D 628 -38.84 16.65 16.20
C ASN D 628 -38.60 18.17 16.23
N THR D 629 -38.72 18.79 17.41
CA THR D 629 -38.49 20.22 17.58
C THR D 629 -37.01 20.62 17.79
N ILE D 630 -36.08 19.68 17.56
CA ILE D 630 -34.65 19.97 17.48
C ILE D 630 -34.13 19.42 16.15
N THR D 631 -33.29 20.20 15.47
CA THR D 631 -32.78 19.83 14.14
C THR D 631 -31.74 18.71 14.24
N ASP D 632 -31.81 17.76 13.31
CA ASP D 632 -30.94 16.58 13.32
C ASP D 632 -29.54 16.91 12.81
N ILE D 633 -28.60 17.08 13.74
CA ILE D 633 -27.17 17.22 13.43
C ILE D 633 -26.41 16.11 14.18
N SER D 634 -27.01 14.92 14.19
CA SER D 634 -26.60 13.83 15.08
C SER D 634 -25.27 13.19 14.71
N SER D 635 -25.08 12.95 13.41
CA SER D 635 -23.83 12.37 12.90
C SER D 635 -22.60 13.26 13.16
N ASP D 636 -22.80 14.59 13.12
CA ASP D 636 -21.76 15.55 13.47
C ASP D 636 -21.38 15.45 14.94
N LEU D 637 -22.39 15.35 15.82
CA LEU D 637 -22.18 15.23 17.26
C LEU D 637 -21.56 13.89 17.67
N TYR D 638 -21.94 12.80 16.99
CA TYR D 638 -21.31 11.49 17.23
C TYR D 638 -19.84 11.46 16.81
N ASP D 639 -19.53 12.10 15.68
CA ASP D 639 -18.16 12.22 15.18
C ASP D 639 -17.28 13.05 16.14
N HIS D 640 -17.85 14.12 16.70
CA HIS D 640 -17.15 14.96 17.68
C HIS D 640 -16.93 14.23 19.01
N ALA D 641 -17.93 13.44 19.43
CA ALA D 641 -17.81 12.55 20.60
C ALA D 641 -16.70 11.51 20.40
N ARG D 642 -16.60 10.98 19.20
CA ARG D 642 -15.56 10.00 18.84
C ARG D 642 -14.14 10.58 18.93
N LEU D 643 -13.99 11.85 18.53
CA LEU D 643 -12.69 12.54 18.63
C LEU D 643 -12.23 12.67 20.08
N PHE D 644 -13.13 13.07 20.97
CA PHE D 644 -12.81 13.16 22.41
C PHE D 644 -12.54 11.79 23.05
N GLU D 645 -13.19 10.74 22.55
CA GLU D 645 -12.92 9.37 23.01
C GLU D 645 -11.48 8.96 22.66
N GLU D 646 -11.05 9.27 21.43
CA GLU D 646 -9.66 9.01 21.01
C GLU D 646 -8.63 9.74 21.84
N ARG D 647 -8.93 10.99 22.19
CA ARG D 647 -8.04 11.80 23.04
C ARG D 647 -7.89 11.24 24.45
N ALA D 648 -9.00 10.77 25.04
CA ALA D 648 -8.98 10.15 26.36
C ALA D 648 -8.14 8.87 26.39
N VAL D 649 -8.28 8.04 25.36
CA VAL D 649 -7.49 6.80 25.23
C VAL D 649 -6.00 7.11 25.05
N GLY D 650 -5.71 8.13 24.23
CA GLY D 650 -4.34 8.56 23.98
C GLY D 650 -3.58 9.05 25.21
N VAL D 651 -4.28 9.81 26.06
CA VAL D 651 -3.72 10.28 27.33
C VAL D 651 -3.50 9.11 28.30
N LEU D 652 -4.45 8.18 28.34
CA LEU D 652 -4.31 6.95 29.15
C LEU D 652 -3.13 6.11 28.69
N ASP D 653 -3.00 5.94 27.37
CA ASP D 653 -1.90 5.15 26.79
C ASP D 653 -0.52 5.71 27.15
N GLU D 654 -0.38 7.05 27.09
CA GLU D 654 0.87 7.72 27.45
C GLU D 654 1.14 7.62 28.95
N CYS D 655 0.11 7.80 29.77
CA CYS D 655 0.20 7.59 31.22
C CYS D 655 0.61 6.15 31.57
N PHE D 656 0.10 5.18 30.82
CA PHE D 656 0.45 3.77 31.01
C PHE D 656 1.91 3.49 30.64
N ASN D 657 2.39 4.08 29.55
CA ASN D 657 3.77 3.88 29.10
C ASN D 657 4.81 4.48 30.05
N GLU D 658 4.48 5.58 30.73
CA GLU D 658 5.38 6.22 31.70
C GLU D 658 5.49 5.41 32.99
N ASN D 659 4.35 5.17 33.65
CA ASN D 659 4.28 4.35 34.86
C ASN D 659 2.96 3.59 34.90
N GLU D 660 3.04 2.25 34.97
CA GLU D 660 1.87 1.38 34.86
C GLU D 660 1.00 1.33 36.13
N THR D 661 1.62 1.51 37.30
CA THR D 661 0.90 1.42 38.57
C THR D 661 0.12 2.70 38.87
N LEU D 662 0.80 3.85 38.82
CA LEU D 662 0.17 5.14 39.12
C LEU D 662 -0.90 5.56 38.10
N SER D 663 -0.83 5.01 36.87
CA SER D 663 -1.90 5.19 35.89
C SER D 663 -3.19 4.48 36.31
N GLN D 664 -3.07 3.31 36.94
CA GLN D 664 -4.21 2.61 37.51
C GLN D 664 -4.77 3.31 38.76
N THR D 665 -3.89 3.96 39.51
CA THR D 665 -4.30 4.87 40.59
C THR D 665 -5.01 6.10 40.03
N LEU D 666 -4.52 6.60 38.89
CA LEU D 666 -5.14 7.71 38.15
C LEU D 666 -6.59 7.40 37.72
N LEU D 667 -6.87 6.15 37.38
CA LEU D 667 -8.22 5.72 36.97
C LEU D 667 -9.25 5.65 38.11
N VAL D 668 -8.80 5.50 39.35
CA VAL D 668 -9.70 5.41 40.52
C VAL D 668 -9.66 6.64 41.44
N ARG D 669 -9.20 7.78 40.90
CA ARG D 669 -9.19 9.04 41.68
C ARG D 669 -10.60 9.55 41.87
N GLU D 670 -10.94 9.91 43.11
CA GLU D 670 -12.22 10.55 43.41
C GLU D 670 -12.13 12.03 42.98
N LEU D 671 -12.66 12.33 41.80
CA LEU D 671 -12.59 13.69 41.23
C LEU D 671 -13.64 14.59 41.87
N ASP D 672 -13.20 15.72 42.41
CA ASP D 672 -14.11 16.65 43.12
C ASP D 672 -14.93 17.54 42.18
N HIS D 673 -14.34 17.93 41.04
CA HIS D 673 -15.03 18.79 40.07
C HIS D 673 -16.03 18.06 39.16
N TYR D 674 -16.03 16.72 39.19
CA TYR D 674 -16.95 15.91 38.39
C TYR D 674 -17.95 15.14 39.27
N SER D 675 -18.41 15.78 40.35
CA SER D 675 -19.43 15.24 41.27
C SER D 675 -19.02 13.95 41.99
N ARG D 676 -17.81 13.95 42.54
CA ARG D 676 -17.24 12.80 43.28
C ARG D 676 -17.20 11.51 42.45
N MET D 677 -17.11 11.64 41.13
CA MET D 677 -17.19 10.51 40.20
C MET D 677 -15.81 10.25 39.62
N THR D 678 -15.40 8.98 39.57
CA THR D 678 -14.06 8.62 39.07
C THR D 678 -14.04 8.45 37.55
N ALA D 679 -12.82 8.42 37.00
CA ALA D 679 -12.60 8.36 35.54
C ALA D 679 -13.11 7.07 34.90
N LEU D 680 -13.03 5.96 35.64
CA LEU D 680 -13.55 4.68 35.17
C LEU D 680 -15.08 4.69 35.05
N GLU D 681 -15.75 5.36 35.98
CA GLU D 681 -17.21 5.52 35.96
C GLU D 681 -17.64 6.47 34.84
N LEU D 682 -16.88 7.53 34.61
CA LEU D 682 -17.08 8.42 33.45
C LEU D 682 -16.91 7.68 32.12
N ALA D 683 -15.91 6.79 32.06
CA ALA D 683 -15.67 5.97 30.86
C ALA D 683 -16.70 4.85 30.66
N VAL D 684 -17.44 4.50 31.71
CA VAL D 684 -18.57 3.57 31.62
C VAL D 684 -19.88 4.31 31.28
N SER D 685 -20.08 5.50 31.85
CA SER D 685 -21.29 6.31 31.57
C SER D 685 -21.46 6.60 30.08
N ALA D 686 -20.45 7.23 29.48
CA ALA D 686 -20.32 7.27 28.02
C ALA D 686 -19.80 5.89 27.63
N GLU D 687 -20.53 5.17 26.77
CA GLU D 687 -20.18 3.79 26.44
C GLU D 687 -18.92 3.74 25.58
N SER D 688 -17.77 3.90 26.25
CA SER D 688 -16.47 4.02 25.60
C SER D 688 -15.73 2.69 25.72
N GLN D 689 -15.93 1.82 24.73
CA GLN D 689 -15.36 0.47 24.74
C GLN D 689 -13.84 0.47 24.53
N ASP D 690 -13.33 1.43 23.75
CA ASP D 690 -11.89 1.56 23.51
C ASP D 690 -11.10 1.93 24.77
N PHE D 691 -11.72 2.71 25.67
CA PHE D 691 -11.08 3.08 26.94
C PHE D 691 -11.02 1.92 27.91
N ILE D 692 -12.14 1.21 28.06
CA ILE D 692 -12.23 0.07 28.99
C ILE D 692 -11.43 -1.13 28.47
N ALA D 693 -11.37 -1.30 27.15
CA ALA D 693 -10.58 -2.38 26.53
C ALA D 693 -9.05 -2.16 26.60
N HIS D 694 -8.60 -0.96 26.96
CA HIS D 694 -7.16 -0.68 27.10
C HIS D 694 -6.54 -1.47 28.24
N THR D 695 -5.26 -1.82 28.09
CA THR D 695 -4.53 -2.70 29.01
C THR D 695 -4.54 -2.23 30.48
N SER D 696 -4.42 -0.92 30.68
CA SER D 696 -4.43 -0.32 32.02
C SER D 696 -5.74 -0.59 32.77
N CYS D 697 -6.87 -0.41 32.09
CA CYS D 697 -8.19 -0.69 32.68
C CYS D 697 -8.40 -2.19 32.95
N GLN D 698 -7.96 -3.02 32.00
CA GLN D 698 -8.10 -4.48 32.13
C GLN D 698 -7.27 -5.05 33.29
N VAL D 699 -6.04 -4.56 33.45
CA VAL D 699 -5.19 -4.95 34.57
C VAL D 699 -5.77 -4.43 35.90
N LEU D 700 -6.32 -3.20 35.88
CA LEU D 700 -7.00 -2.64 37.05
C LEU D 700 -8.20 -3.49 37.46
N LEU D 701 -9.03 -3.87 36.49
CA LEU D 701 -10.19 -4.73 36.76
C LEU D 701 -9.80 -6.10 37.33
N THR D 702 -8.67 -6.65 36.87
CA THR D 702 -8.14 -7.91 37.43
C THR D 702 -7.62 -7.71 38.85
N ARG D 703 -7.03 -6.55 39.15
CA ARG D 703 -6.62 -6.20 40.51
C ARG D 703 -7.80 -5.97 41.44
N LEU D 704 -8.86 -5.34 40.94
CA LEU D 704 -10.10 -5.16 41.73
C LEU D 704 -10.83 -6.49 41.96
N TRP D 705 -10.76 -7.38 40.96
CA TRP D 705 -11.28 -8.75 41.08
C TRP D 705 -10.55 -9.53 42.18
N MET D 706 -9.23 -9.33 42.26
CA MET D 706 -8.38 -9.85 43.34
C MET D 706 -8.32 -8.83 44.49
N GLY D 707 -9.47 -8.59 45.12
CA GLY D 707 -9.60 -7.52 46.10
C GLY D 707 -8.88 -7.83 47.39
N THR D 708 -7.74 -7.17 47.62
CA THR D 708 -6.92 -7.34 48.83
C THR D 708 -6.47 -8.78 49.01
N MET D 709 -5.88 -9.34 47.96
CA MET D 709 -5.45 -10.74 47.93
C MET D 709 -4.39 -10.92 46.85
N ALA D 710 -3.43 -11.81 47.09
CA ALA D 710 -2.28 -11.98 46.19
C ALA D 710 -2.72 -12.35 44.76
N MET D 711 -1.94 -11.87 43.79
CA MET D 711 -2.33 -11.94 42.37
C MET D 711 -2.41 -13.36 41.80
N ASN D 712 -1.62 -14.28 42.36
CA ASN D 712 -1.56 -15.67 41.86
C ASN D 712 -2.15 -16.69 42.84
N THR D 713 -3.27 -16.32 43.49
CA THR D 713 -4.04 -17.25 44.32
C THR D 713 -5.02 -18.00 43.44
N ARG D 714 -4.87 -19.32 43.35
CA ARG D 714 -5.69 -20.14 42.45
C ARG D 714 -7.05 -20.46 43.07
N TRP D 715 -7.98 -20.88 42.20
CA TRP D 715 -9.38 -21.16 42.58
C TRP D 715 -9.55 -22.20 43.70
N TRP D 716 -8.78 -23.28 43.62
CA TRP D 716 -8.87 -24.40 44.57
C TRP D 716 -8.40 -24.01 45.97
N LYS D 717 -7.35 -23.19 46.03
CA LYS D 717 -6.83 -22.64 47.29
C LYS D 717 -7.90 -21.78 48.00
N VAL D 718 -8.61 -20.98 47.22
CA VAL D 718 -9.75 -20.20 47.71
C VAL D 718 -10.88 -21.15 48.13
N LEU D 719 -11.18 -22.14 47.28
CA LEU D 719 -12.22 -23.14 47.57
C LEU D 719 -12.00 -23.90 48.87
N VAL D 720 -10.75 -24.27 49.15
CA VAL D 720 -10.39 -24.92 50.42
C VAL D 720 -10.55 -23.96 51.60
N CYS D 721 -9.98 -22.76 51.48
CA CYS D 721 -10.04 -21.75 52.54
C CYS D 721 -11.42 -21.15 52.80
N LEU D 722 -12.34 -21.28 51.84
CA LEU D 722 -13.71 -20.76 52.00
C LEU D 722 -14.50 -21.53 53.07
N TYR D 723 -14.33 -22.85 53.12
CA TYR D 723 -15.01 -23.72 54.10
C TYR D 723 -14.17 -24.09 55.32
N LEU D 724 -12.84 -24.05 55.19
CA LEU D 724 -11.92 -24.22 56.32
C LEU D 724 -11.23 -22.89 56.62
N PRO D 725 -11.87 -22.03 57.45
CA PRO D 725 -11.27 -20.72 57.77
C PRO D 725 -10.07 -20.74 58.74
N VAL D 726 -9.67 -21.92 59.23
CA VAL D 726 -8.39 -22.05 59.95
C VAL D 726 -7.18 -22.06 58.99
N LEU D 727 -7.38 -22.55 57.77
CA LEU D 727 -6.34 -22.47 56.71
C LEU D 727 -6.23 -21.08 56.04
N ILE D 728 -7.04 -20.11 56.46
CA ILE D 728 -7.09 -18.79 55.84
C ILE D 728 -5.78 -17.98 56.02
N PHE D 729 -5.09 -18.18 57.14
CA PHE D 729 -3.86 -17.44 57.46
C PHE D 729 -2.57 -18.03 56.85
N PRO D 730 -2.34 -19.35 56.99
CA PRO D 730 -1.07 -19.90 56.47
C PRO D 730 -0.86 -19.85 54.96
N ILE D 731 -1.85 -20.28 54.18
CA ILE D 731 -1.65 -20.52 52.73
C ILE D 731 -2.08 -19.39 51.78
N ILE D 732 -2.94 -18.48 52.23
CA ILE D 732 -3.36 -17.33 51.41
C ILE D 732 -2.39 -16.16 51.62
N TYR D 733 -1.71 -15.74 50.55
CA TYR D 733 -0.90 -14.52 50.56
C TYR D 733 -1.78 -13.31 50.24
N PHE D 734 -1.29 -12.13 50.62
CA PHE D 734 -2.04 -10.87 50.47
C PHE D 734 -1.19 -9.79 49.81
N VAL D 735 -1.80 -8.65 49.52
CA VAL D 735 -1.12 -7.55 48.80
C VAL D 735 0.03 -6.92 49.60
N PRO D 736 -0.17 -6.69 50.92
CA PRO D 736 0.95 -6.19 51.74
C PRO D 736 2.18 -7.10 51.76
N ASP D 737 1.96 -8.42 51.73
CA ASP D 737 3.04 -9.42 51.79
C ASP D 737 3.94 -9.36 50.55
N GLU D 738 3.32 -9.37 49.37
CA GLU D 738 4.06 -9.28 48.11
C GLU D 738 4.74 -7.92 47.90
N GLN D 739 4.06 -6.84 48.31
CA GLN D 739 4.63 -5.49 48.24
C GLN D 739 5.79 -5.29 49.23
N HIS D 740 5.66 -5.87 50.43
CA HIS D 740 6.77 -5.88 51.40
C HIS D 740 7.99 -6.66 50.86
N GLU D 741 7.73 -7.78 50.19
CA GLU D 741 8.79 -8.59 49.58
C GLU D 741 9.51 -7.85 48.46
N ARG D 742 8.75 -7.19 47.58
CA ARG D 742 9.31 -6.40 46.48
C ARG D 742 10.15 -5.21 46.98
N GLN D 743 9.62 -4.49 47.96
CA GLN D 743 10.34 -3.35 48.56
C GLN D 743 11.61 -3.81 49.31
N ALA D 744 11.50 -4.90 50.06
CA ALA D 744 12.65 -5.49 50.77
C ALA D 744 13.75 -5.97 49.80
N ALA D 745 13.34 -6.48 48.64
CA ALA D 745 14.28 -6.88 47.59
C ALA D 745 14.95 -5.66 46.95
N GLU D 746 14.15 -4.70 46.53
CA GLU D 746 14.65 -3.49 45.84
C GLU D 746 15.53 -2.58 46.70
N ARG D 747 15.37 -2.62 48.02
CA ARG D 747 16.32 -1.98 48.94
C ARG D 747 17.69 -2.68 48.92
N GLU D 748 17.68 -4.01 48.76
CA GLU D 748 18.91 -4.81 48.69
C GLU D 748 19.64 -4.72 47.34
N HIS D 749 18.89 -4.52 46.24
CA HIS D 749 19.49 -4.38 44.90
C HIS D 749 20.37 -3.13 44.75
N GLN D 750 20.05 -2.08 45.51
CA GLN D 750 20.83 -0.83 45.50
C GLN D 750 22.20 -0.93 46.20
N LYS D 751 22.45 -2.01 46.95
CA LYS D 751 23.75 -2.25 47.57
C LYS D 751 24.84 -2.50 46.51
N SER D 752 26.08 -2.17 46.87
CA SER D 752 27.23 -2.44 46.00
C SER D 752 27.52 -3.94 45.96
N LEU D 753 28.02 -4.40 44.81
CA LEU D 753 28.26 -5.84 44.59
C LEU D 753 29.47 -6.36 45.38
N ASN D 754 30.50 -5.51 45.53
CA ASN D 754 31.67 -5.84 46.36
C ASN D 754 31.45 -5.45 47.82
N GLN D 755 32.22 -6.10 48.71
CA GLN D 755 32.14 -5.92 50.17
C GLN D 755 30.73 -5.77 50.74
N ASP D 812 -14.43 -1.96 55.15
CA ASP D 812 -14.72 -1.16 53.96
C ASP D 812 -13.51 -0.33 53.47
N ASP D 813 -12.30 -0.82 53.78
CA ASP D 813 -11.05 -0.11 53.44
C ASP D 813 -10.18 -0.93 52.48
N SER D 814 -10.84 -1.63 51.54
CA SER D 814 -10.17 -2.53 50.61
C SER D 814 -9.33 -1.78 49.57
N MET D 815 -9.89 -0.69 49.04
CA MET D 815 -9.17 0.16 48.07
C MET D 815 -7.93 0.80 48.68
N GLU D 816 -7.99 1.15 49.96
CA GLU D 816 -6.86 1.74 50.67
C GLU D 816 -5.71 0.72 50.76
N VAL D 817 -6.00 -0.45 51.32
CA VAL D 817 -4.97 -1.51 51.46
C VAL D 817 -4.46 -2.08 50.12
N ILE D 818 -5.24 -1.91 49.04
CA ILE D 818 -4.73 -2.20 47.68
C ILE D 818 -3.71 -1.14 47.24
N MET D 819 -4.06 0.15 47.36
CA MET D 819 -3.25 1.24 46.81
C MET D 819 -2.50 2.12 47.82
N ARG D 820 -2.21 1.56 49.00
CA ARG D 820 -1.37 2.23 50.02
C ARG D 820 -0.38 1.21 50.59
N ASN D 821 0.44 1.66 51.54
CA ASN D 821 1.29 0.76 52.33
C ASN D 821 0.65 0.50 53.69
N LYS D 822 -0.55 -0.09 53.66
CA LYS D 822 -1.25 -0.51 54.87
C LYS D 822 -1.02 -2.00 55.11
N LYS D 823 -1.10 -2.42 56.37
CA LYS D 823 -0.87 -3.80 56.78
C LYS D 823 -2.12 -4.41 57.41
N LEU D 824 -2.26 -5.72 57.25
CA LEU D 824 -3.39 -6.48 57.79
C LEU D 824 -2.90 -7.36 58.94
N GLY D 825 -3.66 -7.39 60.04
CA GLY D 825 -3.36 -8.21 61.20
C GLY D 825 -3.75 -9.67 60.99
N PHE D 826 -4.49 -10.23 61.95
CA PHE D 826 -5.02 -11.60 61.84
C PHE D 826 -6.50 -11.57 61.46
N CYS D 827 -7.31 -10.88 62.27
CA CYS D 827 -8.75 -10.78 62.05
C CYS D 827 -9.13 -9.90 60.84
N ASP D 828 -8.26 -8.98 60.46
CA ASP D 828 -8.48 -8.13 59.28
C ASP D 828 -8.42 -8.94 57.99
N ARG D 829 -7.41 -9.79 57.88
CA ARG D 829 -7.21 -10.62 56.68
C ARG D 829 -8.09 -11.89 56.60
N ILE D 830 -9.03 -12.05 57.54
CA ILE D 830 -10.12 -13.01 57.41
C ILE D 830 -11.27 -12.32 56.68
N MET D 831 -11.73 -11.20 57.23
CA MET D 831 -12.82 -10.41 56.64
C MET D 831 -12.47 -9.88 55.24
N HIS D 832 -11.22 -9.49 55.04
CA HIS D 832 -10.73 -9.08 53.71
C HIS D 832 -10.70 -10.21 52.68
N PHE D 833 -10.48 -11.45 53.13
CA PHE D 833 -10.57 -12.63 52.26
C PHE D 833 -12.01 -12.88 51.82
N TYR D 834 -12.93 -12.88 52.77
CA TYR D 834 -14.37 -13.05 52.47
C TYR D 834 -14.96 -11.90 51.67
N SER D 835 -14.44 -10.68 51.87
CA SER D 835 -14.91 -9.50 51.13
C SER D 835 -14.45 -9.42 49.67
N ALA D 836 -13.45 -10.21 49.29
CA ALA D 836 -12.92 -10.20 47.92
C ALA D 836 -13.98 -10.70 46.91
N PRO D 837 -14.10 -10.03 45.75
CA PRO D 837 -15.04 -10.49 44.71
C PRO D 837 -14.82 -11.94 44.22
N PHE D 838 -13.56 -12.33 44.05
CA PHE D 838 -13.24 -13.68 43.55
C PHE D 838 -13.67 -14.79 44.52
N SER D 839 -13.54 -14.55 45.83
CA SER D 839 -14.01 -15.51 46.83
C SER D 839 -15.53 -15.63 46.85
N LYS D 840 -16.21 -14.50 46.65
CA LYS D 840 -17.68 -14.49 46.49
C LYS D 840 -18.11 -15.24 45.23
N PHE D 841 -17.35 -15.06 44.14
CA PHE D 841 -17.62 -15.78 42.89
C PHE D 841 -17.46 -17.30 43.04
N VAL D 842 -16.38 -17.74 43.68
CA VAL D 842 -16.13 -19.16 43.93
C VAL D 842 -17.24 -19.73 44.81
N GLY D 843 -17.61 -18.97 45.84
CA GLY D 843 -18.77 -19.31 46.67
C GLY D 843 -20.05 -19.44 45.86
N ASN D 844 -20.33 -18.46 45.02
CA ASN D 844 -21.52 -18.48 44.17
C ASN D 844 -21.59 -19.74 43.28
N VAL D 845 -20.45 -20.10 42.68
CA VAL D 845 -20.35 -21.28 41.81
C VAL D 845 -20.66 -22.59 42.56
N VAL D 846 -20.11 -22.73 43.78
CA VAL D 846 -20.34 -23.93 44.59
C VAL D 846 -21.81 -24.03 45.02
N GLY D 847 -22.36 -22.92 45.49
CA GLY D 847 -23.78 -22.84 45.86
C GLY D 847 -24.72 -23.09 44.69
N TYR D 848 -24.33 -22.62 43.50
CA TYR D 848 -25.13 -22.83 42.29
C TYR D 848 -25.15 -24.29 41.85
N LEU D 849 -24.00 -24.96 41.90
CA LEU D 849 -23.90 -26.40 41.65
C LEU D 849 -24.80 -27.21 42.59
N ALA D 850 -24.76 -26.85 43.88
CA ALA D 850 -25.61 -27.48 44.89
C ALA D 850 -27.10 -27.32 44.57
N PHE D 851 -27.48 -26.12 44.13
CA PHE D 851 -28.86 -25.84 43.73
C PHE D 851 -29.33 -26.68 42.53
N ILE D 852 -28.49 -26.78 41.51
CA ILE D 852 -28.84 -27.53 40.28
C ILE D 852 -28.98 -29.03 40.56
N PHE D 853 -28.05 -29.61 41.34
CA PHE D 853 -28.17 -31.02 41.73
C PHE D 853 -29.41 -31.27 42.60
N LEU D 854 -29.71 -30.34 43.50
CA LEU D 854 -30.86 -30.45 44.39
C LEU D 854 -32.17 -30.35 43.59
N TYR D 855 -32.23 -29.37 42.69
CA TYR D 855 -33.41 -29.18 41.82
C TYR D 855 -33.57 -30.29 40.79
N ALA D 856 -32.45 -30.83 40.30
CA ALA D 856 -32.47 -31.97 39.39
C ALA D 856 -32.95 -33.25 40.09
N TYR D 857 -32.59 -33.43 41.36
CA TYR D 857 -33.03 -34.58 42.14
C TYR D 857 -34.55 -34.56 42.34
N VAL D 858 -35.06 -33.46 42.89
CA VAL D 858 -36.50 -33.34 43.17
C VAL D 858 -37.34 -33.49 41.89
N VAL D 859 -36.87 -32.92 40.78
CA VAL D 859 -37.58 -33.02 39.49
C VAL D 859 -37.53 -34.44 38.90
N LEU D 860 -36.37 -35.10 38.95
CA LEU D 860 -36.22 -36.45 38.38
C LEU D 860 -36.80 -37.57 39.24
N PHE D 861 -36.51 -37.54 40.55
CA PHE D 861 -36.73 -38.68 41.44
C PHE D 861 -37.92 -38.59 42.40
N ASN D 862 -38.10 -37.44 43.05
CA ASN D 862 -39.06 -37.32 44.17
C ASN D 862 -39.81 -35.97 44.20
N PHE D 863 -40.96 -35.94 43.54
CA PHE D 863 -41.89 -34.81 43.55
C PHE D 863 -43.31 -35.40 43.60
N PRO D 864 -43.75 -35.85 44.79
CA PRO D 864 -45.06 -36.48 44.92
C PRO D 864 -46.20 -35.45 44.94
N ARG D 865 -47.43 -35.94 44.92
CA ARG D 865 -48.62 -35.06 44.99
C ARG D 865 -49.08 -34.84 46.43
N PHE D 866 -49.73 -33.70 46.66
CA PHE D 866 -50.12 -33.26 47.99
C PHE D 866 -51.37 -34.02 48.47
N ASP D 867 -51.24 -34.70 49.62
CA ASP D 867 -52.37 -35.35 50.29
C ASP D 867 -52.39 -34.92 51.77
N PRO D 868 -53.51 -34.34 52.24
CA PRO D 868 -53.59 -33.91 53.66
C PRO D 868 -53.50 -35.02 54.73
N ALA D 869 -53.71 -36.28 54.34
CA ALA D 869 -53.65 -37.41 55.29
C ALA D 869 -52.26 -37.61 55.91
N LYS D 870 -51.22 -37.62 55.07
CA LYS D 870 -49.84 -37.82 55.53
C LYS D 870 -49.28 -36.59 56.26
N THR D 871 -48.21 -36.81 57.02
CA THR D 871 -47.50 -35.74 57.73
C THR D 871 -46.83 -34.77 56.74
N LEU D 872 -46.91 -33.47 57.03
CA LEU D 872 -46.33 -32.40 56.20
C LEU D 872 -46.88 -32.33 54.76
N GLY D 873 -47.96 -33.05 54.47
CA GLY D 873 -48.43 -33.26 53.10
C GLY D 873 -47.61 -34.27 52.30
N GLY D 874 -46.88 -35.15 52.98
CA GLY D 874 -45.99 -36.12 52.33
C GLY D 874 -44.84 -35.50 51.56
N ILE D 875 -44.41 -34.31 51.98
CA ILE D 875 -43.37 -33.55 51.27
C ILE D 875 -42.01 -33.96 51.82
N HIS D 876 -41.07 -34.25 50.93
CA HIS D 876 -39.69 -34.56 51.31
C HIS D 876 -39.00 -33.24 51.71
N PRO D 877 -38.12 -33.25 52.73
CA PRO D 877 -37.41 -32.02 53.14
C PRO D 877 -36.63 -31.32 52.02
N THR D 878 -36.12 -32.10 51.07
CA THR D 878 -35.46 -31.60 49.85
C THR D 878 -36.19 -30.42 49.19
N GLU D 879 -37.50 -30.56 49.01
CA GLU D 879 -38.32 -29.53 48.37
C GLU D 879 -38.43 -28.24 49.20
N ILE D 880 -38.37 -28.37 50.52
CA ILE D 880 -38.36 -27.21 51.43
C ILE D 880 -37.00 -26.48 51.35
N VAL D 881 -35.91 -27.25 51.22
CA VAL D 881 -34.57 -26.69 50.99
C VAL D 881 -34.52 -25.98 49.63
N LEU D 882 -35.22 -26.53 48.64
CA LEU D 882 -35.36 -25.89 47.32
C LEU D 882 -36.10 -24.56 47.40
N TYR D 883 -37.19 -24.51 48.16
CA TYR D 883 -37.92 -23.25 48.40
C TYR D 883 -37.02 -22.19 49.03
N PHE D 884 -36.19 -22.62 49.99
CA PHE D 884 -35.24 -21.76 50.69
C PHE D 884 -34.24 -21.11 49.72
N TRP D 885 -33.64 -21.91 48.83
CA TRP D 885 -32.65 -21.39 47.88
C TRP D 885 -33.25 -20.50 46.78
N VAL D 886 -34.44 -20.84 46.30
CA VAL D 886 -35.12 -20.01 45.29
C VAL D 886 -35.54 -18.66 45.90
N PHE D 887 -35.95 -18.69 47.17
CA PHE D 887 -36.22 -17.45 47.94
C PHE D 887 -34.96 -16.58 48.09
N THR D 888 -33.81 -17.23 48.28
CA THR D 888 -32.51 -16.54 48.28
C THR D 888 -32.18 -15.86 46.94
N ILE D 889 -32.47 -16.54 45.83
CA ILE D 889 -32.27 -15.98 44.48
C ILE D 889 -33.23 -14.81 44.24
N LEU D 890 -34.48 -14.95 44.72
CA LEU D 890 -35.47 -13.86 44.61
C LEU D 890 -34.99 -12.59 45.34
N ILE D 891 -34.48 -12.76 46.56
CA ILE D 891 -33.90 -11.65 47.34
C ILE D 891 -32.73 -11.00 46.60
N GLU D 892 -31.85 -11.83 46.02
CA GLU D 892 -30.71 -11.33 45.25
C GLU D 892 -31.13 -10.44 44.08
N GLU D 893 -32.17 -10.85 43.35
CA GLU D 893 -32.71 -10.07 42.23
C GLU D 893 -33.41 -8.78 42.69
N ILE D 894 -34.06 -8.83 43.86
CA ILE D 894 -34.68 -7.63 44.46
C ILE D 894 -33.61 -6.57 44.80
N ARG D 895 -32.53 -7.00 45.47
CA ARG D 895 -31.44 -6.08 45.82
C ARG D 895 -30.57 -5.67 44.62
N GLN D 896 -30.56 -6.47 43.55
CA GLN D 896 -29.97 -6.05 42.27
C GLN D 896 -30.79 -4.94 41.60
N LEU D 897 -32.12 -5.00 41.73
CA LEU D 897 -33.01 -3.92 41.27
C LEU D 897 -32.81 -2.66 42.10
N ALA D 898 -32.81 -2.82 43.43
CA ALA D 898 -32.73 -1.68 44.36
C ALA D 898 -31.43 -0.88 44.30
N ALA D 899 -30.32 -1.52 43.89
CA ALA D 899 -28.99 -0.90 43.87
C ALA D 899 -28.55 -0.52 42.46
N LYS D 900 -29.37 0.27 41.77
CA LYS D 900 -29.04 0.82 40.45
C LYS D 900 -28.70 2.32 40.55
N PRO D 901 -28.00 2.88 39.54
CA PRO D 901 -27.57 4.29 39.63
C PRO D 901 -28.68 5.35 39.74
N PRO D 902 -29.77 5.26 38.94
CA PRO D 902 -30.86 6.23 39.10
C PRO D 902 -31.65 6.05 40.41
N LYS D 903 -32.28 7.14 40.87
CA LYS D 903 -33.12 7.14 42.08
C LYS D 903 -34.59 7.43 41.71
N TYR D 904 -35.11 6.62 40.80
CA TYR D 904 -36.54 6.62 40.44
C TYR D 904 -36.93 5.19 40.07
N ILE D 905 -38.00 4.68 40.69
CA ILE D 905 -38.36 3.25 40.58
C ILE D 905 -38.59 2.84 39.11
N LYS D 906 -39.20 3.73 38.33
CA LYS D 906 -39.35 3.52 36.88
C LYS D 906 -37.98 3.47 36.18
N ASP D 907 -37.09 4.39 36.54
CA ASP D 907 -35.73 4.43 35.96
C ASP D 907 -34.88 3.24 36.39
N LYS D 908 -35.03 2.82 37.65
CA LYS D 908 -34.40 1.59 38.16
C LYS D 908 -34.87 0.37 37.37
N VAL D 909 -36.18 0.25 37.19
CA VAL D 909 -36.78 -0.85 36.42
C VAL D 909 -36.34 -0.80 34.94
N SER D 910 -36.33 0.40 34.35
CA SER D 910 -35.94 0.56 32.94
C SER D 910 -34.49 0.15 32.68
N VAL D 911 -33.58 0.55 33.56
CA VAL D 911 -32.17 0.13 33.47
C VAL D 911 -31.95 -1.32 33.93
N TYR D 912 -32.79 -1.81 34.85
CA TYR D 912 -32.74 -3.22 35.27
C TYR D 912 -33.09 -4.20 34.15
N PHE D 913 -34.03 -3.83 33.28
CA PHE D 913 -34.37 -4.63 32.10
C PHE D 913 -33.58 -4.23 30.83
N SER D 914 -32.40 -3.63 31.00
CA SER D 914 -31.52 -3.29 29.88
C SER D 914 -30.82 -4.54 29.37
N ASP D 915 -30.13 -5.24 30.29
CA ASP D 915 -29.50 -6.53 29.97
C ASP D 915 -30.55 -7.64 29.92
N THR D 916 -30.34 -8.61 29.01
CA THR D 916 -31.34 -9.64 28.72
C THR D 916 -31.38 -10.82 29.72
N TRP D 917 -30.37 -10.93 30.60
CA TRP D 917 -30.36 -11.96 31.65
C TRP D 917 -31.50 -11.77 32.68
N ASN D 918 -31.80 -10.52 33.01
CA ASN D 918 -32.83 -10.20 34.01
C ASN D 918 -34.26 -10.55 33.58
N PHE D 919 -34.52 -10.60 32.27
CA PHE D 919 -35.77 -11.15 31.75
C PHE D 919 -35.88 -12.64 32.10
N VAL D 920 -34.81 -13.38 31.82
CA VAL D 920 -34.72 -14.81 32.13
C VAL D 920 -34.80 -15.04 33.65
N ASP D 921 -34.14 -14.17 34.43
CA ASP D 921 -34.20 -14.25 35.90
C ASP D 921 -35.62 -14.12 36.44
N ILE D 922 -36.29 -13.02 36.09
CA ILE D 922 -37.64 -12.76 36.57
C ILE D 922 -38.67 -13.73 35.98
N PHE D 923 -38.45 -14.17 34.72
CA PHE D 923 -39.32 -15.18 34.11
C PHE D 923 -39.25 -16.51 34.87
N SER D 924 -38.03 -17.02 35.04
CA SER D 924 -37.81 -18.29 35.74
C SER D 924 -38.29 -18.29 37.19
N LEU D 925 -38.10 -17.16 37.88
CA LEU D 925 -38.59 -17.01 39.26
C LEU D 925 -40.12 -16.93 39.34
N THR D 926 -40.73 -16.18 38.44
CA THR D 926 -42.20 -16.10 38.34
C THR D 926 -42.80 -17.48 38.02
N VAL D 927 -42.21 -18.14 37.03
CA VAL D 927 -42.63 -19.49 36.62
C VAL D 927 -42.54 -20.50 37.79
N PHE D 928 -41.48 -20.40 38.59
CA PHE D 928 -41.31 -21.25 39.77
C PHE D 928 -42.38 -21.01 40.84
N ILE D 929 -42.63 -19.74 41.16
CA ILE D 929 -43.62 -19.37 42.17
C ILE D 929 -45.03 -19.81 41.76
N ILE D 930 -45.36 -19.65 40.48
CA ILE D 930 -46.65 -20.13 39.94
C ILE D 930 -46.79 -21.65 40.09
N ALA D 931 -45.71 -22.39 39.81
CA ALA D 931 -45.71 -23.86 39.95
C ALA D 931 -45.98 -24.31 41.39
N ILE D 932 -45.32 -23.67 42.35
CA ILE D 932 -45.46 -24.01 43.77
C ILE D 932 -46.82 -23.57 44.33
N ILE D 933 -47.40 -22.49 43.78
CA ILE D 933 -48.77 -22.10 44.13
C ILE D 933 -49.79 -23.13 43.62
N LEU D 934 -49.63 -23.56 42.36
CA LEU D 934 -50.52 -24.59 41.77
C LEU D 934 -50.37 -25.99 42.40
N ARG D 935 -49.22 -26.27 43.02
CA ARG D 935 -48.89 -27.60 43.55
C ARG D 935 -49.85 -28.16 44.61
N PHE D 936 -50.26 -27.33 45.57
CA PHE D 936 -50.92 -27.80 46.80
C PHE D 936 -52.39 -28.23 46.69
N PHE D 937 -53.05 -27.99 45.56
CA PHE D 937 -54.52 -28.10 45.47
C PHE D 937 -55.13 -29.51 45.44
N THR D 938 -54.32 -30.54 45.25
CA THR D 938 -54.78 -31.95 45.24
C THR D 938 -55.82 -32.19 44.13
N ASN D 939 -55.35 -32.12 42.90
CA ASN D 939 -56.17 -32.39 41.72
C ASN D 939 -55.23 -32.77 40.56
N SER D 940 -55.53 -33.90 39.92
CA SER D 940 -54.63 -34.52 38.94
C SER D 940 -54.26 -33.62 37.76
N ARG D 941 -55.21 -32.82 37.29
CA ARG D 941 -55.01 -31.96 36.11
C ARG D 941 -54.02 -30.82 36.42
N ILE D 942 -54.31 -30.03 37.45
CA ILE D 942 -53.43 -28.93 37.86
C ILE D 942 -52.14 -29.39 38.57
N PHE D 943 -52.15 -30.58 39.18
CA PHE D 943 -50.89 -31.19 39.65
C PHE D 943 -49.99 -31.56 38.47
N THR D 944 -50.57 -32.10 37.41
CA THR D 944 -49.83 -32.37 36.17
C THR D 944 -49.27 -31.07 35.58
N ALA D 945 -50.05 -30.00 35.64
CA ALA D 945 -49.58 -28.67 35.23
C ALA D 945 -48.42 -28.18 36.11
N SER D 946 -48.50 -28.42 37.41
CA SER D 946 -47.42 -28.04 38.35
C SER D 946 -46.08 -28.71 38.04
N ARG D 947 -46.10 -30.05 37.95
CA ARG D 947 -44.86 -30.82 37.70
C ARG D 947 -44.27 -30.60 36.30
N ILE D 948 -45.13 -30.37 35.30
CA ILE D 948 -44.67 -30.03 33.94
C ILE D 948 -43.99 -28.65 33.94
N ILE D 949 -44.58 -27.67 34.63
CA ILE D 949 -44.02 -26.33 34.73
C ILE D 949 -42.64 -26.31 35.41
N LEU D 950 -42.48 -27.08 36.49
CA LEU D 950 -41.16 -27.24 37.13
C LEU D 950 -40.16 -27.97 36.22
N SER D 951 -40.60 -29.08 35.63
CA SER D 951 -39.75 -29.88 34.75
C SER D 951 -39.33 -29.18 33.45
N LEU D 952 -40.01 -28.09 33.08
CA LEU D 952 -39.56 -27.21 31.99
C LEU D 952 -38.74 -26.00 32.46
N ASP D 953 -38.92 -25.60 33.73
CA ASP D 953 -38.18 -24.48 34.31
C ASP D 953 -36.70 -24.81 34.57
N ILE D 954 -36.40 -26.10 34.75
CA ILE D 954 -35.01 -26.62 34.78
C ILE D 954 -34.14 -26.14 33.61
N ILE D 955 -34.75 -25.97 32.44
CA ILE D 955 -34.05 -25.46 31.24
C ILE D 955 -33.47 -24.07 31.53
N PHE D 956 -34.32 -23.17 32.01
CA PHE D 956 -33.93 -21.77 32.24
C PHE D 956 -32.92 -21.60 33.37
N PHE D 957 -33.08 -22.38 34.44
CA PHE D 957 -32.11 -22.37 35.55
C PHE D 957 -30.75 -22.97 35.16
N ILE D 958 -30.73 -23.95 34.26
CA ILE D 958 -29.46 -24.51 33.78
C ILE D 958 -28.82 -23.60 32.73
N VAL D 959 -29.61 -23.10 31.78
CA VAL D 959 -29.11 -22.16 30.75
C VAL D 959 -28.56 -20.86 31.39
N ARG D 960 -29.09 -20.49 32.55
CA ARG D 960 -28.56 -19.37 33.36
C ARG D 960 -27.10 -19.55 33.81
N SER D 961 -26.59 -20.80 33.83
CA SER D 961 -25.16 -21.08 34.12
C SER D 961 -24.16 -20.41 33.18
N LEU D 962 -24.57 -20.11 31.94
CA LEU D 962 -23.66 -19.53 30.94
C LEU D 962 -23.08 -18.15 31.32
N GLN D 963 -23.72 -17.45 32.26
CA GLN D 963 -23.15 -16.22 32.82
C GLN D 963 -21.95 -16.49 33.73
N ILE D 964 -22.00 -17.54 34.54
CA ILE D 964 -20.83 -17.91 35.36
C ILE D 964 -19.71 -18.59 34.54
N PHE D 965 -20.06 -19.15 33.38
CA PHE D 965 -19.06 -19.62 32.41
C PHE D 965 -18.35 -18.48 31.65
N SER D 966 -18.99 -17.32 31.56
CA SER D 966 -18.49 -16.18 30.77
C SER D 966 -17.43 -15.30 31.46
N VAL D 967 -16.97 -15.70 32.65
CA VAL D 967 -15.81 -15.04 33.28
C VAL D 967 -14.49 -15.50 32.65
N ASN D 968 -14.51 -16.64 31.96
CA ASN D 968 -13.32 -17.19 31.29
C ASN D 968 -12.88 -16.32 30.11
N ARG D 969 -11.58 -16.28 29.87
CA ARG D 969 -10.99 -15.50 28.77
C ARG D 969 -11.42 -16.03 27.39
N LEU D 970 -11.61 -17.34 27.27
CA LEU D 970 -11.88 -18.00 25.99
C LEU D 970 -13.37 -18.25 25.74
N LEU D 971 -14.08 -18.76 26.75
CA LEU D 971 -15.52 -19.02 26.64
C LEU D 971 -16.38 -17.74 26.58
N GLY D 972 -15.91 -16.67 27.22
CA GLY D 972 -16.66 -15.41 27.27
C GLY D 972 -16.97 -14.80 25.91
N PRO D 973 -15.93 -14.48 25.11
CA PRO D 973 -16.09 -13.98 23.74
C PRO D 973 -16.94 -14.87 22.82
N LYS D 974 -16.83 -16.19 22.98
CA LYS D 974 -17.63 -17.15 22.20
C LYS D 974 -19.13 -17.00 22.50
N LEU D 975 -19.47 -16.82 23.77
CA LEU D 975 -20.87 -16.61 24.19
C LEU D 975 -21.45 -15.28 23.70
N VAL D 976 -20.60 -14.28 23.45
CA VAL D 976 -21.01 -13.04 22.79
C VAL D 976 -21.23 -13.28 21.29
N MET D 977 -20.31 -14.03 20.67
CA MET D 977 -20.42 -14.40 19.24
C MET D 977 -21.72 -15.14 18.93
N ILE D 978 -22.16 -16.02 19.83
CA ILE D 978 -23.39 -16.80 19.63
C ILE D 978 -24.62 -15.88 19.52
N GLN D 979 -24.79 -14.96 20.47
CA GLN D 979 -25.95 -14.05 20.46
C GLN D 979 -25.97 -13.10 19.26
N LYS D 980 -24.79 -12.81 18.69
CA LYS D 980 -24.71 -12.04 17.45
C LYS D 980 -25.06 -12.86 16.20
N MET D 981 -24.95 -14.19 16.28
CA MET D 981 -25.38 -15.09 15.20
C MET D 981 -26.89 -15.42 15.21
N MET D 982 -27.59 -15.07 16.29
CA MET D 982 -29.02 -15.36 16.43
C MET D 982 -29.89 -14.66 15.39
N GLN D 983 -29.43 -13.51 14.91
CA GLN D 983 -30.14 -12.74 13.88
C GLN D 983 -30.19 -13.49 12.54
N ASP D 984 -29.03 -13.99 12.10
CA ASP D 984 -28.94 -14.81 10.89
C ASP D 984 -29.71 -16.13 10.98
N LEU D 985 -29.73 -16.74 12.17
CA LEU D 985 -30.56 -17.91 12.44
C LEU D 985 -32.05 -17.59 12.33
N ALA D 986 -32.46 -16.42 12.84
CA ALA D 986 -33.86 -15.97 12.76
C ALA D 986 -34.33 -15.77 11.31
N GLN D 987 -33.49 -15.11 10.50
CA GLN D 987 -33.79 -14.91 9.08
C GLN D 987 -33.88 -16.23 8.30
N PHE D 988 -32.95 -17.14 8.60
CA PHE D 988 -32.94 -18.50 8.02
C PHE D 988 -34.22 -19.27 8.30
N ILE D 989 -34.65 -19.26 9.57
CA ILE D 989 -35.86 -19.97 10.00
C ILE D 989 -37.13 -19.44 9.32
N ILE D 990 -37.19 -18.13 9.06
CA ILE D 990 -38.32 -17.52 8.34
C ILE D 990 -38.43 -18.07 6.91
N ILE D 991 -37.32 -18.07 6.19
CA ILE D 991 -37.28 -18.60 4.80
C ILE D 991 -37.55 -20.10 4.79
N LEU D 992 -36.96 -20.82 5.74
CA LEU D 992 -37.19 -22.27 5.89
C LEU D 992 -38.65 -22.60 6.19
N ALA D 993 -39.27 -21.82 7.07
CA ALA D 993 -40.69 -21.97 7.42
C ALA D 993 -41.62 -21.83 6.21
N VAL D 994 -41.28 -20.94 5.27
CA VAL D 994 -42.06 -20.74 4.05
C VAL D 994 -42.02 -21.99 3.16
N PHE D 995 -40.82 -22.55 2.95
CA PHE D 995 -40.68 -23.80 2.19
C PHE D 995 -41.32 -24.99 2.90
N THR D 996 -41.12 -25.07 4.23
CA THR D 996 -41.69 -26.17 5.03
C THR D 996 -43.21 -26.25 4.92
N ILE D 997 -43.88 -25.12 5.10
CA ILE D 997 -45.35 -25.04 5.08
C ILE D 997 -45.91 -25.29 3.68
N ALA D 998 -45.23 -24.81 2.64
CA ALA D 998 -45.63 -25.05 1.25
C ALA D 998 -45.65 -26.55 0.95
N TYR D 999 -44.50 -27.20 1.18
CA TYR D 999 -44.34 -28.64 1.00
C TYR D 999 -45.31 -29.44 1.90
N GLY D 1000 -45.44 -29.02 3.15
CA GLY D 1000 -46.33 -29.67 4.12
C GLY D 1000 -47.78 -29.77 3.69
N ILE D 1001 -48.34 -28.65 3.24
CA ILE D 1001 -49.75 -28.58 2.82
C ILE D 1001 -49.95 -29.42 1.55
N ALA D 1002 -49.03 -29.31 0.60
CA ALA D 1002 -49.08 -30.09 -0.63
C ALA D 1002 -48.99 -31.59 -0.35
N LEU D 1003 -48.03 -31.99 0.50
CA LEU D 1003 -47.84 -33.41 0.87
C LEU D 1003 -49.09 -34.01 1.50
N HIS D 1004 -49.61 -33.35 2.53
CA HIS D 1004 -50.78 -33.86 3.26
C HIS D 1004 -52.05 -33.89 2.41
N ALA D 1005 -52.22 -32.88 1.54
CA ALA D 1005 -53.37 -32.83 0.63
C ALA D 1005 -53.36 -33.98 -0.38
N VAL D 1006 -52.17 -34.32 -0.88
CA VAL D 1006 -52.00 -35.38 -1.87
C VAL D 1006 -52.14 -36.78 -1.26
N MET D 1007 -51.53 -37.00 -0.09
CA MET D 1007 -51.59 -38.32 0.58
C MET D 1007 -52.99 -38.67 1.07
N PHE D 1008 -53.62 -37.53 1.79
CA PHE D 1008 -54.92 -37.75 2.40
C PHE D 1008 -55.91 -36.78 1.76
N PRO D 1009 -56.76 -37.26 0.80
CA PRO D 1009 -57.77 -36.40 0.17
C PRO D 1009 -58.76 -35.79 1.15
N SER D 1010 -59.38 -34.69 0.74
CA SER D 1010 -60.05 -33.80 1.69
C SER D 1010 -61.38 -34.39 2.22
N PRO D 1011 -62.47 -34.68 1.42
CA PRO D 1011 -63.37 -35.75 1.87
C PRO D 1011 -63.07 -37.07 1.19
N GLY D 1012 -63.48 -38.18 1.81
CA GLY D 1012 -63.52 -39.43 1.10
C GLY D 1012 -63.17 -40.59 2.00
N ILE D 1013 -62.70 -41.67 1.37
CA ILE D 1013 -62.33 -42.88 2.10
C ILE D 1013 -61.04 -42.66 2.87
N TYR D 1014 -60.05 -42.06 2.21
CA TYR D 1014 -58.74 -41.83 2.81
C TYR D 1014 -58.66 -40.53 3.61
N ALA D 1015 -59.61 -39.71 3.71
CA ALA D 1015 -59.63 -38.51 4.54
C ALA D 1015 -59.58 -38.87 6.03
N ARG D 1016 -58.50 -38.45 6.70
CA ARG D 1016 -58.43 -38.55 8.16
C ARG D 1016 -59.39 -37.50 8.77
N ASN D 1017 -60.33 -37.97 9.59
CA ASN D 1017 -61.42 -37.15 10.09
C ASN D 1017 -61.08 -36.54 11.46
N ASN D 1018 -60.08 -35.67 11.45
CA ASN D 1018 -59.58 -35.03 12.67
C ASN D 1018 -58.78 -33.79 12.30
N THR D 1019 -59.17 -32.64 12.86
CA THR D 1019 -58.62 -31.34 12.48
C THR D 1019 -57.23 -31.10 13.04
N TRP D 1020 -57.03 -31.43 14.32
CA TRP D 1020 -55.78 -31.11 15.01
C TRP D 1020 -54.58 -31.88 14.44
N VAL D 1021 -54.76 -33.19 14.22
CA VAL D 1021 -53.69 -34.01 13.63
C VAL D 1021 -53.32 -33.58 12.20
N THR D 1022 -54.30 -33.08 11.44
CA THR D 1022 -54.04 -32.51 10.11
C THR D 1022 -53.15 -31.27 10.20
N ILE D 1023 -53.53 -30.35 11.08
CA ILE D 1023 -52.78 -29.10 11.28
C ILE D 1023 -51.36 -29.38 11.77
N THR D 1024 -51.22 -30.30 12.73
CA THR D 1024 -49.90 -30.66 13.27
C THR D 1024 -49.06 -31.51 12.31
N SER D 1025 -49.70 -32.37 11.51
CA SER D 1025 -48.97 -33.21 10.53
C SER D 1025 -48.31 -32.40 9.41
N VAL D 1026 -49.01 -31.35 8.95
CA VAL D 1026 -48.48 -30.43 7.94
C VAL D 1026 -47.13 -29.83 8.39
N VAL D 1027 -47.06 -29.44 9.65
CA VAL D 1027 -45.84 -28.88 10.24
C VAL D 1027 -44.83 -29.99 10.58
N GLN D 1028 -45.32 -31.10 11.13
CA GLN D 1028 -44.48 -32.16 11.72
C GLN D 1028 -43.55 -32.87 10.73
N TYR D 1029 -44.13 -33.52 9.72
CA TYR D 1029 -43.38 -34.48 8.89
C TYR D 1029 -42.31 -33.85 7.98
N PRO D 1030 -42.61 -32.70 7.34
CA PRO D 1030 -41.57 -31.93 6.66
C PRO D 1030 -40.37 -31.54 7.52
N TYR D 1031 -40.62 -31.24 8.80
CA TYR D 1031 -39.57 -30.80 9.72
C TYR D 1031 -38.59 -31.92 10.07
N TRP D 1032 -39.10 -33.10 10.42
CA TRP D 1032 -38.25 -34.26 10.72
C TRP D 1032 -37.52 -34.79 9.48
N GLN D 1033 -38.12 -34.62 8.30
CA GLN D 1033 -37.50 -35.04 7.04
C GLN D 1033 -36.23 -34.25 6.67
N MET D 1034 -36.04 -33.05 7.24
CA MET D 1034 -34.76 -32.31 7.11
C MET D 1034 -33.57 -33.08 7.66
N TYR D 1035 -33.74 -33.64 8.87
CA TYR D 1035 -32.65 -34.28 9.60
C TYR D 1035 -32.40 -35.75 9.22
N GLY D 1036 -32.85 -36.16 8.04
CA GLY D 1036 -32.63 -37.53 7.55
C GLY D 1036 -33.66 -38.55 7.96
N GLU D 1037 -34.69 -38.14 8.72
CA GLU D 1037 -35.79 -39.04 9.09
C GLU D 1037 -36.80 -39.06 7.95
N LEU D 1038 -36.43 -39.77 6.88
CA LEU D 1038 -37.29 -39.90 5.71
C LEU D 1038 -38.32 -40.96 6.01
N PHE D 1039 -39.60 -40.61 5.90
CA PHE D 1039 -40.69 -41.54 6.21
C PHE D 1039 -41.11 -42.30 4.95
N LEU D 1040 -40.15 -43.00 4.33
CA LEU D 1040 -40.34 -43.60 3.00
C LEU D 1040 -41.33 -44.77 3.00
N ASP D 1041 -41.31 -45.59 4.05
CA ASP D 1041 -42.31 -46.64 4.24
C ASP D 1041 -43.70 -46.04 4.51
N GLU D 1042 -43.73 -44.93 5.25
CA GLU D 1042 -44.99 -44.32 5.69
C GLU D 1042 -45.71 -43.53 4.60
N ILE D 1043 -44.98 -42.64 3.92
CA ILE D 1043 -45.58 -41.79 2.87
C ILE D 1043 -45.96 -42.56 1.60
N GLN D 1044 -45.29 -43.70 1.37
CA GLN D 1044 -45.71 -44.67 0.36
C GLN D 1044 -46.81 -45.57 0.96
N GLY D 1045 -47.14 -46.68 0.31
CA GLY D 1045 -48.26 -47.53 0.72
C GLY D 1045 -48.23 -48.19 2.09
N GLU D 1046 -47.04 -48.47 2.61
CA GLU D 1046 -46.88 -49.29 3.81
C GLU D 1046 -47.20 -48.51 5.10
N LYS D 1047 -47.25 -49.23 6.22
CA LYS D 1047 -47.70 -48.69 7.53
C LYS D 1047 -49.14 -48.12 7.50
N PRO D 1048 -50.14 -48.98 7.20
CA PRO D 1048 -51.54 -48.50 7.26
C PRO D 1048 -52.06 -48.29 8.69
N LYS D 1049 -51.56 -49.08 9.65
CA LYS D 1049 -52.01 -49.03 11.05
C LYS D 1049 -51.38 -47.87 11.82
N GLU D 1050 -50.08 -47.66 11.64
CA GLU D 1050 -49.33 -46.65 12.39
C GLU D 1050 -49.54 -45.26 11.82
N PHE D 1051 -49.21 -45.10 10.54
CA PHE D 1051 -49.25 -43.81 9.85
C PHE D 1051 -50.64 -43.45 9.32
N GLY D 1052 -51.36 -44.45 8.82
CA GLY D 1052 -52.66 -44.25 8.17
C GLY D 1052 -52.56 -44.60 6.69
N GLU D 1053 -53.63 -45.14 6.13
CA GLU D 1053 -53.64 -45.56 4.71
C GLU D 1053 -53.67 -44.37 3.76
N VAL D 1054 -52.76 -44.39 2.78
CA VAL D 1054 -52.54 -43.27 1.84
C VAL D 1054 -53.34 -43.50 0.56
N ASP D 1055 -53.70 -42.42 -0.12
CA ASP D 1055 -54.40 -42.50 -1.42
C ASP D 1055 -53.49 -43.13 -2.48
N PRO D 1056 -54.03 -43.99 -3.38
CA PRO D 1056 -53.21 -44.63 -4.44
C PRO D 1056 -52.34 -43.72 -5.29
N ASP D 1057 -52.79 -42.50 -5.56
CA ASP D 1057 -51.99 -41.53 -6.33
C ASP D 1057 -51.02 -40.72 -5.46
N GLY D 1058 -51.29 -40.65 -4.16
CA GLY D 1058 -50.32 -40.11 -3.19
C GLY D 1058 -49.11 -40.99 -2.99
N ARG D 1059 -49.28 -42.30 -3.17
CA ARG D 1059 -48.21 -43.30 -3.01
C ARG D 1059 -46.99 -43.05 -3.91
N TRP D 1060 -47.22 -42.46 -5.10
CA TRP D 1060 -46.13 -42.10 -6.04
C TRP D 1060 -45.79 -40.61 -6.13
N LEU D 1061 -46.72 -39.73 -5.74
CA LEU D 1061 -46.43 -38.28 -5.64
C LEU D 1061 -45.51 -37.94 -4.48
N SER D 1062 -45.66 -38.64 -3.35
CA SER D 1062 -44.98 -38.26 -2.10
C SER D 1062 -43.45 -38.33 -2.13
N PRO D 1063 -42.87 -39.40 -2.71
CA PRO D 1063 -41.41 -39.44 -2.84
C PRO D 1063 -40.83 -38.41 -3.82
N LEU D 1064 -41.57 -38.12 -4.88
CA LEU D 1064 -41.17 -37.12 -5.88
C LEU D 1064 -41.11 -35.72 -5.26
N LEU D 1065 -42.15 -35.35 -4.52
CA LEU D 1065 -42.18 -34.07 -3.79
C LEU D 1065 -41.12 -34.02 -2.69
N LEU D 1066 -40.91 -35.15 -2.01
CA LEU D 1066 -39.84 -35.27 -1.02
C LEU D 1066 -38.48 -35.03 -1.66
N ALA D 1067 -38.21 -35.68 -2.79
CA ALA D 1067 -36.94 -35.52 -3.51
C ALA D 1067 -36.64 -34.05 -3.84
N ILE D 1068 -37.64 -33.33 -4.34
CA ILE D 1068 -37.49 -31.91 -4.66
C ILE D 1068 -37.22 -31.09 -3.39
N TYR D 1069 -38.01 -31.35 -2.35
CA TYR D 1069 -37.85 -30.69 -1.05
C TYR D 1069 -36.45 -30.92 -0.45
N MET D 1070 -35.93 -32.13 -0.57
CA MET D 1070 -34.59 -32.46 -0.06
C MET D 1070 -33.46 -31.76 -0.82
N VAL D 1071 -33.65 -31.48 -2.11
CA VAL D 1071 -32.68 -30.67 -2.87
C VAL D 1071 -32.67 -29.23 -2.34
N PHE D 1072 -33.84 -28.61 -2.29
CA PHE D 1072 -33.95 -27.20 -1.90
C PHE D 1072 -33.75 -26.91 -0.41
N THR D 1073 -33.82 -27.94 0.45
CA THR D 1073 -33.62 -27.76 1.89
C THR D 1073 -32.21 -28.16 2.33
N ASN D 1074 -31.85 -29.42 2.15
CA ASN D 1074 -30.58 -29.96 2.68
C ASN D 1074 -29.32 -29.49 1.93
N ILE D 1075 -29.35 -29.54 0.61
CA ILE D 1075 -28.15 -29.21 -0.20
C ILE D 1075 -28.19 -27.81 -0.84
N LEU D 1076 -29.04 -26.92 -0.31
CA LEU D 1076 -29.08 -25.52 -0.75
C LEU D 1076 -29.09 -24.58 0.46
N LEU D 1077 -30.16 -24.63 1.26
CA LEU D 1077 -30.34 -23.72 2.40
C LEU D 1077 -29.35 -23.97 3.56
N LEU D 1078 -29.21 -25.22 3.98
CA LEU D 1078 -28.31 -25.57 5.08
C LEU D 1078 -26.83 -25.23 4.76
N ASN D 1079 -26.42 -25.50 3.53
CA ASN D 1079 -25.08 -25.13 3.06
C ASN D 1079 -24.92 -23.61 2.92
N LEU D 1080 -26.01 -22.93 2.55
CA LEU D 1080 -26.04 -21.47 2.51
C LEU D 1080 -25.93 -20.86 3.92
N LEU D 1081 -26.54 -21.50 4.91
CA LEU D 1081 -26.42 -21.08 6.32
C LEU D 1081 -24.98 -21.21 6.82
N ILE D 1082 -24.29 -22.27 6.41
CA ILE D 1082 -22.85 -22.44 6.72
C ILE D 1082 -22.04 -21.28 6.12
N ALA D 1083 -22.36 -20.90 4.88
CA ALA D 1083 -21.71 -19.75 4.21
C ALA D 1083 -21.97 -18.42 4.91
N ILE D 1084 -23.19 -18.22 5.40
CA ILE D 1084 -23.58 -16.99 6.12
C ILE D 1084 -22.81 -16.87 7.44
N PHE D 1085 -22.76 -17.94 8.23
CA PHE D 1085 -21.99 -17.94 9.48
C PHE D 1085 -20.49 -17.69 9.35
N ASN D 1086 -19.85 -18.35 8.38
CA ASN D 1086 -18.43 -18.09 8.09
C ASN D 1086 -18.12 -16.66 7.63
N TYR D 1087 -19.09 -16.05 6.95
CA TYR D 1087 -18.94 -14.66 6.48
C TYR D 1087 -18.97 -13.76 7.70
N THR D 1088 -20.02 -13.89 8.51
CA THR D 1088 -20.21 -12.99 9.67
C THR D 1088 -19.30 -13.28 10.87
N PHE D 1089 -18.67 -14.45 10.93
CA PHE D 1089 -17.82 -14.82 12.07
C PHE D 1089 -16.59 -13.93 12.22
N GLU D 1090 -15.95 -13.58 11.10
CA GLU D 1090 -14.77 -12.71 11.10
C GLU D 1090 -15.10 -11.28 11.56
N ARG D 1091 -16.20 -10.75 11.04
CA ARG D 1091 -16.67 -9.40 11.39
C ARG D 1091 -17.05 -9.30 12.86
N VAL D 1092 -17.75 -10.32 13.36
CA VAL D 1092 -18.15 -10.40 14.77
C VAL D 1092 -16.96 -10.72 15.69
N GLN D 1093 -15.99 -11.49 15.19
CA GLN D 1093 -14.75 -11.79 15.94
C GLN D 1093 -14.02 -10.54 16.41
N GLU D 1094 -13.95 -9.53 15.54
CA GLU D 1094 -13.29 -8.26 15.86
C GLU D 1094 -13.95 -7.51 17.02
N ASP D 1095 -15.28 -7.46 17.03
CA ASP D 1095 -16.06 -6.64 17.97
C ASP D 1095 -16.45 -7.34 19.27
N SER D 1096 -16.75 -8.64 19.20
CA SER D 1096 -17.21 -9.41 20.37
C SER D 1096 -16.20 -9.45 21.53
N ASP D 1097 -14.90 -9.34 21.22
CA ASP D 1097 -13.85 -9.29 22.23
C ASP D 1097 -13.93 -7.99 23.05
N LYS D 1098 -14.03 -6.86 22.35
CA LYS D 1098 -14.27 -5.55 23.00
C LYS D 1098 -15.51 -5.54 23.89
N VAL D 1099 -16.58 -6.16 23.41
CA VAL D 1099 -17.83 -6.27 24.18
C VAL D 1099 -17.62 -7.08 25.46
N TRP D 1100 -16.84 -8.17 25.38
CA TRP D 1100 -16.48 -8.94 26.57
C TRP D 1100 -15.59 -8.12 27.51
N LYS D 1101 -14.57 -7.46 26.95
CA LYS D 1101 -13.73 -6.52 27.71
C LYS D 1101 -14.54 -5.47 28.48
N PHE D 1102 -15.54 -4.88 27.80
CA PHE D 1102 -16.39 -3.86 28.42
C PHE D 1102 -17.30 -4.41 29.52
N GLN D 1103 -17.81 -5.62 29.34
CA GLN D 1103 -18.71 -6.25 30.31
C GLN D 1103 -18.02 -6.71 31.61
N ARG D 1104 -16.68 -6.82 31.61
CA ARG D 1104 -15.91 -7.13 32.83
C ARG D 1104 -16.10 -6.13 33.98
N TYR D 1105 -16.39 -4.86 33.66
CA TYR D 1105 -16.66 -3.84 34.67
C TYR D 1105 -17.95 -4.16 35.46
N ASP D 1106 -19.02 -4.46 34.73
CA ASP D 1106 -20.31 -4.83 35.33
C ASP D 1106 -20.19 -6.09 36.19
N LEU D 1107 -19.40 -7.05 35.69
CA LEU D 1107 -19.09 -8.29 36.40
C LEU D 1107 -18.42 -8.01 37.75
N VAL D 1108 -17.34 -7.22 37.71
CA VAL D 1108 -16.59 -6.86 38.93
C VAL D 1108 -17.46 -6.03 39.88
N GLN D 1109 -18.15 -5.02 39.34
CA GLN D 1109 -19.04 -4.18 40.14
C GLN D 1109 -20.20 -4.96 40.78
N GLU D 1110 -20.72 -5.96 40.06
CA GLU D 1110 -21.77 -6.83 40.61
C GLU D 1110 -21.25 -7.57 41.83
N TYR D 1111 -20.17 -8.33 41.66
CA TYR D 1111 -19.60 -9.13 42.76
C TYR D 1111 -18.90 -8.31 43.85
N HIS D 1112 -18.56 -7.05 43.57
CA HIS D 1112 -18.09 -6.14 44.62
C HIS D 1112 -19.19 -5.82 45.65
N SER D 1113 -20.44 -5.72 45.18
CA SER D 1113 -21.59 -5.37 46.03
C SER D 1113 -22.34 -6.57 46.63
N ARG D 1114 -22.01 -7.80 46.22
CA ARG D 1114 -22.70 -9.01 46.74
C ARG D 1114 -22.45 -9.20 48.24
N PRO D 1115 -23.33 -9.96 48.92
CA PRO D 1115 -23.15 -10.20 50.36
C PRO D 1115 -21.85 -10.96 50.69
N VAL D 1116 -21.32 -10.70 51.87
CA VAL D 1116 -19.99 -11.19 52.27
C VAL D 1116 -19.95 -12.71 52.43
N PHE D 1117 -20.99 -13.27 53.05
CA PHE D 1117 -20.97 -14.69 53.48
C PHE D 1117 -21.20 -15.71 52.35
N ALA D 1118 -20.79 -16.94 52.64
CA ALA D 1118 -20.70 -18.07 51.69
C ALA D 1118 -22.07 -18.60 51.23
N PRO D 1119 -22.10 -19.41 50.13
CA PRO D 1119 -23.39 -19.91 49.61
C PRO D 1119 -24.32 -20.60 50.61
N PRO D 1120 -23.80 -21.42 51.56
CA PRO D 1120 -24.79 -22.03 52.46
C PRO D 1120 -25.49 -21.00 53.34
N LEU D 1121 -24.71 -20.09 53.95
CA LEU D 1121 -25.22 -19.02 54.80
C LEU D 1121 -25.49 -17.70 54.07
N VAL D 1122 -25.25 -17.62 52.76
CA VAL D 1122 -25.46 -16.39 51.96
C VAL D 1122 -26.73 -15.58 52.28
N LEU D 1123 -27.84 -16.27 52.59
CA LEU D 1123 -29.08 -15.59 52.99
C LEU D 1123 -28.95 -14.91 54.36
N LEU D 1124 -28.17 -15.50 55.27
CA LEU D 1124 -27.87 -14.86 56.56
C LEU D 1124 -27.05 -13.59 56.32
N GLY D 1125 -26.05 -13.67 55.44
CA GLY D 1125 -25.27 -12.52 55.01
C GLY D 1125 -26.14 -11.38 54.47
N HIS D 1126 -27.08 -11.73 53.59
CA HIS D 1126 -28.08 -10.80 53.06
C HIS D 1126 -28.77 -9.93 54.12
N ILE D 1127 -29.02 -10.50 55.30
CA ILE D 1127 -29.67 -9.76 56.40
C ILE D 1127 -28.82 -8.55 56.84
N LEU D 1128 -27.50 -8.73 56.91
CA LEU D 1128 -26.60 -7.64 57.33
C LEU D 1128 -26.69 -6.40 56.42
N ILE D 1129 -26.96 -6.62 55.12
CA ILE D 1129 -27.23 -5.53 54.18
C ILE D 1129 -28.58 -4.86 54.53
N PHE D 1130 -29.57 -5.65 54.93
CA PHE D 1130 -30.86 -5.12 55.38
C PHE D 1130 -30.75 -4.30 56.66
N ILE D 1131 -29.92 -4.77 57.59
CA ILE D 1131 -29.62 -4.04 58.85
C ILE D 1131 -28.87 -2.73 58.56
N ARG D 1132 -27.92 -2.78 57.62
CA ARG D 1132 -27.21 -1.58 57.17
C ARG D 1132 -28.14 -0.60 56.45
N TRP D 1133 -29.06 -1.13 55.63
CA TRP D 1133 -30.03 -0.32 54.90
C TRP D 1133 -31.08 0.32 55.83
N VAL D 1134 -31.62 -0.46 56.77
CA VAL D 1134 -32.61 0.06 57.73
C VAL D 1134 -31.97 1.04 58.74
N TRP D 1135 -30.69 0.86 59.06
CA TRP D 1135 -29.94 1.81 59.89
C TRP D 1135 -29.71 3.15 59.16
N ARG D 1136 -29.49 3.08 57.84
CA ARG D 1136 -29.26 4.26 56.98
C ARG D 1136 -28.00 5.04 57.39
N THR D 1148 -18.04 3.10 45.30
CA THR D 1148 -17.27 2.45 46.35
C THR D 1148 -15.86 2.07 45.88
N MET D 1149 -15.71 1.71 44.60
CA MET D 1149 -14.40 1.43 44.00
C MET D 1149 -13.68 2.74 43.66
N LYS D 1150 -13.15 3.39 44.70
CA LYS D 1150 -12.42 4.65 44.55
C LYS D 1150 -11.59 4.96 45.80
N ILE D 1151 -10.62 5.86 45.65
CA ILE D 1151 -9.78 6.33 46.77
C ILE D 1151 -9.78 7.85 46.84
N GLY D 1152 -9.81 8.37 48.07
CA GLY D 1152 -9.66 9.80 48.32
C GLY D 1152 -8.20 10.11 48.59
N LEU D 1153 -7.62 10.98 47.78
CA LEU D 1153 -6.21 11.38 47.92
C LEU D 1153 -6.10 12.67 48.73
N SER D 1154 -4.89 12.94 49.24
CA SER D 1154 -4.60 14.20 49.93
C SER D 1154 -4.51 15.34 48.91
N PRO D 1155 -4.67 16.61 49.37
CA PRO D 1155 -4.47 17.76 48.47
C PRO D 1155 -3.10 17.81 47.78
N ALA D 1156 -2.05 17.43 48.51
CA ALA D 1156 -0.69 17.33 47.96
C ALA D 1156 -0.59 16.26 46.88
N GLU D 1157 -1.18 15.10 47.13
CA GLU D 1157 -1.18 13.98 46.17
C GLU D 1157 -2.03 14.29 44.93
N MET D 1158 -3.19 14.89 45.17
CA MET D 1158 -4.09 15.34 44.09
C MET D 1158 -3.41 16.34 43.16
N GLU D 1159 -2.62 17.25 43.75
CA GLU D 1159 -1.80 18.19 42.99
C GLU D 1159 -0.73 17.47 42.17
N GLN D 1160 -0.03 16.53 42.81
CA GLN D 1160 1.00 15.71 42.13
C GLN D 1160 0.44 14.88 40.98
N MET D 1161 -0.72 14.27 41.18
CA MET D 1161 -1.37 13.48 40.13
C MET D 1161 -1.86 14.34 38.95
N ASP D 1162 -2.38 15.53 39.25
CA ASP D 1162 -2.77 16.50 38.20
C ASP D 1162 -1.59 16.94 37.35
N ASN D 1163 -0.45 17.20 37.99
CA ASN D 1163 0.77 17.62 37.28
C ASN D 1163 1.32 16.51 36.37
N TRP D 1164 1.33 15.28 36.87
CA TRP D 1164 1.82 14.13 36.09
C TRP D 1164 0.89 13.81 34.91
N GLU D 1165 -0.42 13.87 35.14
CA GLU D 1165 -1.42 13.66 34.08
C GLU D 1165 -1.31 14.72 32.98
N PHE D 1166 -1.11 15.97 33.39
CA PHE D 1166 -0.98 17.09 32.44
C PHE D 1166 0.26 16.96 31.55
N GLN D 1167 1.39 16.58 32.13
CA GLN D 1167 2.62 16.34 31.36
C GLN D 1167 2.47 15.17 30.39
N ALA D 1168 1.77 14.12 30.81
CA ALA D 1168 1.46 12.98 29.93
C ALA D 1168 0.59 13.38 28.74
N ALA D 1169 -0.37 14.28 28.99
CA ALA D 1169 -1.21 14.82 27.92
C ALA D 1169 -0.41 15.67 26.92
N GLU D 1170 0.52 16.48 27.42
CA GLU D 1170 1.43 17.25 26.57
C GLU D 1170 2.27 16.36 25.64
N MET D 1171 2.79 15.26 26.21
CA MET D 1171 3.55 14.27 25.41
C MET D 1171 2.69 13.67 24.29
N TYR D 1172 1.44 13.36 24.59
CA TYR D 1172 0.50 12.85 23.58
C TYR D 1172 0.22 13.87 22.47
N ILE D 1173 -0.07 15.11 22.85
CA ILE D 1173 -0.42 16.18 21.90
C ILE D 1173 0.73 16.45 20.93
N HIS D 1174 1.94 16.60 21.45
CA HIS D 1174 3.12 16.87 20.62
C HIS D 1174 3.53 15.69 19.74
N GLN D 1175 3.36 14.46 20.24
CA GLN D 1175 3.59 13.25 19.43
C GLN D 1175 2.62 13.14 18.25
N GLN D 1176 1.36 13.52 18.48
CA GLN D 1176 0.36 13.56 17.40
C GLN D 1176 0.66 14.62 16.34
N GLN D 1177 1.13 15.79 16.79
CA GLN D 1177 1.58 16.86 15.87
C GLN D 1177 2.76 16.41 15.02
N GLN D 1178 3.75 15.80 15.67
CA GLN D 1178 4.93 15.26 14.97
C GLN D 1178 4.63 14.05 14.07
N LYS D 1179 3.55 13.31 14.39
CA LYS D 1179 3.09 12.22 13.54
C LYS D 1179 2.40 12.75 12.27
N ASN D 1180 1.50 13.71 12.44
CA ASN D 1180 0.77 14.31 11.30
C ASN D 1180 1.68 15.14 10.38
N SER D 1181 2.71 15.76 10.94
CA SER D 1181 3.68 16.54 10.15
C SER D 1181 4.64 15.66 9.34
N GLY D 1182 5.03 14.51 9.92
CA GLY D 1182 5.99 13.61 9.29
C GLY D 1182 5.47 12.61 8.28
N THR D 1183 4.20 12.76 7.86
CA THR D 1183 3.62 11.93 6.80
C THR D 1183 4.27 12.26 5.45
N LEU D 1184 4.37 11.25 4.58
CA LEU D 1184 5.06 11.38 3.28
C LEU D 1184 4.52 12.51 2.40
N GLU D 1185 3.19 12.67 2.38
CA GLU D 1185 2.53 13.71 1.58
C GLU D 1185 2.88 15.12 2.08
N GLU D 1186 2.91 15.28 3.40
CA GLU D 1186 3.26 16.56 4.03
C GLU D 1186 4.74 16.93 3.83
N ARG D 1187 5.61 15.93 3.84
CA ARG D 1187 7.04 16.14 3.54
C ARG D 1187 7.25 16.60 2.09
N VAL D 1188 6.56 15.96 1.15
CA VAL D 1188 6.61 16.32 -0.27
C VAL D 1188 6.01 17.72 -0.52
N ARG D 1189 4.93 18.05 0.18
CA ARG D 1189 4.29 19.37 0.06
C ARG D 1189 5.20 20.49 0.58
N ALA D 1190 5.78 20.28 1.76
CA ALA D 1190 6.74 21.24 2.35
C ALA D 1190 8.02 21.37 1.52
N LEU D 1191 8.46 20.25 0.94
CA LEU D 1191 9.60 20.25 0.02
C LEU D 1191 9.33 21.09 -1.24
N GLY D 1192 8.09 21.01 -1.74
CA GLY D 1192 7.63 21.86 -2.85
C GLY D 1192 7.64 23.35 -2.54
N ASP D 1193 7.26 23.70 -1.30
CA ASP D 1193 7.28 25.09 -0.84
C ASP D 1193 8.70 25.66 -0.76
N ARG D 1194 9.65 24.88 -0.25
CA ARG D 1194 11.05 25.29 -0.19
C ARG D 1194 11.71 25.42 -1.57
N VAL D 1195 11.30 24.55 -2.51
CA VAL D 1195 11.76 24.64 -3.91
C VAL D 1195 11.25 25.94 -4.57
N ASP D 1196 10.02 26.35 -4.26
CA ASP D 1196 9.48 27.64 -4.74
C ASP D 1196 10.23 28.83 -4.16
N CYS D 1197 10.64 28.75 -2.90
CA CYS D 1197 11.46 29.79 -2.25
C CYS D 1197 12.84 29.93 -2.90
N ILE D 1198 13.46 28.79 -3.24
CA ILE D 1198 14.73 28.77 -3.98
C ILE D 1198 14.60 29.43 -5.36
N ASN D 1199 13.50 29.12 -6.06
CA ASN D 1199 13.23 29.66 -7.40
C ASN D 1199 13.06 31.20 -7.37
N SER D 1200 12.32 31.68 -6.36
CA SER D 1200 12.14 33.12 -6.16
C SER D 1200 13.45 33.86 -5.83
N GLN D 1201 14.28 33.23 -5.00
CA GLN D 1201 15.60 33.80 -4.65
C GLN D 1201 16.51 33.92 -5.88
N LEU D 1202 16.55 32.88 -6.71
CA LEU D 1202 17.33 32.91 -7.97
C LEU D 1202 16.83 33.96 -8.97
N ASN D 1203 15.51 34.15 -9.03
CA ASN D 1203 14.92 35.23 -9.84
C ASN D 1203 15.42 36.61 -9.39
N ARG D 1204 15.49 36.82 -8.07
CA ARG D 1204 16.05 38.07 -7.52
C ARG D 1204 17.56 38.21 -7.76
N VAL D 1205 18.29 37.08 -7.75
CA VAL D 1205 19.71 37.08 -8.15
C VAL D 1205 19.86 37.48 -9.62
N LEU D 1206 19.02 36.89 -10.49
CA LEU D 1206 19.00 37.27 -11.92
C LEU D 1206 18.60 38.74 -12.13
N ASP D 1207 17.69 39.26 -11.29
CA ASP D 1207 17.38 40.70 -11.29
C ASP D 1207 18.56 41.55 -10.81
N SER D 1208 19.27 41.05 -9.79
CA SER D 1208 20.49 41.72 -9.30
C SER D 1208 21.64 41.71 -10.31
N MET D 1209 21.70 40.67 -11.15
CA MET D 1209 22.66 40.64 -12.29
C MET D 1209 22.30 41.69 -13.35
N SER D 1210 21.04 41.65 -13.81
CA SER D 1210 20.55 42.58 -14.83
C SER D 1210 20.32 43.97 -14.24
#